data_6TBG
#
_entry.id   6TBG
#
_cell.length_a   99.285
_cell.length_b   115.735
_cell.length_c   115.981
_cell.angle_alpha   90.120
_cell.angle_beta   90.000
_cell.angle_gamma   90.030
#
_symmetry.space_group_name_H-M   'P 1'
#
loop_
_entity.id
_entity.type
_entity.pdbx_description
1 polymer 'Beta-galactosidase, putative, bgl35A'
2 non-polymer 'SODIUM ION'
3 non-polymer 5-(dimethylamino)-~{N}-[6-[[(1~{R},2~{R},3~{S},4~{S},5~{S})-2-(hydroxymethyl)-3,4,5-tris(oxidanyl)cyclopentyl]amino]hexyl]naphthalene-1-sulfonamide
4 non-polymer 'ACETATE ION'
5 water water
#
_entity_poly.entity_id   1
_entity_poly.type   'polypeptide(L)'
_entity_poly.pdbx_seq_one_letter_code
;MGSSHHHHHHAAPLPELLSNNGKHALMVDGAPYIILGSQTNNSSNYPDALKDVWPSMEKMGANTLSIPVAWEQIEPVEGQ
FDFSFVDVLLKEARQRKVRLVLLWFATWKNNAPHYAPAWVKLDNARFPRVVKEDGDTLNSLSPLGQNTLAADKKAFVELM
KYLAKRDKDHTVIMVQVQNEVGTYGAVRDYSPMAQAVFNAAVPDDLIQKLQLKPGTWSQVFGRDADEFFHAYQIARYCDE
VTVAGKAIKNLPMYVNVALRNPFNPGLPGQYSSGGGTDNVLHIWKAAAPNIDLIAPDIYFRDYKTVSKVLELYTRPDNAL
FVAEIGNDQPFARYLFPTLGKGGIGFSPFGMDDTDYTNYPLGAKVYNDETIEQFAQVYRLVNPMMREWARLSYQGQVWGV
AEPLDSTTETQKIWNAEATPEEKEQHKKDRASALTQQLDLGLWDAEVTYGRPMFWVTPPEGNTPAAGGALIAQLDDNEYL
VTAYKARVEFKPSQELAGKKFMIERVEEGRFEKGKWVMERVWNGDQTDWGLNFTDRPHLLRVKMASYSVQ
;
_entity_poly.pdbx_strand_id   A,B,C,D,E,F,G,H
#
loop_
_chem_comp.id
_chem_comp.type
_chem_comp.name
_chem_comp.formula
ACT non-polymer 'ACETATE ION' 'C2 H3 O2 -1'
N0N non-polymer 5-(dimethylamino)-~{N}-[6-[[(1~{R},2~{R},3~{S},4~{S},5~{S})-2-(hydroxymethyl)-3,4,5-tris(oxidanyl)cyclopentyl]amino]hexyl]naphthalene-1-sulfonamide 'C24 H37 N3 O6 S'
NA non-polymer 'SODIUM ION' 'Na 1'
#
# COMPACT_ATOMS: atom_id res chain seq x y z
N ALA A 12 30.06 -59.46 -24.59
CA ALA A 12 29.19 -58.92 -25.70
C ALA A 12 30.04 -58.71 -26.97
N PRO A 13 29.73 -59.39 -28.10
CA PRO A 13 30.56 -59.26 -29.30
C PRO A 13 30.44 -57.86 -29.90
N LEU A 14 31.56 -57.31 -30.40
CA LEU A 14 31.57 -56.00 -31.10
C LEU A 14 30.57 -56.04 -32.25
N PRO A 15 29.83 -54.94 -32.50
CA PRO A 15 29.14 -54.78 -33.76
C PRO A 15 30.15 -54.86 -34.91
N GLU A 16 29.71 -55.35 -36.07
CA GLU A 16 30.61 -55.56 -37.22
C GLU A 16 29.78 -55.49 -38.50
N LEU A 17 30.30 -54.82 -39.53
CA LEU A 17 29.73 -54.94 -40.89
C LEU A 17 30.37 -56.14 -41.60
N LEU A 18 29.56 -57.15 -41.88
CA LEU A 18 29.95 -58.33 -42.69
C LEU A 18 29.57 -58.09 -44.15
N SER A 19 30.44 -58.48 -45.06
CA SER A 19 30.21 -58.46 -46.54
C SER A 19 30.61 -59.82 -47.12
N ASN A 20 29.66 -60.55 -47.73
CA ASN A 20 29.90 -61.90 -48.30
C ASN A 20 29.04 -62.09 -49.56
N ASN A 21 29.60 -62.63 -50.65
CA ASN A 21 28.87 -62.93 -51.91
C ASN A 21 28.02 -61.72 -52.30
N GLY A 22 28.59 -60.51 -52.22
CA GLY A 22 27.97 -59.24 -52.59
C GLY A 22 26.78 -58.86 -51.72
N LYS A 23 26.61 -59.49 -50.55
CA LYS A 23 25.55 -59.15 -49.57
C LYS A 23 26.21 -58.62 -48.31
N HIS A 24 25.43 -57.94 -47.47
CA HIS A 24 25.93 -57.25 -46.27
C HIS A 24 24.99 -57.46 -45.09
N ALA A 25 25.56 -57.46 -43.90
CA ALA A 25 24.80 -57.42 -42.64
C ALA A 25 25.55 -56.50 -41.68
N LEU A 26 24.80 -55.70 -40.93
CA LEU A 26 25.29 -55.07 -39.71
C LEU A 26 25.02 -56.04 -38.55
N MET A 27 26.07 -56.67 -38.05
CA MET A 27 25.97 -57.58 -36.89
C MET A 27 25.95 -56.73 -35.63
N VAL A 28 24.93 -56.93 -34.81
CA VAL A 28 24.76 -56.31 -33.47
C VAL A 28 24.38 -57.43 -32.51
N ASP A 29 25.21 -57.64 -31.49
CA ASP A 29 25.03 -58.69 -30.47
C ASP A 29 25.02 -60.06 -31.18
N GLY A 30 25.82 -60.21 -32.23
CA GLY A 30 26.11 -61.53 -32.83
C GLY A 30 25.09 -61.96 -33.87
N ALA A 31 24.22 -61.05 -34.33
CA ALA A 31 23.24 -61.39 -35.39
C ALA A 31 22.96 -60.16 -36.23
N PRO A 32 22.53 -60.34 -37.50
CA PRO A 32 22.12 -59.21 -38.33
C PRO A 32 21.05 -58.33 -37.67
N TYR A 33 21.17 -57.02 -37.89
CA TYR A 33 20.35 -55.95 -37.27
C TYR A 33 19.94 -54.94 -38.33
N ILE A 34 18.73 -54.39 -38.20
CA ILE A 34 18.27 -53.32 -39.11
C ILE A 34 18.14 -52.07 -38.26
N ILE A 35 18.81 -51.00 -38.67
CA ILE A 35 18.61 -49.68 -38.04
C ILE A 35 17.29 -49.13 -38.56
N LEU A 36 16.26 -49.16 -37.73
CA LEU A 36 15.00 -48.39 -37.94
C LEU A 36 15.22 -47.10 -37.16
N GLY A 37 15.78 -46.13 -37.86
CA GLY A 37 16.53 -45.06 -37.19
C GLY A 37 15.74 -43.78 -37.05
N SER A 38 16.26 -42.86 -36.27
N SER A 38 16.33 -42.87 -36.31
CA SER A 38 15.85 -41.43 -36.28
CA SER A 38 15.89 -41.47 -36.12
C SER A 38 17.08 -40.61 -35.95
C SER A 38 17.16 -40.64 -35.98
N GLN A 39 17.22 -39.47 -36.61
CA GLN A 39 18.34 -38.55 -36.35
C GLN A 39 17.75 -37.24 -35.80
N THR A 40 18.40 -36.74 -34.76
CA THR A 40 18.05 -35.43 -34.19
C THR A 40 18.34 -34.31 -35.19
N ASN A 41 17.73 -33.17 -34.93
CA ASN A 41 18.22 -31.89 -35.49
C ASN A 41 19.66 -31.63 -35.01
N ASN A 42 20.34 -30.69 -35.67
CA ASN A 42 21.79 -30.46 -35.53
C ASN A 42 22.19 -29.83 -34.19
N SER A 43 21.24 -29.30 -33.41
CA SER A 43 21.56 -28.57 -32.15
C SER A 43 20.88 -29.26 -30.97
N SER A 44 20.72 -30.59 -31.01
CA SER A 44 20.09 -31.38 -29.94
C SER A 44 21.12 -32.19 -29.17
N ASN A 45 22.41 -31.95 -29.44
CA ASN A 45 23.55 -32.72 -28.88
C ASN A 45 23.93 -32.18 -27.48
N TYR A 46 22.95 -31.90 -26.62
CA TYR A 46 23.20 -31.38 -25.25
C TYR A 46 22.23 -32.05 -24.28
N PRO A 47 22.63 -32.25 -23.01
CA PRO A 47 21.75 -32.91 -22.05
C PRO A 47 20.33 -32.33 -21.98
N ASP A 48 20.22 -31.00 -21.98
CA ASP A 48 18.93 -30.30 -21.82
C ASP A 48 18.00 -30.59 -23.00
N ALA A 49 18.54 -30.89 -24.19
CA ALA A 49 17.73 -31.07 -25.41
C ALA A 49 17.16 -32.49 -25.46
N LEU A 50 17.75 -33.45 -24.74
CA LEU A 50 17.33 -34.87 -24.93
C LEU A 50 15.83 -35.05 -24.57
N LYS A 51 15.29 -34.25 -23.65
N LYS A 51 15.26 -34.26 -23.66
CA LYS A 51 13.85 -34.28 -23.25
CA LYS A 51 13.82 -34.45 -23.29
C LYS A 51 12.97 -34.11 -24.50
C LYS A 51 12.93 -34.08 -24.51
N ASP A 52 13.47 -33.37 -25.50
CA ASP A 52 12.73 -33.04 -26.75
C ASP A 52 13.04 -34.06 -27.86
N VAL A 53 13.91 -35.04 -27.58
CA VAL A 53 14.30 -36.09 -28.55
C VAL A 53 13.54 -37.39 -28.24
N TRP A 54 13.55 -37.83 -26.99
CA TRP A 54 13.06 -39.22 -26.68
C TRP A 54 11.59 -39.39 -27.04
N PRO A 55 10.67 -38.44 -26.76
CA PRO A 55 9.26 -38.67 -27.09
C PRO A 55 9.03 -38.97 -28.58
N SER A 56 9.70 -38.25 -29.47
CA SER A 56 9.59 -38.46 -30.94
C SER A 56 10.08 -39.89 -31.23
N MET A 57 11.18 -40.28 -30.61
CA MET A 57 11.78 -41.60 -30.91
C MET A 57 10.80 -42.70 -30.46
N GLU A 58 10.16 -42.55 -29.31
CA GLU A 58 9.14 -43.51 -28.79
C GLU A 58 7.95 -43.57 -29.76
N LYS A 59 7.41 -42.40 -30.13
CA LYS A 59 6.26 -42.31 -31.07
C LYS A 59 6.62 -42.99 -32.40
N MET A 60 7.87 -42.85 -32.85
CA MET A 60 8.30 -43.38 -34.16
C MET A 60 8.48 -44.90 -34.08
N GLY A 61 8.76 -45.43 -32.90
CA GLY A 61 9.17 -46.83 -32.71
C GLY A 61 10.55 -47.12 -33.29
N ALA A 62 11.43 -46.13 -33.33
CA ALA A 62 12.82 -46.29 -33.82
C ALA A 62 13.59 -47.15 -32.82
N ASN A 63 14.55 -47.95 -33.31
CA ASN A 63 15.40 -48.81 -32.45
C ASN A 63 16.79 -48.19 -32.27
N THR A 64 17.12 -47.14 -33.03
CA THR A 64 18.48 -46.56 -33.06
C THR A 64 18.38 -45.05 -33.24
N LEU A 65 19.09 -44.30 -32.41
CA LEU A 65 19.15 -42.82 -32.50
C LEU A 65 20.51 -42.40 -33.06
N SER A 66 20.49 -41.62 -34.14
CA SER A 66 21.66 -40.90 -34.68
C SER A 66 21.69 -39.50 -34.07
N ILE A 67 22.82 -39.13 -33.47
CA ILE A 67 22.92 -37.82 -32.78
C ILE A 67 24.36 -37.35 -32.87
N PRO A 68 24.62 -36.03 -33.04
CA PRO A 68 25.98 -35.55 -33.11
C PRO A 68 26.74 -35.65 -31.78
N VAL A 69 28.03 -35.88 -31.87
CA VAL A 69 29.01 -35.55 -30.81
C VAL A 69 30.03 -34.61 -31.46
N ALA A 70 30.07 -33.38 -31.00
CA ALA A 70 30.79 -32.28 -31.67
C ALA A 70 32.19 -32.16 -31.08
N TRP A 71 33.19 -31.99 -31.93
CA TRP A 71 34.58 -31.70 -31.49
C TRP A 71 34.55 -30.49 -30.55
N GLU A 72 33.76 -29.45 -30.85
CA GLU A 72 33.73 -28.22 -30.02
C GLU A 72 33.28 -28.55 -28.58
N GLN A 73 32.42 -29.55 -28.37
CA GLN A 73 31.87 -29.87 -27.03
C GLN A 73 32.79 -30.84 -26.28
N ILE A 74 33.51 -31.74 -26.95
CA ILE A 74 34.39 -32.69 -26.21
C ILE A 74 35.78 -32.08 -25.94
N GLU A 75 36.25 -31.12 -26.74
CA GLU A 75 37.59 -30.51 -26.54
C GLU A 75 37.47 -29.00 -26.70
N PRO A 76 36.69 -28.30 -25.84
CA PRO A 76 36.42 -26.87 -26.02
C PRO A 76 37.66 -26.00 -25.83
N VAL A 77 38.57 -26.48 -25.00
CA VAL A 77 39.93 -25.92 -24.80
C VAL A 77 40.92 -27.04 -25.11
N GLU A 78 41.97 -26.73 -25.88
CA GLU A 78 42.85 -27.78 -26.44
C GLU A 78 43.40 -28.61 -25.27
N GLY A 79 43.14 -29.93 -25.30
CA GLY A 79 43.68 -30.90 -24.33
C GLY A 79 42.77 -31.11 -23.13
N GLN A 80 41.67 -30.36 -23.03
CA GLN A 80 40.74 -30.39 -21.86
C GLN A 80 39.45 -31.06 -22.31
N PHE A 81 39.37 -32.38 -22.18
CA PHE A 81 38.25 -33.19 -22.73
C PHE A 81 37.06 -33.15 -21.76
N ASP A 82 35.87 -33.17 -22.35
CA ASP A 82 34.57 -33.11 -21.63
C ASP A 82 33.63 -34.11 -22.29
N PHE A 83 33.38 -35.24 -21.64
CA PHE A 83 32.46 -36.27 -22.16
C PHE A 83 31.13 -36.26 -21.39
N SER A 84 30.80 -35.17 -20.71
CA SER A 84 29.57 -35.08 -19.88
C SER A 84 28.32 -35.34 -20.75
N PHE A 85 28.31 -34.90 -22.00
CA PHE A 85 27.13 -35.12 -22.88
C PHE A 85 27.00 -36.61 -23.19
N VAL A 86 28.12 -37.25 -23.54
CA VAL A 86 28.13 -38.68 -23.92
C VAL A 86 27.66 -39.52 -22.72
N ASP A 87 28.10 -39.18 -21.49
CA ASP A 87 27.68 -39.89 -20.26
C ASP A 87 26.14 -39.92 -20.17
N VAL A 88 25.51 -38.74 -20.26
CA VAL A 88 24.03 -38.61 -20.09
C VAL A 88 23.34 -39.35 -21.24
N LEU A 89 23.83 -39.16 -22.46
CA LEU A 89 23.23 -39.80 -23.66
C LEU A 89 23.25 -41.32 -23.49
N LEU A 90 24.40 -41.89 -23.11
CA LEU A 90 24.51 -43.37 -22.94
C LEU A 90 23.49 -43.83 -21.90
N LYS A 91 23.43 -43.16 -20.74
CA LYS A 91 22.54 -43.54 -19.63
C LYS A 91 21.08 -43.50 -20.11
N GLU A 92 20.69 -42.44 -20.79
CA GLU A 92 19.27 -42.23 -21.19
C GLU A 92 18.90 -43.20 -22.32
N ALA A 93 19.82 -43.48 -23.26
CA ALA A 93 19.59 -44.47 -24.34
C ALA A 93 19.35 -45.85 -23.73
N ARG A 94 20.21 -46.25 -22.78
CA ARG A 94 20.12 -47.56 -22.12
C ARG A 94 18.80 -47.68 -21.35
N GLN A 95 18.36 -46.61 -20.69
CA GLN A 95 17.08 -46.62 -19.94
C GLN A 95 15.93 -46.97 -20.90
N ARG A 96 16.03 -46.54 -22.16
CA ARG A 96 14.96 -46.72 -23.17
C ARG A 96 15.24 -47.95 -24.06
N LYS A 97 16.35 -48.65 -23.80
CA LYS A 97 16.72 -49.91 -24.50
C LYS A 97 16.76 -49.62 -26.00
N VAL A 98 17.37 -48.49 -26.36
CA VAL A 98 17.69 -48.18 -27.79
C VAL A 98 19.21 -48.16 -27.97
N ARG A 99 19.64 -48.20 -29.23
CA ARG A 99 21.06 -48.13 -29.61
C ARG A 99 21.36 -46.77 -30.23
N LEU A 100 22.64 -46.48 -30.41
CA LEU A 100 23.10 -45.14 -30.80
C LEU A 100 24.05 -45.24 -31.99
N VAL A 101 23.95 -44.26 -32.87
CA VAL A 101 25.00 -43.96 -33.88
C VAL A 101 25.50 -42.56 -33.56
N LEU A 102 26.75 -42.44 -33.17
CA LEU A 102 27.32 -41.09 -32.88
C LEU A 102 27.82 -40.48 -34.19
N LEU A 103 27.54 -39.20 -34.41
CA LEU A 103 27.96 -38.46 -35.63
C LEU A 103 29.11 -37.52 -35.24
N TRP A 104 30.34 -37.88 -35.57
CA TRP A 104 31.54 -37.10 -35.20
C TRP A 104 31.58 -35.83 -36.05
N PHE A 105 31.13 -34.70 -35.50
CA PHE A 105 31.11 -33.40 -36.21
C PHE A 105 32.43 -32.71 -35.90
N ALA A 106 33.32 -32.58 -36.87
CA ALA A 106 34.71 -32.20 -36.58
C ALA A 106 35.28 -31.36 -37.74
N THR A 107 36.28 -31.86 -38.45
CA THR A 107 36.92 -31.09 -39.54
C THR A 107 35.87 -30.61 -40.55
N TRP A 108 34.97 -31.51 -40.99
CA TRP A 108 33.83 -31.13 -41.87
C TRP A 108 32.52 -31.48 -41.18
N LYS A 109 31.63 -30.50 -41.20
CA LYS A 109 30.18 -30.66 -41.05
C LYS A 109 29.55 -29.82 -42.17
N ASN A 110 28.98 -30.46 -43.17
CA ASN A 110 28.43 -29.78 -44.37
C ASN A 110 29.51 -28.87 -44.97
N ASN A 111 30.73 -29.41 -45.16
CA ASN A 111 31.83 -28.76 -45.92
C ASN A 111 32.63 -27.83 -44.99
N ALA A 112 32.14 -27.53 -43.77
CA ALA A 112 32.67 -26.40 -42.96
C ALA A 112 33.11 -26.84 -41.57
N PRO A 113 33.96 -26.02 -40.90
CA PRO A 113 34.45 -26.33 -39.56
C PRO A 113 33.67 -25.71 -38.39
N HIS A 114 32.38 -25.41 -38.59
CA HIS A 114 31.58 -24.72 -37.54
C HIS A 114 31.55 -25.51 -36.24
N TYR A 115 31.70 -26.85 -36.27
CA TYR A 115 31.63 -27.66 -35.04
C TYR A 115 33.02 -27.97 -34.51
N ALA A 116 34.06 -27.50 -35.19
CA ALA A 116 35.44 -27.60 -34.63
C ALA A 116 35.53 -26.58 -33.51
N PRO A 117 36.37 -26.83 -32.47
CA PRO A 117 36.54 -25.88 -31.36
C PRO A 117 36.96 -24.49 -31.88
N ALA A 118 36.67 -23.45 -31.11
CA ALA A 118 37.06 -22.07 -31.46
C ALA A 118 38.57 -22.02 -31.75
N TRP A 119 39.38 -22.73 -30.97
CA TRP A 119 40.86 -22.73 -31.10
C TRP A 119 41.30 -23.42 -32.41
N VAL A 120 40.43 -24.21 -33.03
CA VAL A 120 40.66 -24.76 -34.39
C VAL A 120 40.16 -23.78 -35.46
N LYS A 121 38.86 -23.45 -35.43
CA LYS A 121 38.20 -22.82 -36.60
C LYS A 121 38.61 -21.33 -36.72
N LEU A 122 39.19 -20.76 -35.66
CA LEU A 122 39.63 -19.34 -35.71
C LEU A 122 41.14 -19.24 -35.94
N ASP A 123 41.86 -20.35 -36.13
CA ASP A 123 43.33 -20.34 -36.39
C ASP A 123 43.61 -20.92 -37.78
N ASN A 124 43.43 -20.09 -38.83
CA ASN A 124 43.59 -20.52 -40.24
C ASN A 124 45.05 -20.89 -40.54
N ALA A 125 46.03 -20.17 -39.98
CA ALA A 125 47.47 -20.44 -40.22
C ALA A 125 47.81 -21.87 -39.79
N ARG A 126 47.36 -22.28 -38.60
CA ARG A 126 47.60 -23.65 -38.06
C ARG A 126 46.73 -24.68 -38.78
N PHE A 127 45.48 -24.31 -39.08
CA PHE A 127 44.43 -25.23 -39.58
C PHE A 127 43.83 -24.61 -40.84
N PRO A 128 44.55 -24.73 -41.98
CA PRO A 128 44.21 -23.94 -43.16
C PRO A 128 42.99 -24.36 -43.99
N ARG A 129 42.38 -23.33 -44.58
CA ARG A 129 41.19 -23.40 -45.44
C ARG A 129 41.59 -23.64 -46.90
N VAL A 130 40.68 -24.28 -47.65
CA VAL A 130 40.62 -24.27 -49.13
C VAL A 130 40.85 -22.84 -49.63
N VAL A 131 41.81 -22.68 -50.54
CA VAL A 131 42.07 -21.45 -51.32
C VAL A 131 41.58 -21.68 -52.75
N LYS A 132 40.72 -20.80 -53.27
CA LYS A 132 40.19 -20.87 -54.65
C LYS A 132 41.30 -20.54 -55.65
N GLU A 133 41.05 -20.84 -56.92
CA GLU A 133 41.97 -20.52 -58.05
C GLU A 133 42.25 -19.02 -58.06
N ASP A 134 41.27 -18.18 -57.70
CA ASP A 134 41.42 -16.70 -57.79
C ASP A 134 42.13 -16.15 -56.54
N GLY A 135 42.48 -17.01 -55.56
CA GLY A 135 43.25 -16.63 -54.36
C GLY A 135 42.35 -16.33 -53.15
N ASP A 136 41.04 -16.20 -53.34
CA ASP A 136 40.06 -16.05 -52.22
C ASP A 136 40.02 -17.36 -51.41
N THR A 137 39.61 -17.25 -50.14
CA THR A 137 39.55 -18.37 -49.17
C THR A 137 38.09 -18.74 -48.95
N LEU A 138 37.81 -20.04 -48.89
CA LEU A 138 36.48 -20.58 -48.52
C LEU A 138 36.53 -21.13 -47.10
N ASN A 139 35.40 -21.10 -46.40
CA ASN A 139 35.30 -21.62 -45.02
C ASN A 139 35.12 -23.15 -45.09
N SER A 140 36.14 -23.84 -45.60
CA SER A 140 36.21 -25.31 -45.75
C SER A 140 37.65 -25.71 -45.45
N LEU A 141 37.91 -26.54 -44.43
CA LEU A 141 39.31 -26.87 -44.08
C LEU A 141 39.91 -27.77 -45.15
N SER A 142 41.14 -27.47 -45.52
CA SER A 142 41.86 -28.25 -46.56
C SER A 142 42.20 -29.64 -46.01
N PRO A 143 41.98 -30.71 -46.80
CA PRO A 143 42.33 -32.06 -46.35
C PRO A 143 43.85 -32.30 -46.33
N LEU A 144 44.64 -31.34 -46.82
CA LEU A 144 46.12 -31.40 -46.79
C LEU A 144 46.68 -30.64 -45.57
N GLY A 145 45.83 -30.07 -44.73
CA GLY A 145 46.26 -29.51 -43.43
C GLY A 145 46.70 -30.61 -42.47
N GLN A 146 48.01 -30.81 -42.28
CA GLN A 146 48.53 -31.93 -41.46
C GLN A 146 48.24 -31.66 -39.97
N ASN A 147 48.31 -30.41 -39.50
CA ASN A 147 47.96 -30.09 -38.10
C ASN A 147 46.48 -30.44 -37.84
N THR A 148 45.60 -30.14 -38.80
CA THR A 148 44.13 -30.37 -38.71
C THR A 148 43.88 -31.88 -38.57
N LEU A 149 44.52 -32.69 -39.41
CA LEU A 149 44.38 -34.17 -39.33
C LEU A 149 44.84 -34.67 -37.96
N ALA A 150 45.99 -34.21 -37.46
CA ALA A 150 46.55 -34.70 -36.17
C ALA A 150 45.58 -34.37 -35.02
N ALA A 151 45.03 -33.15 -35.02
CA ALA A 151 44.13 -32.65 -33.96
C ALA A 151 42.81 -33.41 -33.97
N ASP A 152 42.20 -33.59 -35.15
CA ASP A 152 40.90 -34.30 -35.32
C ASP A 152 41.11 -35.73 -34.81
N LYS A 153 42.13 -36.39 -35.33
CA LYS A 153 42.51 -37.76 -34.97
C LYS A 153 42.68 -37.84 -33.44
N LYS A 154 43.41 -36.89 -32.83
CA LYS A 154 43.66 -36.91 -31.36
C LYS A 154 42.32 -36.89 -30.59
N ALA A 155 41.40 -36.03 -30.99
CA ALA A 155 40.12 -35.85 -30.27
C ALA A 155 39.25 -37.09 -30.50
N PHE A 156 39.23 -37.59 -31.73
CA PHE A 156 38.41 -38.77 -32.10
C PHE A 156 38.88 -39.97 -31.27
N VAL A 157 40.20 -40.13 -31.14
CA VAL A 157 40.78 -41.20 -30.29
C VAL A 157 40.28 -41.08 -28.86
N GLU A 158 40.21 -39.86 -28.30
CA GLU A 158 39.72 -39.68 -26.90
C GLU A 158 38.24 -40.10 -26.84
N LEU A 159 37.43 -39.79 -27.85
CA LEU A 159 36.01 -40.20 -27.89
C LEU A 159 35.96 -41.73 -27.90
N MET A 160 36.78 -42.37 -28.72
CA MET A 160 36.74 -43.85 -28.82
C MET A 160 37.28 -44.48 -27.54
N LYS A 161 38.23 -43.84 -26.86
CA LYS A 161 38.73 -44.31 -25.54
C LYS A 161 37.59 -44.25 -24.52
N TYR A 162 36.78 -43.18 -24.54
CA TYR A 162 35.58 -43.04 -23.66
C TYR A 162 34.64 -44.24 -23.89
N LEU A 163 34.32 -44.55 -25.14
CA LEU A 163 33.42 -45.70 -25.48
C LEU A 163 34.07 -47.02 -25.04
N ALA A 164 35.37 -47.18 -25.27
CA ALA A 164 36.08 -48.42 -24.90
C ALA A 164 35.94 -48.66 -23.39
N LYS A 165 36.03 -47.59 -22.59
CA LYS A 165 36.05 -47.67 -21.11
C LYS A 165 34.60 -47.73 -20.57
N ARG A 166 33.67 -47.03 -21.21
CA ARG A 166 32.34 -46.70 -20.62
C ARG A 166 31.17 -47.33 -21.39
N ASP A 167 31.42 -48.09 -22.46
CA ASP A 167 30.34 -48.64 -23.32
C ASP A 167 30.64 -50.10 -23.69
N LYS A 168 30.82 -50.94 -22.68
CA LYS A 168 31.27 -52.35 -22.82
C LYS A 168 30.20 -53.19 -23.52
N ASP A 169 28.92 -52.79 -23.45
CA ASP A 169 27.77 -53.55 -24.04
C ASP A 169 27.44 -52.97 -25.41
N HIS A 170 28.20 -51.97 -25.86
CA HIS A 170 28.08 -51.39 -27.23
C HIS A 170 26.69 -50.80 -27.43
N THR A 171 26.23 -49.97 -26.50
CA THR A 171 25.05 -49.12 -26.73
C THR A 171 25.26 -48.39 -28.06
N VAL A 172 26.45 -47.82 -28.23
CA VAL A 172 26.88 -47.22 -29.52
C VAL A 172 27.30 -48.34 -30.47
N ILE A 173 26.61 -48.48 -31.61
CA ILE A 173 26.85 -49.62 -32.54
C ILE A 173 27.68 -49.18 -33.74
N MET A 174 27.75 -47.88 -34.02
CA MET A 174 28.41 -47.39 -35.25
C MET A 174 28.74 -45.91 -35.04
N VAL A 175 29.79 -45.43 -35.69
CA VAL A 175 30.19 -44.00 -35.63
C VAL A 175 30.33 -43.46 -37.04
N GLN A 176 29.70 -42.32 -37.29
CA GLN A 176 29.87 -41.57 -38.56
C GLN A 176 31.08 -40.66 -38.39
N VAL A 177 32.05 -40.74 -39.30
CA VAL A 177 33.28 -39.93 -39.21
C VAL A 177 33.11 -38.68 -40.08
N GLN A 178 33.06 -37.50 -39.46
CA GLN A 178 32.74 -36.20 -40.13
C GLN A 178 31.27 -36.23 -40.55
N ASN A 179 30.81 -35.17 -41.20
CA ASN A 179 29.42 -35.07 -41.69
C ASN A 179 29.42 -34.30 -43.01
N GLU A 180 29.02 -34.95 -44.09
CA GLU A 180 28.92 -34.34 -45.45
C GLU A 180 30.20 -33.56 -45.74
N VAL A 181 31.29 -34.28 -45.90
CA VAL A 181 32.61 -33.68 -46.24
C VAL A 181 32.53 -33.08 -47.65
N GLY A 182 33.51 -32.22 -47.93
CA GLY A 182 33.72 -31.67 -49.26
C GLY A 182 33.80 -30.17 -49.20
N THR A 183 33.65 -29.53 -50.35
CA THR A 183 33.74 -28.06 -50.47
C THR A 183 32.64 -27.56 -51.40
N TYR A 184 31.94 -26.51 -50.94
CA TYR A 184 31.03 -25.71 -51.78
C TYR A 184 31.82 -24.49 -52.27
N GLY A 185 31.69 -24.17 -53.56
CA GLY A 185 32.23 -22.91 -54.12
C GLY A 185 33.59 -23.07 -54.78
N ALA A 186 34.19 -24.25 -54.72
CA ALA A 186 35.42 -24.58 -55.46
C ALA A 186 35.50 -26.10 -55.59
N VAL A 187 36.28 -26.59 -56.55
CA VAL A 187 36.36 -28.06 -56.82
C VAL A 187 37.37 -28.68 -55.85
N ARG A 188 38.40 -27.94 -55.45
CA ARG A 188 39.50 -28.44 -54.59
C ARG A 188 40.24 -27.27 -53.94
N ASP A 189 41.24 -27.58 -53.11
CA ASP A 189 42.23 -26.61 -52.60
C ASP A 189 43.20 -26.30 -53.73
N TYR A 190 43.37 -25.01 -54.06
CA TYR A 190 44.36 -24.51 -55.03
C TYR A 190 45.47 -23.73 -54.31
N SER A 191 45.59 -23.90 -52.98
CA SER A 191 46.69 -23.33 -52.16
C SER A 191 48.02 -23.80 -52.71
N PRO A 192 49.11 -23.03 -52.48
CA PRO A 192 50.46 -23.50 -52.84
C PRO A 192 50.74 -24.93 -52.36
N MET A 193 50.38 -25.23 -51.11
CA MET A 193 50.51 -26.57 -50.46
C MET A 193 49.77 -27.61 -51.32
N ALA A 194 48.53 -27.31 -51.74
CA ALA A 194 47.69 -28.26 -52.52
C ALA A 194 48.27 -28.42 -53.93
N GLN A 195 48.63 -27.32 -54.60
CA GLN A 195 49.16 -27.31 -56.00
C GLN A 195 50.39 -28.21 -56.10
N ALA A 196 51.28 -28.15 -55.09
CA ALA A 196 52.50 -28.98 -55.00
C ALA A 196 52.13 -30.46 -55.10
N VAL A 197 51.02 -30.87 -54.47
CA VAL A 197 50.58 -32.31 -54.49
C VAL A 197 49.84 -32.60 -55.80
N PHE A 198 49.03 -31.67 -56.30
CA PHE A 198 48.28 -31.82 -57.57
C PHE A 198 49.24 -31.99 -58.75
N ASN A 199 50.32 -31.22 -58.76
CA ASN A 199 51.31 -31.17 -59.87
C ASN A 199 52.21 -32.42 -59.83
N ALA A 200 52.30 -33.08 -58.67
CA ALA A 200 53.18 -34.25 -58.39
C ALA A 200 52.49 -35.56 -58.82
N ALA A 201 53.20 -36.68 -58.75
CA ALA A 201 52.71 -38.02 -59.17
C ALA A 201 51.44 -38.41 -58.37
N VAL A 202 50.46 -38.99 -59.06
CA VAL A 202 49.32 -39.72 -58.42
C VAL A 202 49.93 -40.89 -57.65
N PRO A 203 49.64 -41.04 -56.34
CA PRO A 203 50.16 -42.16 -55.54
C PRO A 203 49.98 -43.53 -56.21
N ASP A 204 51.02 -44.35 -56.22
CA ASP A 204 51.05 -45.69 -56.87
C ASP A 204 49.82 -46.50 -56.44
N ASP A 205 49.49 -46.48 -55.15
CA ASP A 205 48.41 -47.31 -54.55
C ASP A 205 47.08 -47.04 -55.27
N LEU A 206 46.78 -45.78 -55.57
CA LEU A 206 45.55 -45.40 -56.30
C LEU A 206 45.66 -45.87 -57.76
N ILE A 207 46.80 -45.59 -58.42
CA ILE A 207 47.09 -45.97 -59.84
C ILE A 207 46.89 -47.49 -60.02
N GLN A 208 47.37 -48.28 -59.06
CA GLN A 208 47.24 -49.77 -59.04
C GLN A 208 45.77 -50.19 -58.88
N LYS A 209 45.06 -49.66 -57.88
CA LYS A 209 43.67 -50.09 -57.55
C LYS A 209 42.73 -49.77 -58.71
N LEU A 210 42.97 -48.67 -59.44
CA LEU A 210 42.11 -48.21 -60.56
C LEU A 210 42.63 -48.75 -61.89
N GLN A 211 43.77 -49.45 -61.86
CA GLN A 211 44.41 -50.09 -63.04
C GLN A 211 44.63 -49.03 -64.13
N LEU A 212 45.27 -47.91 -63.78
CA LEU A 212 45.53 -46.77 -64.71
C LEU A 212 47.05 -46.66 -64.96
N LYS A 213 47.42 -45.82 -65.94
CA LYS A 213 48.84 -45.55 -66.29
C LYS A 213 49.38 -44.50 -65.31
N PRO A 214 50.63 -44.61 -64.83
CA PRO A 214 51.17 -43.65 -63.87
C PRO A 214 51.31 -42.23 -64.45
N GLY A 215 51.35 -41.23 -63.58
CA GLY A 215 51.55 -39.83 -63.97
C GLY A 215 51.04 -38.86 -62.93
N THR A 216 50.99 -37.57 -63.29
CA THR A 216 50.45 -36.50 -62.42
C THR A 216 48.92 -36.50 -62.51
N TRP A 217 48.25 -35.77 -61.61
CA TRP A 217 46.78 -35.78 -61.52
C TRP A 217 46.16 -35.33 -62.86
N SER A 218 46.68 -34.23 -63.45
CA SER A 218 46.17 -33.68 -64.74
C SER A 218 46.34 -34.73 -65.86
N GLN A 219 47.51 -35.35 -65.95
CA GLN A 219 47.84 -36.35 -67.00
C GLN A 219 46.86 -37.53 -66.93
N VAL A 220 46.64 -38.06 -65.73
CA VAL A 220 45.84 -39.30 -65.50
C VAL A 220 44.35 -38.98 -65.66
N PHE A 221 43.85 -37.90 -65.04
CA PHE A 221 42.39 -37.69 -64.86
C PHE A 221 41.83 -36.59 -65.77
N GLY A 222 42.68 -35.83 -66.48
CA GLY A 222 42.22 -34.77 -67.40
C GLY A 222 41.16 -33.90 -66.75
N ARG A 223 39.95 -33.84 -67.34
CA ARG A 223 38.86 -32.92 -66.93
C ARG A 223 38.37 -33.28 -65.52
N ASP A 224 38.68 -34.48 -65.00
CA ASP A 224 38.27 -34.92 -63.64
C ASP A 224 39.40 -34.74 -62.60
N ALA A 225 40.58 -34.25 -62.96
CA ALA A 225 41.75 -34.21 -62.04
C ALA A 225 41.43 -33.42 -60.74
N ASP A 226 40.88 -32.21 -60.87
CA ASP A 226 40.55 -31.33 -59.72
C ASP A 226 39.64 -32.09 -58.73
N GLU A 227 38.50 -32.57 -59.20
CA GLU A 227 37.46 -33.23 -58.35
C GLU A 227 38.02 -34.51 -57.75
N PHE A 228 38.65 -35.36 -58.56
CA PHE A 228 39.14 -36.68 -58.10
C PHE A 228 40.23 -36.46 -57.04
N PHE A 229 41.03 -35.41 -57.20
CA PHE A 229 42.11 -35.04 -56.24
C PHE A 229 41.52 -34.67 -54.87
N HIS A 230 40.48 -33.82 -54.86
CA HIS A 230 39.82 -33.40 -53.60
C HIS A 230 39.22 -34.65 -52.93
N ALA A 231 38.51 -35.48 -53.69
CA ALA A 231 37.88 -36.73 -53.20
C ALA A 231 38.97 -37.61 -52.56
N TYR A 232 40.10 -37.80 -53.26
CA TYR A 232 41.22 -38.63 -52.78
C TYR A 232 41.77 -38.08 -51.46
N GLN A 233 42.12 -36.79 -51.39
CA GLN A 233 42.75 -36.20 -50.18
C GLN A 233 41.77 -36.26 -49.00
N ILE A 234 40.48 -35.98 -49.21
CA ILE A 234 39.44 -36.07 -48.13
C ILE A 234 39.28 -37.54 -47.71
N ALA A 235 39.23 -38.49 -48.66
CA ALA A 235 39.08 -39.91 -48.33
C ALA A 235 40.27 -40.38 -47.47
N ARG A 236 41.50 -39.99 -47.83
CA ARG A 236 42.72 -40.36 -47.06
C ARG A 236 42.65 -39.79 -45.64
N TYR A 237 42.20 -38.55 -45.53
CA TYR A 237 42.00 -37.85 -44.23
C TYR A 237 41.05 -38.66 -43.35
N CYS A 238 39.84 -38.93 -43.87
CA CYS A 238 38.76 -39.66 -43.16
C CYS A 238 39.21 -41.09 -42.84
N ASP A 239 39.96 -41.73 -43.75
CA ASP A 239 40.49 -43.09 -43.50
C ASP A 239 41.44 -43.06 -42.30
N GLU A 240 42.33 -42.07 -42.23
CA GLU A 240 43.33 -41.97 -41.13
C GLU A 240 42.61 -41.76 -39.79
N VAL A 241 41.61 -40.89 -39.75
CA VAL A 241 40.83 -40.67 -38.50
C VAL A 241 40.17 -41.98 -38.12
N THR A 242 39.55 -42.66 -39.08
CA THR A 242 38.84 -43.95 -38.87
C THR A 242 39.82 -44.98 -38.29
N VAL A 243 40.99 -45.13 -38.91
CA VAL A 243 41.96 -46.16 -38.46
C VAL A 243 42.36 -45.88 -37.01
N ALA A 244 42.64 -44.62 -36.68
CA ALA A 244 43.07 -44.20 -35.32
C ALA A 244 41.98 -44.57 -34.31
N GLY A 245 40.72 -44.32 -34.60
CA GLY A 245 39.60 -44.63 -33.69
C GLY A 245 39.38 -46.12 -33.55
N LYS A 246 39.42 -46.87 -34.64
CA LYS A 246 39.21 -48.35 -34.65
C LYS A 246 40.30 -49.05 -33.83
N ALA A 247 41.51 -48.49 -33.80
CA ALA A 247 42.66 -49.05 -33.04
C ALA A 247 42.32 -49.04 -31.54
N ILE A 248 41.44 -48.12 -31.13
CA ILE A 248 40.97 -48.00 -29.71
C ILE A 248 39.78 -48.93 -29.49
N LYS A 249 38.74 -48.79 -30.31
CA LYS A 249 37.58 -49.72 -30.31
C LYS A 249 37.09 -49.86 -31.75
N ASN A 250 37.05 -51.10 -32.22
CA ASN A 250 36.86 -51.44 -33.66
C ASN A 250 35.36 -51.49 -33.97
N LEU A 251 34.65 -50.37 -33.77
CA LEU A 251 33.23 -50.24 -34.20
C LEU A 251 33.18 -50.03 -35.70
N PRO A 252 32.06 -50.41 -36.35
CA PRO A 252 31.80 -50.01 -37.73
C PRO A 252 31.78 -48.48 -37.80
N MET A 253 32.35 -47.93 -38.87
CA MET A 253 32.40 -46.47 -39.09
C MET A 253 32.13 -46.16 -40.56
N TYR A 254 31.47 -45.03 -40.82
CA TYR A 254 30.97 -44.74 -42.18
C TYR A 254 31.03 -43.23 -42.41
N VAL A 255 30.91 -42.85 -43.67
CA VAL A 255 30.78 -41.43 -44.09
C VAL A 255 29.44 -41.24 -44.80
N ASN A 256 28.87 -40.04 -44.70
CA ASN A 256 27.56 -39.70 -45.28
C ASN A 256 27.73 -38.60 -46.33
N VAL A 257 27.01 -38.75 -47.42
CA VAL A 257 27.28 -38.00 -48.65
C VAL A 257 26.19 -36.93 -48.86
N ALA A 258 26.63 -35.68 -48.99
CA ALA A 258 25.81 -34.60 -49.59
C ALA A 258 25.70 -34.94 -51.08
N LEU A 259 24.63 -35.64 -51.44
CA LEU A 259 24.48 -36.23 -52.81
C LEU A 259 24.50 -35.13 -53.86
N ARG A 260 25.09 -35.44 -55.00
CA ARG A 260 24.79 -34.70 -56.25
C ARG A 260 23.61 -35.39 -56.91
N ASN A 261 22.84 -34.66 -57.71
CA ASN A 261 21.71 -35.22 -58.50
C ASN A 261 22.33 -36.23 -59.47
N PRO A 262 21.93 -37.51 -59.41
CA PRO A 262 22.61 -38.53 -60.21
C PRO A 262 22.33 -38.40 -61.70
N PHE A 263 21.24 -37.73 -62.06
CA PHE A 263 20.76 -37.60 -63.47
C PHE A 263 21.30 -36.31 -64.09
N ASN A 264 21.47 -35.27 -63.27
CA ASN A 264 21.65 -33.86 -63.75
C ASN A 264 22.46 -33.12 -62.68
N PRO A 265 23.71 -33.55 -62.41
CA PRO A 265 24.43 -33.13 -61.21
C PRO A 265 24.90 -31.66 -61.16
N GLY A 266 24.99 -31.03 -62.33
CA GLY A 266 25.72 -29.75 -62.45
C GLY A 266 27.17 -29.95 -62.08
N LEU A 267 27.85 -28.89 -61.64
CA LEU A 267 29.33 -28.87 -61.50
C LEU A 267 29.75 -29.09 -60.05
N PRO A 268 30.90 -29.77 -59.83
CA PRO A 268 31.46 -29.88 -58.50
C PRO A 268 31.75 -28.48 -57.95
N GLY A 269 31.40 -28.28 -56.67
CA GLY A 269 31.40 -26.97 -56.00
C GLY A 269 30.01 -26.34 -55.94
N GLN A 270 29.13 -26.64 -56.91
CA GLN A 270 27.68 -26.38 -56.79
C GLN A 270 27.13 -27.45 -55.85
N TYR A 271 27.41 -28.72 -56.15
CA TYR A 271 27.34 -29.80 -55.16
C TYR A 271 28.67 -29.84 -54.39
N SER A 272 28.67 -30.54 -53.27
CA SER A 272 29.81 -30.60 -52.32
C SER A 272 30.93 -31.46 -52.94
N SER A 273 31.90 -30.79 -53.55
CA SER A 273 33.03 -31.45 -54.26
C SER A 273 33.88 -32.23 -53.25
N GLY A 274 34.25 -33.46 -53.59
CA GLY A 274 35.18 -34.27 -52.77
C GLY A 274 34.47 -35.27 -51.87
N GLY A 275 33.18 -35.09 -51.59
CA GLY A 275 32.37 -36.09 -50.90
C GLY A 275 32.21 -37.33 -51.76
N GLY A 276 31.64 -38.39 -51.18
CA GLY A 276 31.48 -39.69 -51.84
C GLY A 276 30.36 -39.67 -52.86
N THR A 277 30.35 -38.71 -53.79
CA THR A 277 29.32 -38.60 -54.85
C THR A 277 29.51 -39.78 -55.82
N ASP A 278 28.52 -40.04 -56.67
CA ASP A 278 28.43 -41.31 -57.44
C ASP A 278 29.63 -41.45 -58.39
N ASN A 279 30.16 -40.32 -58.88
CA ASN A 279 31.29 -40.29 -59.85
C ASN A 279 32.64 -40.55 -59.17
N VAL A 280 32.74 -40.50 -57.84
CA VAL A 280 34.05 -40.68 -57.14
C VAL A 280 33.97 -41.81 -56.12
N LEU A 281 32.95 -42.66 -56.17
CA LEU A 281 32.89 -43.84 -55.26
C LEU A 281 34.12 -44.72 -55.49
N HIS A 282 34.59 -44.82 -56.74
CA HIS A 282 35.80 -45.63 -57.06
C HIS A 282 37.04 -45.03 -56.38
N ILE A 283 37.18 -43.71 -56.34
CA ILE A 283 38.29 -43.03 -55.62
C ILE A 283 38.17 -43.32 -54.12
N TRP A 284 36.98 -43.09 -53.55
CA TRP A 284 36.73 -43.30 -52.10
C TRP A 284 37.01 -44.74 -51.68
N LYS A 285 36.56 -45.73 -52.46
CA LYS A 285 36.76 -47.15 -52.10
C LYS A 285 38.27 -47.48 -52.19
N ALA A 286 38.97 -46.94 -53.19
CA ALA A 286 40.43 -47.17 -53.38
C ALA A 286 41.21 -46.47 -52.25
N ALA A 287 40.79 -45.26 -51.87
CA ALA A 287 41.57 -44.38 -50.97
C ALA A 287 41.35 -44.74 -49.49
N ALA A 288 40.15 -45.21 -49.14
CA ALA A 288 39.72 -45.36 -47.73
C ALA A 288 39.17 -46.76 -47.49
N PRO A 289 40.06 -47.77 -47.48
CA PRO A 289 39.65 -49.16 -47.29
C PRO A 289 39.18 -49.48 -45.87
N ASN A 290 39.44 -48.59 -44.92
CA ASN A 290 39.11 -48.81 -43.49
C ASN A 290 37.72 -48.29 -43.15
N ILE A 291 37.14 -47.46 -44.02
CA ILE A 291 35.75 -46.93 -43.83
C ILE A 291 34.78 -48.00 -44.31
N ASP A 292 33.85 -48.42 -43.44
CA ASP A 292 33.03 -49.63 -43.70
C ASP A 292 32.08 -49.38 -44.87
N LEU A 293 31.43 -48.22 -44.93
CA LEU A 293 30.48 -47.94 -46.04
C LEU A 293 30.35 -46.45 -46.27
N ILE A 294 29.80 -46.10 -47.42
CA ILE A 294 29.50 -44.72 -47.86
C ILE A 294 27.98 -44.60 -48.00
N ALA A 295 27.38 -43.75 -47.18
CA ALA A 295 25.92 -43.69 -46.94
C ALA A 295 25.35 -42.46 -47.63
N PRO A 296 24.29 -42.61 -48.45
CA PRO A 296 23.63 -41.46 -49.06
C PRO A 296 22.72 -40.72 -48.08
N ASP A 297 22.70 -39.39 -48.20
CA ASP A 297 21.77 -38.50 -47.46
C ASP A 297 20.70 -38.02 -48.44
N ILE A 298 19.49 -38.58 -48.37
CA ILE A 298 18.51 -38.46 -49.49
C ILE A 298 17.49 -37.38 -49.17
N TYR A 299 17.50 -36.31 -49.96
CA TYR A 299 16.47 -35.23 -49.86
C TYR A 299 15.77 -35.01 -51.19
N PHE A 300 16.06 -35.83 -52.20
CA PHE A 300 15.28 -35.83 -53.47
C PHE A 300 13.93 -36.49 -53.15
N ARG A 301 12.80 -35.88 -53.51
CA ARG A 301 11.46 -36.42 -53.14
C ARG A 301 10.96 -37.41 -54.20
N ASP A 302 11.34 -37.17 -55.47
CA ASP A 302 10.77 -37.88 -56.64
C ASP A 302 11.33 -39.30 -56.75
N TYR A 303 10.43 -40.24 -56.95
CA TYR A 303 10.70 -41.69 -56.99
C TYR A 303 11.89 -42.02 -57.89
N LYS A 304 11.93 -41.52 -59.13
CA LYS A 304 12.98 -41.96 -60.09
C LYS A 304 14.38 -41.61 -59.54
N THR A 305 14.55 -40.42 -58.99
CA THR A 305 15.88 -39.98 -58.52
C THR A 305 16.25 -40.74 -57.25
N VAL A 306 15.31 -40.94 -56.33
CA VAL A 306 15.61 -41.69 -55.09
C VAL A 306 16.00 -43.12 -55.50
N SER A 307 15.23 -43.74 -56.39
CA SER A 307 15.50 -45.12 -56.84
C SER A 307 16.92 -45.18 -57.43
N LYS A 308 17.30 -44.18 -58.23
CA LYS A 308 18.66 -44.14 -58.84
C LYS A 308 19.72 -44.05 -57.74
N VAL A 309 19.52 -43.22 -56.72
CA VAL A 309 20.48 -43.16 -55.58
C VAL A 309 20.61 -44.52 -54.90
N LEU A 310 19.50 -45.18 -54.60
CA LEU A 310 19.55 -46.50 -53.92
C LEU A 310 20.33 -47.48 -54.80
N GLU A 311 20.11 -47.45 -56.11
CA GLU A 311 20.82 -48.35 -57.07
C GLU A 311 22.32 -48.06 -56.97
N LEU A 312 22.71 -46.77 -57.03
CA LEU A 312 24.13 -46.39 -57.14
C LEU A 312 24.89 -46.71 -55.86
N TYR A 313 24.25 -46.63 -54.69
CA TYR A 313 24.93 -46.79 -53.38
C TYR A 313 24.87 -48.23 -52.88
N THR A 314 24.09 -49.09 -53.56
CA THR A 314 24.04 -50.53 -53.24
C THR A 314 25.00 -51.25 -54.21
N ARG A 315 26.14 -51.69 -53.67
CA ARG A 315 27.25 -52.28 -54.45
C ARG A 315 27.77 -53.51 -53.74
N PRO A 316 28.38 -54.48 -54.48
CA PRO A 316 29.06 -55.59 -53.81
C PRO A 316 30.04 -55.07 -52.75
N ASP A 317 30.62 -53.87 -52.95
CA ASP A 317 31.65 -53.29 -52.04
C ASP A 317 31.03 -52.23 -51.10
N ASN A 318 29.70 -52.06 -51.09
CA ASN A 318 29.07 -50.97 -50.32
C ASN A 318 27.68 -51.40 -49.79
N ALA A 319 27.60 -51.66 -48.48
CA ALA A 319 26.32 -51.90 -47.80
C ALA A 319 25.50 -50.62 -47.94
N LEU A 320 24.20 -50.75 -48.16
CA LEU A 320 23.26 -49.59 -48.25
C LEU A 320 22.81 -49.21 -46.86
N PHE A 321 23.13 -47.98 -46.44
CA PHE A 321 22.61 -47.39 -45.20
C PHE A 321 22.08 -46.02 -45.58
N VAL A 322 20.77 -45.80 -45.45
CA VAL A 322 20.19 -44.47 -45.74
C VAL A 322 20.39 -43.66 -44.47
N ALA A 323 21.56 -43.05 -44.33
CA ALA A 323 22.04 -42.42 -43.08
C ALA A 323 21.16 -41.22 -42.74
N GLU A 324 20.62 -40.57 -43.76
CA GLU A 324 19.63 -39.49 -43.61
C GLU A 324 18.62 -39.59 -44.73
N ILE A 325 17.36 -39.28 -44.41
CA ILE A 325 16.35 -39.02 -45.43
C ILE A 325 15.43 -37.92 -44.92
N GLY A 326 14.83 -37.17 -45.83
CA GLY A 326 13.86 -36.13 -45.44
C GLY A 326 12.76 -36.71 -44.58
N ASN A 327 12.16 -35.88 -43.75
CA ASN A 327 11.14 -36.35 -42.77
C ASN A 327 9.74 -35.98 -43.25
N ASP A 328 9.60 -35.50 -44.49
CA ASP A 328 8.28 -35.23 -45.06
C ASP A 328 7.64 -36.57 -45.46
N GLN A 329 6.33 -36.58 -45.57
CA GLN A 329 5.51 -37.80 -45.80
C GLN A 329 6.00 -38.60 -46.99
N PRO A 330 6.39 -38.01 -48.15
CA PRO A 330 6.74 -38.82 -49.32
C PRO A 330 7.94 -39.76 -49.12
N PHE A 331 8.73 -39.51 -48.10
CA PHE A 331 10.03 -40.22 -47.92
C PHE A 331 9.79 -41.55 -47.20
N ALA A 332 8.70 -41.70 -46.44
CA ALA A 332 8.49 -42.87 -45.56
C ALA A 332 8.50 -44.15 -46.41
N ARG A 333 7.90 -44.14 -47.60
CA ARG A 333 7.73 -45.38 -48.42
C ARG A 333 9.09 -45.88 -48.91
N TYR A 334 10.14 -45.06 -48.90
CA TYR A 334 11.47 -45.51 -49.39
C TYR A 334 12.09 -46.50 -48.40
N LEU A 335 11.49 -46.68 -47.23
CA LEU A 335 11.99 -47.76 -46.35
C LEU A 335 11.91 -49.08 -47.12
N PHE A 336 10.87 -49.27 -47.92
CA PHE A 336 10.62 -50.59 -48.54
C PHE A 336 11.72 -50.93 -49.55
N PRO A 337 12.02 -50.10 -50.56
CA PRO A 337 13.11 -50.43 -51.50
C PRO A 337 14.49 -50.45 -50.80
N THR A 338 14.68 -49.64 -49.76
CA THR A 338 15.96 -49.63 -49.01
C THR A 338 16.18 -51.05 -48.45
N LEU A 339 15.18 -51.60 -47.77
CA LEU A 339 15.33 -52.94 -47.16
C LEU A 339 15.37 -53.99 -48.27
N GLY A 340 14.56 -53.81 -49.32
CA GLY A 340 14.52 -54.75 -50.46
C GLY A 340 15.88 -54.91 -51.13
N LYS A 341 16.71 -53.86 -51.13
CA LYS A 341 18.07 -53.86 -51.69
C LYS A 341 19.06 -54.53 -50.74
N GLY A 342 18.61 -55.00 -49.56
CA GLY A 342 19.51 -55.55 -48.54
C GLY A 342 20.05 -54.46 -47.62
N GLY A 343 19.42 -53.30 -47.62
CA GLY A 343 19.84 -52.17 -46.77
C GLY A 343 19.95 -52.57 -45.30
N ILE A 344 20.92 -52.01 -44.60
CA ILE A 344 21.14 -52.29 -43.15
C ILE A 344 20.40 -51.26 -42.28
N GLY A 345 19.89 -50.21 -42.87
CA GLY A 345 19.20 -49.20 -42.06
C GLY A 345 18.69 -48.00 -42.84
N PHE A 346 17.94 -47.19 -42.12
CA PHE A 346 17.14 -46.08 -42.68
C PHE A 346 16.89 -45.10 -41.55
N SER A 347 17.25 -43.84 -41.74
CA SER A 347 17.23 -42.87 -40.61
C SER A 347 16.70 -41.50 -41.07
N PRO A 348 15.39 -41.24 -40.93
CA PRO A 348 14.83 -39.92 -41.20
C PRO A 348 15.46 -38.85 -40.29
N PHE A 349 15.73 -37.71 -40.91
CA PHE A 349 16.44 -36.56 -40.30
C PHE A 349 15.45 -35.58 -39.67
N GLY A 350 15.79 -35.09 -38.48
CA GLY A 350 15.06 -33.97 -37.85
C GLY A 350 13.91 -34.45 -36.98
N MET A 351 14.02 -35.65 -36.43
CA MET A 351 12.93 -36.24 -35.63
C MET A 351 13.06 -35.83 -34.15
N ASP A 352 12.86 -34.55 -33.87
CA ASP A 352 12.79 -34.06 -32.49
C ASP A 352 11.92 -32.81 -32.44
N ASP A 353 11.57 -32.38 -31.24
CA ASP A 353 10.62 -31.26 -31.01
C ASP A 353 11.40 -30.02 -30.53
N THR A 354 12.57 -29.76 -31.10
CA THR A 354 13.43 -28.62 -30.70
C THR A 354 13.09 -27.38 -31.55
N ASP A 355 11.89 -27.32 -32.13
CA ASP A 355 11.38 -26.09 -32.79
C ASP A 355 12.25 -25.81 -34.00
N TYR A 356 12.40 -26.79 -34.87
CA TYR A 356 13.11 -26.59 -36.14
C TYR A 356 12.54 -27.54 -37.19
N THR A 357 12.41 -27.05 -38.40
CA THR A 357 12.15 -27.91 -39.57
C THR A 357 13.13 -27.52 -40.67
N ASN A 358 13.68 -28.50 -41.39
CA ASN A 358 14.57 -28.22 -42.53
C ASN A 358 13.80 -28.14 -43.85
N TYR A 359 12.48 -28.01 -43.82
CA TYR A 359 11.68 -27.65 -45.00
C TYR A 359 12.38 -26.49 -45.68
N PRO A 360 12.61 -26.47 -47.02
CA PRO A 360 11.97 -27.37 -48.00
C PRO A 360 12.50 -28.82 -48.14
N LEU A 361 13.58 -29.17 -47.46
CA LEU A 361 14.11 -30.57 -47.49
C LEU A 361 13.11 -31.52 -46.81
N GLY A 362 12.66 -31.19 -45.60
CA GLY A 362 11.74 -32.01 -44.79
C GLY A 362 10.31 -31.46 -44.74
N ALA A 363 9.57 -31.88 -43.71
CA ALA A 363 8.16 -31.51 -43.49
C ALA A 363 8.05 -30.03 -43.17
N LYS A 364 7.06 -29.37 -43.75
CA LYS A 364 6.83 -27.94 -43.45
C LYS A 364 6.50 -27.78 -41.96
N VAL A 365 5.76 -28.76 -41.41
CA VAL A 365 5.27 -28.81 -40.01
C VAL A 365 5.75 -30.09 -39.35
N TYR A 366 6.37 -29.98 -38.19
CA TYR A 366 6.76 -31.13 -37.35
C TYR A 366 5.72 -31.29 -36.24
N ASN A 367 4.96 -32.37 -36.32
CA ASN A 367 3.92 -32.71 -35.33
C ASN A 367 3.76 -34.23 -35.29
N ASP A 368 2.79 -34.71 -34.52
CA ASP A 368 2.62 -36.15 -34.31
C ASP A 368 2.30 -36.82 -35.65
N GLU A 369 1.60 -36.14 -36.56
CA GLU A 369 1.27 -36.69 -37.90
C GLU A 369 2.56 -36.91 -38.70
N THR A 370 3.52 -35.98 -38.64
CA THR A 370 4.83 -36.14 -39.29
C THR A 370 5.47 -37.46 -38.86
N ILE A 371 5.53 -37.68 -37.55
CA ILE A 371 6.17 -38.88 -36.98
C ILE A 371 5.36 -40.11 -37.40
N GLU A 372 4.03 -40.01 -37.38
CA GLU A 372 3.15 -41.19 -37.61
C GLU A 372 3.44 -41.77 -39.00
N GLN A 373 3.85 -40.96 -39.99
CA GLN A 373 4.04 -41.50 -41.36
C GLN A 373 5.18 -42.53 -41.33
N PHE A 374 6.19 -42.32 -40.47
CA PHE A 374 7.32 -43.26 -40.32
C PHE A 374 6.94 -44.36 -39.33
N ALA A 375 6.23 -44.04 -38.25
CA ALA A 375 5.79 -45.06 -37.26
C ALA A 375 5.03 -46.16 -37.99
N GLN A 376 4.14 -45.81 -38.93
CA GLN A 376 3.29 -46.80 -39.64
C GLN A 376 4.16 -47.80 -40.41
N VAL A 377 5.19 -47.35 -41.10
CA VAL A 377 6.03 -48.29 -41.88
C VAL A 377 6.99 -49.03 -40.93
N TYR A 378 7.50 -48.40 -39.88
CA TYR A 378 8.36 -49.12 -38.89
C TYR A 378 7.57 -50.27 -38.26
N ARG A 379 6.27 -50.09 -38.02
CA ARG A 379 5.41 -51.14 -37.40
C ARG A 379 5.38 -52.40 -38.24
N LEU A 380 5.67 -52.32 -39.54
CA LEU A 380 5.70 -53.53 -40.41
C LEU A 380 6.99 -54.31 -40.19
N VAL A 381 8.07 -53.65 -39.77
CA VAL A 381 9.43 -54.27 -39.75
C VAL A 381 9.81 -54.63 -38.31
N ASN A 382 9.53 -53.78 -37.35
CA ASN A 382 9.87 -54.04 -35.92
C ASN A 382 9.51 -55.45 -35.48
N PRO A 383 8.28 -55.97 -35.75
CA PRO A 383 7.89 -57.29 -35.23
C PRO A 383 8.73 -58.45 -35.78
N MET A 384 9.44 -58.24 -36.89
CA MET A 384 10.29 -59.28 -37.54
C MET A 384 11.71 -58.76 -37.76
N MET A 385 12.19 -57.79 -36.98
CA MET A 385 13.42 -57.07 -37.37
C MET A 385 14.58 -58.07 -37.49
N ARG A 386 14.78 -58.94 -36.50
CA ARG A 386 15.94 -59.87 -36.49
C ARG A 386 15.73 -60.92 -37.58
N GLU A 387 14.51 -61.41 -37.78
CA GLU A 387 14.27 -62.45 -38.82
C GLU A 387 14.51 -61.82 -40.20
N TRP A 388 13.98 -60.63 -40.43
CA TRP A 388 14.18 -59.92 -41.71
C TRP A 388 15.69 -59.72 -41.94
N ALA A 389 16.41 -59.25 -40.93
CA ALA A 389 17.84 -58.91 -41.09
C ALA A 389 18.59 -60.18 -41.53
N ARG A 390 18.27 -61.31 -40.90
N ARG A 390 18.28 -61.32 -40.91
CA ARG A 390 18.87 -62.62 -41.21
CA ARG A 390 18.95 -62.60 -41.27
C ARG A 390 18.59 -63.01 -42.67
C ARG A 390 18.59 -62.97 -42.72
N LEU A 391 17.33 -62.90 -43.11
CA LEU A 391 16.88 -63.30 -44.47
C LEU A 391 17.53 -62.38 -45.52
N SER A 392 17.66 -61.09 -45.20
CA SER A 392 18.23 -60.08 -46.12
C SER A 392 19.69 -60.44 -46.43
N TYR A 393 20.45 -60.83 -45.41
CA TYR A 393 21.88 -61.20 -45.52
C TYR A 393 22.04 -62.59 -46.16
N GLN A 394 21.33 -63.59 -45.65
CA GLN A 394 21.58 -65.03 -45.94
C GLN A 394 20.78 -65.50 -47.15
N GLY A 395 19.79 -64.73 -47.58
CA GLY A 395 18.85 -65.18 -48.62
C GLY A 395 18.38 -64.08 -49.55
N GLN A 396 17.15 -64.24 -50.03
CA GLN A 396 16.55 -63.42 -51.10
C GLN A 396 15.44 -62.57 -50.50
N VAL A 397 15.58 -61.26 -50.66
CA VAL A 397 14.53 -60.29 -50.28
C VAL A 397 14.26 -59.37 -51.46
N TRP A 398 13.11 -58.71 -51.39
CA TRP A 398 12.61 -57.75 -52.38
C TRP A 398 11.86 -56.66 -51.63
N GLY A 399 11.87 -55.46 -52.19
CA GLY A 399 11.06 -54.37 -51.64
C GLY A 399 10.77 -53.34 -52.69
N VAL A 400 9.55 -52.83 -52.70
CA VAL A 400 9.12 -51.82 -53.71
C VAL A 400 8.37 -50.72 -52.98
N ALA A 401 8.43 -49.54 -53.56
CA ALA A 401 7.62 -48.37 -53.17
C ALA A 401 6.73 -47.95 -54.33
N GLU A 402 5.63 -47.30 -53.98
CA GLU A 402 4.68 -46.71 -54.95
C GLU A 402 5.44 -45.80 -55.90
N PRO A 403 5.48 -46.14 -57.20
CA PRO A 403 6.40 -45.51 -58.14
C PRO A 403 5.93 -44.23 -58.86
N LEU A 404 4.71 -43.77 -58.59
CA LEU A 404 4.31 -42.40 -59.03
C LEU A 404 4.31 -41.51 -57.79
N ASP A 405 4.93 -40.35 -57.89
CA ASP A 405 4.80 -39.30 -56.84
C ASP A 405 3.36 -38.75 -56.86
N SER A 406 2.94 -38.12 -55.77
CA SER A 406 1.59 -37.48 -55.67
C SER A 406 1.36 -36.54 -56.87
N THR A 407 0.15 -36.53 -57.42
CA THR A 407 -0.19 -35.65 -58.56
C THR A 407 -0.05 -34.20 -58.08
N THR A 408 0.57 -33.34 -58.91
CA THR A 408 0.78 -31.89 -58.63
C THR A 408 -0.48 -31.12 -59.03
N GLU A 409 -0.70 -29.94 -58.44
CA GLU A 409 -1.83 -29.04 -58.81
C GLU A 409 -1.85 -28.88 -60.33
N THR A 410 -0.69 -28.63 -60.94
CA THR A 410 -0.49 -28.63 -62.42
C THR A 410 -1.30 -29.77 -63.05
N GLN A 411 -0.96 -31.02 -62.71
CA GLN A 411 -1.49 -32.24 -63.38
C GLN A 411 -3.01 -32.32 -63.16
N LYS A 412 -3.50 -31.95 -61.97
CA LYS A 412 -4.95 -32.06 -61.60
C LYS A 412 -5.79 -31.14 -62.49
N ILE A 413 -5.38 -29.87 -62.63
CA ILE A 413 -6.07 -28.87 -63.49
C ILE A 413 -5.71 -29.16 -64.95
N TRP A 414 -4.41 -29.21 -65.25
CA TRP A 414 -3.86 -29.40 -66.62
C TRP A 414 -3.99 -30.86 -67.05
N ASN A 415 -5.11 -31.50 -66.72
CA ASN A 415 -5.47 -32.87 -67.17
C ASN A 415 -6.98 -33.06 -67.06
N PRO A 420 -11.63 -36.10 -73.15
CA PRO A 420 -12.47 -37.14 -72.55
C PRO A 420 -11.87 -38.55 -72.77
N GLU A 421 -11.42 -38.82 -74.00
CA GLU A 421 -10.73 -40.09 -74.37
C GLU A 421 -9.31 -40.08 -73.79
N GLU A 422 -8.79 -38.90 -73.46
CA GLU A 422 -7.43 -38.73 -72.85
C GLU A 422 -7.50 -39.16 -71.39
N LYS A 423 -8.46 -38.63 -70.63
CA LYS A 423 -8.78 -39.05 -69.24
C LYS A 423 -8.72 -40.59 -69.17
N GLU A 424 -9.40 -41.28 -70.09
CA GLU A 424 -9.45 -42.76 -70.18
C GLU A 424 -8.03 -43.31 -70.40
N GLN A 425 -7.28 -42.70 -71.32
CA GLN A 425 -5.89 -43.10 -71.67
C GLN A 425 -4.94 -42.79 -70.49
N HIS A 426 -5.11 -41.62 -69.88
CA HIS A 426 -4.28 -41.18 -68.73
C HIS A 426 -4.44 -42.17 -67.58
N LYS A 427 -5.67 -42.64 -67.32
CA LYS A 427 -5.97 -43.64 -66.26
C LYS A 427 -5.32 -44.98 -66.60
N LYS A 428 -5.31 -45.40 -67.87
CA LYS A 428 -4.66 -46.67 -68.28
C LYS A 428 -3.14 -46.55 -68.04
N ASP A 429 -2.53 -45.42 -68.42
CA ASP A 429 -1.06 -45.21 -68.27
C ASP A 429 -0.68 -45.21 -66.80
N ARG A 430 -1.46 -44.53 -65.95
CA ARG A 430 -1.18 -44.48 -64.49
C ARG A 430 -1.35 -45.89 -63.92
N ALA A 431 -2.37 -46.65 -64.34
CA ALA A 431 -2.63 -48.01 -63.80
C ALA A 431 -1.44 -48.92 -64.12
N SER A 432 -0.91 -48.82 -65.35
CA SER A 432 0.28 -49.57 -65.81
C SER A 432 1.51 -49.16 -64.98
N ALA A 433 1.69 -47.86 -64.74
CA ALA A 433 2.86 -47.34 -64.00
C ALA A 433 2.78 -47.78 -62.54
N LEU A 434 1.56 -47.96 -62.02
CA LEU A 434 1.31 -48.32 -60.60
C LEU A 434 1.21 -49.84 -60.46
N THR A 435 1.78 -50.58 -61.42
CA THR A 435 1.82 -52.06 -61.42
C THR A 435 3.29 -52.48 -61.54
N GLN A 436 3.82 -53.15 -60.52
CA GLN A 436 5.23 -53.58 -60.43
C GLN A 436 5.27 -55.12 -60.45
N GLN A 437 6.23 -55.68 -61.16
CA GLN A 437 6.47 -57.14 -61.23
C GLN A 437 7.73 -57.46 -60.44
N LEU A 438 7.71 -58.53 -59.65
CA LEU A 438 8.91 -59.05 -58.97
C LEU A 438 9.07 -60.54 -59.31
N ASP A 439 10.28 -60.91 -59.72
CA ASP A 439 10.63 -62.31 -60.07
C ASP A 439 11.13 -63.00 -58.81
N LEU A 440 10.32 -63.91 -58.23
CA LEU A 440 10.67 -64.56 -56.94
C LEU A 440 11.11 -66.01 -57.17
N GLY A 441 11.56 -66.35 -58.38
CA GLY A 441 12.04 -67.69 -58.74
C GLY A 441 10.97 -68.48 -59.45
N LEU A 442 10.32 -69.41 -58.75
CA LEU A 442 9.20 -70.21 -59.34
C LEU A 442 7.92 -69.38 -59.36
N TRP A 443 7.85 -68.29 -58.57
CA TRP A 443 6.64 -67.45 -58.46
C TRP A 443 7.03 -66.00 -58.73
N ASP A 444 6.09 -65.23 -59.27
CA ASP A 444 6.20 -63.76 -59.43
C ASP A 444 5.19 -63.12 -58.48
N ALA A 445 5.50 -61.93 -57.97
CA ALA A 445 4.50 -61.05 -57.34
C ALA A 445 4.24 -59.85 -58.25
N GLU A 446 2.98 -59.45 -58.32
CA GLU A 446 2.56 -58.19 -58.94
C GLU A 446 2.05 -57.29 -57.80
N VAL A 447 2.62 -56.10 -57.68
CA VAL A 447 2.25 -55.14 -56.60
C VAL A 447 1.54 -53.97 -57.29
N THR A 448 0.38 -53.60 -56.78
CA THR A 448 -0.45 -52.50 -57.32
C THR A 448 -0.85 -51.59 -56.17
N TYR A 449 -1.14 -50.32 -56.49
CA TYR A 449 -1.35 -49.29 -55.45
C TYR A 449 -2.65 -48.53 -55.66
N GLY A 450 -3.45 -48.43 -54.62
CA GLY A 450 -4.63 -47.54 -54.61
C GLY A 450 -5.78 -48.17 -55.34
N ARG A 451 -6.34 -49.22 -54.75
CA ARG A 451 -7.52 -49.93 -55.31
C ARG A 451 -8.26 -50.60 -54.17
N PRO A 452 -9.55 -50.93 -54.37
CA PRO A 452 -10.32 -51.62 -53.32
C PRO A 452 -9.68 -52.95 -52.92
N MET A 453 -10.20 -53.55 -51.88
CA MET A 453 -9.70 -54.82 -51.28
C MET A 453 -10.48 -55.99 -51.90
N PHE A 454 -11.32 -55.69 -52.89
CA PHE A 454 -12.26 -56.65 -53.51
C PHE A 454 -12.39 -56.27 -54.99
N TRP A 455 -12.49 -57.27 -55.86
CA TRP A 455 -12.67 -57.09 -57.32
C TRP A 455 -11.36 -56.55 -57.93
N VAL A 456 -11.39 -56.17 -59.21
CA VAL A 456 -10.15 -55.95 -60.00
C VAL A 456 -10.15 -54.59 -60.69
N THR A 457 -10.89 -53.61 -60.16
CA THR A 457 -10.81 -52.21 -60.64
C THR A 457 -9.33 -51.83 -60.71
N PRO A 458 -8.85 -51.30 -61.86
CA PRO A 458 -7.44 -50.91 -61.97
C PRO A 458 -6.95 -49.95 -60.89
N PRO A 459 -5.67 -50.05 -60.50
CA PRO A 459 -5.09 -49.14 -59.51
C PRO A 459 -5.06 -47.68 -59.96
N GLU A 460 -5.32 -46.77 -59.02
CA GLU A 460 -5.38 -45.30 -59.23
C GLU A 460 -4.35 -44.59 -58.34
N GLY A 461 -3.64 -45.31 -57.49
CA GLY A 461 -2.61 -44.71 -56.61
C GLY A 461 -3.23 -44.24 -55.30
N ASN A 462 -2.40 -44.18 -54.28
CA ASN A 462 -2.75 -43.57 -52.98
C ASN A 462 -2.56 -42.05 -53.09
N THR A 463 -3.37 -41.32 -52.34
N THR A 463 -3.33 -41.31 -52.31
CA THR A 463 -3.27 -39.84 -52.19
CA THR A 463 -3.25 -39.83 -52.22
C THR A 463 -3.03 -39.53 -50.72
C THR A 463 -3.05 -39.47 -50.76
N PRO A 464 -1.81 -39.10 -50.32
CA PRO A 464 -0.65 -39.00 -51.19
C PRO A 464 -0.03 -40.36 -51.51
N ALA A 465 0.95 -40.38 -52.41
CA ALA A 465 1.70 -41.61 -52.73
C ALA A 465 2.35 -42.11 -51.43
N ALA A 466 2.25 -43.40 -51.11
CA ALA A 466 2.63 -43.88 -49.77
C ALA A 466 2.88 -45.39 -49.69
N GLY A 467 2.49 -46.15 -50.70
CA GLY A 467 2.44 -47.61 -50.60
C GLY A 467 3.80 -48.26 -50.73
N GLY A 468 3.86 -49.52 -50.32
CA GLY A 468 5.06 -50.34 -50.60
C GLY A 468 4.86 -51.77 -50.15
N ALA A 469 5.85 -52.61 -50.39
CA ALA A 469 5.77 -54.05 -50.08
C ALA A 469 7.17 -54.59 -49.82
N LEU A 470 7.23 -55.55 -48.90
CA LEU A 470 8.43 -56.34 -48.57
C LEU A 470 8.10 -57.81 -48.78
N ILE A 471 9.02 -58.53 -49.41
CA ILE A 471 8.92 -60.00 -49.57
C ILE A 471 10.30 -60.60 -49.26
N ALA A 472 10.30 -61.67 -48.46
CA ALA A 472 11.51 -62.50 -48.25
C ALA A 472 11.17 -63.93 -48.65
N GLN A 473 12.08 -64.61 -49.35
CA GLN A 473 11.86 -66.04 -49.71
C GLN A 473 12.22 -66.91 -48.50
N LEU A 474 11.29 -67.76 -48.06
CA LEU A 474 11.56 -68.76 -46.99
C LEU A 474 11.96 -70.10 -47.61
N ASP A 475 11.36 -70.47 -48.74
CA ASP A 475 11.64 -71.74 -49.42
C ASP A 475 11.21 -71.56 -50.88
N ASP A 476 11.37 -72.58 -51.71
CA ASP A 476 11.05 -72.52 -53.16
C ASP A 476 9.65 -71.96 -53.38
N ASN A 477 8.69 -72.31 -52.51
CA ASN A 477 7.27 -71.99 -52.75
C ASN A 477 6.70 -71.18 -51.57
N GLU A 478 7.53 -70.60 -50.71
CA GLU A 478 7.01 -69.96 -49.48
C GLU A 478 7.70 -68.61 -49.28
N TYR A 479 6.90 -67.59 -49.03
CA TYR A 479 7.38 -66.19 -48.88
C TYR A 479 6.82 -65.56 -47.60
N LEU A 480 7.64 -64.73 -46.98
CA LEU A 480 7.23 -63.79 -45.91
C LEU A 480 6.82 -62.48 -46.61
N VAL A 481 5.62 -61.98 -46.35
CA VAL A 481 5.08 -60.80 -47.07
C VAL A 481 4.48 -59.83 -46.06
N THR A 482 4.86 -58.56 -46.16
CA THR A 482 4.12 -57.48 -45.47
C THR A 482 4.08 -56.29 -46.42
N ALA A 483 2.97 -55.57 -46.46
CA ALA A 483 2.86 -54.44 -47.39
C ALA A 483 1.94 -53.38 -46.79
N TYR A 484 1.85 -52.27 -47.49
CA TYR A 484 1.28 -51.02 -46.95
C TYR A 484 0.56 -50.33 -48.09
N LYS A 485 -0.76 -50.15 -47.95
CA LYS A 485 -1.58 -49.38 -48.92
C LYS A 485 -1.32 -49.91 -50.33
N ALA A 486 -1.45 -51.23 -50.46
CA ALA A 486 -1.06 -51.93 -51.70
C ALA A 486 -1.75 -53.29 -51.76
N ARG A 487 -1.82 -53.80 -52.97
CA ARG A 487 -2.23 -55.20 -53.24
C ARG A 487 -1.01 -55.98 -53.72
N VAL A 488 -0.85 -57.18 -53.22
CA VAL A 488 0.24 -58.10 -53.66
C VAL A 488 -0.41 -59.36 -54.21
N GLU A 489 -0.13 -59.71 -55.46
CA GLU A 489 -0.72 -60.92 -56.08
C GLU A 489 0.40 -61.86 -56.56
N PHE A 490 0.27 -63.16 -56.26
CA PHE A 490 1.25 -64.19 -56.69
C PHE A 490 0.75 -64.93 -57.93
N LYS A 491 1.70 -65.32 -58.79
CA LYS A 491 1.43 -66.07 -60.02
C LYS A 491 2.66 -66.91 -60.34
N PRO A 492 2.53 -67.96 -61.17
CA PRO A 492 3.71 -68.71 -61.59
C PRO A 492 4.66 -67.82 -62.40
N SER A 493 5.97 -68.00 -62.19
CA SER A 493 7.04 -67.21 -62.88
C SER A 493 7.21 -67.74 -64.32
N GLN A 494 6.94 -69.02 -64.54
CA GLN A 494 7.15 -69.74 -65.84
C GLN A 494 5.87 -70.50 -66.20
N GLU A 495 5.61 -70.72 -67.49
CA GLU A 495 4.47 -71.56 -67.98
C GLU A 495 4.57 -72.95 -67.34
N LEU A 496 3.45 -73.58 -66.99
CA LEU A 496 3.41 -74.71 -66.01
C LEU A 496 3.20 -76.08 -66.66
N ALA A 497 3.09 -76.16 -67.99
CA ALA A 497 3.06 -77.45 -68.73
C ALA A 497 1.87 -78.30 -68.25
N GLY A 498 0.65 -77.79 -68.38
CA GLY A 498 -0.59 -78.53 -68.12
C GLY A 498 -1.09 -78.36 -66.70
N LYS A 499 -0.21 -78.04 -65.74
CA LYS A 499 -0.58 -77.87 -64.30
C LYS A 499 -1.36 -76.58 -64.08
N LYS A 500 -2.06 -76.51 -62.96
CA LYS A 500 -2.72 -75.29 -62.47
C LYS A 500 -1.94 -74.81 -61.24
N PHE A 501 -2.26 -73.63 -60.75
CA PHE A 501 -1.63 -73.13 -59.52
C PHE A 501 -2.70 -72.53 -58.61
N MET A 502 -2.38 -72.48 -57.33
CA MET A 502 -3.19 -71.76 -56.32
C MET A 502 -2.27 -71.32 -55.19
N ILE A 503 -2.79 -70.40 -54.40
CA ILE A 503 -2.35 -70.24 -53.00
C ILE A 503 -2.65 -71.56 -52.29
N GLU A 504 -1.65 -72.15 -51.66
CA GLU A 504 -1.89 -73.32 -50.79
C GLU A 504 -2.39 -72.82 -49.43
N ARG A 505 -1.71 -71.82 -48.86
N ARG A 505 -1.70 -71.83 -48.86
CA ARG A 505 -2.03 -71.30 -47.50
CA ARG A 505 -2.02 -71.30 -47.51
C ARG A 505 -1.37 -69.94 -47.30
C ARG A 505 -1.36 -69.94 -47.30
N VAL A 506 -2.14 -69.00 -46.76
CA VAL A 506 -1.65 -67.71 -46.23
C VAL A 506 -1.95 -67.70 -44.74
N GLU A 507 -0.91 -67.51 -43.93
CA GLU A 507 -1.06 -67.36 -42.46
C GLU A 507 -0.61 -65.95 -42.09
N GLU A 508 -1.40 -65.27 -41.27
CA GLU A 508 -0.95 -64.06 -40.56
C GLU A 508 -0.40 -64.51 -39.21
N GLY A 509 0.73 -63.95 -38.82
CA GLY A 509 1.33 -64.31 -37.54
C GLY A 509 2.48 -63.42 -37.15
N ARG A 510 3.31 -63.95 -36.27
CA ARG A 510 4.46 -63.21 -35.70
C ARG A 510 5.52 -64.20 -35.27
N PHE A 511 6.72 -63.69 -35.03
CA PHE A 511 7.85 -64.47 -34.49
C PHE A 511 7.86 -64.24 -32.98
N GLU A 512 7.89 -65.33 -32.22
CA GLU A 512 8.14 -65.31 -30.74
C GLU A 512 9.33 -66.24 -30.49
N LYS A 513 10.38 -65.73 -29.84
CA LYS A 513 11.66 -66.45 -29.61
C LYS A 513 12.10 -67.10 -30.92
N GLY A 514 12.02 -66.37 -32.04
CA GLY A 514 12.48 -66.84 -33.37
C GLY A 514 11.59 -67.89 -34.01
N LYS A 515 10.49 -68.29 -33.34
CA LYS A 515 9.52 -69.29 -33.85
C LYS A 515 8.29 -68.58 -34.44
N TRP A 516 7.82 -69.03 -35.60
CA TRP A 516 6.55 -68.54 -36.19
C TRP A 516 5.36 -69.00 -35.36
N VAL A 517 4.49 -68.04 -34.99
CA VAL A 517 3.19 -68.25 -34.30
C VAL A 517 2.07 -67.81 -35.22
N MET A 518 1.18 -68.74 -35.61
N MET A 518 1.17 -68.73 -35.61
CA MET A 518 0.02 -68.40 -36.47
CA MET A 518 0.02 -68.40 -36.48
C MET A 518 -1.03 -67.70 -35.61
C MET A 518 -1.08 -67.74 -35.64
N GLU A 519 -1.61 -66.62 -36.12
CA GLU A 519 -2.79 -65.96 -35.52
C GLU A 519 -4.05 -66.40 -36.27
N ARG A 520 -3.99 -66.41 -37.60
CA ARG A 520 -5.18 -66.75 -38.41
C ARG A 520 -4.73 -67.11 -39.82
N VAL A 521 -5.63 -67.76 -40.54
CA VAL A 521 -5.47 -68.06 -41.99
C VAL A 521 -6.21 -66.99 -42.79
N TRP A 522 -5.52 -66.32 -43.71
CA TRP A 522 -6.19 -65.48 -44.72
C TRP A 522 -6.75 -66.43 -45.78
N ASN A 523 -8.01 -66.28 -46.11
CA ASN A 523 -8.65 -67.11 -47.15
C ASN A 523 -9.88 -66.39 -47.66
N GLY A 524 -10.58 -66.98 -48.62
CA GLY A 524 -11.83 -66.39 -49.15
C GLY A 524 -11.57 -65.01 -49.70
N ASP A 525 -12.39 -64.03 -49.27
CA ASP A 525 -12.28 -62.64 -49.76
C ASP A 525 -10.85 -62.15 -49.58
N GLN A 526 -10.19 -62.55 -48.51
CA GLN A 526 -8.85 -62.00 -48.16
C GLN A 526 -7.76 -62.48 -49.13
N THR A 527 -8.00 -63.54 -49.91
CA THR A 527 -7.00 -64.05 -50.89
C THR A 527 -7.56 -64.18 -52.30
N ASP A 528 -8.83 -63.86 -52.53
CA ASP A 528 -9.45 -63.97 -53.88
C ASP A 528 -8.91 -62.90 -54.83
N TRP A 529 -8.58 -61.72 -54.29
CA TRP A 529 -8.31 -60.48 -55.04
C TRP A 529 -6.91 -59.99 -54.66
N GLY A 530 -5.94 -60.90 -54.65
CA GLY A 530 -4.60 -60.59 -54.13
C GLY A 530 -4.64 -60.47 -52.61
N LEU A 531 -3.54 -59.97 -52.06
CA LEU A 531 -3.36 -59.75 -50.62
C LEU A 531 -3.36 -58.23 -50.41
N ASN A 532 -4.43 -57.72 -49.81
CA ASN A 532 -4.73 -56.27 -49.73
C ASN A 532 -4.37 -55.76 -48.35
N PHE A 533 -3.49 -54.75 -48.35
CA PHE A 533 -2.98 -54.11 -47.12
C PHE A 533 -3.41 -52.64 -47.07
N THR A 534 -3.67 -52.17 -45.86
CA THR A 534 -4.05 -50.77 -45.61
C THR A 534 -2.89 -50.13 -44.85
N ASP A 535 -3.19 -49.35 -43.82
CA ASP A 535 -2.13 -48.73 -42.99
C ASP A 535 -1.74 -49.62 -41.83
N ARG A 536 -2.48 -50.72 -41.59
CA ARG A 536 -2.28 -51.57 -40.39
C ARG A 536 -1.26 -52.66 -40.72
N PRO A 537 -0.45 -53.06 -39.72
CA PRO A 537 0.56 -54.10 -39.92
C PRO A 537 -0.04 -55.51 -39.95
N HIS A 538 0.32 -56.28 -40.98
CA HIS A 538 0.04 -57.73 -41.06
C HIS A 538 1.29 -58.40 -41.65
N LEU A 539 1.82 -59.36 -40.93
CA LEU A 539 2.94 -60.17 -41.44
C LEU A 539 2.39 -61.55 -41.89
N LEU A 540 2.58 -61.87 -43.16
CA LEU A 540 2.01 -63.09 -43.78
C LEU A 540 3.12 -64.07 -44.15
N ARG A 541 2.80 -65.36 -44.02
CA ARG A 541 3.54 -66.44 -44.68
C ARG A 541 2.66 -67.00 -45.81
N VAL A 542 3.13 -66.89 -47.05
CA VAL A 542 2.38 -67.25 -48.27
C VAL A 542 3.04 -68.49 -48.85
N LYS A 543 2.29 -69.59 -48.92
CA LYS A 543 2.76 -70.85 -49.57
C LYS A 543 1.96 -71.03 -50.85
N MET A 544 2.66 -71.13 -51.98
CA MET A 544 2.07 -71.31 -53.32
C MET A 544 2.24 -72.78 -53.73
N ALA A 545 1.35 -73.28 -54.59
CA ALA A 545 1.45 -74.67 -55.09
C ALA A 545 0.99 -74.72 -56.54
N SER A 546 1.76 -75.41 -57.37
CA SER A 546 1.27 -75.93 -58.67
C SER A 546 0.72 -77.34 -58.42
N TYR A 547 -0.33 -77.71 -59.12
CA TYR A 547 -0.96 -79.04 -58.93
C TYR A 547 -1.36 -79.60 -60.29
N SER A 548 -1.31 -80.92 -60.41
CA SER A 548 -1.72 -81.64 -61.63
C SER A 548 -3.24 -81.65 -61.75
N VAL A 549 -3.75 -81.52 -62.99
CA VAL A 549 -5.18 -81.76 -63.33
C VAL A 549 -5.26 -82.84 -64.41
N GLN A 550 -4.12 -83.50 -64.67
CA GLN A 550 -3.98 -84.69 -65.57
C GLN A 550 -5.28 -85.52 -65.59
N ALA B 11 -33.35 -80.65 -20.80
CA ALA B 11 -32.67 -80.26 -22.07
C ALA B 11 -33.59 -79.34 -22.89
N ALA B 12 -33.06 -78.22 -23.36
CA ALA B 12 -33.78 -77.29 -24.27
C ALA B 12 -34.17 -78.05 -25.53
N PRO B 13 -35.33 -77.76 -26.14
CA PRO B 13 -35.71 -78.41 -27.39
C PRO B 13 -34.77 -77.95 -28.52
N LEU B 14 -34.48 -78.84 -29.47
CA LEU B 14 -33.70 -78.47 -30.68
C LEU B 14 -34.36 -77.28 -31.37
N PRO B 15 -33.55 -76.36 -31.94
CA PRO B 15 -34.04 -75.41 -32.92
C PRO B 15 -34.64 -76.19 -34.10
N GLU B 16 -35.62 -75.60 -34.76
CA GLU B 16 -36.39 -76.28 -35.83
C GLU B 16 -37.01 -75.26 -36.77
N LEU B 17 -36.94 -75.49 -38.07
CA LEU B 17 -37.71 -74.65 -39.01
C LEU B 17 -39.07 -75.29 -39.22
N LEU B 18 -40.14 -74.55 -38.86
CA LEU B 18 -41.54 -74.96 -39.07
C LEU B 18 -42.08 -74.22 -40.30
N SER B 19 -42.94 -74.91 -41.04
CA SER B 19 -43.66 -74.39 -42.21
C SER B 19 -45.12 -74.87 -42.14
N ASN B 20 -46.09 -73.96 -42.26
CA ASN B 20 -47.53 -74.26 -42.42
C ASN B 20 -48.32 -73.01 -42.80
N ASN B 21 -49.49 -73.19 -43.42
CA ASN B 21 -50.36 -72.08 -43.89
C ASN B 21 -49.54 -71.15 -44.80
N GLY B 22 -48.57 -71.71 -45.54
CA GLY B 22 -47.64 -70.96 -46.41
C GLY B 22 -46.72 -70.01 -45.64
N LYS B 23 -46.56 -70.20 -44.32
CA LYS B 23 -45.73 -69.33 -43.45
C LYS B 23 -44.68 -70.18 -42.73
N HIS B 24 -43.70 -69.53 -42.12
CA HIS B 24 -42.49 -70.18 -41.56
C HIS B 24 -42.09 -69.54 -40.24
N ALA B 25 -41.46 -70.35 -39.40
CA ALA B 25 -40.83 -69.87 -38.15
C ALA B 25 -39.55 -70.64 -37.92
N LEU B 26 -38.51 -69.93 -37.54
CA LEU B 26 -37.34 -70.57 -36.90
C LEU B 26 -37.64 -70.67 -35.40
N MET B 27 -37.90 -71.89 -34.92
CA MET B 27 -38.09 -72.14 -33.48
C MET B 27 -36.73 -72.25 -32.80
N VAL B 28 -36.50 -71.44 -31.78
CA VAL B 28 -35.30 -71.50 -30.89
C VAL B 28 -35.82 -71.51 -29.45
N ASP B 29 -35.47 -72.54 -28.70
CA ASP B 29 -35.90 -72.71 -27.28
C ASP B 29 -37.43 -72.73 -27.23
N GLY B 30 -38.06 -73.33 -28.24
CA GLY B 30 -39.51 -73.67 -28.24
C GLY B 30 -40.41 -72.53 -28.67
N ALA B 31 -39.86 -71.45 -29.26
CA ALA B 31 -40.71 -70.35 -29.76
C ALA B 31 -40.08 -69.72 -30.98
N PRO B 32 -40.88 -69.06 -31.85
CA PRO B 32 -40.34 -68.39 -33.03
C PRO B 32 -39.28 -67.36 -32.62
N TYR B 33 -38.28 -67.24 -33.48
CA TYR B 33 -37.04 -66.44 -33.25
C TYR B 33 -36.70 -65.68 -34.54
N ILE B 34 -36.17 -64.47 -34.39
CA ILE B 34 -35.63 -63.69 -35.52
C ILE B 34 -34.12 -63.57 -35.34
N ILE B 35 -33.37 -63.96 -36.34
CA ILE B 35 -31.92 -63.70 -36.42
C ILE B 35 -31.72 -62.23 -36.78
N LEU B 36 -31.39 -61.42 -35.80
CA LEU B 36 -30.85 -60.06 -36.03
C LEU B 36 -29.34 -60.24 -36.06
N GLY B 37 -28.84 -60.52 -37.24
CA GLY B 37 -27.55 -61.20 -37.38
C GLY B 37 -26.41 -60.26 -37.71
N SER B 38 -25.20 -60.82 -37.64
CA SER B 38 -23.99 -60.25 -38.24
C SER B 38 -23.12 -61.43 -38.65
N GLN B 39 -22.39 -61.25 -39.73
CA GLN B 39 -21.44 -62.25 -40.23
C GLN B 39 -20.05 -61.61 -40.24
N THR B 40 -19.06 -62.37 -39.80
CA THR B 40 -17.64 -61.98 -39.83
C THR B 40 -17.15 -61.87 -41.27
N ASN B 41 -16.02 -61.22 -41.44
CA ASN B 41 -15.21 -61.38 -42.66
C ASN B 41 -14.74 -62.85 -42.70
N ASN B 42 -14.31 -63.25 -43.89
CA ASN B 42 -14.00 -64.66 -44.23
C ASN B 42 -12.75 -65.20 -43.51
N SER B 43 -11.92 -64.38 -42.88
CA SER B 43 -10.65 -64.81 -42.26
C SER B 43 -10.66 -64.53 -40.77
N SER B 44 -11.84 -64.52 -40.15
CA SER B 44 -12.01 -64.22 -38.70
C SER B 44 -12.30 -65.49 -37.89
N ASN B 45 -12.18 -66.65 -38.54
CA ASN B 45 -12.57 -67.97 -37.95
C ASN B 45 -11.41 -68.57 -37.17
N TYR B 46 -10.74 -67.76 -36.33
CA TYR B 46 -9.60 -68.20 -35.50
C TYR B 46 -9.71 -67.56 -34.12
N PRO B 47 -9.26 -68.25 -33.05
CA PRO B 47 -9.38 -67.68 -31.70
C PRO B 47 -8.86 -66.25 -31.59
N ASP B 48 -7.71 -65.97 -32.20
CA ASP B 48 -7.03 -64.66 -32.07
C ASP B 48 -7.88 -63.55 -32.72
N ALA B 49 -8.74 -63.85 -33.70
CA ALA B 49 -9.52 -62.83 -34.43
C ALA B 49 -10.79 -62.46 -33.66
N LEU B 50 -11.25 -63.28 -32.70
CA LEU B 50 -12.59 -63.05 -32.11
C LEU B 50 -12.61 -61.73 -31.34
N LYS B 51 -11.47 -61.28 -30.81
CA LYS B 51 -11.40 -59.97 -30.10
C LYS B 51 -11.80 -58.83 -31.06
N ASP B 52 -11.63 -58.99 -32.37
CA ASP B 52 -12.00 -58.01 -33.42
C ASP B 52 -13.43 -58.23 -33.95
N VAL B 53 -14.17 -59.19 -33.39
CA VAL B 53 -15.55 -59.53 -33.81
C VAL B 53 -16.53 -59.06 -32.73
N TRP B 54 -16.32 -59.44 -31.48
CA TRP B 54 -17.31 -59.20 -30.41
C TRP B 54 -17.64 -57.72 -30.26
N PRO B 55 -16.68 -56.75 -30.30
CA PRO B 55 -17.06 -55.36 -30.09
C PRO B 55 -18.09 -54.89 -31.13
N SER B 56 -17.91 -55.30 -32.39
CA SER B 56 -18.83 -54.94 -33.49
C SER B 56 -20.22 -55.52 -33.21
N MET B 57 -20.29 -56.77 -32.77
CA MET B 57 -21.60 -57.43 -32.50
C MET B 57 -22.32 -56.68 -31.38
N GLU B 58 -21.57 -56.25 -30.36
CA GLU B 58 -22.16 -55.50 -29.22
C GLU B 58 -22.68 -54.15 -29.71
N LYS B 59 -21.89 -53.43 -30.49
CA LYS B 59 -22.32 -52.11 -31.05
C LYS B 59 -23.56 -52.32 -31.92
N MET B 60 -23.65 -53.44 -32.61
CA MET B 60 -24.73 -53.67 -33.60
C MET B 60 -26.05 -54.03 -32.88
N GLY B 61 -25.93 -54.62 -31.69
CA GLY B 61 -27.05 -55.24 -30.96
C GLY B 61 -27.54 -56.49 -31.63
N ALA B 62 -26.67 -57.19 -32.37
CA ALA B 62 -27.01 -58.47 -33.02
C ALA B 62 -27.27 -59.54 -31.95
N ASN B 63 -28.17 -60.48 -32.27
CA ASN B 63 -28.49 -61.59 -31.33
C ASN B 63 -27.82 -62.87 -31.80
N THR B 64 -27.26 -62.88 -33.01
CA THR B 64 -26.76 -64.11 -33.67
C THR B 64 -25.56 -63.75 -34.53
N LEU B 65 -24.46 -64.47 -34.36
CA LEU B 65 -23.23 -64.32 -35.18
C LEU B 65 -23.16 -65.48 -36.17
N SER B 66 -22.99 -65.16 -37.45
CA SER B 66 -22.63 -66.15 -38.49
C SER B 66 -21.11 -66.10 -38.66
N ILE B 67 -20.45 -67.25 -38.61
CA ILE B 67 -18.96 -67.31 -38.68
C ILE B 67 -18.56 -68.63 -39.31
N PRO B 68 -17.54 -68.64 -40.18
CA PRO B 68 -17.10 -69.89 -40.80
C PRO B 68 -16.51 -70.89 -39.79
N VAL B 69 -16.72 -72.16 -40.09
CA VAL B 69 -15.89 -73.27 -39.59
C VAL B 69 -15.37 -73.98 -40.83
N ALA B 70 -14.06 -73.94 -41.04
CA ALA B 70 -13.44 -74.42 -42.30
C ALA B 70 -13.02 -75.88 -42.18
N TRP B 71 -13.30 -76.66 -43.23
CA TRP B 71 -12.78 -78.04 -43.32
C TRP B 71 -11.26 -78.02 -43.07
N GLU B 72 -10.54 -77.07 -43.68
CA GLU B 72 -9.06 -77.03 -43.56
C GLU B 72 -8.62 -76.92 -42.10
N GLN B 73 -9.42 -76.26 -41.26
CA GLN B 73 -9.02 -76.04 -39.84
C GLN B 73 -9.45 -77.21 -38.97
N ILE B 74 -10.57 -77.88 -39.26
CA ILE B 74 -11.00 -79.01 -38.38
C ILE B 74 -10.35 -80.33 -38.79
N GLU B 75 -9.88 -80.47 -40.04
CA GLU B 75 -9.23 -81.74 -40.49
C GLU B 75 -7.99 -81.39 -41.29
N PRO B 76 -6.96 -80.74 -40.69
CA PRO B 76 -5.81 -80.24 -41.47
C PRO B 76 -4.98 -81.39 -42.07
N VAL B 77 -5.03 -82.53 -41.39
CA VAL B 77 -4.40 -83.80 -41.84
C VAL B 77 -5.52 -84.84 -41.78
N GLU B 78 -5.60 -85.71 -42.78
CA GLU B 78 -6.79 -86.58 -42.90
C GLU B 78 -6.91 -87.44 -41.62
N GLY B 79 -8.08 -87.43 -40.99
CA GLY B 79 -8.37 -88.24 -39.79
C GLY B 79 -7.87 -87.60 -38.51
N GLN B 80 -7.25 -86.42 -38.56
CA GLN B 80 -6.69 -85.74 -37.35
C GLN B 80 -7.53 -84.49 -37.09
N PHE B 81 -8.58 -84.62 -36.29
CA PHE B 81 -9.57 -83.54 -36.12
C PHE B 81 -9.14 -82.58 -35.02
N ASP B 82 -9.50 -81.31 -35.22
CA ASP B 82 -9.09 -80.18 -34.35
C ASP B 82 -10.30 -79.24 -34.19
N PHE B 83 -10.96 -79.27 -33.03
CA PHE B 83 -12.15 -78.42 -32.75
C PHE B 83 -11.79 -77.30 -31.78
N SER B 84 -10.50 -76.97 -31.66
CA SER B 84 -10.00 -75.93 -30.72
C SER B 84 -10.69 -74.59 -31.00
N PHE B 85 -10.93 -74.27 -32.27
CA PHE B 85 -11.58 -72.99 -32.63
C PHE B 85 -13.04 -73.03 -32.16
N VAL B 86 -13.74 -74.14 -32.42
CA VAL B 86 -15.17 -74.26 -32.06
C VAL B 86 -15.33 -74.20 -30.53
N ASP B 87 -14.39 -74.77 -29.79
CA ASP B 87 -14.41 -74.73 -28.30
C ASP B 87 -14.39 -73.27 -27.82
N VAL B 88 -13.43 -72.48 -28.29
CA VAL B 88 -13.28 -71.05 -27.89
C VAL B 88 -14.53 -70.29 -28.33
N LEU B 89 -14.97 -70.49 -29.56
CA LEU B 89 -16.11 -69.74 -30.14
C LEU B 89 -17.36 -69.97 -29.30
N LEU B 90 -17.69 -71.23 -29.00
CA LEU B 90 -18.87 -71.57 -28.19
C LEU B 90 -18.79 -70.86 -26.83
N LYS B 91 -17.64 -70.94 -26.17
CA LYS B 91 -17.47 -70.38 -24.81
C LYS B 91 -17.64 -68.85 -24.86
N GLU B 92 -17.05 -68.19 -25.85
CA GLU B 92 -17.11 -66.71 -25.91
C GLU B 92 -18.51 -66.27 -26.38
N ALA B 93 -19.17 -66.99 -27.28
CA ALA B 93 -20.56 -66.67 -27.67
C ALA B 93 -21.46 -66.71 -26.43
N ARG B 94 -21.33 -67.74 -25.60
CA ARG B 94 -22.22 -67.91 -24.43
C ARG B 94 -21.95 -66.78 -23.44
N GLN B 95 -20.69 -66.41 -23.23
CA GLN B 95 -20.32 -65.29 -22.31
C GLN B 95 -21.11 -64.04 -22.73
N ARG B 96 -21.24 -63.81 -24.03
CA ARG B 96 -21.89 -62.59 -24.58
C ARG B 96 -23.37 -62.79 -24.81
N LYS B 97 -23.89 -63.98 -24.47
CA LYS B 97 -25.33 -64.33 -24.56
C LYS B 97 -25.79 -64.03 -25.98
N VAL B 98 -25.04 -64.57 -26.96
CA VAL B 98 -25.44 -64.56 -28.39
C VAL B 98 -25.50 -65.99 -28.92
N ARG B 99 -26.25 -66.17 -30.00
CA ARG B 99 -26.37 -67.48 -30.66
C ARG B 99 -25.47 -67.50 -31.90
N LEU B 100 -25.28 -68.68 -32.46
CA LEU B 100 -24.33 -68.89 -33.58
C LEU B 100 -25.02 -69.57 -34.75
N VAL B 101 -24.60 -69.15 -35.93
CA VAL B 101 -24.81 -69.93 -37.17
C VAL B 101 -23.42 -70.26 -37.68
N LEU B 102 -23.09 -71.53 -37.76
CA LEU B 102 -21.77 -71.95 -38.28
C LEU B 102 -21.89 -72.12 -39.79
N LEU B 103 -20.87 -71.67 -40.50
CA LEU B 103 -20.82 -71.74 -41.97
C LEU B 103 -19.75 -72.78 -42.35
N TRP B 104 -20.22 -73.93 -42.80
CA TRP B 104 -19.34 -75.06 -43.19
C TRP B 104 -18.71 -74.75 -44.54
N PHE B 105 -17.48 -74.28 -44.52
CA PHE B 105 -16.67 -73.95 -45.71
C PHE B 105 -15.87 -75.20 -46.08
N ALA B 106 -16.26 -75.88 -47.16
CA ALA B 106 -15.79 -77.26 -47.42
C ALA B 106 -15.61 -77.45 -48.93
N THR B 107 -16.40 -78.32 -49.56
CA THR B 107 -16.26 -78.61 -51.01
C THR B 107 -16.38 -77.33 -51.83
N TRP B 108 -17.32 -76.45 -51.48
CA TRP B 108 -17.51 -75.15 -52.18
C TRP B 108 -17.48 -74.03 -51.15
N LYS B 109 -16.64 -73.04 -51.43
CA LYS B 109 -16.73 -71.68 -50.87
C LYS B 109 -16.59 -70.75 -52.07
N ASN B 110 -17.69 -70.11 -52.48
CA ASN B 110 -17.69 -69.23 -53.68
C ASN B 110 -17.17 -70.04 -54.86
N ASN B 111 -17.71 -71.25 -55.05
CA ASN B 111 -17.48 -72.11 -56.24
C ASN B 111 -16.18 -72.92 -56.11
N ALA B 112 -15.32 -72.64 -55.12
CA ALA B 112 -13.91 -73.09 -55.12
C ALA B 112 -13.59 -73.87 -53.86
N PRO B 113 -12.56 -74.73 -53.89
CA PRO B 113 -12.17 -75.54 -52.74
C PRO B 113 -11.07 -74.96 -51.84
N HIS B 114 -10.95 -73.63 -51.79
CA HIS B 114 -9.82 -72.99 -51.07
C HIS B 114 -9.85 -73.31 -49.56
N TYR B 115 -11.03 -73.60 -48.99
CA TYR B 115 -11.14 -73.89 -47.54
C TYR B 115 -11.14 -75.39 -47.28
N ALA B 116 -11.04 -76.19 -48.33
CA ALA B 116 -10.81 -77.63 -48.13
C ALA B 116 -9.35 -77.80 -47.70
N PRO B 117 -9.01 -78.86 -46.94
CA PRO B 117 -7.63 -79.12 -46.54
C PRO B 117 -6.69 -79.26 -47.75
N ALA B 118 -5.40 -79.06 -47.55
CA ALA B 118 -4.36 -79.20 -48.60
C ALA B 118 -4.44 -80.60 -49.21
N TRP B 119 -4.66 -81.62 -48.38
CA TRP B 119 -4.70 -83.03 -48.86
C TRP B 119 -5.95 -83.26 -49.72
N VAL B 120 -6.94 -82.36 -49.68
CA VAL B 120 -8.08 -82.41 -50.64
C VAL B 120 -7.76 -81.52 -51.87
N LYS B 121 -7.53 -80.22 -51.68
CA LYS B 121 -7.57 -79.27 -52.83
C LYS B 121 -6.36 -79.45 -53.74
N LEU B 122 -5.29 -80.11 -53.30
CA LEU B 122 -4.08 -80.33 -54.12
C LEU B 122 -4.04 -81.76 -54.68
N ASP B 123 -5.11 -82.54 -54.52
CA ASP B 123 -5.18 -83.92 -55.05
C ASP B 123 -6.37 -84.05 -56.01
N ASN B 124 -6.19 -83.59 -57.25
CA ASN B 124 -7.26 -83.59 -58.26
C ASN B 124 -7.66 -85.02 -58.64
N ALA B 125 -6.72 -85.97 -58.64
CA ALA B 125 -7.02 -87.33 -59.12
C ALA B 125 -8.06 -87.94 -58.18
N ARG B 126 -7.92 -87.67 -56.88
CA ARG B 126 -8.81 -88.23 -55.82
C ARG B 126 -10.07 -87.39 -55.73
N PHE B 127 -9.93 -86.07 -55.85
CA PHE B 127 -11.01 -85.08 -55.64
C PHE B 127 -11.10 -84.17 -56.86
N PRO B 128 -11.78 -84.66 -57.93
CA PRO B 128 -11.68 -84.03 -59.24
C PRO B 128 -12.47 -82.74 -59.43
N ARG B 129 -11.87 -81.86 -60.23
CA ARG B 129 -12.43 -80.56 -60.67
C ARG B 129 -13.32 -80.71 -61.89
N VAL B 130 -14.29 -79.80 -61.99
CA VAL B 130 -15.06 -79.48 -63.22
C VAL B 130 -14.09 -79.35 -64.40
N VAL B 131 -14.44 -80.02 -65.49
CA VAL B 131 -13.74 -79.92 -66.79
C VAL B 131 -14.69 -79.20 -67.75
N LYS B 132 -14.17 -78.19 -68.45
CA LYS B 132 -14.94 -77.41 -69.44
C LYS B 132 -15.13 -78.24 -70.70
N GLU B 133 -16.02 -77.81 -71.59
CA GLU B 133 -16.30 -78.50 -72.87
C GLU B 133 -15.00 -78.56 -73.71
N ASP B 134 -14.09 -77.60 -73.54
CA ASP B 134 -12.84 -77.49 -74.35
C ASP B 134 -11.71 -78.30 -73.70
N GLY B 135 -11.97 -78.97 -72.57
CA GLY B 135 -11.00 -79.86 -71.92
C GLY B 135 -10.15 -79.17 -70.85
N ASP B 136 -10.19 -77.82 -70.78
CA ASP B 136 -9.49 -77.08 -69.68
C ASP B 136 -10.21 -77.34 -68.36
N THR B 137 -9.49 -77.23 -67.25
CA THR B 137 -10.01 -77.50 -65.89
C THR B 137 -10.24 -76.19 -65.14
N LEU B 138 -11.33 -76.13 -64.38
CA LEU B 138 -11.64 -74.99 -63.49
C LEU B 138 -11.40 -75.37 -62.03
N ASN B 139 -11.05 -74.39 -61.20
CA ASN B 139 -10.80 -74.65 -59.77
C ASN B 139 -12.16 -74.67 -59.06
N SER B 140 -12.98 -75.66 -59.39
CA SER B 140 -14.33 -75.89 -58.83
C SER B 140 -14.53 -77.40 -58.76
N LEU B 141 -14.70 -77.97 -57.57
CA LEU B 141 -14.76 -79.44 -57.43
C LEU B 141 -16.07 -79.97 -58.03
N SER B 142 -15.97 -81.06 -58.78
CA SER B 142 -17.14 -81.67 -59.45
C SER B 142 -18.06 -82.28 -58.39
N PRO B 143 -19.37 -82.03 -58.46
CA PRO B 143 -20.31 -82.67 -57.54
C PRO B 143 -20.46 -84.17 -57.81
N LEU B 144 -19.83 -84.67 -58.88
CA LEU B 144 -19.89 -86.13 -59.17
C LEU B 144 -18.63 -86.82 -58.64
N GLY B 145 -17.73 -86.11 -57.98
CA GLY B 145 -16.59 -86.75 -57.29
C GLY B 145 -17.06 -87.50 -56.05
N GLN B 146 -17.12 -88.82 -56.10
CA GLN B 146 -17.65 -89.62 -54.97
C GLN B 146 -16.69 -89.59 -53.79
N ASN B 147 -15.38 -89.52 -54.04
CA ASN B 147 -14.42 -89.44 -52.92
C ASN B 147 -14.63 -88.11 -52.20
N THR B 148 -14.90 -87.06 -52.95
CA THR B 148 -15.05 -85.70 -52.37
C THR B 148 -16.25 -85.71 -51.41
N LEU B 149 -17.38 -86.25 -51.89
CA LEU B 149 -18.63 -86.32 -51.08
C LEU B 149 -18.36 -87.10 -49.80
N ALA B 150 -17.71 -88.27 -49.90
CA ALA B 150 -17.44 -89.13 -48.73
C ALA B 150 -16.58 -88.38 -47.71
N ALA B 151 -15.58 -87.65 -48.16
CA ALA B 151 -14.60 -86.94 -47.29
C ALA B 151 -15.28 -85.73 -46.64
N ASP B 152 -16.06 -84.98 -47.39
CA ASP B 152 -16.80 -83.79 -46.86
C ASP B 152 -17.78 -84.31 -45.80
N LYS B 153 -18.62 -85.28 -46.16
CA LYS B 153 -19.59 -85.91 -45.22
C LYS B 153 -18.87 -86.35 -43.94
N LYS B 154 -17.72 -87.03 -44.06
CA LYS B 154 -17.02 -87.56 -42.87
C LYS B 154 -16.63 -86.43 -41.92
N ALA B 155 -16.11 -85.33 -42.45
CA ALA B 155 -15.63 -84.20 -41.62
C ALA B 155 -16.84 -83.46 -41.04
N PHE B 156 -17.90 -83.27 -41.84
CA PHE B 156 -19.14 -82.59 -41.42
C PHE B 156 -19.76 -83.39 -40.27
N VAL B 157 -19.74 -84.73 -40.36
CA VAL B 157 -20.27 -85.59 -39.27
C VAL B 157 -19.45 -85.36 -38.00
N GLU B 158 -18.12 -85.20 -38.12
CA GLU B 158 -17.24 -84.98 -36.92
C GLU B 158 -17.60 -83.63 -36.29
N LEU B 159 -17.83 -82.60 -37.11
CA LEU B 159 -18.27 -81.28 -36.59
C LEU B 159 -19.61 -81.43 -35.84
N MET B 160 -20.58 -82.13 -36.42
CA MET B 160 -21.90 -82.27 -35.77
C MET B 160 -21.76 -83.13 -34.50
N LYS B 161 -20.85 -84.12 -34.50
CA LYS B 161 -20.61 -84.92 -33.27
C LYS B 161 -20.06 -84.00 -32.18
N TYR B 162 -19.21 -83.03 -32.54
CA TYR B 162 -18.64 -82.09 -31.55
C TYR B 162 -19.78 -81.27 -30.94
N LEU B 163 -20.72 -80.81 -31.78
CA LEU B 163 -21.88 -80.02 -31.30
C LEU B 163 -22.79 -80.92 -30.45
N ALA B 164 -23.01 -82.17 -30.85
CA ALA B 164 -23.84 -83.11 -30.07
C ALA B 164 -23.27 -83.23 -28.65
N LYS B 165 -21.95 -83.31 -28.57
CA LYS B 165 -21.20 -83.59 -27.31
C LYS B 165 -21.06 -82.32 -26.44
N ARG B 166 -20.90 -81.16 -27.08
N ARG B 166 -20.89 -81.16 -27.07
CA ARG B 166 -20.37 -79.94 -26.39
CA ARG B 166 -20.39 -79.97 -26.33
C ARG B 166 -21.34 -78.76 -26.45
C ARG B 166 -21.30 -78.75 -26.51
N ASP B 167 -22.50 -78.91 -27.09
CA ASP B 167 -23.46 -77.78 -27.27
C ASP B 167 -24.89 -78.23 -26.94
N LYS B 168 -25.10 -78.75 -25.74
CA LYS B 168 -26.39 -79.35 -25.28
C LYS B 168 -27.50 -78.30 -25.23
N ASP B 169 -27.17 -77.00 -25.10
CA ASP B 169 -28.16 -75.92 -24.98
C ASP B 169 -28.34 -75.21 -26.33
N HIS B 170 -27.72 -75.74 -27.40
CA HIS B 170 -27.92 -75.26 -28.78
C HIS B 170 -27.54 -73.78 -28.89
N THR B 171 -26.36 -73.42 -28.41
CA THR B 171 -25.75 -72.10 -28.73
C THR B 171 -25.78 -71.94 -30.25
N VAL B 172 -25.34 -72.98 -30.98
CA VAL B 172 -25.44 -73.05 -32.46
C VAL B 172 -26.87 -73.46 -32.80
N ILE B 173 -27.59 -72.61 -33.55
CA ILE B 173 -29.05 -72.78 -33.83
C ILE B 173 -29.25 -73.27 -35.26
N MET B 174 -28.24 -73.12 -36.12
CA MET B 174 -28.37 -73.43 -37.57
C MET B 174 -26.97 -73.58 -38.17
N VAL B 175 -26.85 -74.44 -39.17
CA VAL B 175 -25.57 -74.63 -39.91
C VAL B 175 -25.81 -74.40 -41.39
N GLN B 176 -24.95 -73.60 -42.00
CA GLN B 176 -24.92 -73.41 -43.46
C GLN B 176 -24.02 -74.48 -44.06
N VAL B 177 -24.53 -75.24 -45.01
CA VAL B 177 -23.78 -76.36 -45.63
C VAL B 177 -23.16 -75.84 -46.92
N GLN B 178 -21.84 -75.72 -46.94
CA GLN B 178 -21.05 -75.09 -48.02
C GLN B 178 -21.33 -73.59 -48.00
N ASN B 179 -20.71 -72.87 -48.92
CA ASN B 179 -20.89 -71.42 -49.06
C ASN B 179 -20.92 -71.07 -50.55
N GLU B 180 -22.04 -70.54 -51.05
CA GLU B 180 -22.15 -70.12 -52.47
C GLU B 180 -21.58 -71.19 -53.39
N VAL B 181 -22.27 -72.32 -53.44
CA VAL B 181 -21.88 -73.44 -54.33
C VAL B 181 -22.03 -73.02 -55.78
N GLY B 182 -21.47 -73.82 -56.68
CA GLY B 182 -21.66 -73.62 -58.12
C GLY B 182 -20.32 -73.56 -58.84
N THR B 183 -20.35 -73.10 -60.08
CA THR B 183 -19.12 -72.94 -60.88
C THR B 183 -19.19 -71.63 -61.66
N TYR B 184 -18.12 -70.84 -61.58
CA TYR B 184 -17.85 -69.75 -62.52
C TYR B 184 -17.01 -70.29 -63.69
N GLY B 185 -17.35 -69.86 -64.91
CA GLY B 185 -16.52 -70.12 -66.10
C GLY B 185 -17.00 -71.33 -66.91
N ALA B 186 -18.03 -72.03 -66.44
CA ALA B 186 -18.62 -73.17 -67.16
C ALA B 186 -20.00 -73.44 -66.56
N VAL B 187 -20.86 -74.11 -67.31
CA VAL B 187 -22.25 -74.36 -66.86
C VAL B 187 -22.29 -75.61 -65.98
N ARG B 188 -21.43 -76.59 -66.27
CA ARG B 188 -21.41 -77.87 -65.53
C ARG B 188 -20.04 -78.54 -65.71
N ASP B 189 -19.87 -79.68 -65.07
CA ASP B 189 -18.76 -80.61 -65.38
C ASP B 189 -19.05 -81.32 -66.71
N TYR B 190 -18.09 -81.28 -67.62
CA TYR B 190 -18.15 -81.98 -68.94
C TYR B 190 -17.05 -83.06 -68.99
N SER B 191 -16.49 -83.43 -67.83
CA SER B 191 -15.56 -84.58 -67.70
C SER B 191 -16.26 -85.84 -68.22
N PRO B 192 -15.51 -86.84 -68.72
CA PRO B 192 -16.13 -88.10 -69.10
C PRO B 192 -17.03 -88.68 -67.99
N MET B 193 -16.59 -88.58 -66.74
CA MET B 193 -17.37 -89.06 -65.56
C MET B 193 -18.73 -88.37 -65.53
N ALA B 194 -18.78 -87.06 -65.71
CA ALA B 194 -20.04 -86.30 -65.66
C ALA B 194 -20.87 -86.59 -66.91
N GLN B 195 -20.21 -86.68 -68.06
CA GLN B 195 -20.91 -86.86 -69.36
C GLN B 195 -21.65 -88.20 -69.33
N ALA B 196 -21.09 -89.23 -68.69
CA ALA B 196 -21.71 -90.57 -68.57
C ALA B 196 -23.04 -90.45 -67.82
N VAL B 197 -23.11 -89.58 -66.82
CA VAL B 197 -24.34 -89.38 -66.01
C VAL B 197 -25.33 -88.50 -66.79
N PHE B 198 -24.80 -87.46 -67.43
CA PHE B 198 -25.57 -86.51 -68.27
C PHE B 198 -26.26 -87.28 -69.40
N ASN B 199 -25.56 -88.25 -69.98
CA ASN B 199 -26.06 -89.04 -71.13
C ASN B 199 -27.11 -90.08 -70.69
N ALA B 200 -27.22 -90.38 -69.40
CA ALA B 200 -28.11 -91.41 -68.83
C ALA B 200 -29.47 -90.79 -68.49
N ALA B 201 -30.42 -91.62 -68.08
CA ALA B 201 -31.79 -91.21 -67.71
C ALA B 201 -31.74 -90.16 -66.59
N VAL B 202 -32.61 -89.15 -66.65
CA VAL B 202 -32.91 -88.29 -65.48
C VAL B 202 -33.45 -89.21 -64.39
N PRO B 203 -32.93 -89.15 -63.14
CA PRO B 203 -33.44 -89.99 -62.06
C PRO B 203 -34.96 -89.86 -61.93
N ASP B 204 -35.62 -91.00 -61.67
CA ASP B 204 -37.09 -91.15 -61.56
C ASP B 204 -37.63 -90.09 -60.60
N ASP B 205 -36.99 -89.91 -59.44
CA ASP B 205 -37.52 -89.04 -58.35
C ASP B 205 -37.68 -87.61 -58.87
N LEU B 206 -36.73 -87.11 -59.66
CA LEU B 206 -36.80 -85.73 -60.21
C LEU B 206 -37.94 -85.65 -61.23
N ILE B 207 -38.03 -86.64 -62.13
CA ILE B 207 -39.10 -86.69 -63.18
C ILE B 207 -40.46 -86.67 -62.49
N GLN B 208 -40.62 -87.45 -61.42
CA GLN B 208 -41.87 -87.57 -60.64
C GLN B 208 -42.20 -86.22 -60.00
N LYS B 209 -41.23 -85.60 -59.32
CA LYS B 209 -41.48 -84.33 -58.57
C LYS B 209 -41.76 -83.18 -59.56
N LEU B 210 -41.12 -83.16 -60.73
CA LEU B 210 -41.33 -82.07 -61.72
C LEU B 210 -42.46 -82.43 -62.69
N GLN B 211 -43.01 -83.64 -62.60
CA GLN B 211 -44.15 -84.10 -63.46
C GLN B 211 -43.79 -83.91 -64.93
N LEU B 212 -42.63 -84.44 -65.33
CA LEU B 212 -42.16 -84.41 -66.74
C LEU B 212 -42.21 -85.83 -67.31
N LYS B 213 -41.98 -85.96 -68.61
CA LYS B 213 -41.87 -87.27 -69.29
C LYS B 213 -40.44 -87.78 -69.07
N PRO B 214 -40.25 -89.10 -68.86
CA PRO B 214 -38.93 -89.68 -68.75
C PRO B 214 -38.03 -89.42 -69.98
N GLY B 215 -36.72 -89.39 -69.74
CA GLY B 215 -35.71 -89.32 -70.81
C GLY B 215 -34.34 -89.01 -70.23
N THR B 216 -33.37 -88.76 -71.10
CA THR B 216 -32.01 -88.33 -70.70
C THR B 216 -32.06 -86.83 -70.39
N TRP B 217 -31.00 -86.29 -69.82
CA TRP B 217 -30.98 -84.86 -69.42
C TRP B 217 -31.30 -83.97 -70.64
N SER B 218 -30.71 -84.26 -71.80
CA SER B 218 -30.88 -83.44 -73.02
C SER B 218 -32.34 -83.53 -73.50
N GLN B 219 -32.91 -84.74 -73.48
CA GLN B 219 -34.29 -85.00 -73.97
C GLN B 219 -35.27 -84.23 -73.10
N VAL B 220 -35.10 -84.30 -71.77
CA VAL B 220 -36.08 -83.77 -70.78
C VAL B 220 -35.95 -82.24 -70.71
N PHE B 221 -34.74 -81.71 -70.71
CA PHE B 221 -34.50 -80.29 -70.33
C PHE B 221 -34.01 -79.44 -71.50
N GLY B 222 -33.61 -80.03 -72.63
CA GLY B 222 -33.19 -79.27 -73.82
C GLY B 222 -32.15 -78.22 -73.46
N ARG B 223 -32.43 -76.94 -73.72
CA ARG B 223 -31.44 -75.85 -73.57
C ARG B 223 -31.05 -75.67 -72.09
N ASP B 224 -31.87 -76.13 -71.15
CA ASP B 224 -31.56 -75.96 -69.71
C ASP B 224 -30.80 -77.20 -69.18
N ALA B 225 -30.56 -78.23 -70.00
CA ALA B 225 -30.03 -79.51 -69.50
C ALA B 225 -28.71 -79.30 -68.74
N ASP B 226 -27.79 -78.52 -69.30
CA ASP B 226 -26.43 -78.38 -68.68
C ASP B 226 -26.57 -77.74 -67.29
N GLU B 227 -27.31 -76.64 -67.20
CA GLU B 227 -27.45 -75.87 -65.93
C GLU B 227 -28.25 -76.68 -64.91
N PHE B 228 -29.36 -77.29 -65.34
CA PHE B 228 -30.25 -78.05 -64.43
C PHE B 228 -29.49 -79.27 -63.91
N PHE B 229 -28.69 -79.91 -64.77
CA PHE B 229 -27.83 -81.05 -64.39
C PHE B 229 -26.88 -80.62 -63.27
N HIS B 230 -26.21 -79.49 -63.44
CA HIS B 230 -25.22 -79.04 -62.43
C HIS B 230 -25.97 -78.74 -61.12
N ALA B 231 -27.10 -78.04 -61.21
CA ALA B 231 -27.91 -77.70 -60.02
C ALA B 231 -28.31 -78.99 -59.31
N TYR B 232 -28.78 -79.98 -60.08
CA TYR B 232 -29.27 -81.24 -59.49
C TYR B 232 -28.12 -81.94 -58.75
N GLN B 233 -26.95 -82.07 -59.40
CA GLN B 233 -25.82 -82.84 -58.84
C GLN B 233 -25.30 -82.13 -57.61
N ILE B 234 -25.22 -80.79 -57.63
CA ILE B 234 -24.76 -80.07 -56.42
C ILE B 234 -25.82 -80.23 -55.33
N ALA B 235 -27.10 -80.09 -55.66
CA ALA B 235 -28.17 -80.20 -54.65
C ALA B 235 -28.13 -81.59 -53.99
N ARG B 236 -27.97 -82.65 -54.78
CA ARG B 236 -27.90 -84.02 -54.21
C ARG B 236 -26.69 -84.13 -53.26
N TYR B 237 -25.54 -83.58 -53.67
CA TYR B 237 -24.28 -83.59 -52.88
C TYR B 237 -24.55 -82.89 -51.54
N CYS B 238 -25.10 -81.67 -51.60
CA CYS B 238 -25.38 -80.87 -50.37
C CYS B 238 -26.43 -81.57 -49.50
N ASP B 239 -27.43 -82.19 -50.13
CA ASP B 239 -28.48 -82.93 -49.39
C ASP B 239 -27.85 -84.11 -48.63
N GLU B 240 -26.93 -84.83 -49.27
CA GLU B 240 -26.33 -86.02 -48.63
C GLU B 240 -25.47 -85.57 -47.44
N VAL B 241 -24.72 -84.47 -47.57
CA VAL B 241 -23.90 -83.96 -46.45
C VAL B 241 -24.85 -83.57 -45.30
N THR B 242 -25.92 -82.85 -45.64
CA THR B 242 -26.95 -82.39 -44.69
C THR B 242 -27.53 -83.59 -43.93
N VAL B 243 -27.96 -84.63 -44.63
CA VAL B 243 -28.60 -85.82 -43.99
C VAL B 243 -27.60 -86.44 -43.01
N ALA B 244 -26.34 -86.56 -43.42
CA ALA B 244 -25.31 -87.22 -42.60
C ALA B 244 -25.11 -86.42 -41.32
N GLY B 245 -25.07 -85.09 -41.41
CA GLY B 245 -24.89 -84.24 -40.22
C GLY B 245 -26.11 -84.29 -39.33
N LYS B 246 -27.31 -84.19 -39.92
CA LYS B 246 -28.60 -84.16 -39.17
CA LYS B 246 -28.60 -84.17 -39.16
C LYS B 246 -28.80 -85.49 -38.42
N ALA B 247 -28.31 -86.59 -38.96
CA ALA B 247 -28.39 -87.91 -38.28
C ALA B 247 -27.64 -87.85 -36.94
N ILE B 248 -26.65 -86.96 -36.81
CA ILE B 248 -25.86 -86.78 -35.55
C ILE B 248 -26.62 -85.80 -34.65
N LYS B 249 -26.90 -84.61 -35.16
CA LYS B 249 -27.72 -83.62 -34.44
C LYS B 249 -28.61 -82.90 -35.46
N ASN B 250 -29.92 -82.96 -35.25
CA ASN B 250 -30.92 -82.53 -36.24
C ASN B 250 -31.15 -81.02 -36.15
N LEU B 251 -30.10 -80.23 -36.36
CA LEU B 251 -30.22 -78.76 -36.44
C LEU B 251 -30.78 -78.39 -37.79
N PRO B 252 -31.47 -77.23 -37.90
CA PRO B 252 -31.81 -76.65 -39.20
C PRO B 252 -30.54 -76.38 -40.00
N MET B 253 -30.58 -76.64 -41.31
CA MET B 253 -29.41 -76.45 -42.19
C MET B 253 -29.90 -75.82 -43.49
N TYR B 254 -29.08 -74.97 -44.07
CA TYR B 254 -29.49 -74.20 -45.27
C TYR B 254 -28.27 -74.02 -46.17
N VAL B 255 -28.56 -73.63 -47.40
CA VAL B 255 -27.54 -73.18 -48.38
C VAL B 255 -27.79 -71.71 -48.71
N ASN B 256 -26.70 -71.02 -49.06
CA ASN B 256 -26.71 -69.59 -49.39
C ASN B 256 -26.27 -69.37 -50.85
N VAL B 257 -26.99 -68.52 -51.55
CA VAL B 257 -26.91 -68.39 -53.02
C VAL B 257 -26.11 -67.15 -53.42
N ALA B 258 -25.11 -67.36 -54.26
CA ALA B 258 -24.48 -66.32 -55.09
C ALA B 258 -25.51 -65.95 -56.18
N LEU B 259 -26.31 -64.92 -55.91
CA LEU B 259 -27.50 -64.61 -56.71
C LEU B 259 -27.09 -64.23 -58.13
N ARG B 260 -27.89 -64.64 -59.11
CA ARG B 260 -27.88 -63.99 -60.43
C ARG B 260 -28.81 -62.78 -60.34
N ASN B 261 -28.58 -61.77 -61.18
CA ASN B 261 -29.51 -60.62 -61.27
C ASN B 261 -30.85 -61.16 -61.75
N PRO B 262 -31.97 -60.92 -61.03
CA PRO B 262 -33.25 -61.55 -61.39
C PRO B 262 -33.87 -60.97 -62.67
N PHE B 263 -33.50 -59.75 -63.05
CA PHE B 263 -34.07 -59.03 -64.22
C PHE B 263 -33.26 -59.29 -65.48
N ASN B 264 -31.96 -59.51 -65.30
CA ASN B 264 -30.97 -59.53 -66.40
C ASN B 264 -29.78 -60.36 -65.91
N PRO B 265 -29.97 -61.68 -65.77
CA PRO B 265 -28.97 -62.54 -65.13
C PRO B 265 -27.67 -62.75 -65.90
N GLY B 266 -27.71 -62.62 -67.22
CA GLY B 266 -26.62 -63.11 -68.07
C GLY B 266 -26.64 -64.64 -68.11
N LEU B 267 -25.49 -65.24 -68.36
CA LEU B 267 -25.42 -66.70 -68.67
C LEU B 267 -24.89 -67.46 -67.46
N PRO B 268 -25.33 -68.72 -67.26
CA PRO B 268 -24.75 -69.55 -66.20
C PRO B 268 -23.26 -69.74 -66.50
N GLY B 269 -22.41 -69.57 -65.48
CA GLY B 269 -20.95 -69.53 -65.60
C GLY B 269 -20.42 -68.10 -65.52
N GLN B 270 -21.22 -67.12 -65.98
CA GLN B 270 -20.99 -65.68 -65.66
C GLN B 270 -21.46 -65.47 -64.23
N TYR B 271 -22.69 -65.87 -63.94
CA TYR B 271 -23.10 -66.12 -62.53
C TYR B 271 -22.68 -67.54 -62.15
N SER B 272 -22.76 -67.86 -60.86
CA SER B 272 -22.34 -69.15 -60.29
C SER B 272 -23.34 -70.24 -60.68
N SER B 273 -23.03 -71.01 -61.72
CA SER B 273 -23.95 -72.03 -62.28
C SER B 273 -24.14 -73.15 -61.25
N GLY B 274 -25.39 -73.58 -61.04
CA GLY B 274 -25.70 -74.74 -60.21
C GLY B 274 -26.09 -74.37 -58.79
N GLY B 275 -25.77 -73.16 -58.33
CA GLY B 275 -26.31 -72.68 -57.05
C GLY B 275 -27.82 -72.53 -57.13
N GLY B 276 -28.46 -72.24 -56.01
CA GLY B 276 -29.91 -72.06 -55.90
C GLY B 276 -30.39 -70.74 -56.52
N THR B 277 -30.03 -70.46 -57.77
CA THR B 277 -30.50 -69.25 -58.49
C THR B 277 -32.00 -69.39 -58.77
N ASP B 278 -32.68 -68.29 -59.08
CA ASP B 278 -34.17 -68.26 -59.11
C ASP B 278 -34.71 -69.24 -60.16
N ASN B 279 -33.94 -69.53 -61.21
CA ASN B 279 -34.40 -70.38 -62.33
C ASN B 279 -34.29 -71.87 -61.98
N VAL B 280 -33.58 -72.22 -60.90
CA VAL B 280 -33.37 -73.66 -60.55
C VAL B 280 -33.86 -73.94 -59.13
N LEU B 281 -34.67 -73.06 -58.54
CA LEU B 281 -35.23 -73.35 -57.19
C LEU B 281 -36.08 -74.63 -57.25
N HIS B 282 -36.76 -74.91 -58.37
CA HIS B 282 -37.62 -76.13 -58.48
C HIS B 282 -36.73 -77.37 -58.49
N ILE B 283 -35.55 -77.29 -59.10
CA ILE B 283 -34.56 -78.41 -59.13
C ILE B 283 -34.05 -78.64 -57.71
N TRP B 284 -33.61 -77.56 -57.05
CA TRP B 284 -33.07 -77.65 -55.67
C TRP B 284 -34.13 -78.20 -54.70
N LYS B 285 -35.38 -77.75 -54.80
CA LYS B 285 -36.43 -78.21 -53.86
C LYS B 285 -36.72 -79.70 -54.11
N ALA B 286 -36.73 -80.15 -55.36
CA ALA B 286 -37.01 -81.57 -55.69
C ALA B 286 -35.82 -82.43 -55.24
N ALA B 287 -34.59 -81.94 -55.45
CA ALA B 287 -33.34 -82.70 -55.28
C ALA B 287 -32.88 -82.77 -53.83
N ALA B 288 -33.15 -81.74 -53.02
CA ALA B 288 -32.56 -81.64 -51.67
C ALA B 288 -33.66 -81.43 -50.65
N PRO B 289 -34.53 -82.44 -50.41
CA PRO B 289 -35.67 -82.26 -49.49
C PRO B 289 -35.27 -82.12 -48.01
N ASN B 290 -34.01 -82.42 -47.66
CA ASN B 290 -33.48 -82.39 -46.27
C ASN B 290 -32.88 -81.02 -45.96
N ILE B 291 -32.64 -80.19 -46.96
CA ILE B 291 -32.13 -78.81 -46.75
C ILE B 291 -33.33 -77.93 -46.41
N ASP B 292 -33.27 -77.24 -45.28
CA ASP B 292 -34.43 -76.52 -44.72
C ASP B 292 -34.81 -75.32 -45.59
N LEU B 293 -33.85 -74.55 -46.07
CA LEU B 293 -34.17 -73.35 -46.89
C LEU B 293 -32.98 -72.97 -47.76
N ILE B 294 -33.27 -72.17 -48.78
CA ILE B 294 -32.29 -71.62 -49.75
C ILE B 294 -32.31 -70.11 -49.53
N ALA B 295 -31.17 -69.57 -49.10
CA ALA B 295 -31.04 -68.20 -48.60
C ALA B 295 -30.32 -67.33 -49.61
N PRO B 296 -30.88 -66.15 -49.95
CA PRO B 296 -30.20 -65.20 -50.83
C PRO B 296 -29.10 -64.40 -50.12
N ASP B 297 -28.00 -64.20 -50.85
CA ASP B 297 -26.85 -63.34 -50.46
C ASP B 297 -26.99 -62.06 -51.29
N ILE B 298 -27.43 -60.97 -50.65
CA ILE B 298 -27.92 -59.77 -51.39
C ILE B 298 -26.83 -58.68 -51.38
N TYR B 299 -26.31 -58.35 -52.56
CA TYR B 299 -25.35 -57.24 -52.73
C TYR B 299 -25.85 -56.24 -53.79
N PHE B 300 -27.04 -56.44 -54.36
CA PHE B 300 -27.73 -55.41 -55.19
C PHE B 300 -28.18 -54.31 -54.22
N ARG B 301 -27.82 -53.05 -54.51
N ARG B 301 -27.87 -53.05 -54.53
CA ARG B 301 -28.14 -51.89 -53.63
CA ARG B 301 -28.15 -51.89 -53.64
C ARG B 301 -29.56 -51.39 -53.89
C ARG B 301 -29.54 -51.32 -53.91
N ASP B 302 -30.01 -51.48 -55.15
CA ASP B 302 -31.22 -50.77 -55.64
C ASP B 302 -32.49 -51.47 -55.18
N TYR B 303 -33.46 -50.67 -54.77
CA TYR B 303 -34.72 -51.13 -54.16
C TYR B 303 -35.43 -52.09 -55.10
N LYS B 304 -35.50 -51.81 -56.40
CA LYS B 304 -36.33 -52.65 -57.29
C LYS B 304 -35.73 -54.06 -57.33
N THR B 305 -34.42 -54.17 -57.41
CA THR B 305 -33.76 -55.49 -57.60
C THR B 305 -33.83 -56.25 -56.26
N VAL B 306 -33.53 -55.57 -55.15
CA VAL B 306 -33.59 -56.21 -53.82
C VAL B 306 -35.02 -56.70 -53.60
N SER B 307 -36.02 -55.89 -53.92
CA SER B 307 -37.45 -56.24 -53.71
C SER B 307 -37.76 -57.50 -54.53
N LYS B 308 -37.25 -57.60 -55.76
CA LYS B 308 -37.48 -58.76 -56.65
C LYS B 308 -36.85 -60.00 -56.02
N VAL B 309 -35.63 -59.89 -55.50
CA VAL B 309 -34.95 -61.03 -54.80
C VAL B 309 -35.79 -61.47 -53.60
N LEU B 310 -36.27 -60.55 -52.77
CA LEU B 310 -37.07 -60.96 -51.59
C LEU B 310 -38.36 -61.66 -52.06
N GLU B 311 -38.98 -61.20 -53.15
CA GLU B 311 -40.20 -61.84 -53.69
C GLU B 311 -39.90 -63.28 -54.14
N LEU B 312 -38.81 -63.47 -54.88
CA LEU B 312 -38.48 -64.79 -55.49
C LEU B 312 -38.08 -65.79 -54.42
N TYR B 313 -37.43 -65.38 -53.32
CA TYR B 313 -36.93 -66.34 -52.30
C TYR B 313 -37.96 -66.59 -51.19
N THR B 314 -39.02 -65.80 -51.14
CA THR B 314 -40.13 -66.02 -50.18
C THR B 314 -41.21 -66.83 -50.87
N ARG B 315 -41.35 -68.09 -50.45
CA ARG B 315 -42.21 -69.08 -51.14
C ARG B 315 -42.90 -69.91 -50.06
N PRO B 316 -44.09 -70.48 -50.35
CA PRO B 316 -44.69 -71.46 -49.45
C PRO B 316 -43.70 -72.57 -49.06
N ASP B 317 -42.79 -72.94 -49.95
CA ASP B 317 -41.79 -74.00 -49.69
C ASP B 317 -40.44 -73.44 -49.28
N ASN B 318 -40.31 -72.14 -49.01
CA ASN B 318 -38.98 -71.53 -48.75
C ASN B 318 -39.11 -70.35 -47.78
N ALA B 319 -38.75 -70.59 -46.53
CA ALA B 319 -38.60 -69.54 -45.52
C ALA B 319 -37.58 -68.53 -46.04
N LEU B 320 -37.82 -67.25 -45.79
CA LEU B 320 -36.89 -66.17 -46.20
C LEU B 320 -35.85 -65.94 -45.12
N PHE B 321 -34.59 -66.17 -45.45
CA PHE B 321 -33.45 -65.83 -44.57
C PHE B 321 -32.45 -65.05 -45.40
N VAL B 322 -32.26 -63.77 -45.09
CA VAL B 322 -31.22 -62.96 -45.78
C VAL B 322 -29.88 -63.30 -45.12
N ALA B 323 -29.26 -64.38 -45.58
CA ALA B 323 -28.07 -64.99 -44.97
C ALA B 323 -26.87 -64.04 -45.07
N GLU B 324 -26.81 -63.25 -46.12
CA GLU B 324 -25.83 -62.15 -46.27
C GLU B 324 -26.52 -60.94 -46.90
N ILE B 325 -26.09 -59.78 -46.45
CA ILE B 325 -26.43 -58.53 -47.17
C ILE B 325 -25.24 -57.59 -47.01
N GLY B 326 -25.04 -56.73 -48.00
CA GLY B 326 -23.96 -55.76 -47.93
C GLY B 326 -24.07 -54.90 -46.69
N ASN B 327 -22.93 -54.39 -46.23
CA ASN B 327 -22.88 -53.66 -44.95
C ASN B 327 -22.85 -52.15 -45.17
N ASP B 328 -23.00 -51.69 -46.41
CA ASP B 328 -23.12 -50.25 -46.69
C ASP B 328 -24.48 -49.74 -46.21
N GLN B 329 -24.57 -48.45 -45.98
CA GLN B 329 -25.77 -47.78 -45.41
C GLN B 329 -27.06 -48.15 -46.15
N PRO B 330 -27.11 -48.18 -47.51
CA PRO B 330 -28.39 -48.37 -48.18
C PRO B 330 -29.07 -49.71 -47.85
N PHE B 331 -28.29 -50.67 -47.36
CA PHE B 331 -28.81 -52.03 -47.13
C PHE B 331 -29.63 -52.16 -45.84
N ALA B 332 -29.43 -51.27 -44.87
CA ALA B 332 -30.02 -51.44 -43.53
C ALA B 332 -31.55 -51.46 -43.63
N ARG B 333 -32.14 -50.63 -44.49
CA ARG B 333 -33.62 -50.47 -44.56
C ARG B 333 -34.26 -51.75 -45.09
N TYR B 334 -33.49 -52.65 -45.72
CA TYR B 334 -34.10 -53.89 -46.27
C TYR B 334 -34.45 -54.85 -45.14
N LEU B 335 -34.07 -54.55 -43.89
CA LEU B 335 -34.57 -55.34 -42.73
C LEU B 335 -36.10 -55.31 -42.74
N PHE B 336 -36.68 -54.15 -43.03
CA PHE B 336 -38.14 -53.93 -42.85
C PHE B 336 -38.89 -54.85 -43.80
N PRO B 337 -38.69 -54.80 -45.13
CA PRO B 337 -39.43 -55.71 -46.02
C PRO B 337 -39.08 -57.18 -45.77
N THR B 338 -37.84 -57.45 -45.34
CA THR B 338 -37.43 -58.84 -45.02
C THR B 338 -38.36 -59.39 -43.94
N LEU B 339 -38.54 -58.65 -42.87
CA LEU B 339 -39.40 -59.12 -41.75
C LEU B 339 -40.87 -59.05 -42.18
N GLY B 340 -41.24 -58.07 -43.00
CA GLY B 340 -42.61 -57.94 -43.52
C GLY B 340 -43.04 -59.15 -44.34
N LYS B 341 -42.08 -59.81 -45.02
CA LYS B 341 -42.34 -61.01 -45.86
C LYS B 341 -42.45 -62.25 -44.97
N GLY B 342 -42.27 -62.10 -43.66
CA GLY B 342 -42.23 -63.21 -42.70
C GLY B 342 -40.83 -63.78 -42.57
N GLY B 343 -39.82 -63.04 -43.02
CA GLY B 343 -38.42 -63.49 -42.94
C GLY B 343 -38.03 -63.90 -41.53
N ILE B 344 -37.17 -64.91 -41.43
CA ILE B 344 -36.70 -65.47 -40.12
C ILE B 344 -35.41 -64.80 -39.70
N GLY B 345 -34.79 -64.01 -40.56
CA GLY B 345 -33.50 -63.41 -40.19
C GLY B 345 -32.85 -62.60 -41.29
N PHE B 346 -31.79 -61.91 -40.91
CA PHE B 346 -31.14 -60.85 -41.70
C PHE B 346 -29.75 -60.69 -41.13
N SER B 347 -28.74 -60.80 -41.96
CA SER B 347 -27.34 -60.91 -41.49
C SER B 347 -26.41 -60.12 -42.39
N PRO B 348 -26.15 -58.83 -42.10
CA PRO B 348 -25.14 -58.07 -42.81
C PRO B 348 -23.76 -58.73 -42.72
N PHE B 349 -23.07 -58.71 -43.85
CA PHE B 349 -21.75 -59.35 -44.04
C PHE B 349 -20.59 -58.37 -43.73
N GLY B 350 -19.57 -58.88 -43.03
CA GLY B 350 -18.28 -58.22 -42.84
C GLY B 350 -18.30 -57.31 -41.63
N MET B 351 -19.02 -57.71 -40.59
CA MET B 351 -19.22 -56.86 -39.38
C MET B 351 -18.12 -57.21 -38.37
N ASP B 352 -16.87 -56.87 -38.70
CA ASP B 352 -15.74 -57.02 -37.75
C ASP B 352 -14.64 -56.03 -38.09
N ASP B 353 -13.67 -55.89 -37.19
CA ASP B 353 -12.60 -54.88 -37.33
C ASP B 353 -11.27 -55.56 -37.69
N THR B 354 -11.33 -56.57 -38.55
CA THR B 354 -10.13 -57.32 -38.99
C THR B 354 -9.47 -56.65 -40.21
N ASP B 355 -9.74 -55.37 -40.45
CA ASP B 355 -9.02 -54.56 -41.47
C ASP B 355 -9.34 -55.08 -42.87
N TYR B 356 -10.62 -55.19 -43.16
CA TYR B 356 -11.10 -55.58 -44.51
C TYR B 356 -12.47 -54.97 -44.75
N THR B 357 -12.67 -54.50 -45.97
CA THR B 357 -13.99 -54.15 -46.51
C THR B 357 -14.13 -54.77 -47.89
N ASN B 358 -15.32 -55.29 -48.16
CA ASN B 358 -15.62 -55.92 -49.46
C ASN B 358 -16.22 -54.90 -50.42
N TYR B 359 -16.11 -53.61 -50.13
CA TYR B 359 -16.42 -52.56 -51.12
C TYR B 359 -15.73 -52.94 -52.42
N PRO B 360 -16.38 -52.88 -53.60
CA PRO B 360 -17.66 -52.17 -53.79
C PRO B 360 -18.97 -52.87 -53.34
N LEU B 361 -18.91 -54.09 -52.86
CA LEU B 361 -20.14 -54.78 -52.39
C LEU B 361 -20.67 -54.07 -51.15
N GLY B 362 -19.80 -53.86 -50.16
CA GLY B 362 -20.18 -53.25 -48.88
C GLY B 362 -19.66 -51.84 -48.74
N ALA B 363 -19.47 -51.42 -47.50
CA ALA B 363 -19.10 -50.03 -47.12
C ALA B 363 -17.65 -49.75 -47.53
N LYS B 364 -17.38 -48.59 -48.11
CA LYS B 364 -15.99 -48.21 -48.46
C LYS B 364 -15.18 -48.14 -47.15
N VAL B 365 -15.77 -47.63 -46.07
CA VAL B 365 -15.08 -47.48 -44.76
C VAL B 365 -15.87 -48.24 -43.70
N TYR B 366 -15.19 -49.08 -42.93
CA TYR B 366 -15.78 -49.81 -41.77
C TYR B 366 -15.39 -49.10 -40.49
N ASN B 367 -16.37 -48.45 -39.88
CA ASN B 367 -16.19 -47.70 -38.61
C ASN B 367 -17.50 -47.75 -37.82
N ASP B 368 -17.53 -47.08 -36.68
CA ASP B 368 -18.70 -47.13 -35.77
C ASP B 368 -19.95 -46.64 -36.52
N GLU B 369 -19.81 -45.68 -37.43
CA GLU B 369 -20.94 -45.16 -38.21
C GLU B 369 -21.51 -46.26 -39.11
N THR B 370 -20.65 -47.07 -39.75
CA THR B 370 -21.12 -48.23 -40.56
C THR B 370 -22.04 -49.09 -39.71
N ILE B 371 -21.57 -49.45 -38.53
CA ILE B 371 -22.30 -50.36 -37.60
C ILE B 371 -23.61 -49.71 -37.16
N GLU B 372 -23.57 -48.41 -36.85
CA GLU B 372 -24.71 -47.67 -36.30
C GLU B 372 -25.91 -47.72 -37.27
N GLN B 373 -25.69 -47.81 -38.59
CA GLN B 373 -26.84 -47.79 -39.54
C GLN B 373 -27.68 -49.04 -39.29
N PHE B 374 -27.03 -50.16 -38.98
CA PHE B 374 -27.74 -51.41 -38.63
C PHE B 374 -28.21 -51.37 -37.18
N ALA B 375 -27.40 -50.84 -36.26
CA ALA B 375 -27.81 -50.82 -34.83
C ALA B 375 -29.14 -50.07 -34.73
N GLN B 376 -29.31 -48.98 -35.47
CA GLN B 376 -30.54 -48.15 -35.36
C GLN B 376 -31.80 -48.93 -35.76
N VAL B 377 -31.71 -49.78 -36.79
CA VAL B 377 -32.92 -50.53 -37.21
C VAL B 377 -33.08 -51.76 -36.30
N TYR B 378 -32.00 -52.38 -35.83
CA TYR B 378 -32.11 -53.52 -34.89
C TYR B 378 -32.78 -53.07 -33.59
N ARG B 379 -32.57 -51.82 -33.17
CA ARG B 379 -33.18 -51.31 -31.93
C ARG B 379 -34.71 -51.27 -32.03
N LEU B 380 -35.29 -51.25 -33.23
CA LEU B 380 -36.77 -51.25 -33.40
C LEU B 380 -37.32 -52.67 -33.16
N VAL B 381 -36.52 -53.70 -33.43
CA VAL B 381 -37.01 -55.11 -33.44
C VAL B 381 -36.60 -55.83 -32.15
N ASN B 382 -35.36 -55.64 -31.67
CA ASN B 382 -34.86 -56.35 -30.46
C ASN B 382 -35.89 -56.28 -29.32
N PRO B 383 -36.47 -55.10 -28.97
CA PRO B 383 -37.33 -55.06 -27.79
C PRO B 383 -38.63 -55.86 -27.93
N MET B 384 -39.00 -56.28 -29.16
CA MET B 384 -40.23 -57.07 -29.41
C MET B 384 -39.88 -58.34 -30.18
N MET B 385 -38.64 -58.80 -30.10
CA MET B 385 -38.18 -59.87 -31.02
C MET B 385 -39.08 -61.10 -30.94
N ARG B 386 -39.38 -61.60 -29.74
CA ARG B 386 -40.18 -62.86 -29.61
C ARG B 386 -41.62 -62.60 -30.03
N GLU B 387 -42.18 -61.44 -29.68
CA GLU B 387 -43.60 -61.13 -30.00
C GLU B 387 -43.74 -60.99 -31.52
N TRP B 388 -42.83 -60.25 -32.14
CA TRP B 388 -42.79 -60.11 -33.62
C TRP B 388 -42.69 -61.51 -34.28
N ALA B 389 -41.76 -62.32 -33.82
CA ALA B 389 -41.51 -63.65 -34.43
C ALA B 389 -42.82 -64.45 -34.41
N ARG B 390 -43.54 -64.43 -33.29
CA ARG B 390 -44.81 -65.18 -33.14
C ARG B 390 -45.85 -64.60 -34.10
N LEU B 391 -46.00 -63.27 -34.14
CA LEU B 391 -47.01 -62.63 -35.01
C LEU B 391 -46.68 -62.91 -36.49
N SER B 392 -45.39 -63.02 -36.84
N SER B 392 -45.41 -62.91 -36.88
CA SER B 392 -44.90 -63.18 -38.23
CA SER B 392 -45.01 -63.18 -38.29
C SER B 392 -44.93 -64.64 -38.67
C SER B 392 -45.47 -64.59 -38.65
N TYR B 393 -45.23 -65.55 -37.75
CA TYR B 393 -45.51 -66.98 -38.04
C TYR B 393 -47.02 -67.22 -38.12
N GLN B 394 -47.77 -66.77 -37.13
N GLN B 394 -47.75 -66.77 -37.10
CA GLN B 394 -49.17 -67.25 -36.91
CA GLN B 394 -49.15 -67.23 -36.83
C GLN B 394 -50.17 -66.13 -37.20
C GLN B 394 -50.14 -66.07 -37.01
N GLY B 395 -49.69 -64.94 -37.55
CA GLY B 395 -50.55 -63.78 -37.79
C GLY B 395 -50.18 -63.05 -39.05
N GLN B 396 -50.56 -61.78 -39.09
CA GLN B 396 -50.42 -60.90 -40.25
C GLN B 396 -49.39 -59.83 -39.88
N VAL B 397 -48.34 -59.75 -40.69
CA VAL B 397 -47.30 -58.70 -40.60
C VAL B 397 -47.11 -58.07 -41.97
N TRP B 398 -46.57 -56.86 -41.94
CA TRP B 398 -46.23 -56.03 -43.10
C TRP B 398 -44.93 -55.31 -42.80
N GLY B 399 -44.17 -55.04 -43.85
CA GLY B 399 -42.91 -54.30 -43.75
C GLY B 399 -42.57 -53.65 -45.07
N VAL B 400 -42.16 -52.40 -45.02
CA VAL B 400 -41.80 -51.61 -46.23
C VAL B 400 -40.52 -50.85 -45.95
N ALA B 401 -39.73 -50.63 -47.00
CA ALA B 401 -38.56 -49.76 -47.01
C ALA B 401 -38.80 -48.61 -47.99
N GLU B 402 -38.07 -47.53 -47.76
CA GLU B 402 -38.11 -46.32 -48.60
C GLU B 402 -37.81 -46.75 -50.04
N PRO B 403 -38.76 -46.56 -50.99
CA PRO B 403 -38.67 -47.21 -52.31
C PRO B 403 -37.91 -46.46 -53.42
N LEU B 404 -37.42 -45.26 -53.15
CA LEU B 404 -36.47 -44.56 -54.04
C LEU B 404 -35.07 -44.64 -53.41
N ASP B 405 -34.08 -44.99 -54.23
CA ASP B 405 -32.67 -44.99 -53.81
C ASP B 405 -32.20 -43.54 -53.71
N SER B 406 -31.06 -43.32 -53.07
CA SER B 406 -30.48 -41.96 -52.92
C SER B 406 -30.27 -41.38 -54.31
N THR B 407 -30.56 -40.07 -54.43
CA THR B 407 -30.34 -39.27 -55.65
C THR B 407 -28.83 -39.29 -55.94
N THR B 408 -28.50 -39.65 -57.18
CA THR B 408 -27.12 -39.70 -57.73
C THR B 408 -26.66 -38.27 -58.10
N GLU B 409 -25.36 -38.08 -58.33
CA GLU B 409 -24.79 -36.81 -58.85
C GLU B 409 -25.48 -36.48 -60.18
N THR B 410 -25.63 -37.49 -61.04
CA THR B 410 -26.34 -37.44 -62.35
C THR B 410 -27.72 -36.79 -62.16
N GLN B 411 -28.54 -37.30 -61.24
CA GLN B 411 -29.91 -36.79 -60.96
C GLN B 411 -29.78 -35.37 -60.42
N LYS B 412 -28.77 -35.10 -59.59
CA LYS B 412 -28.49 -33.76 -59.00
C LYS B 412 -28.30 -32.75 -60.14
N ILE B 413 -27.66 -33.17 -61.23
CA ILE B 413 -27.43 -32.37 -62.48
C ILE B 413 -28.79 -32.01 -63.10
N TRP B 414 -29.61 -33.00 -63.45
CA TRP B 414 -30.96 -32.81 -64.03
C TRP B 414 -31.78 -31.85 -63.16
N ASN B 415 -31.76 -32.05 -61.84
CA ASN B 415 -32.43 -31.16 -60.86
C ASN B 415 -32.14 -29.70 -61.21
N ALA B 416 -30.86 -29.32 -61.25
CA ALA B 416 -30.37 -27.94 -61.49
C ALA B 416 -30.78 -27.46 -62.88
N GLU B 417 -30.46 -28.25 -63.93
CA GLU B 417 -30.63 -27.90 -65.36
C GLU B 417 -32.11 -27.87 -65.75
N ALA B 418 -32.97 -28.55 -64.99
CA ALA B 418 -34.41 -28.73 -65.31
C ALA B 418 -35.13 -27.38 -65.34
N THR B 419 -36.22 -27.28 -66.13
CA THR B 419 -37.17 -26.14 -66.15
C THR B 419 -37.80 -26.00 -64.76
N PRO B 420 -38.18 -24.77 -64.34
CA PRO B 420 -39.03 -24.60 -63.15
C PRO B 420 -40.22 -25.58 -63.14
N GLU B 421 -40.92 -25.69 -64.27
CA GLU B 421 -42.11 -26.58 -64.45
C GLU B 421 -41.72 -28.05 -64.30
N GLU B 422 -40.55 -28.45 -64.82
CA GLU B 422 -40.04 -29.85 -64.76
C GLU B 422 -39.75 -30.22 -63.30
N LYS B 423 -39.18 -29.28 -62.54
CA LYS B 423 -38.84 -29.45 -61.10
C LYS B 423 -40.12 -29.78 -60.33
N GLU B 424 -41.18 -29.00 -60.52
CA GLU B 424 -42.49 -29.17 -59.83
C GLU B 424 -43.09 -30.55 -60.17
N GLN B 425 -43.03 -30.99 -61.43
CA GLN B 425 -43.59 -32.31 -61.83
C GLN B 425 -42.76 -33.44 -61.20
N HIS B 426 -41.43 -33.28 -61.18
CA HIS B 426 -40.47 -34.26 -60.59
C HIS B 426 -40.72 -34.41 -59.09
N LYS B 427 -40.93 -33.29 -58.38
CA LYS B 427 -41.24 -33.30 -56.91
C LYS B 427 -42.54 -34.08 -56.71
N LYS B 428 -43.54 -33.87 -57.58
CA LYS B 428 -44.85 -34.59 -57.49
C LYS B 428 -44.63 -36.09 -57.72
N ASP B 429 -43.88 -36.47 -58.75
CA ASP B 429 -43.62 -37.90 -59.09
C ASP B 429 -42.86 -38.57 -57.94
N ARG B 430 -41.88 -37.88 -57.34
CA ARG B 430 -41.11 -38.43 -56.20
C ARG B 430 -42.05 -38.57 -55.00
N ALA B 431 -42.84 -37.54 -54.69
CA ALA B 431 -43.82 -37.57 -53.57
C ALA B 431 -44.70 -38.83 -53.73
N SER B 432 -45.23 -39.06 -54.93
CA SER B 432 -46.12 -40.20 -55.21
C SER B 432 -45.37 -41.53 -55.01
N ALA B 433 -44.14 -41.61 -55.51
CA ALA B 433 -43.30 -42.84 -55.42
C ALA B 433 -42.92 -43.11 -53.97
N LEU B 434 -42.79 -42.05 -53.18
CA LEU B 434 -42.41 -42.15 -51.73
C LEU B 434 -43.67 -42.27 -50.86
N THR B 435 -44.78 -42.71 -51.45
CA THR B 435 -46.06 -42.98 -50.74
C THR B 435 -46.43 -44.44 -51.00
N GLN B 436 -46.47 -45.26 -49.94
CA GLN B 436 -46.82 -46.70 -50.02
C GLN B 436 -48.14 -46.95 -49.29
N GLN B 437 -49.00 -47.78 -49.90
N GLN B 437 -48.98 -47.81 -49.87
CA GLN B 437 -50.27 -48.25 -49.32
CA GLN B 437 -50.29 -48.22 -49.31
C GLN B 437 -50.07 -49.68 -48.80
C GLN B 437 -50.21 -49.68 -48.86
N LEU B 438 -50.64 -49.96 -47.64
CA LEU B 438 -50.74 -51.32 -47.08
C LEU B 438 -52.20 -51.57 -46.70
N ASP B 439 -52.74 -52.70 -47.15
CA ASP B 439 -54.12 -53.15 -46.85
C ASP B 439 -54.06 -54.01 -45.59
N LEU B 440 -54.53 -53.50 -44.45
CA LEU B 440 -54.42 -54.20 -43.14
C LEU B 440 -55.79 -54.80 -42.74
N GLY B 441 -56.68 -55.00 -43.70
CA GLY B 441 -58.02 -55.57 -43.48
C GLY B 441 -59.08 -54.49 -43.46
N LEU B 442 -59.60 -54.14 -42.28
CA LEU B 442 -60.60 -53.06 -42.10
C LEU B 442 -59.91 -51.69 -42.20
N TRP B 443 -58.59 -51.66 -42.05
CA TRP B 443 -57.78 -50.41 -42.07
C TRP B 443 -56.65 -50.53 -43.09
N ASP B 444 -56.27 -49.40 -43.67
CA ASP B 444 -55.07 -49.26 -44.52
C ASP B 444 -54.08 -48.35 -43.78
N ALA B 445 -52.80 -48.56 -44.05
CA ALA B 445 -51.73 -47.62 -43.64
C ALA B 445 -51.12 -47.03 -44.91
N GLU B 446 -50.85 -45.74 -44.85
CA GLU B 446 -50.06 -45.01 -45.86
C GLU B 446 -48.73 -44.67 -45.23
N VAL B 447 -47.65 -45.14 -45.82
CA VAL B 447 -46.27 -44.85 -45.34
C VAL B 447 -45.64 -43.85 -46.31
N THR B 448 -45.09 -42.77 -45.75
CA THR B 448 -44.41 -41.72 -46.52
C THR B 448 -43.05 -41.44 -45.89
N TYR B 449 -42.14 -40.89 -46.67
CA TYR B 449 -40.72 -40.75 -46.27
C TYR B 449 -40.19 -39.35 -46.54
N GLY B 450 -39.60 -38.75 -45.51
CA GLY B 450 -38.84 -37.50 -45.64
C GLY B 450 -39.77 -36.31 -45.62
N ARG B 451 -40.39 -36.07 -44.48
CA ARG B 451 -41.29 -34.91 -44.33
C ARG B 451 -41.26 -34.50 -42.87
N PRO B 452 -41.70 -33.26 -42.54
CA PRO B 452 -41.80 -32.83 -41.16
C PRO B 452 -42.78 -33.71 -40.37
N MET B 453 -42.78 -33.51 -39.06
CA MET B 453 -43.57 -34.29 -38.09
C MET B 453 -44.90 -33.58 -37.83
N PHE B 454 -45.14 -32.49 -38.56
N PHE B 454 -45.13 -32.47 -38.55
CA PHE B 454 -46.29 -31.57 -38.36
CA PHE B 454 -46.30 -31.58 -38.40
C PHE B 454 -46.74 -31.10 -39.75
C PHE B 454 -46.72 -31.13 -39.79
N TRP B 455 -48.05 -30.96 -39.96
N TRP B 455 -48.03 -31.01 -40.02
CA TRP B 455 -48.64 -30.46 -41.23
CA TRP B 455 -48.67 -30.59 -41.29
C TRP B 455 -48.46 -31.51 -42.33
C TRP B 455 -48.40 -31.62 -42.39
N VAL B 456 -48.71 -31.17 -43.60
N VAL B 456 -48.70 -31.25 -43.64
CA VAL B 456 -48.86 -32.20 -44.68
CA VAL B 456 -48.90 -32.23 -44.75
C VAL B 456 -48.09 -31.84 -45.94
C VAL B 456 -48.07 -31.87 -45.98
N THR B 457 -46.97 -31.11 -45.83
CA THR B 457 -46.00 -30.89 -46.94
C THR B 457 -45.65 -32.26 -47.53
N PRO B 458 -45.72 -32.45 -48.87
CA PRO B 458 -45.51 -33.76 -49.45
C PRO B 458 -44.13 -34.32 -49.13
N PRO B 459 -44.00 -35.66 -49.08
CA PRO B 459 -42.70 -36.28 -48.81
C PRO B 459 -41.68 -36.04 -49.92
N GLU B 460 -40.41 -35.89 -49.51
CA GLU B 460 -39.26 -35.57 -50.39
C GLU B 460 -38.16 -36.62 -50.22
N GLY B 461 -38.37 -37.61 -49.35
CA GLY B 461 -37.38 -38.68 -49.11
C GLY B 461 -36.31 -38.26 -48.12
N ASN B 462 -35.69 -39.26 -47.51
CA ASN B 462 -34.50 -39.11 -46.66
C ASN B 462 -33.25 -39.07 -47.53
N THR B 463 -32.24 -38.32 -47.07
CA THR B 463 -30.91 -38.22 -47.71
C THR B 463 -29.90 -38.70 -46.69
N PRO B 464 -29.32 -39.92 -46.82
CA PRO B 464 -29.63 -40.86 -47.90
C PRO B 464 -30.95 -41.61 -47.65
N ALA B 465 -31.42 -42.35 -48.64
CA ALA B 465 -32.62 -43.21 -48.49
C ALA B 465 -32.38 -44.15 -47.30
N ALA B 466 -33.33 -44.27 -46.40
CA ALA B 466 -33.08 -45.01 -45.14
C ALA B 466 -34.35 -45.49 -44.43
N GLY B 467 -35.54 -45.02 -44.81
CA GLY B 467 -36.73 -45.21 -43.95
C GLY B 467 -37.37 -46.56 -44.12
N GLY B 468 -38.28 -46.89 -43.19
CA GLY B 468 -39.08 -48.10 -43.31
C GLY B 468 -40.09 -48.19 -42.20
N ALA B 469 -40.90 -49.23 -42.23
CA ALA B 469 -41.97 -49.42 -41.24
C ALA B 469 -42.27 -50.90 -41.10
N LEU B 470 -42.64 -51.29 -39.88
CA LEU B 470 -43.16 -52.64 -39.54
C LEU B 470 -44.55 -52.46 -38.97
N ILE B 471 -45.46 -53.35 -39.35
CA ILE B 471 -46.84 -53.37 -38.78
C ILE B 471 -47.20 -54.83 -38.52
N ALA B 472 -47.75 -55.12 -37.36
CA ALA B 472 -48.33 -56.44 -37.06
C ALA B 472 -49.79 -56.26 -36.61
N GLN B 473 -50.68 -57.12 -37.06
CA GLN B 473 -52.11 -57.03 -36.66
C GLN B 473 -52.29 -57.79 -35.35
N LEU B 474 -52.80 -57.13 -34.33
CA LEU B 474 -53.12 -57.73 -33.02
C LEU B 474 -54.59 -58.17 -32.97
N ASP B 475 -55.47 -57.44 -33.68
CA ASP B 475 -56.92 -57.69 -33.70
C ASP B 475 -57.48 -56.92 -34.89
N ASP B 476 -58.78 -57.06 -35.16
CA ASP B 476 -59.48 -56.40 -36.29
C ASP B 476 -59.12 -54.91 -36.37
N ASN B 477 -58.99 -54.24 -35.23
CA ASN B 477 -58.85 -52.76 -35.21
C ASN B 477 -57.58 -52.34 -34.47
N GLU B 478 -56.64 -53.24 -34.27
CA GLU B 478 -55.47 -52.95 -33.41
C GLU B 478 -54.19 -53.50 -34.05
N TYR B 479 -53.17 -52.65 -34.09
CA TYR B 479 -51.90 -52.92 -34.77
C TYR B 479 -50.73 -52.52 -33.88
N LEU B 480 -49.68 -53.31 -33.96
CA LEU B 480 -48.31 -52.98 -33.47
C LEU B 480 -47.59 -52.29 -34.62
N VAL B 481 -47.01 -51.12 -34.34
CA VAL B 481 -46.35 -50.28 -35.37
C VAL B 481 -45.02 -49.79 -34.81
N THR B 482 -43.99 -49.90 -35.63
CA THR B 482 -42.73 -49.20 -35.36
C THR B 482 -42.12 -48.84 -36.70
N ALA B 483 -41.53 -47.66 -36.81
CA ALA B 483 -41.03 -47.17 -38.09
C ALA B 483 -39.83 -46.27 -37.86
N TYR B 484 -39.24 -45.83 -38.95
CA TYR B 484 -37.88 -45.27 -38.96
C TYR B 484 -37.81 -44.25 -40.09
N LYS B 485 -37.61 -42.99 -39.74
CA LYS B 485 -37.49 -41.89 -40.72
C LYS B 485 -38.66 -41.96 -41.70
N ALA B 486 -39.87 -41.99 -41.16
CA ALA B 486 -41.11 -42.19 -41.93
C ALA B 486 -42.31 -41.71 -41.12
N ARG B 487 -43.38 -41.47 -41.85
CA ARG B 487 -44.74 -41.20 -41.33
C ARG B 487 -45.61 -42.39 -41.71
N VAL B 488 -46.42 -42.83 -40.76
CA VAL B 488 -47.42 -43.91 -40.93
C VAL B 488 -48.77 -43.31 -40.60
N GLU B 489 -49.71 -43.35 -41.54
CA GLU B 489 -51.09 -42.83 -41.35
C GLU B 489 -52.11 -43.93 -41.60
N PHE B 490 -53.08 -44.06 -40.71
CA PHE B 490 -54.17 -45.07 -40.79
C PHE B 490 -55.42 -44.41 -41.35
N LYS B 491 -56.18 -45.18 -42.15
CA LYS B 491 -57.47 -44.78 -42.75
C LYS B 491 -58.33 -46.03 -42.90
N PRO B 492 -59.66 -45.91 -43.03
CA PRO B 492 -60.51 -47.06 -43.32
C PRO B 492 -60.08 -47.68 -44.66
N SER B 493 -60.05 -49.02 -44.74
CA SER B 493 -59.75 -49.79 -45.97
C SER B 493 -60.96 -49.79 -46.92
N GLN B 494 -62.19 -49.72 -46.39
CA GLN B 494 -63.42 -49.69 -47.23
C GLN B 494 -64.26 -48.47 -46.88
N GLU B 495 -65.14 -48.09 -47.81
CA GLU B 495 -66.17 -47.03 -47.63
C GLU B 495 -66.95 -47.38 -46.37
N LEU B 496 -67.04 -46.42 -45.45
CA LEU B 496 -67.84 -46.55 -44.21
C LEU B 496 -69.24 -46.03 -44.50
N ALA B 497 -70.25 -46.79 -44.15
CA ALA B 497 -71.65 -46.57 -44.56
C ALA B 497 -72.26 -45.45 -43.70
N GLY B 498 -71.77 -44.23 -43.88
CA GLY B 498 -72.20 -43.03 -43.13
C GLY B 498 -71.48 -42.84 -41.81
N LYS B 499 -70.62 -43.80 -41.41
CA LYS B 499 -69.81 -43.69 -40.16
C LYS B 499 -68.64 -42.74 -40.39
N LYS B 500 -68.09 -42.21 -39.29
CA LYS B 500 -66.79 -41.51 -39.30
C LYS B 500 -65.75 -42.46 -38.70
N PHE B 501 -64.48 -42.08 -38.73
CA PHE B 501 -63.39 -42.87 -38.13
C PHE B 501 -62.43 -41.95 -37.40
N MET B 502 -61.75 -42.51 -36.42
CA MET B 502 -60.64 -41.84 -35.71
C MET B 502 -59.67 -42.89 -35.18
N ILE B 503 -58.48 -42.45 -34.82
CA ILE B 503 -57.63 -43.15 -33.84
C ILE B 503 -58.41 -43.22 -32.54
N GLU B 504 -58.60 -44.40 -31.99
CA GLU B 504 -59.19 -44.52 -30.64
C GLU B 504 -58.09 -44.25 -29.62
N ARG B 505 -56.94 -44.92 -29.77
N ARG B 505 -56.94 -44.90 -29.80
CA ARG B 505 -55.82 -44.81 -28.79
CA ARG B 505 -55.82 -44.86 -28.82
C ARG B 505 -54.52 -45.27 -29.46
C ARG B 505 -54.53 -45.26 -29.52
N VAL B 506 -53.47 -44.47 -29.30
CA VAL B 506 -52.08 -44.88 -29.61
C VAL B 506 -51.30 -44.92 -28.29
N GLU B 507 -50.68 -46.05 -27.97
CA GLU B 507 -49.82 -46.18 -26.78
C GLU B 507 -48.41 -46.49 -27.25
N GLU B 508 -47.43 -45.82 -26.66
CA GLU B 508 -46.01 -46.24 -26.75
C GLU B 508 -45.70 -47.10 -25.53
N GLY B 509 -45.00 -48.20 -25.75
CA GLY B 509 -44.67 -49.10 -24.64
C GLY B 509 -43.70 -50.18 -25.05
N ARG B 510 -43.72 -51.26 -24.28
CA ARG B 510 -42.79 -52.37 -24.48
C ARG B 510 -43.44 -53.64 -23.97
N PHE B 511 -42.86 -54.77 -24.33
CA PHE B 511 -43.28 -56.09 -23.80
C PHE B 511 -42.37 -56.46 -22.65
N GLU B 512 -42.97 -56.87 -21.53
CA GLU B 512 -42.23 -57.42 -20.38
C GLU B 512 -42.88 -58.74 -19.97
N LYS B 513 -42.13 -59.83 -19.99
CA LYS B 513 -42.65 -61.21 -19.75
C LYS B 513 -43.79 -61.48 -20.75
N GLY B 514 -43.66 -60.95 -21.97
CA GLY B 514 -44.70 -61.04 -23.03
C GLY B 514 -45.96 -60.24 -22.73
N LYS B 515 -45.95 -59.39 -21.69
CA LYS B 515 -47.09 -58.49 -21.35
C LYS B 515 -46.78 -57.07 -21.83
N TRP B 516 -47.74 -56.43 -22.50
CA TRP B 516 -47.65 -55.00 -22.89
C TRP B 516 -47.62 -54.12 -21.65
N VAL B 517 -46.63 -53.22 -21.61
CA VAL B 517 -46.51 -52.19 -20.55
C VAL B 517 -46.58 -50.84 -21.27
N MET B 518 -47.58 -50.02 -20.91
N MET B 518 -47.58 -50.01 -20.91
CA MET B 518 -47.75 -48.67 -21.50
CA MET B 518 -47.75 -48.67 -21.54
C MET B 518 -46.74 -47.73 -20.85
C MET B 518 -46.78 -47.69 -20.86
N GLU B 519 -46.05 -46.91 -21.67
CA GLU B 519 -45.17 -45.82 -21.18
C GLU B 519 -45.93 -44.49 -21.28
N ARG B 520 -46.53 -44.23 -22.44
CA ARG B 520 -47.32 -42.99 -22.61
C ARG B 520 -48.32 -43.19 -23.75
N VAL B 521 -49.28 -42.30 -23.81
CA VAL B 521 -50.26 -42.20 -24.92
C VAL B 521 -49.74 -41.15 -25.88
N TRP B 522 -49.61 -41.50 -27.16
CA TRP B 522 -49.45 -40.49 -28.24
C TRP B 522 -50.80 -39.90 -28.57
N ASN B 523 -50.86 -38.58 -28.57
CA ASN B 523 -52.10 -37.85 -28.88
C ASN B 523 -51.73 -36.44 -29.37
N GLY B 524 -52.73 -35.65 -29.70
CA GLY B 524 -52.50 -34.26 -30.13
C GLY B 524 -51.57 -34.21 -31.32
N ASP B 525 -50.56 -33.35 -31.26
CA ASP B 525 -49.57 -33.17 -32.36
C ASP B 525 -49.00 -34.53 -32.78
N GLN B 526 -48.81 -35.47 -31.84
CA GLN B 526 -48.12 -36.74 -32.16
C GLN B 526 -49.05 -37.65 -32.99
N THR B 527 -50.36 -37.39 -33.10
CA THR B 527 -51.26 -38.23 -33.95
C THR B 527 -52.06 -37.43 -34.99
N ASP B 528 -51.99 -36.10 -34.98
CA ASP B 528 -52.77 -35.27 -35.90
C ASP B 528 -52.28 -35.43 -37.35
N TRP B 529 -50.99 -35.69 -37.51
CA TRP B 529 -50.26 -35.61 -38.80
C TRP B 529 -49.60 -36.97 -39.05
N GLY B 530 -50.37 -38.03 -38.83
CA GLY B 530 -49.85 -39.38 -38.87
C GLY B 530 -48.98 -39.67 -37.66
N LEU B 531 -48.30 -40.81 -37.72
CA LEU B 531 -47.34 -41.26 -36.69
C LEU B 531 -45.94 -41.08 -37.26
N ASN B 532 -45.22 -40.14 -36.68
CA ASN B 532 -43.94 -39.65 -37.23
C ASN B 532 -42.76 -40.19 -36.43
N PHE B 533 -41.88 -40.89 -37.13
CA PHE B 533 -40.70 -41.57 -36.57
C PHE B 533 -39.44 -40.94 -37.15
N THR B 534 -38.42 -40.84 -36.30
CA THR B 534 -37.08 -40.35 -36.68
C THR B 534 -36.15 -41.56 -36.65
N ASP B 535 -35.01 -41.42 -36.03
CA ASP B 535 -33.99 -42.49 -35.92
C ASP B 535 -34.15 -43.22 -34.59
N ARG B 536 -34.98 -42.72 -33.68
CA ARG B 536 -35.07 -43.32 -32.32
C ARG B 536 -36.17 -44.36 -32.32
N PRO B 537 -36.05 -45.40 -31.46
CA PRO B 537 -37.04 -46.47 -31.41
C PRO B 537 -38.25 -46.10 -30.58
N HIS B 538 -39.43 -46.34 -31.15
CA HIS B 538 -40.76 -46.26 -30.48
C HIS B 538 -41.61 -47.42 -30.99
N LEU B 539 -42.13 -48.22 -30.06
CA LEU B 539 -43.08 -49.29 -30.36
C LEU B 539 -44.47 -48.86 -29.94
N LEU B 540 -45.38 -48.79 -30.91
CA LEU B 540 -46.74 -48.28 -30.67
C LEU B 540 -47.78 -49.39 -30.82
N ARG B 541 -48.82 -49.33 -30.01
N ARG B 541 -48.83 -49.32 -30.00
CA ARG B 541 -50.07 -50.09 -30.22
CA ARG B 541 -50.09 -50.08 -30.15
C ARG B 541 -51.14 -49.08 -30.64
C ARG B 541 -51.16 -49.09 -30.62
N VAL B 542 -51.67 -49.27 -31.83
CA VAL B 542 -52.64 -48.35 -32.49
C VAL B 542 -53.99 -49.05 -32.57
N LYS B 543 -55.00 -48.47 -31.91
CA LYS B 543 -56.40 -48.94 -31.95
C LYS B 543 -57.20 -47.90 -32.75
N MET B 544 -57.81 -48.34 -33.85
CA MET B 544 -58.64 -47.49 -34.73
C MET B 544 -60.10 -47.75 -34.39
N ALA B 545 -60.98 -46.78 -34.63
CA ALA B 545 -62.44 -46.96 -34.45
C ALA B 545 -63.21 -46.24 -35.54
N SER B 546 -64.23 -46.93 -36.07
CA SER B 546 -65.34 -46.31 -36.81
C SER B 546 -66.45 -46.02 -35.79
N TYR B 547 -67.13 -44.90 -35.96
CA TYR B 547 -68.19 -44.47 -35.03
C TYR B 547 -69.34 -43.85 -35.82
N SER B 548 -70.54 -44.02 -35.28
CA SER B 548 -71.80 -43.49 -35.87
C SER B 548 -71.91 -42.01 -35.53
N VAL B 549 -72.46 -41.23 -36.47
CA VAL B 549 -72.83 -39.80 -36.26
C VAL B 549 -74.31 -39.60 -36.60
N GLN B 550 -75.10 -40.69 -36.61
CA GLN B 550 -76.59 -40.65 -36.72
C GLN B 550 -76.99 -40.01 -38.06
N ALA C 11 13.55 -0.99 4.64
CA ALA C 11 12.38 -0.94 3.72
C ALA C 11 12.86 -0.92 2.26
N ALA C 12 12.01 -1.38 1.35
CA ALA C 12 12.31 -1.34 -0.09
C ALA C 12 12.46 0.11 -0.53
N PRO C 13 13.40 0.42 -1.44
CA PRO C 13 13.51 1.78 -1.97
C PRO C 13 12.26 2.10 -2.79
N LEU C 14 11.87 3.37 -2.81
CA LEU C 14 10.76 3.84 -3.65
C LEU C 14 11.09 3.52 -5.10
N PRO C 15 10.07 3.15 -5.90
CA PRO C 15 10.23 3.21 -7.35
C PRO C 15 10.63 4.64 -7.76
N GLU C 16 11.40 4.76 -8.84
CA GLU C 16 11.82 6.08 -9.37
C GLU C 16 12.17 5.94 -10.84
N LEU C 17 11.87 6.97 -11.61
CA LEU C 17 12.32 7.06 -13.01
C LEU C 17 13.67 7.77 -13.04
N LEU C 18 14.71 7.06 -13.49
CA LEU C 18 16.07 7.62 -13.69
C LEU C 18 16.21 8.01 -15.16
N SER C 19 16.84 9.16 -15.40
CA SER C 19 17.21 9.63 -16.77
C SER C 19 18.66 10.11 -16.73
N ASN C 20 19.50 9.57 -17.60
CA ASN C 20 20.96 9.89 -17.65
C ASN C 20 21.49 9.49 -19.01
N ASN C 21 22.26 10.37 -19.65
CA ASN C 21 22.91 10.14 -20.97
C ASN C 21 21.84 9.84 -22.02
N GLY C 22 20.70 10.54 -21.96
CA GLY C 22 19.60 10.43 -22.93
C GLY C 22 18.85 9.11 -22.85
N LYS C 23 19.11 8.29 -21.82
CA LYS C 23 18.45 6.99 -21.60
C LYS C 23 17.67 7.04 -20.27
N HIS C 24 16.83 6.04 -20.04
CA HIS C 24 15.83 6.04 -18.94
C HIS C 24 15.67 4.64 -18.38
N ALA C 25 15.40 4.56 -17.07
CA ALA C 25 15.03 3.30 -16.38
C ALA C 25 13.94 3.60 -15.37
N LEU C 26 12.93 2.74 -15.31
CA LEU C 26 12.00 2.68 -14.17
C LEU C 26 12.65 1.76 -13.13
N MET C 27 13.11 2.32 -12.02
CA MET C 27 13.70 1.54 -10.92
C MET C 27 12.55 1.02 -10.08
N VAL C 28 12.53 -0.28 -9.85
CA VAL C 28 11.57 -0.93 -8.91
C VAL C 28 12.40 -1.85 -8.00
N ASP C 29 12.31 -1.63 -6.69
CA ASP C 29 13.09 -2.42 -5.71
C ASP C 29 14.59 -2.28 -6.06
N GLY C 30 15.00 -1.09 -6.51
CA GLY C 30 16.42 -0.69 -6.58
C GLY C 30 17.11 -1.18 -7.85
N ALA C 31 16.35 -1.62 -8.85
CA ALA C 31 16.94 -2.07 -10.13
C ALA C 31 15.98 -1.75 -11.27
N PRO C 32 16.48 -1.56 -12.51
CA PRO C 32 15.59 -1.36 -13.66
C PRO C 32 14.54 -2.47 -13.79
N TYR C 33 13.37 -2.06 -14.27
CA TYR C 33 12.15 -2.89 -14.38
C TYR C 33 11.44 -2.55 -15.68
N ILE C 34 10.89 -3.57 -16.33
CA ILE C 34 10.02 -3.42 -17.53
C ILE C 34 8.60 -3.76 -17.13
N ILE C 35 7.67 -2.84 -17.36
CA ILE C 35 6.21 -3.11 -17.25
C ILE C 35 5.81 -3.94 -18.47
N LEU C 36 5.61 -5.23 -18.25
CA LEU C 36 4.87 -6.09 -19.20
C LEU C 36 3.43 -6.08 -18.71
N GLY C 37 2.68 -5.12 -19.20
CA GLY C 37 1.47 -4.68 -18.53
C GLY C 37 0.21 -5.27 -19.10
N SER C 38 -0.87 -5.06 -18.38
N SER C 38 -0.87 -4.99 -18.38
CA SER C 38 -2.25 -5.20 -18.90
CA SER C 38 -2.27 -5.27 -18.74
C SER C 38 -3.08 -4.12 -18.21
C SER C 38 -3.10 -4.11 -18.18
N GLN C 39 -3.98 -3.51 -18.96
CA GLN C 39 -4.93 -2.54 -18.38
C GLN C 39 -6.34 -3.12 -18.48
N THR C 40 -7.10 -2.96 -17.40
CA THR C 40 -8.52 -3.36 -17.35
C THR C 40 -9.35 -2.48 -18.29
N ASN C 41 -10.55 -2.94 -18.58
CA ASN C 41 -11.61 -2.07 -19.13
C ASN C 41 -11.94 -1.00 -18.06
N ASN C 42 -12.67 0.01 -18.47
CA ASN C 42 -12.88 1.26 -17.68
C ASN C 42 -13.84 1.05 -16.49
N SER C 43 -14.56 -0.05 -16.42
CA SER C 43 -15.61 -0.27 -15.39
C SER C 43 -15.26 -1.50 -14.55
N SER C 44 -13.97 -1.82 -14.40
CA SER C 44 -13.49 -3.01 -13.65
C SER C 44 -12.91 -2.60 -12.29
N ASN C 45 -13.04 -1.33 -11.92
CA ASN C 45 -12.38 -0.75 -10.73
C ASN C 45 -13.25 -0.99 -9.48
N TYR C 46 -13.81 -2.19 -9.32
CA TYR C 46 -14.65 -2.55 -8.15
C TYR C 46 -14.29 -3.95 -7.68
N PRO C 47 -14.39 -4.24 -6.37
CA PRO C 47 -14.02 -5.54 -5.85
C PRO C 47 -14.64 -6.71 -6.62
N ASP C 48 -15.91 -6.59 -6.97
CA ASP C 48 -16.67 -7.69 -7.62
C ASP C 48 -16.13 -7.95 -9.04
N ALA C 49 -15.52 -6.96 -9.68
CA ALA C 49 -15.01 -7.12 -11.06
C ALA C 49 -13.65 -7.84 -11.09
N LEU C 50 -12.90 -7.88 -9.98
CA LEU C 50 -11.48 -8.31 -10.05
C LEU C 50 -11.41 -9.80 -10.44
N LYS C 51 -12.42 -10.60 -10.14
CA LYS C 51 -12.46 -12.05 -10.49
C LYS C 51 -12.42 -12.20 -12.01
N ASP C 52 -12.86 -11.16 -12.75
CA ASP C 52 -12.89 -11.15 -14.24
C ASP C 52 -11.63 -10.50 -14.81
N VAL C 53 -10.69 -10.06 -13.95
CA VAL C 53 -9.43 -9.39 -14.37
C VAL C 53 -8.27 -10.38 -14.20
N TRP C 54 -8.13 -10.99 -13.03
CA TRP C 54 -6.89 -11.74 -12.71
C TRP C 54 -6.67 -12.90 -13.69
N PRO C 55 -7.69 -13.69 -14.10
CA PRO C 55 -7.41 -14.80 -15.01
C PRO C 55 -6.76 -14.35 -16.33
N SER C 56 -7.22 -13.24 -16.89
CA SER C 56 -6.63 -12.68 -18.13
C SER C 56 -5.17 -12.30 -17.84
N MET C 57 -4.91 -11.67 -16.69
CA MET C 57 -3.54 -11.23 -16.37
C MET C 57 -2.61 -12.45 -16.29
N GLU C 58 -3.07 -13.54 -15.67
N GLU C 58 -3.09 -13.54 -15.70
CA GLU C 58 -2.30 -14.81 -15.56
CA GLU C 58 -2.33 -14.81 -15.55
C GLU C 58 -2.06 -15.39 -16.96
C GLU C 58 -2.07 -15.40 -16.94
N LYS C 59 -3.10 -15.45 -17.79
CA LYS C 59 -2.97 -16.02 -19.15
C LYS C 59 -1.98 -15.18 -19.95
N MET C 60 -1.96 -13.86 -19.72
CA MET C 60 -1.08 -12.95 -20.48
C MET C 60 0.37 -13.07 -19.98
N GLY C 61 0.58 -13.44 -18.70
CA GLY C 61 1.92 -13.41 -18.09
C GLY C 61 2.38 -11.98 -17.83
N ALA C 62 1.43 -11.07 -17.62
CA ALA C 62 1.76 -9.66 -17.32
C ALA C 62 2.35 -9.58 -15.90
N ASN C 63 3.24 -8.62 -15.67
CA ASN C 63 3.86 -8.41 -14.33
C ASN C 63 3.25 -7.20 -13.63
N THR C 64 2.44 -6.41 -14.33
CA THR C 64 1.92 -5.13 -13.78
C THR C 64 0.51 -4.89 -14.31
N LEU C 65 -0.43 -4.60 -13.42
CA LEU C 65 -1.83 -4.29 -13.78
C LEU C 65 -2.05 -2.79 -13.65
N SER C 66 -2.49 -2.17 -14.74
CA SER C 66 -3.02 -0.79 -14.76
C SER C 66 -4.54 -0.84 -14.56
N ILE C 67 -5.05 -0.12 -13.56
CA ILE C 67 -6.49 -0.17 -13.20
C ILE C 67 -6.90 1.19 -12.67
N PRO C 68 -8.13 1.68 -12.98
CA PRO C 68 -8.57 2.96 -12.48
C PRO C 68 -8.77 2.95 -10.96
N VAL C 69 -8.52 4.12 -10.36
CA VAL C 69 -9.12 4.50 -9.06
C VAL C 69 -9.81 5.84 -9.32
N ALA C 70 -11.13 5.87 -9.16
CA ALA C 70 -12.00 6.97 -9.58
C ALA C 70 -12.21 7.92 -8.40
N TRP C 71 -12.13 9.22 -8.68
CA TRP C 71 -12.49 10.22 -7.66
C TRP C 71 -13.91 9.93 -7.14
N GLU C 72 -14.85 9.57 -8.03
CA GLU C 72 -16.26 9.31 -7.59
C GLU C 72 -16.30 8.16 -6.57
N GLN C 73 -15.39 7.19 -6.64
CA GLN C 73 -15.48 6.03 -5.71
C GLN C 73 -14.73 6.32 -4.40
N ILE C 74 -13.69 7.15 -4.40
CA ILE C 74 -12.95 7.39 -3.12
C ILE C 74 -13.56 8.57 -2.35
N GLU C 75 -14.31 9.46 -3.01
CA GLU C 75 -14.89 10.64 -2.32
C GLU C 75 -16.32 10.85 -2.83
N PRO C 76 -17.24 9.87 -2.64
CA PRO C 76 -18.59 9.93 -3.23
C PRO C 76 -19.44 11.07 -2.67
N VAL C 77 -19.16 11.45 -1.42
CA VAL C 77 -19.74 12.61 -0.72
C VAL C 77 -18.56 13.42 -0.23
N GLU C 78 -18.61 14.74 -0.34
CA GLU C 78 -17.40 15.57 -0.09
C GLU C 78 -16.92 15.32 1.34
N GLY C 79 -15.62 15.02 1.48
CA GLY C 79 -14.95 14.83 2.78
C GLY C 79 -15.15 13.44 3.35
N GLN C 80 -15.87 12.54 2.65
CA GLN C 80 -16.20 11.18 3.14
C GLN C 80 -15.42 10.19 2.28
N PHE C 81 -14.20 9.85 2.68
CA PHE C 81 -13.29 9.04 1.84
C PHE C 81 -13.56 7.55 2.05
N ASP C 82 -13.40 6.79 0.96
CA ASP C 82 -13.69 5.35 0.90
C ASP C 82 -12.58 4.68 0.09
N PHE C 83 -11.69 3.94 0.75
CA PHE C 83 -10.54 3.25 0.11
C PHE C 83 -10.76 1.75 0.10
N SER C 84 -12.01 1.30 0.28
CA SER C 84 -12.38 -0.15 0.32
C SER C 84 -11.91 -0.86 -0.95
N PHE C 85 -12.02 -0.22 -2.11
CA PHE C 85 -11.56 -0.85 -3.37
C PHE C 85 -10.03 -0.99 -3.38
N VAL C 86 -9.32 0.09 -3.05
CA VAL C 86 -7.83 0.08 -3.04
C VAL C 86 -7.33 -1.03 -2.10
N ASP C 87 -7.95 -1.19 -0.93
CA ASP C 87 -7.56 -2.21 0.07
C ASP C 87 -7.61 -3.61 -0.59
N VAL C 88 -8.76 -3.95 -1.18
CA VAL C 88 -9.00 -5.27 -1.83
C VAL C 88 -7.99 -5.44 -2.96
N LEU C 89 -7.85 -4.43 -3.80
CA LEU C 89 -6.91 -4.48 -4.94
C LEU C 89 -5.48 -4.78 -4.45
N LEU C 90 -4.97 -4.03 -3.46
CA LEU C 90 -3.60 -4.23 -2.96
C LEU C 90 -3.44 -5.68 -2.52
N LYS C 91 -4.40 -6.19 -1.74
CA LYS C 91 -4.29 -7.53 -1.12
C LYS C 91 -4.32 -8.58 -2.23
N GLU C 92 -5.19 -8.43 -3.22
CA GLU C 92 -5.31 -9.44 -4.31
C GLU C 92 -4.07 -9.37 -5.23
N ALA C 93 -3.52 -8.18 -5.47
CA ALA C 93 -2.30 -8.04 -6.29
C ALA C 93 -1.14 -8.73 -5.60
N ARG C 94 -0.99 -8.53 -4.28
CA ARG C 94 0.13 -9.15 -3.53
C ARG C 94 0.02 -10.68 -3.55
N GLN C 95 -1.20 -11.23 -3.39
CA GLN C 95 -1.41 -12.70 -3.41
C GLN C 95 -0.86 -13.26 -4.72
N ARG C 96 -0.97 -12.50 -5.80
CA ARG C 96 -0.57 -12.93 -7.16
C ARG C 96 0.84 -12.45 -7.52
N LYS C 97 1.50 -11.74 -6.61
CA LYS C 97 2.91 -11.29 -6.77
C LYS C 97 3.00 -10.50 -8.08
N VAL C 98 2.08 -9.54 -8.26
CA VAL C 98 2.13 -8.57 -9.39
C VAL C 98 2.12 -7.17 -8.82
N ARG C 99 2.54 -6.22 -9.64
CA ARG C 99 2.59 -4.79 -9.26
C ARG C 99 1.43 -4.06 -9.94
N LEU C 100 1.22 -2.83 -9.50
CA LEU C 100 0.06 -2.03 -9.89
C LEU C 100 0.50 -0.66 -10.39
N VAL C 101 -0.22 -0.18 -11.40
CA VAL C 101 -0.23 1.24 -11.77
C VAL C 101 -1.66 1.72 -11.56
N LEU C 102 -1.86 2.69 -10.67
CA LEU C 102 -3.21 3.23 -10.45
C LEU C 102 -3.43 4.40 -11.42
N LEU C 103 -4.64 4.45 -11.98
CA LEU C 103 -5.03 5.47 -12.96
C LEU C 103 -6.03 6.41 -12.28
N TRP C 104 -5.56 7.60 -11.89
CA TRP C 104 -6.41 8.58 -11.17
C TRP C 104 -7.37 9.23 -12.16
N PHE C 105 -8.61 8.78 -12.17
CA PHE C 105 -9.69 9.27 -13.04
C PHE C 105 -10.43 10.35 -12.25
N ALA C 106 -10.24 11.61 -12.61
CA ALA C 106 -10.65 12.74 -11.75
C ALA C 106 -11.13 13.91 -12.62
N THR C 107 -10.43 15.05 -12.63
CA THR C 107 -10.89 16.24 -13.40
C THR C 107 -11.10 15.88 -14.87
N TRP C 108 -10.17 15.13 -15.47
CA TRP C 108 -10.34 14.65 -16.86
C TRP C 108 -10.25 13.13 -16.87
N LYS C 109 -11.21 12.55 -17.58
CA LYS C 109 -11.10 11.19 -18.15
C LYS C 109 -11.62 11.30 -19.58
N ASN C 110 -10.71 11.20 -20.56
CA ASN C 110 -11.07 11.37 -21.99
C ASN C 110 -11.79 12.71 -22.14
N ASN C 111 -11.18 13.76 -21.60
CA ASN C 111 -11.58 15.18 -21.76
C ASN C 111 -12.73 15.56 -20.81
N ALA C 112 -13.33 14.63 -20.09
CA ALA C 112 -14.64 14.81 -19.45
C ALA C 112 -14.60 14.47 -17.96
N PRO C 113 -15.54 15.03 -17.18
CA PRO C 113 -15.57 14.80 -15.72
C PRO C 113 -16.48 13.66 -15.23
N HIS C 114 -16.73 12.66 -16.07
CA HIS C 114 -17.70 11.58 -15.74
C HIS C 114 -17.28 10.79 -14.50
N TYR C 115 -15.99 10.72 -14.18
CA TYR C 115 -15.49 9.96 -13.00
C TYR C 115 -15.26 10.88 -11.81
N ALA C 116 -15.53 12.17 -11.94
CA ALA C 116 -15.54 13.05 -10.76
C ALA C 116 -16.85 12.75 -10.03
N PRO C 117 -16.90 12.95 -8.69
CA PRO C 117 -18.14 12.72 -7.93
C PRO C 117 -19.31 13.60 -8.44
N ALA C 118 -20.53 13.18 -8.16
CA ALA C 118 -21.75 13.91 -8.55
C ALA C 118 -21.67 15.35 -8.02
N TRP C 119 -21.17 15.56 -6.81
CA TRP C 119 -21.13 16.92 -6.19
C TRP C 119 -20.10 17.80 -6.90
N VAL C 120 -19.22 17.22 -7.71
CA VAL C 120 -18.31 17.98 -8.60
C VAL C 120 -18.98 18.16 -9.96
N LYS C 121 -19.29 17.05 -10.65
CA LYS C 121 -19.62 17.13 -12.10
C LYS C 121 -21.00 17.76 -12.31
N LEU C 122 -21.84 17.81 -11.29
CA LEU C 122 -23.17 18.45 -11.44
C LEU C 122 -23.18 19.87 -10.87
N ASP C 123 -22.02 20.44 -10.49
CA ASP C 123 -21.97 21.83 -9.93
C ASP C 123 -21.04 22.70 -10.78
N ASN C 124 -21.54 23.19 -11.90
CA ASN C 124 -20.73 23.94 -12.89
C ASN C 124 -20.32 25.29 -12.30
N ALA C 125 -21.14 25.89 -11.44
CA ALA C 125 -20.81 27.22 -10.90
C ALA C 125 -19.54 27.10 -10.06
N ARG C 126 -19.44 26.03 -9.26
CA ARG C 126 -18.27 25.79 -8.39
C ARG C 126 -17.10 25.23 -9.23
N PHE C 127 -17.40 24.36 -10.18
CA PHE C 127 -16.40 23.59 -10.95
C PHE C 127 -16.67 23.78 -12.43
N PRO C 128 -16.19 24.90 -13.00
CA PRO C 128 -16.68 25.33 -14.32
C PRO C 128 -16.09 24.60 -15.53
N ARG C 129 -16.93 24.46 -16.54
CA ARG C 129 -16.64 23.85 -17.85
C ARG C 129 -16.00 24.86 -18.80
N VAL C 130 -15.21 24.36 -19.73
CA VAL C 130 -14.75 25.08 -20.95
C VAL C 130 -15.95 25.73 -21.62
N VAL C 131 -15.79 27.02 -21.97
CA VAL C 131 -16.79 27.78 -22.77
C VAL C 131 -16.19 28.00 -24.16
N LYS C 132 -16.97 27.66 -25.18
CA LYS C 132 -16.59 27.85 -26.61
C LYS C 132 -16.63 29.33 -26.96
N GLU C 133 -15.84 29.72 -27.96
CA GLU C 133 -15.78 31.10 -28.53
C GLU C 133 -17.20 31.59 -28.75
N ASP C 134 -18.13 30.69 -29.13
CA ASP C 134 -19.53 31.07 -29.48
C ASP C 134 -20.42 31.14 -28.22
N GLY C 135 -19.88 30.87 -27.01
CA GLY C 135 -20.60 31.01 -25.74
C GLY C 135 -21.22 29.70 -25.28
N ASP C 136 -21.28 28.67 -26.14
CA ASP C 136 -21.77 27.31 -25.76
C ASP C 136 -20.76 26.65 -24.80
N THR C 137 -21.25 25.70 -24.00
CA THR C 137 -20.47 25.00 -22.95
C THR C 137 -20.20 23.56 -23.38
N LEU C 138 -18.97 23.11 -23.19
CA LEU C 138 -18.56 21.71 -23.45
C LEU C 138 -18.44 20.96 -22.12
N ASN C 139 -18.65 19.65 -22.14
CA ASN C 139 -18.53 18.85 -20.89
C ASN C 139 -17.05 18.49 -20.69
N SER C 140 -16.23 19.50 -20.42
CA SER C 140 -14.76 19.39 -20.20
C SER C 140 -14.42 20.46 -19.17
N LEU C 141 -13.89 20.08 -18.02
CA LEU C 141 -13.66 21.07 -16.93
C LEU C 141 -12.50 21.99 -17.30
N SER C 142 -12.65 23.30 -17.07
CA SER C 142 -11.58 24.27 -17.39
C SER C 142 -10.39 24.05 -16.45
N PRO C 143 -9.13 24.07 -16.96
CA PRO C 143 -7.92 23.99 -16.14
C PRO C 143 -7.73 25.27 -15.31
N LEU C 144 -8.54 26.28 -15.58
CA LEU C 144 -8.46 27.55 -14.82
C LEU C 144 -9.46 27.59 -13.67
N GLY C 145 -10.26 26.55 -13.45
CA GLY C 145 -11.17 26.46 -12.29
C GLY C 145 -10.38 26.19 -11.01
N GLN C 146 -10.23 27.19 -10.15
CA GLN C 146 -9.35 27.08 -8.96
C GLN C 146 -9.97 26.11 -7.94
N ASN C 147 -11.29 26.07 -7.83
CA ASN C 147 -12.00 25.19 -6.86
C ASN C 147 -11.81 23.74 -7.32
N THR C 148 -11.84 23.52 -8.62
CA THR C 148 -11.69 22.16 -9.21
C THR C 148 -10.29 21.65 -8.86
N LEU C 149 -9.26 22.46 -9.06
CA LEU C 149 -7.84 22.07 -8.78
C LEU C 149 -7.72 21.74 -7.29
N ALA C 150 -8.24 22.60 -6.42
CA ALA C 150 -8.13 22.39 -4.95
C ALA C 150 -8.79 21.06 -4.57
N ALA C 151 -9.95 20.77 -5.14
CA ALA C 151 -10.76 19.58 -4.77
C ALA C 151 -10.09 18.30 -5.31
N ASP C 152 -9.57 18.33 -6.55
CA ASP C 152 -8.87 17.17 -7.15
C ASP C 152 -7.63 16.88 -6.28
N LYS C 153 -6.81 17.92 -6.07
CA LYS C 153 -5.59 17.84 -5.24
C LYS C 153 -5.94 17.22 -3.89
N LYS C 154 -7.00 17.68 -3.23
CA LYS C 154 -7.34 17.21 -1.87
C LYS C 154 -7.61 15.71 -1.91
N ALA C 155 -8.39 15.24 -2.88
CA ALA C 155 -8.75 13.79 -2.98
C ALA C 155 -7.51 12.96 -3.36
N PHE C 156 -6.70 13.48 -4.28
CA PHE C 156 -5.47 12.79 -4.73
C PHE C 156 -4.49 12.65 -3.57
N VAL C 157 -4.36 13.69 -2.75
CA VAL C 157 -3.55 13.64 -1.50
C VAL C 157 -4.09 12.53 -0.60
N GLU C 158 -5.40 12.37 -0.46
CA GLU C 158 -5.95 11.29 0.43
C GLU C 158 -5.59 9.92 -0.16
N LEU C 159 -5.65 9.77 -1.47
CA LEU C 159 -5.25 8.49 -2.11
C LEU C 159 -3.76 8.22 -1.79
N MET C 160 -2.91 9.22 -1.97
CA MET C 160 -1.46 9.04 -1.73
C MET C 160 -1.21 8.79 -0.24
N LYS C 161 -1.98 9.40 0.66
CA LYS C 161 -1.88 9.08 2.10
C LYS C 161 -2.23 7.61 2.36
N TYR C 162 -3.25 7.09 1.66
CA TYR C 162 -3.64 5.67 1.83
C TYR C 162 -2.44 4.80 1.43
N LEU C 163 -1.78 5.09 0.31
CA LEU C 163 -0.62 4.28 -0.15
C LEU C 163 0.56 4.46 0.82
N ALA C 164 0.78 5.68 1.33
CA ALA C 164 1.87 5.93 2.30
C ALA C 164 1.68 5.02 3.53
N LYS C 165 0.44 4.89 4.01
CA LYS C 165 0.09 4.20 5.28
C LYS C 165 -0.07 2.68 5.09
N ARG C 166 -0.47 2.22 3.89
N ARG C 166 -0.45 2.24 3.88
CA ARG C 166 -0.92 0.82 3.69
CA ARG C 166 -0.92 0.83 3.67
C ARG C 166 -0.14 0.11 2.56
C ARG C 166 -0.16 0.11 2.54
N ASP C 167 0.85 0.75 1.92
CA ASP C 167 1.60 0.12 0.79
C ASP C 167 3.11 0.37 0.94
N LYS C 168 3.66 -0.03 2.08
CA LYS C 168 5.08 0.21 2.48
C LYS C 168 6.04 -0.51 1.53
N ASP C 169 5.63 -1.59 0.84
CA ASP C 169 6.52 -2.37 -0.07
C ASP C 169 6.27 -1.97 -1.52
N HIS C 170 5.44 -0.96 -1.74
CA HIS C 170 5.24 -0.32 -3.07
C HIS C 170 4.69 -1.37 -4.06
N THR C 171 3.62 -2.06 -3.69
CA THR C 171 2.82 -2.87 -4.65
C THR C 171 2.43 -1.96 -5.82
N VAL C 172 1.99 -0.74 -5.51
CA VAL C 172 1.78 0.34 -6.51
C VAL C 172 3.13 0.98 -6.79
N ILE C 173 3.57 0.92 -8.05
CA ILE C 173 4.91 1.40 -8.49
C ILE C 173 4.80 2.75 -9.20
N MET C 174 3.61 3.17 -9.63
CA MET C 174 3.48 4.39 -10.46
C MET C 174 2.00 4.79 -10.48
N VAL C 175 1.74 6.07 -10.63
CA VAL C 175 0.35 6.59 -10.68
C VAL C 175 0.22 7.49 -11.91
N GLN C 176 -0.85 7.26 -12.65
CA GLN C 176 -1.25 8.09 -13.79
C GLN C 176 -2.16 9.18 -13.25
N VAL C 177 -1.81 10.43 -13.50
CA VAL C 177 -2.57 11.60 -13.01
C VAL C 177 -3.53 12.02 -14.11
N GLN C 178 -4.83 11.82 -13.90
CA GLN C 178 -5.90 12.05 -14.88
C GLN C 178 -5.80 10.96 -15.96
N ASN C 179 -6.70 11.04 -16.93
CA ASN C 179 -6.66 10.12 -18.09
C ASN C 179 -7.06 10.91 -19.35
N GLU C 180 -6.15 10.96 -20.32
CA GLU C 180 -6.40 11.61 -21.63
C GLU C 180 -7.06 12.97 -21.41
N VAL C 181 -6.28 13.86 -20.82
CA VAL C 181 -6.72 15.25 -20.56
C VAL C 181 -6.95 15.94 -21.90
N GLY C 182 -7.68 17.04 -21.84
CA GLY C 182 -7.86 17.94 -22.97
C GLY C 182 -9.32 18.24 -23.19
N THR C 183 -9.62 18.75 -24.38
CA THR C 183 -10.98 19.10 -24.78
C THR C 183 -11.24 18.71 -26.23
N TYR C 184 -12.35 18.01 -26.43
CA TYR C 184 -12.98 17.79 -27.75
C TYR C 184 -13.99 18.90 -27.98
N GLY C 185 -13.93 19.51 -29.16
CA GLY C 185 -14.96 20.44 -29.67
C GLY C 185 -14.56 21.90 -29.51
N ALA C 186 -13.39 22.18 -28.92
CA ALA C 186 -12.83 23.54 -28.79
C ALA C 186 -11.33 23.42 -28.52
N VAL C 187 -10.58 24.48 -28.79
CA VAL C 187 -9.11 24.47 -28.66
C VAL C 187 -8.75 24.77 -27.20
N ARG C 188 -9.52 25.64 -26.54
CA ARG C 188 -9.23 26.06 -25.14
C ARG C 188 -10.51 26.55 -24.49
N ASP C 189 -10.42 26.97 -23.23
CA ASP C 189 -11.49 27.71 -22.53
C ASP C 189 -11.46 29.15 -23.07
N TYR C 190 -12.60 29.64 -23.56
CA TYR C 190 -12.80 31.05 -23.97
C TYR C 190 -13.70 31.77 -22.96
N SER C 191 -13.90 31.21 -21.76
CA SER C 191 -14.66 31.87 -20.66
C SER C 191 -14.01 33.21 -20.35
N PRO C 192 -14.75 34.18 -19.76
CA PRO C 192 -14.15 35.44 -19.35
C PRO C 192 -12.94 35.24 -18.42
N MET C 193 -13.04 34.25 -17.52
CA MET C 193 -11.94 33.88 -16.58
C MET C 193 -10.71 33.46 -17.40
N ALA C 194 -10.89 32.57 -18.39
CA ALA C 194 -9.74 32.12 -19.20
C ALA C 194 -9.19 33.28 -20.04
N GLN C 195 -10.07 34.06 -20.65
CA GLN C 195 -9.71 35.18 -21.56
C GLN C 195 -8.77 36.17 -20.85
N ALA C 196 -9.03 36.48 -19.59
CA ALA C 196 -8.24 37.44 -18.78
C ALA C 196 -6.80 36.93 -18.65
N VAL C 197 -6.61 35.60 -18.52
CA VAL C 197 -5.27 34.97 -18.37
C VAL C 197 -4.62 34.93 -19.76
N PHE C 198 -5.40 34.64 -20.80
CA PHE C 198 -4.91 34.55 -22.20
C PHE C 198 -4.43 35.94 -22.66
N ASN C 199 -5.15 36.98 -22.29
CA ASN C 199 -4.81 38.39 -22.65
C ASN C 199 -3.57 38.90 -21.89
N ALA C 200 -3.14 38.23 -20.82
CA ALA C 200 -2.01 38.68 -19.97
C ALA C 200 -0.67 38.12 -20.47
N ALA C 201 0.40 38.57 -19.83
CA ALA C 201 1.79 38.09 -20.05
C ALA C 201 1.80 36.57 -19.93
N VAL C 202 2.55 35.92 -20.82
CA VAL C 202 2.94 34.51 -20.63
C VAL C 202 3.80 34.51 -19.37
N PRO C 203 3.55 33.60 -18.41
CA PRO C 203 4.34 33.54 -17.18
C PRO C 203 5.85 33.45 -17.45
N ASP C 204 6.64 34.11 -16.61
CA ASP C 204 8.12 34.24 -16.76
C ASP C 204 8.75 32.84 -16.87
N ASP C 205 8.30 31.87 -16.05
CA ASP C 205 8.90 30.51 -15.98
C ASP C 205 8.86 29.88 -17.37
N LEU C 206 7.74 30.04 -18.09
CA LEU C 206 7.56 29.38 -19.41
C LEU C 206 8.48 30.07 -20.43
N ILE C 207 8.48 31.40 -20.46
CA ILE C 207 9.33 32.21 -21.37
C ILE C 207 10.81 31.86 -21.12
N GLN C 208 11.23 31.77 -19.85
CA GLN C 208 12.66 31.54 -19.48
C GLN C 208 13.07 30.13 -19.94
N LYS C 209 12.24 29.12 -19.67
CA LYS C 209 12.57 27.70 -19.99
C LYS C 209 12.59 27.51 -21.51
N LEU C 210 11.65 28.13 -22.23
CA LEU C 210 11.58 28.04 -23.71
C LEU C 210 12.56 29.01 -24.37
N GLN C 211 13.16 29.94 -23.61
CA GLN C 211 14.19 30.88 -24.14
C GLN C 211 13.54 31.73 -25.25
N LEU C 212 12.35 32.29 -24.98
CA LEU C 212 11.58 33.15 -25.92
C LEU C 212 11.58 34.60 -25.41
N LYS C 213 11.27 35.55 -26.29
CA LYS C 213 11.10 36.97 -25.94
C LYS C 213 9.79 37.08 -25.15
N PRO C 214 9.77 37.79 -23.99
CA PRO C 214 8.55 37.96 -23.20
C PRO C 214 7.45 38.65 -24.02
N GLY C 215 6.20 38.50 -23.59
CA GLY C 215 5.00 38.99 -24.31
C GLY C 215 3.75 38.30 -23.80
N THR C 216 2.59 38.66 -24.36
CA THR C 216 1.30 37.98 -24.05
C THR C 216 1.24 36.68 -24.89
N TRP C 217 0.22 35.87 -24.69
CA TRP C 217 0.09 34.54 -25.36
C TRP C 217 0.07 34.73 -26.88
N SER C 218 -0.71 35.71 -27.36
CA SER C 218 -0.88 35.95 -28.81
C SER C 218 0.44 36.46 -29.42
N GLN C 219 1.13 37.37 -28.73
CA GLN C 219 2.41 37.96 -29.19
C GLN C 219 3.47 36.86 -29.29
N VAL C 220 3.51 35.96 -28.30
CA VAL C 220 4.63 34.99 -28.16
C VAL C 220 4.40 33.83 -29.14
N PHE C 221 3.16 33.33 -29.25
CA PHE C 221 2.86 32.01 -29.86
C PHE C 221 2.05 32.15 -31.15
N GLY C 222 1.46 33.32 -31.41
CA GLY C 222 0.74 33.59 -32.67
C GLY C 222 -0.35 32.57 -32.92
N ARG C 223 -0.33 31.92 -34.09
CA ARG C 223 -1.41 30.99 -34.54
C ARG C 223 -1.56 29.83 -33.55
N ASP C 224 -0.51 29.52 -32.79
CA ASP C 224 -0.50 28.38 -31.83
C ASP C 224 -0.97 28.84 -30.45
N ALA C 225 -1.26 30.13 -30.23
CA ALA C 225 -1.49 30.65 -28.86
C ALA C 225 -2.64 29.91 -28.15
N ASP C 226 -3.79 29.71 -28.81
CA ASP C 226 -4.98 29.06 -28.21
C ASP C 226 -4.64 27.63 -27.74
N GLU C 227 -4.04 26.80 -28.60
CA GLU C 227 -3.75 25.39 -28.25
C GLU C 227 -2.64 25.35 -27.20
N PHE C 228 -1.59 26.17 -27.33
CA PHE C 228 -0.44 26.14 -26.40
C PHE C 228 -0.92 26.61 -25.02
N PHE C 229 -1.85 27.57 -25.02
CA PHE C 229 -2.45 28.07 -23.76
C PHE C 229 -3.17 26.93 -23.04
N HIS C 230 -4.00 26.18 -23.75
CA HIS C 230 -4.78 25.06 -23.15
C HIS C 230 -3.80 24.01 -22.64
N ALA C 231 -2.81 23.63 -23.45
CA ALA C 231 -1.76 22.67 -23.04
C ALA C 231 -1.07 23.18 -21.77
N TYR C 232 -0.69 24.46 -21.71
CA TYR C 232 0.06 25.01 -20.57
C TYR C 232 -0.80 24.94 -19.29
N GLN C 233 -2.04 25.37 -19.40
CA GLN C 233 -2.96 25.47 -18.24
C GLN C 233 -3.27 24.07 -17.72
N ILE C 234 -3.51 23.10 -18.61
CA ILE C 234 -3.75 21.70 -18.19
C ILE C 234 -2.46 21.12 -17.58
N ALA C 235 -1.29 21.37 -18.19
CA ALA C 235 0.01 20.87 -17.68
C ALA C 235 0.24 21.43 -16.27
N ARG C 236 0.02 22.72 -16.06
CA ARG C 236 0.19 23.35 -14.72
C ARG C 236 -0.73 22.66 -13.71
N TYR C 237 -1.99 22.46 -14.08
CA TYR C 237 -3.02 21.80 -13.22
C TYR C 237 -2.53 20.42 -12.81
N CYS C 238 -2.10 19.63 -13.81
CA CYS C 238 -1.65 18.25 -13.56
C CYS C 238 -0.36 18.26 -12.75
N ASP C 239 0.51 19.25 -12.96
CA ASP C 239 1.80 19.33 -12.21
C ASP C 239 1.49 19.63 -10.75
N GLU C 240 0.52 20.51 -10.49
CA GLU C 240 0.15 20.86 -9.09
C GLU C 240 -0.46 19.64 -8.38
N VAL C 241 -1.30 18.87 -9.06
CA VAL C 241 -1.87 17.63 -8.47
C VAL C 241 -0.71 16.67 -8.18
N THR C 242 0.19 16.49 -9.14
CA THR C 242 1.38 15.60 -9.01
C THR C 242 2.20 16.01 -7.77
N VAL C 243 2.56 17.29 -7.67
CA VAL C 243 3.46 17.78 -6.58
C VAL C 243 2.80 17.50 -5.23
N ALA C 244 1.50 17.79 -5.12
CA ALA C 244 0.72 17.58 -3.88
C ALA C 244 0.74 16.10 -3.50
N GLY C 245 0.54 15.20 -4.47
CA GLY C 245 0.59 13.75 -4.21
C GLY C 245 1.99 13.28 -3.84
N LYS C 246 3.00 13.73 -4.58
CA LYS C 246 4.41 13.29 -4.36
C LYS C 246 4.92 13.74 -3.00
N ALA C 247 4.41 14.87 -2.49
CA ALA C 247 4.77 15.38 -1.14
C ALA C 247 4.35 14.35 -0.09
N ILE C 248 3.32 13.55 -0.37
CA ILE C 248 2.83 12.49 0.56
C ILE C 248 3.66 11.24 0.32
N LYS C 249 3.75 10.79 -0.93
CA LYS C 249 4.58 9.61 -1.28
C LYS C 249 5.12 9.86 -2.69
N ASN C 250 6.45 9.88 -2.80
CA ASN C 250 7.19 10.32 -4.02
C ASN C 250 7.27 9.15 -5.01
N LEU C 251 6.12 8.62 -5.43
CA LEU C 251 6.08 7.61 -6.52
C LEU C 251 6.28 8.33 -7.85
N PRO C 252 6.81 7.63 -8.86
CA PRO C 252 6.75 8.15 -10.23
C PRO C 252 5.30 8.39 -10.64
N MET C 253 5.07 9.47 -11.40
CA MET C 253 3.73 9.82 -11.90
C MET C 253 3.83 10.30 -13.34
N TYR C 254 2.80 10.04 -14.12
CA TYR C 254 2.83 10.31 -15.58
C TYR C 254 1.43 10.71 -16.03
N VAL C 255 1.38 11.24 -17.24
CA VAL C 255 0.11 11.50 -17.97
C VAL C 255 0.12 10.70 -19.28
N ASN C 256 -1.08 10.35 -19.73
CA ASN C 256 -1.27 9.53 -20.96
C ASN C 256 -2.07 10.33 -22.00
N VAL C 257 -1.66 10.24 -23.25
CA VAL C 257 -2.10 11.17 -24.30
C VAL C 257 -3.08 10.48 -25.25
N ALA C 258 -4.22 11.12 -25.46
CA ALA C 258 -5.12 10.86 -26.60
C ALA C 258 -4.44 11.41 -27.85
N LEU C 259 -3.65 10.57 -28.50
CA LEU C 259 -2.73 11.01 -29.57
C LEU C 259 -3.51 11.66 -30.72
N ARG C 260 -2.92 12.69 -31.31
CA ARG C 260 -3.30 13.12 -32.67
C ARG C 260 -2.50 12.26 -33.67
N ASN C 261 -3.00 12.15 -34.89
CA ASN C 261 -2.27 11.44 -35.96
C ASN C 261 -1.06 12.31 -36.32
N PRO C 262 0.20 11.83 -36.11
CA PRO C 262 1.38 12.69 -36.27
C PRO C 262 1.57 13.15 -37.72
N PHE C 263 1.06 12.37 -38.67
CA PHE C 263 1.21 12.63 -40.13
C PHE C 263 0.05 13.43 -40.71
N ASN C 264 -1.08 13.53 -40.00
CA ASN C 264 -2.33 14.09 -40.56
C ASN C 264 -3.26 14.38 -39.40
N PRO C 265 -2.89 15.34 -38.51
CA PRO C 265 -3.54 15.45 -37.20
C PRO C 265 -4.97 16.00 -37.27
N GLY C 266 -5.26 16.74 -38.33
CA GLY C 266 -6.44 17.63 -38.36
C GLY C 266 -6.29 18.72 -37.31
N LEU C 267 -7.40 19.24 -36.82
CA LEU C 267 -7.41 20.49 -36.01
C LEU C 267 -7.53 20.16 -34.51
N PRO C 268 -6.88 20.94 -33.62
CA PRO C 268 -7.11 20.77 -32.19
C PRO C 268 -8.61 20.97 -31.90
N GLY C 269 -9.18 20.09 -31.09
CA GLY C 269 -10.63 20.01 -30.82
C GLY C 269 -11.26 18.85 -31.58
N GLN C 270 -10.76 18.51 -32.77
CA GLN C 270 -11.11 17.24 -33.45
C GLN C 270 -10.32 16.14 -32.73
N TYR C 271 -9.02 16.35 -32.58
CA TYR C 271 -8.23 15.63 -31.56
C TYR C 271 -8.39 16.36 -30.23
N SER C 272 -7.99 15.70 -29.16
CA SER C 272 -8.16 16.21 -27.77
C SER C 272 -7.17 17.36 -27.54
N SER C 273 -7.64 18.61 -27.63
CA SER C 273 -6.75 19.80 -27.54
C SER C 273 -6.22 19.93 -26.12
N GLY C 274 -4.92 20.17 -25.95
CA GLY C 274 -4.33 20.49 -24.64
C GLY C 274 -3.65 19.32 -23.99
N GLY C 275 -3.94 18.09 -24.45
CA GLY C 275 -3.15 16.92 -24.07
C GLY C 275 -1.74 17.01 -24.61
N GLY C 276 -0.87 16.11 -24.16
CA GLY C 276 0.54 16.07 -24.55
C GLY C 276 0.73 15.55 -25.97
N THR C 277 0.04 16.15 -26.95
CA THR C 277 0.22 15.83 -28.38
C THR C 277 1.63 16.27 -28.83
N ASP C 278 2.09 15.75 -29.96
CA ASP C 278 3.53 15.82 -30.33
C ASP C 278 3.94 17.29 -30.50
N ASN C 279 3.00 18.14 -30.87
CA ASN C 279 3.26 19.57 -31.14
C ASN C 279 3.36 20.38 -29.84
N VAL C 280 2.96 19.83 -28.69
CA VAL C 280 2.98 20.60 -27.41
C VAL C 280 3.81 19.88 -26.34
N LEU C 281 4.64 18.92 -26.72
CA LEU C 281 5.52 18.26 -25.73
C LEU C 281 6.43 19.30 -25.10
N HIS C 282 6.91 20.28 -25.87
CA HIS C 282 7.87 21.29 -25.34
C HIS C 282 7.14 22.14 -24.27
N ILE C 283 5.87 22.47 -24.49
CA ILE C 283 5.03 23.22 -23.52
C ILE C 283 4.87 22.37 -22.26
N TRP C 284 4.47 21.10 -22.42
CA TRP C 284 4.24 20.20 -21.27
C TRP C 284 5.52 20.04 -20.45
N LYS C 285 6.68 19.91 -21.10
CA LYS C 285 7.96 19.65 -20.39
C LYS C 285 8.34 20.91 -19.59
N ALA C 286 8.12 22.07 -20.15
CA ALA C 286 8.47 23.35 -19.50
C ALA C 286 7.51 23.58 -18.33
N ALA C 287 6.22 23.27 -18.54
CA ALA C 287 5.13 23.63 -17.61
C ALA C 287 5.04 22.63 -16.45
N ALA C 288 5.41 21.36 -16.65
CA ALA C 288 5.16 20.29 -15.66
C ALA C 288 6.45 19.53 -15.36
N PRO C 289 7.43 20.18 -14.69
CA PRO C 289 8.69 19.52 -14.41
C PRO C 289 8.61 18.37 -13.40
N ASN C 290 7.50 18.28 -12.67
CA ASN C 290 7.27 17.25 -11.63
C ASN C 290 6.60 15.99 -12.22
N ILE C 291 6.08 16.09 -13.44
CA ILE C 291 5.49 14.88 -14.12
C ILE C 291 6.63 14.10 -14.78
N ASP C 292 6.78 12.82 -14.45
CA ASP C 292 8.00 12.04 -14.81
C ASP C 292 8.05 11.80 -16.31
N LEU C 293 6.94 11.48 -16.95
CA LEU C 293 6.92 11.19 -18.40
C LEU C 293 5.52 11.43 -18.96
N ILE C 294 5.47 11.61 -20.28
CA ILE C 294 4.24 11.76 -21.08
C ILE C 294 4.14 10.51 -21.97
N ALA C 295 3.08 9.73 -21.76
CA ALA C 295 2.94 8.36 -22.34
C ALA C 295 1.94 8.37 -23.48
N PRO C 296 2.28 7.78 -24.64
CA PRO C 296 1.31 7.65 -25.73
C PRO C 296 0.30 6.51 -25.51
N ASP C 297 -0.96 6.77 -25.89
CA ASP C 297 -2.05 5.76 -25.96
C ASP C 297 -2.25 5.40 -27.45
N ILE C 298 -1.72 4.25 -27.86
CA ILE C 298 -1.58 3.91 -29.30
C ILE C 298 -2.76 3.06 -29.78
N TYR C 299 -3.63 3.60 -30.64
CA TYR C 299 -4.70 2.80 -31.31
C TYR C 299 -4.58 2.87 -32.83
N PHE C 300 -3.56 3.53 -33.36
CA PHE C 300 -3.29 3.51 -34.82
C PHE C 300 -2.81 2.10 -35.14
N ARG C 301 -3.33 1.46 -36.17
CA ARG C 301 -2.96 0.04 -36.43
C ARG C 301 -1.68 -0.02 -37.28
N ASP C 302 -1.51 0.97 -38.15
CA ASP C 302 -0.53 0.87 -39.26
C ASP C 302 0.87 1.15 -38.74
N TYR C 303 1.82 0.33 -39.20
CA TYR C 303 3.23 0.33 -38.79
C TYR C 303 3.85 1.73 -38.92
N LYS C 304 3.66 2.42 -40.04
CA LYS C 304 4.38 3.71 -40.24
C LYS C 304 3.92 4.70 -39.18
N THR C 305 2.63 4.73 -38.86
CA THR C 305 2.09 5.71 -37.89
C THR C 305 2.54 5.34 -36.48
N VAL C 306 2.44 4.05 -36.14
CA VAL C 306 2.87 3.59 -34.78
C VAL C 306 4.36 3.89 -34.61
N SER C 307 5.18 3.60 -35.62
CA SER C 307 6.64 3.82 -35.55
C SER C 307 6.90 5.32 -35.34
N LYS C 308 6.14 6.16 -36.01
CA LYS C 308 6.32 7.64 -35.88
C LYS C 308 5.98 8.04 -34.44
N VAL C 309 4.91 7.50 -33.87
CA VAL C 309 4.57 7.81 -32.44
C VAL C 309 5.73 7.39 -31.54
N LEU C 310 6.29 6.20 -31.71
CA LEU C 310 7.34 5.71 -30.80
C LEU C 310 8.56 6.64 -30.93
N GLU C 311 8.85 7.11 -32.15
CA GLU C 311 9.98 8.04 -32.40
C GLU C 311 9.74 9.35 -31.64
N LEU C 312 8.53 9.91 -31.75
CA LEU C 312 8.23 11.27 -31.21
C LEU C 312 8.20 11.25 -29.68
N TYR C 313 7.81 10.15 -29.06
CA TYR C 313 7.61 10.08 -27.58
C TYR C 313 8.89 9.59 -26.88
N THR C 314 9.88 9.11 -27.63
CA THR C 314 11.18 8.67 -27.07
C THR C 314 12.17 9.82 -27.23
N ARG C 315 12.49 10.48 -26.13
CA ARG C 315 13.28 11.74 -26.13
C ARG C 315 14.28 11.66 -24.99
N PRO C 316 15.41 12.39 -25.09
CA PRO C 316 16.35 12.49 -23.97
C PRO C 316 15.61 12.92 -22.69
N ASP C 317 14.57 13.74 -22.84
CA ASP C 317 13.75 14.24 -21.70
C ASP C 317 12.48 13.42 -21.48
N ASN C 318 12.28 12.31 -22.18
CA ASN C 318 10.99 11.59 -22.05
C ASN C 318 11.21 10.09 -22.20
N ALA C 319 11.09 9.36 -21.09
CA ALA C 319 11.09 7.89 -21.11
C ALA C 319 9.90 7.45 -21.94
N LEU C 320 10.06 6.39 -22.73
CA LEU C 320 8.95 5.79 -23.49
C LEU C 320 8.20 4.77 -22.64
N PHE C 321 6.93 5.05 -22.41
CA PHE C 321 5.98 4.11 -21.77
C PHE C 321 4.74 4.03 -22.64
N VAL C 322 4.48 2.86 -23.22
CA VAL C 322 3.25 2.67 -24.02
C VAL C 322 2.13 2.33 -23.03
N ALA C 323 1.51 3.37 -22.47
CA ALA C 323 0.58 3.27 -21.34
C ALA C 323 -0.70 2.56 -21.76
N GLU C 324 -1.06 2.65 -23.03
CA GLU C 324 -2.19 1.93 -23.62
C GLU C 324 -1.79 1.58 -25.05
N ILE C 325 -2.19 0.39 -25.47
CA ILE C 325 -2.19 0.02 -26.90
C ILE C 325 -3.39 -0.87 -27.16
N GLY C 326 -3.91 -0.86 -28.38
CA GLY C 326 -5.07 -1.70 -28.73
C GLY C 326 -4.74 -3.15 -28.47
N ASN C 327 -5.77 -3.94 -28.19
CA ASN C 327 -5.58 -5.37 -27.81
C ASN C 327 -5.83 -6.26 -29.02
N ASP C 328 -6.01 -5.72 -30.22
CA ASP C 328 -6.14 -6.55 -31.44
C ASP C 328 -4.76 -7.14 -31.79
N GLN C 329 -4.76 -8.26 -32.52
CA GLN C 329 -3.54 -9.01 -32.86
C GLN C 329 -2.43 -8.12 -33.42
N PRO C 330 -2.68 -7.15 -34.32
CA PRO C 330 -1.57 -6.43 -34.95
C PRO C 330 -0.69 -5.61 -33.99
N PHE C 331 -1.23 -5.33 -32.80
CA PHE C 331 -0.53 -4.45 -31.83
C PHE C 331 0.57 -5.19 -31.06
N ALA C 332 0.50 -6.53 -30.95
CA ALA C 332 1.41 -7.24 -30.04
C ALA C 332 2.87 -7.02 -30.47
N ARG C 333 3.14 -6.99 -31.78
CA ARG C 333 4.53 -6.95 -32.28
C ARG C 333 5.16 -5.59 -31.93
N TYR C 334 4.37 -4.58 -31.55
CA TYR C 334 4.98 -3.27 -31.21
C TYR C 334 5.69 -3.33 -29.87
N LEU C 335 5.59 -4.43 -29.11
CA LEU C 335 6.43 -4.60 -27.91
C LEU C 335 7.90 -4.49 -28.33
N PHE C 336 8.25 -5.03 -29.48
CA PHE C 336 9.68 -5.17 -29.87
C PHE C 336 10.29 -3.78 -30.08
N PRO C 337 9.78 -2.93 -30.99
CA PRO C 337 10.36 -1.59 -31.13
C PRO C 337 10.20 -0.74 -29.86
N THR C 338 9.16 -0.96 -29.06
CA THR C 338 9.00 -0.23 -27.79
C THR C 338 10.21 -0.51 -26.90
N LEU C 339 10.58 -1.77 -26.72
CA LEU C 339 11.71 -2.14 -25.84
C LEU C 339 13.02 -1.72 -26.52
N GLY C 340 13.09 -1.83 -27.84
CA GLY C 340 14.26 -1.44 -28.64
C GLY C 340 14.62 0.03 -28.49
N LYS C 341 13.62 0.89 -28.27
CA LYS C 341 13.81 2.34 -28.06
C LYS C 341 14.26 2.59 -26.63
N GLY C 342 14.37 1.56 -25.81
CA GLY C 342 14.66 1.69 -24.37
C GLY C 342 13.41 1.99 -23.58
N GLY C 343 12.25 1.63 -24.10
CA GLY C 343 10.96 1.79 -23.39
C GLY C 343 10.96 1.10 -22.05
N ILE C 344 10.24 1.66 -21.08
CA ILE C 344 10.12 1.12 -19.70
C ILE C 344 8.90 0.21 -19.60
N GLY C 345 8.02 0.22 -20.60
CA GLY C 345 6.81 -0.60 -20.45
C GLY C 345 5.85 -0.50 -21.59
N PHE C 346 4.86 -1.38 -21.55
CA PHE C 346 3.93 -1.65 -22.65
C PHE C 346 2.71 -2.27 -22.00
N SER C 347 1.52 -1.72 -22.24
CA SER C 347 0.30 -2.11 -21.52
C SER C 347 -0.89 -2.14 -22.47
N PRO C 348 -1.22 -3.30 -23.06
CA PRO C 348 -2.44 -3.42 -23.85
C PRO C 348 -3.70 -3.13 -23.02
N PHE C 349 -4.64 -2.46 -23.66
CA PHE C 349 -5.88 -1.98 -23.05
C PHE C 349 -7.02 -2.99 -23.23
N GLY C 350 -7.80 -3.21 -22.17
CA GLY C 350 -9.05 -3.96 -22.20
C GLY C 350 -8.83 -5.44 -21.95
N MET C 351 -7.85 -5.79 -21.12
CA MET C 351 -7.47 -7.20 -20.90
C MET C 351 -8.25 -7.77 -19.72
N ASP C 352 -9.56 -7.86 -19.85
CA ASP C 352 -10.40 -8.52 -18.84
C ASP C 352 -11.65 -9.12 -19.50
N ASP C 353 -12.36 -9.95 -18.75
CA ASP C 353 -13.55 -10.66 -19.26
C ASP C 353 -14.84 -10.04 -18.73
N THR C 354 -14.92 -8.70 -18.66
CA THR C 354 -16.12 -7.98 -18.16
C THR C 354 -17.09 -7.68 -19.32
N ASP C 355 -17.04 -8.46 -20.40
CA ASP C 355 -18.06 -8.43 -21.47
C ASP C 355 -18.02 -7.08 -22.17
N TYR C 356 -16.84 -6.69 -22.63
CA TYR C 356 -16.68 -5.43 -23.36
C TYR C 356 -15.47 -5.53 -24.27
N THR C 357 -15.62 -5.01 -25.48
N THR C 357 -15.63 -4.99 -25.48
CA THR C 357 -14.49 -4.77 -26.40
CA THR C 357 -14.55 -4.80 -26.48
C THR C 357 -14.62 -3.37 -26.98
C THR C 357 -14.63 -3.37 -27.00
N ASN C 358 -13.49 -2.68 -27.09
CA ASN C 358 -13.46 -1.30 -27.65
C ASN C 358 -13.20 -1.34 -29.16
N TYR C 359 -13.38 -2.50 -29.80
CA TYR C 359 -13.44 -2.57 -31.29
C TYR C 359 -14.37 -1.44 -31.74
N PRO C 360 -14.03 -0.63 -32.75
CA PRO C 360 -12.90 -0.87 -33.66
C PRO C 360 -11.46 -0.52 -33.22
N LEU C 361 -11.27 0.01 -32.03
CA LEU C 361 -9.90 0.29 -31.53
C LEU C 361 -9.18 -1.02 -31.25
N GLY C 362 -9.83 -1.96 -30.57
CA GLY C 362 -9.22 -3.23 -30.17
C GLY C 362 -9.83 -4.41 -30.90
N ALA C 363 -9.69 -5.58 -30.31
CA ALA C 363 -10.11 -6.86 -30.93
C ALA C 363 -11.62 -6.93 -31.04
N LYS C 364 -12.16 -7.42 -32.16
CA LYS C 364 -13.63 -7.58 -32.32
C LYS C 364 -14.15 -8.59 -31.28
N VAL C 365 -13.37 -9.63 -31.01
CA VAL C 365 -13.70 -10.69 -30.01
C VAL C 365 -12.63 -10.74 -28.94
N TYR C 366 -13.06 -10.77 -27.68
CA TYR C 366 -12.15 -11.01 -26.52
C TYR C 366 -12.28 -12.46 -26.07
N ASN C 367 -11.24 -13.21 -26.33
CA ASN C 367 -11.17 -14.63 -25.92
C ASN C 367 -9.71 -15.00 -25.65
N ASP C 368 -9.46 -16.28 -25.36
CA ASP C 368 -8.11 -16.76 -24.98
C ASP C 368 -7.15 -16.47 -26.13
N GLU C 369 -7.59 -16.56 -27.38
CA GLU C 369 -6.71 -16.27 -28.56
C GLU C 369 -6.28 -14.80 -28.53
N THR C 370 -7.17 -13.87 -28.19
CA THR C 370 -6.80 -12.43 -28.08
C THR C 370 -5.62 -12.28 -27.12
N ILE C 371 -5.76 -12.89 -25.95
CA ILE C 371 -4.74 -12.80 -24.87
C ILE C 371 -3.45 -13.45 -25.35
N GLU C 372 -3.55 -14.61 -26.03
CA GLU C 372 -2.39 -15.42 -26.41
C GLU C 372 -1.45 -14.62 -27.33
N GLN C 373 -1.98 -13.71 -28.16
CA GLN C 373 -1.10 -12.93 -29.06
C GLN C 373 -0.09 -12.13 -28.24
N PHE C 374 -0.51 -11.61 -27.09
CA PHE C 374 0.40 -10.85 -26.18
C PHE C 374 1.19 -11.81 -25.32
N ALA C 375 0.58 -12.90 -24.84
CA ALA C 375 1.30 -13.87 -23.99
C ALA C 375 2.54 -14.36 -24.75
N GLN C 376 2.42 -14.62 -26.05
CA GLN C 376 3.52 -15.20 -26.84
C GLN C 376 4.71 -14.23 -26.89
N VAL C 377 4.46 -12.92 -26.99
CA VAL C 377 5.60 -11.97 -27.06
C VAL C 377 6.12 -11.67 -25.65
N TYR C 378 5.27 -11.66 -24.62
CA TYR C 378 5.72 -11.49 -23.21
C TYR C 378 6.64 -12.65 -22.81
N ARG C 379 6.40 -13.85 -23.35
CA ARG C 379 7.22 -15.04 -23.00
C ARG C 379 8.67 -14.85 -23.48
N LEU C 380 8.94 -13.93 -24.41
CA LEU C 380 10.34 -13.71 -24.87
C LEU C 380 11.07 -12.82 -23.86
N VAL C 381 10.34 -12.01 -23.10
CA VAL C 381 10.95 -10.92 -22.27
C VAL C 381 10.91 -11.31 -20.79
N ASN C 382 9.80 -11.89 -20.33
CA ASN C 382 9.66 -12.31 -18.90
C ASN C 382 10.90 -13.03 -18.42
N PRO C 383 11.45 -14.07 -19.11
CA PRO C 383 12.54 -14.83 -18.50
C PRO C 383 13.85 -14.05 -18.33
N MET C 384 13.97 -12.87 -18.95
CA MET C 384 15.17 -12.01 -18.88
C MET C 384 14.78 -10.60 -18.45
N MET C 385 13.64 -10.43 -17.79
CA MET C 385 13.07 -9.07 -17.61
C MET C 385 14.09 -8.15 -16.92
N ARG C 386 14.71 -8.55 -15.81
CA ARG C 386 15.63 -7.64 -15.06
C ARG C 386 16.92 -7.42 -15.86
N GLU C 387 17.43 -8.46 -16.51
CA GLU C 387 18.69 -8.38 -17.29
C GLU C 387 18.45 -7.44 -18.48
N TRP C 388 17.35 -7.62 -19.21
CA TRP C 388 16.98 -6.71 -20.33
C TRP C 388 16.84 -5.28 -19.80
N ALA C 389 16.16 -5.10 -18.68
CA ALA C 389 15.95 -3.75 -18.13
C ALA C 389 17.29 -3.07 -17.87
N ARG C 390 18.26 -3.80 -17.31
N ARG C 390 18.26 -3.79 -17.30
CA ARG C 390 19.61 -3.26 -16.98
CA ARG C 390 19.60 -3.22 -16.98
C ARG C 390 20.33 -2.89 -18.28
C ARG C 390 20.32 -2.87 -18.29
N LEU C 391 20.29 -3.76 -19.28
CA LEU C 391 21.00 -3.55 -20.55
C LEU C 391 20.40 -2.37 -21.31
N SER C 392 19.09 -2.19 -21.24
N SER C 392 19.08 -2.16 -21.14
CA SER C 392 18.39 -1.08 -21.96
CA SER C 392 18.26 -1.15 -21.87
C SER C 392 18.87 0.25 -21.37
C SER C 392 18.23 0.18 -21.11
N TYR C 393 19.04 0.31 -20.05
CA TYR C 393 19.37 1.59 -19.39
C TYR C 393 20.85 1.92 -19.65
N GLN C 394 21.74 1.00 -19.28
CA GLN C 394 23.21 1.22 -19.20
C GLN C 394 23.86 0.98 -20.55
N GLY C 395 23.18 0.33 -21.49
CA GLY C 395 23.84 -0.15 -22.71
C GLY C 395 23.07 0.09 -23.99
N GLN C 396 23.41 -0.70 -25.00
CA GLN C 396 22.84 -0.55 -26.36
C GLN C 396 21.84 -1.69 -26.56
N VAL C 397 20.62 -1.33 -26.93
CA VAL C 397 19.57 -2.31 -27.34
C VAL C 397 18.93 -1.82 -28.64
N TRP C 398 18.30 -2.77 -29.33
CA TRP C 398 17.57 -2.57 -30.59
C TRP C 398 16.34 -3.46 -30.54
N GLY C 399 15.33 -3.07 -31.30
CA GLY C 399 14.09 -3.84 -31.47
C GLY C 399 13.38 -3.42 -32.73
N VAL C 400 12.83 -4.39 -33.43
CA VAL C 400 12.10 -4.17 -34.70
C VAL C 400 10.86 -5.05 -34.70
N ALA C 401 9.84 -4.56 -35.41
CA ALA C 401 8.59 -5.27 -35.72
C ALA C 401 8.48 -5.40 -37.24
N GLU C 402 7.76 -6.43 -37.65
CA GLU C 402 7.43 -6.67 -39.06
C GLU C 402 6.82 -5.42 -39.67
N PRO C 403 7.47 -4.84 -40.70
CA PRO C 403 7.13 -3.46 -41.11
C PRO C 403 6.06 -3.33 -42.20
N LEU C 404 5.54 -4.45 -42.72
CA LEU C 404 4.32 -4.43 -43.57
C LEU C 404 3.14 -4.92 -42.73
N ASP C 405 2.05 -4.19 -42.80
CA ASP C 405 0.78 -4.60 -42.17
C ASP C 405 0.21 -5.73 -43.02
N SER C 406 -0.72 -6.46 -42.45
CA SER C 406 -1.44 -7.56 -43.15
C SER C 406 -2.03 -7.03 -44.44
N THR C 407 -1.93 -7.83 -45.51
CA THR C 407 -2.54 -7.56 -46.82
C THR C 407 -4.05 -7.61 -46.68
N THR C 408 -4.73 -6.60 -47.19
CA THR C 408 -6.22 -6.51 -47.22
C THR C 408 -6.78 -7.63 -48.11
N GLU C 409 -7.98 -8.13 -47.80
CA GLU C 409 -8.70 -9.11 -48.66
C GLU C 409 -8.92 -8.48 -50.03
N THR C 410 -8.79 -7.15 -50.11
CA THR C 410 -8.90 -6.33 -51.35
C THR C 410 -7.62 -6.51 -52.18
N GLN C 411 -6.44 -6.35 -51.55
CA GLN C 411 -5.13 -6.48 -52.21
C GLN C 411 -4.88 -7.96 -52.52
N LYS C 412 -5.54 -8.87 -51.80
CA LYS C 412 -5.45 -10.34 -52.01
C LYS C 412 -6.20 -10.68 -53.31
N ILE C 413 -7.16 -9.83 -53.68
CA ILE C 413 -7.92 -9.91 -54.96
C ILE C 413 -7.13 -9.16 -56.04
N TRP C 414 -6.98 -7.84 -55.88
CA TRP C 414 -6.24 -6.94 -56.81
C TRP C 414 -4.78 -7.38 -56.93
N ASN C 415 -4.37 -8.39 -56.15
CA ASN C 415 -3.02 -9.01 -56.23
C ASN C 415 -3.00 -9.98 -57.41
N THR C 419 -1.15 -9.08 -63.26
CA THR C 419 -0.52 -9.88 -64.35
C THR C 419 0.56 -10.78 -63.76
N PRO C 420 1.30 -11.55 -64.59
CA PRO C 420 2.36 -12.43 -64.10
C PRO C 420 3.67 -11.67 -63.80
N GLU C 421 4.01 -10.68 -64.63
CA GLU C 421 5.20 -9.80 -64.40
C GLU C 421 4.95 -8.92 -63.17
N GLU C 422 3.71 -8.47 -62.95
CA GLU C 422 3.34 -7.58 -61.82
C GLU C 422 3.50 -8.33 -60.49
N LYS C 423 3.04 -9.59 -60.44
CA LYS C 423 3.15 -10.51 -59.27
C LYS C 423 4.63 -10.66 -58.90
N GLU C 424 5.47 -11.05 -59.86
CA GLU C 424 6.93 -11.22 -59.65
C GLU C 424 7.50 -9.94 -59.02
N GLN C 425 7.20 -8.78 -59.61
CA GLN C 425 7.75 -7.49 -59.12
C GLN C 425 7.20 -7.20 -57.72
N HIS C 426 5.90 -7.44 -57.48
CA HIS C 426 5.25 -7.19 -56.16
C HIS C 426 5.94 -8.02 -55.07
N LYS C 427 6.28 -9.27 -55.37
CA LYS C 427 6.97 -10.19 -54.42
C LYS C 427 8.38 -9.66 -54.12
N LYS C 428 9.11 -9.17 -55.12
CA LYS C 428 10.45 -8.57 -54.94
C LYS C 428 10.32 -7.34 -54.02
N ASP C 429 9.33 -6.48 -54.29
CA ASP C 429 9.10 -5.24 -53.51
C ASP C 429 8.78 -5.60 -52.06
N ARG C 430 7.94 -6.60 -51.83
N ARG C 430 7.91 -6.58 -51.85
CA ARG C 430 7.55 -7.03 -50.46
CA ARG C 430 7.54 -7.09 -50.50
C ARG C 430 8.77 -7.65 -49.76
C ARG C 430 8.81 -7.58 -49.81
N ALA C 431 9.58 -8.45 -50.47
CA ALA C 431 10.79 -9.05 -49.86
C ALA C 431 11.72 -7.94 -49.36
N SER C 432 11.96 -6.92 -50.18
CA SER C 432 12.86 -5.78 -49.82
C SER C 432 12.28 -5.05 -48.61
N ALA C 433 10.98 -4.79 -48.63
CA ALA C 433 10.30 -4.06 -47.52
C ALA C 433 10.33 -4.88 -46.23
N LEU C 434 10.39 -6.22 -46.32
CA LEU C 434 10.38 -7.13 -45.15
C LEU C 434 11.81 -7.50 -44.71
N THR C 435 12.79 -6.69 -45.12
CA THR C 435 14.22 -6.83 -44.77
C THR C 435 14.65 -5.54 -44.05
N GLN C 436 15.03 -5.66 -42.79
CA GLN C 436 15.47 -4.53 -41.94
C GLN C 436 16.95 -4.70 -41.60
N GLN C 437 17.70 -3.60 -41.61
CA GLN C 437 19.11 -3.58 -41.19
C GLN C 437 19.23 -2.86 -39.85
N LEU C 438 20.07 -3.41 -38.98
CA LEU C 438 20.43 -2.81 -37.68
C LEU C 438 21.95 -2.74 -37.59
N ASP C 439 22.47 -1.55 -37.28
CA ASP C 439 23.91 -1.27 -37.09
C ASP C 439 24.25 -1.51 -35.61
N LEU C 440 24.97 -2.61 -35.31
CA LEU C 440 25.26 -3.04 -33.92
C LEU C 440 26.73 -2.75 -33.59
N GLY C 441 27.38 -1.88 -34.36
CA GLY C 441 28.78 -1.45 -34.14
C GLY C 441 29.72 -2.13 -35.11
N LEU C 442 30.45 -3.15 -34.65
CA LEU C 442 31.37 -3.97 -35.48
C LEU C 442 30.56 -4.94 -36.34
N TRP C 443 29.29 -5.18 -35.98
CA TRP C 443 28.40 -6.18 -36.62
C TRP C 443 27.07 -5.52 -36.97
N ASP C 444 26.45 -6.00 -38.04
CA ASP C 444 25.07 -5.64 -38.43
C ASP C 444 24.22 -6.89 -38.31
N ALA C 445 22.94 -6.71 -38.02
CA ALA C 445 21.91 -7.76 -38.09
C ALA C 445 20.98 -7.39 -39.25
N GLU C 446 20.59 -8.39 -40.02
CA GLU C 446 19.51 -8.29 -41.02
C GLU C 446 18.34 -9.13 -40.49
N VAL C 447 17.18 -8.52 -40.38
CA VAL C 447 15.95 -9.18 -39.87
C VAL C 447 14.97 -9.31 -41.03
N THR C 448 14.50 -10.54 -41.27
CA THR C 448 13.53 -10.84 -42.33
C THR C 448 12.34 -11.58 -41.73
N TYR C 449 11.21 -11.52 -42.41
CA TYR C 449 9.92 -12.04 -41.89
C TYR C 449 9.22 -12.94 -42.90
N GLY C 450 8.85 -14.13 -42.44
CA GLY C 450 7.96 -15.05 -43.16
C GLY C 450 8.71 -15.82 -44.21
N ARG C 451 9.62 -16.66 -43.78
CA ARG C 451 10.40 -17.54 -44.68
C ARG C 451 10.68 -18.83 -43.94
N PRO C 452 11.05 -19.90 -44.67
CA PRO C 452 11.47 -21.15 -44.01
C PRO C 452 12.70 -20.95 -43.11
N MET C 453 13.00 -21.98 -42.34
CA MET C 453 14.09 -22.02 -41.34
C MET C 453 15.34 -22.60 -42.01
N PHE C 454 15.27 -22.86 -43.32
CA PHE C 454 16.34 -23.48 -44.10
C PHE C 454 16.35 -22.82 -45.49
N TRP C 455 17.53 -22.63 -46.07
CA TRP C 455 17.71 -22.12 -47.46
C TRP C 455 17.35 -20.63 -47.45
N VAL C 456 17.23 -20.01 -48.63
CA VAL C 456 17.25 -18.53 -48.74
C VAL C 456 16.11 -18.03 -49.64
N THR C 457 15.01 -18.77 -49.76
CA THR C 457 13.79 -18.25 -50.43
C THR C 457 13.46 -16.89 -49.80
N PRO C 458 13.27 -15.83 -50.60
CA PRO C 458 13.04 -14.50 -50.05
C PRO C 458 11.84 -14.45 -49.10
N PRO C 459 11.85 -13.50 -48.14
CA PRO C 459 10.72 -13.34 -47.22
C PRO C 459 9.42 -12.90 -47.90
N GLU C 460 8.30 -13.44 -47.43
CA GLU C 460 6.92 -13.14 -47.93
C GLU C 460 6.04 -12.58 -46.81
N GLY C 461 6.57 -12.46 -45.59
CA GLY C 461 5.80 -11.93 -44.46
C GLY C 461 4.99 -13.02 -43.77
N ASN C 462 4.65 -12.74 -42.50
CA ASN C 462 3.73 -13.59 -41.73
C ASN C 462 2.29 -13.18 -42.07
N THR C 463 1.34 -14.10 -42.01
CA THR C 463 -0.10 -13.86 -42.20
C THR C 463 -0.81 -14.29 -40.93
N PRO C 464 -1.28 -13.38 -40.05
CA PRO C 464 -1.13 -11.92 -40.21
C PRO C 464 0.28 -11.43 -39.87
N ALA C 465 0.56 -10.16 -40.14
CA ALA C 465 1.85 -9.53 -39.74
C ALA C 465 2.00 -9.68 -38.22
N ALA C 466 3.16 -10.12 -37.72
CA ALA C 466 3.31 -10.50 -36.31
C ALA C 466 4.76 -10.53 -35.83
N GLY C 467 5.75 -10.51 -36.72
CA GLY C 467 7.13 -10.81 -36.32
C GLY C 467 7.80 -9.65 -35.60
N GLY C 468 8.92 -9.96 -34.97
CA GLY C 468 9.84 -8.94 -34.44
C GLY C 468 11.09 -9.53 -33.86
N ALA C 469 11.98 -8.69 -33.35
CA ALA C 469 13.28 -9.12 -32.79
C ALA C 469 13.74 -8.12 -31.73
N LEU C 470 14.48 -8.62 -30.75
CA LEU C 470 15.19 -7.82 -29.73
C LEU C 470 16.67 -8.19 -29.77
N ILE C 471 17.55 -7.19 -29.69
CA ILE C 471 19.01 -7.42 -29.57
C ILE C 471 19.54 -6.52 -28.46
N ALA C 472 20.39 -7.06 -27.60
CA ALA C 472 21.13 -6.28 -26.59
C ALA C 472 22.62 -6.53 -26.79
N GLN C 473 23.45 -5.49 -26.78
CA GLN C 473 24.92 -5.68 -26.91
C GLN C 473 25.49 -6.06 -25.55
N LEU C 474 26.20 -7.19 -25.47
CA LEU C 474 26.88 -7.62 -24.23
C LEU C 474 28.35 -7.14 -24.24
N ASP C 475 29.00 -7.24 -25.40
CA ASP C 475 30.41 -6.84 -25.63
C ASP C 475 30.55 -6.46 -27.11
N ASP C 476 31.75 -6.04 -27.54
CA ASP C 476 32.02 -5.61 -28.93
C ASP C 476 31.53 -6.66 -29.92
N ASN C 477 31.65 -7.94 -29.59
CA ASN C 477 31.39 -9.04 -30.55
C ASN C 477 30.29 -9.99 -30.05
N GLU C 478 29.54 -9.63 -29.00
CA GLU C 478 28.59 -10.57 -28.36
C GLU C 478 27.26 -9.87 -28.13
N TYR C 479 26.18 -10.56 -28.48
CA TYR C 479 24.81 -10.00 -28.42
C TYR C 479 23.85 -11.02 -27.78
N LEU C 480 22.91 -10.49 -27.02
CA LEU C 480 21.70 -11.20 -26.57
C LEU C 480 20.63 -11.01 -27.64
N VAL C 481 20.02 -12.08 -28.11
CA VAL C 481 19.05 -12.07 -29.23
C VAL C 481 17.86 -12.94 -28.85
N THR C 482 16.67 -12.40 -29.04
CA THR C 482 15.43 -13.22 -29.07
C THR C 482 14.53 -12.61 -30.12
N ALA C 483 13.82 -13.44 -30.87
CA ALA C 483 12.96 -12.95 -31.96
C ALA C 483 11.76 -13.86 -32.10
N TYR C 484 10.86 -13.48 -32.98
CA TYR C 484 9.51 -14.04 -33.06
C TYR C 484 9.07 -14.02 -34.52
N LYS C 485 8.86 -15.21 -35.10
CA LYS C 485 8.36 -15.34 -36.49
C LYS C 485 9.25 -14.53 -37.44
N ALA C 486 10.57 -14.74 -37.34
CA ALA C 486 11.56 -13.92 -38.06
C ALA C 486 12.86 -14.70 -38.18
N ARG C 487 13.67 -14.26 -39.11
CA ARG C 487 15.10 -14.68 -39.21
C ARG C 487 15.98 -13.48 -38.87
N VAL C 488 16.99 -13.72 -38.04
CA VAL C 488 18.05 -12.72 -37.72
C VAL C 488 19.38 -13.21 -38.27
N GLU C 489 20.04 -12.42 -39.10
CA GLU C 489 21.36 -12.80 -39.68
C GLU C 489 22.41 -11.74 -39.32
N PHE C 490 23.58 -12.16 -38.85
CA PHE C 490 24.72 -11.26 -38.48
C PHE C 490 25.70 -11.17 -39.64
N LYS C 491 26.29 -9.98 -39.84
CA LYS C 491 27.36 -9.74 -40.81
C LYS C 491 28.28 -8.64 -40.28
N PRO C 492 29.50 -8.50 -40.81
CA PRO C 492 30.36 -7.38 -40.42
C PRO C 492 29.69 -6.08 -40.84
N SER C 493 29.84 -5.05 -40.01
CA SER C 493 29.27 -3.70 -40.27
C SER C 493 30.11 -2.96 -41.32
N GLN C 494 31.43 -3.17 -41.32
CA GLN C 494 32.40 -2.54 -42.27
C GLN C 494 33.13 -3.62 -43.06
N GLU C 495 33.62 -3.28 -44.26
CA GLU C 495 34.49 -4.16 -45.10
C GLU C 495 35.69 -4.61 -44.27
N LEU C 496 36.04 -5.89 -44.31
CA LEU C 496 37.25 -6.47 -43.66
C LEU C 496 38.29 -6.76 -44.74
N ALA C 497 39.56 -6.47 -44.49
CA ALA C 497 40.68 -6.70 -45.45
C ALA C 497 41.62 -7.76 -44.89
N GLY C 498 41.79 -8.87 -45.62
CA GLY C 498 42.63 -10.01 -45.21
C GLY C 498 41.92 -10.87 -44.17
N LYS C 499 40.66 -10.52 -43.85
CA LYS C 499 39.86 -11.21 -42.80
C LYS C 499 38.56 -11.77 -43.38
N LYS C 500 38.13 -12.89 -42.81
CA LYS C 500 36.79 -13.47 -43.06
C LYS C 500 36.03 -13.36 -41.74
N PHE C 501 34.77 -13.75 -41.73
CA PHE C 501 33.95 -13.71 -40.49
C PHE C 501 33.14 -14.99 -40.38
N MET C 502 32.79 -15.29 -39.13
CA MET C 502 31.83 -16.37 -38.84
C MET C 502 31.12 -16.06 -37.53
N ILE C 503 30.04 -16.78 -37.28
CA ILE C 503 29.54 -17.01 -35.90
C ILE C 503 30.65 -17.79 -35.17
N GLU C 504 31.11 -17.30 -34.03
CA GLU C 504 32.01 -18.12 -33.18
C GLU C 504 31.15 -19.12 -32.40
N ARG C 505 30.09 -18.66 -31.73
N ARG C 505 30.10 -18.64 -31.74
CA ARG C 505 29.25 -19.56 -30.88
CA ARG C 505 29.25 -19.48 -30.85
C ARG C 505 27.90 -18.93 -30.57
C ARG C 505 27.85 -18.84 -30.78
N VAL C 506 26.82 -19.68 -30.81
CA VAL C 506 25.43 -19.32 -30.41
C VAL C 506 25.04 -20.28 -29.31
N GLU C 507 24.71 -19.74 -28.14
CA GLU C 507 24.21 -20.51 -26.98
C GLU C 507 22.76 -20.12 -26.76
N GLU C 508 21.88 -21.11 -26.59
CA GLU C 508 20.52 -20.88 -26.08
C GLU C 508 20.60 -21.10 -24.59
N GLY C 509 19.93 -20.26 -23.79
CA GLY C 509 19.96 -20.47 -22.35
C GLY C 509 19.04 -19.51 -21.64
N ARG C 510 19.34 -19.26 -20.38
CA ARG C 510 18.46 -18.45 -19.51
C ARG C 510 19.32 -17.86 -18.39
N PHE C 511 18.79 -16.86 -17.71
CA PHE C 511 19.42 -16.28 -16.51
C PHE C 511 18.80 -16.93 -15.29
N GLU C 512 19.65 -17.43 -14.37
CA GLU C 512 19.24 -17.91 -13.03
C GLU C 512 20.11 -17.16 -12.00
N LYS C 513 19.47 -16.47 -11.05
CA LYS C 513 20.16 -15.62 -10.05
C LYS C 513 21.08 -14.63 -10.77
N GLY C 514 20.63 -14.11 -11.92
CA GLY C 514 21.37 -13.12 -12.73
C GLY C 514 22.56 -13.72 -13.48
N LYS C 515 22.76 -15.04 -13.44
CA LYS C 515 23.89 -15.71 -14.12
C LYS C 515 23.37 -16.45 -15.36
N TRP C 516 24.08 -16.35 -16.47
CA TRP C 516 23.79 -17.10 -17.71
C TRP C 516 23.97 -18.60 -17.47
N VAL C 517 22.96 -19.40 -17.82
CA VAL C 517 23.02 -20.89 -17.77
C VAL C 517 22.79 -21.37 -19.21
N MET C 518 23.77 -22.05 -19.80
N MET C 518 23.78 -22.04 -19.78
CA MET C 518 23.69 -22.57 -21.18
CA MET C 518 23.69 -22.61 -21.14
C MET C 518 22.86 -23.85 -21.20
C MET C 518 22.74 -23.80 -21.10
N GLU C 519 21.88 -23.92 -22.11
CA GLU C 519 21.06 -25.14 -22.33
C GLU C 519 21.65 -25.94 -23.49
N ARG C 520 21.97 -25.28 -24.59
CA ARG C 520 22.53 -25.96 -25.79
C ARG C 520 23.20 -24.94 -26.68
N VAL C 521 24.00 -25.44 -27.61
CA VAL C 521 24.66 -24.62 -28.66
C VAL C 521 23.84 -24.78 -29.92
N TRP C 522 23.43 -23.66 -30.51
CA TRP C 522 22.87 -23.68 -31.88
C TRP C 522 24.02 -23.75 -32.85
N ASN C 523 23.97 -24.68 -33.78
CA ASN C 523 25.02 -24.85 -34.81
C ASN C 523 24.40 -25.56 -36.01
N GLY C 524 25.19 -25.78 -37.06
CA GLY C 524 24.71 -26.54 -38.21
C GLY C 524 23.50 -25.85 -38.82
N ASP C 525 22.45 -26.61 -39.13
CA ASP C 525 21.21 -26.10 -39.76
C ASP C 525 20.68 -24.87 -39.00
N GLN C 526 20.84 -24.86 -37.67
CA GLN C 526 20.23 -23.79 -36.81
C GLN C 526 21.00 -22.47 -36.97
N THR C 527 22.20 -22.46 -37.54
CA THR C 527 22.94 -21.18 -37.74
C THR C 527 23.36 -20.99 -39.19
N ASP C 528 23.14 -21.96 -40.09
CA ASP C 528 23.60 -21.83 -41.49
C ASP C 528 22.75 -20.80 -42.26
N TRP C 529 21.49 -20.64 -41.89
CA TRP C 529 20.48 -19.86 -42.66
C TRP C 529 19.95 -18.77 -41.76
N GLY C 530 20.87 -18.10 -41.06
CA GLY C 530 20.52 -17.14 -40.01
C GLY C 530 20.00 -17.83 -38.77
N LEU C 531 19.42 -17.04 -37.87
CA LEU C 531 18.81 -17.53 -36.62
C LEU C 531 17.30 -17.42 -36.78
N ASN C 532 16.63 -18.56 -36.86
CA ASN C 532 15.21 -18.63 -37.27
C ASN C 532 14.36 -18.90 -36.03
N PHE C 533 13.36 -18.05 -35.84
CA PHE C 533 12.47 -18.05 -34.68
C PHE C 533 11.04 -18.26 -35.15
N THR C 534 10.28 -19.06 -34.41
CA THR C 534 8.86 -19.29 -34.69
C THR C 534 8.07 -18.50 -33.64
N ASP C 535 7.04 -19.13 -33.07
CA ASP C 535 6.22 -18.53 -31.99
C ASP C 535 6.83 -18.87 -30.62
N ARG C 536 7.79 -19.79 -30.55
CA ARG C 536 8.29 -20.31 -29.25
C ARG C 536 9.44 -19.43 -28.76
N PRO C 537 9.61 -19.29 -27.44
CA PRO C 537 10.68 -18.47 -26.90
C PRO C 537 12.03 -19.18 -26.91
N HIS C 538 13.05 -18.45 -27.35
CA HIS C 538 14.47 -18.86 -27.28
C HIS C 538 15.31 -17.62 -27.06
N LEU C 539 16.13 -17.65 -26.01
CA LEU C 539 17.08 -16.55 -25.71
C LEU C 539 18.48 -17.00 -26.09
N LEU C 540 19.12 -16.28 -27.01
CA LEU C 540 20.45 -16.66 -27.52
C LEU C 540 21.49 -15.63 -27.08
N ARG C 541 22.69 -16.11 -26.77
CA ARG C 541 23.92 -15.30 -26.78
C ARG C 541 24.69 -15.64 -28.05
N VAL C 542 24.93 -14.61 -28.85
CA VAL C 542 25.55 -14.74 -30.21
C VAL C 542 26.93 -14.08 -30.13
N LYS C 543 27.99 -14.88 -30.27
CA LYS C 543 29.39 -14.38 -30.32
C LYS C 543 29.84 -14.46 -31.78
N MET C 544 30.25 -13.30 -32.33
CA MET C 544 30.76 -13.17 -33.72
C MET C 544 32.28 -13.05 -33.67
N ALA C 545 32.97 -13.50 -34.72
CA ALA C 545 34.44 -13.38 -34.85
C ALA C 545 34.81 -13.05 -36.29
N SER C 546 35.70 -12.09 -36.45
CA SER C 546 36.51 -11.90 -37.68
C SER C 546 37.81 -12.68 -37.46
N TYR C 547 38.33 -13.28 -38.53
CA TYR C 547 39.56 -14.10 -38.44
C TYR C 547 40.41 -13.88 -39.68
N SER C 548 41.72 -13.95 -39.48
CA SER C 548 42.75 -13.77 -40.53
C SER C 548 42.82 -15.05 -41.39
N VAL C 549 42.94 -14.88 -42.70
CA VAL C 549 43.21 -16.00 -43.66
C VAL C 549 44.52 -15.73 -44.40
N GLN C 550 45.22 -14.64 -44.03
CA GLN C 550 46.57 -14.27 -44.55
C GLN C 550 47.56 -15.41 -44.23
N ALA D 11 0.06 -20.19 53.35
CA ALA D 11 0.79 -20.19 52.05
C ALA D 11 -0.12 -19.62 50.96
N ALA D 12 0.33 -18.58 50.27
CA ALA D 12 -0.44 -17.91 49.19
C ALA D 12 -0.70 -18.92 48.08
N PRO D 13 -1.89 -18.92 47.45
CA PRO D 13 -2.11 -19.76 46.28
C PRO D 13 -1.21 -19.32 45.12
N LEU D 14 -0.85 -20.26 44.26
CA LEU D 14 -0.11 -19.95 43.02
C LEU D 14 -0.85 -18.90 42.20
N PRO D 15 -0.15 -17.95 41.53
CA PRO D 15 -0.72 -17.14 40.43
C PRO D 15 -1.27 -18.13 39.40
N GLU D 16 -2.35 -17.75 38.74
CA GLU D 16 -2.99 -18.60 37.73
C GLU D 16 -3.74 -17.72 36.75
N LEU D 17 -3.67 -18.05 35.47
CA LEU D 17 -4.52 -17.38 34.47
C LEU D 17 -5.82 -18.17 34.33
N LEU D 18 -6.95 -17.53 34.66
CA LEU D 18 -8.30 -18.11 34.52
C LEU D 18 -8.92 -17.63 33.22
N SER D 19 -9.56 -18.52 32.49
CA SER D 19 -10.30 -18.21 31.26
C SER D 19 -11.65 -18.94 31.34
N ASN D 20 -12.73 -18.18 31.42
CA ASN D 20 -14.10 -18.74 31.51
C ASN D 20 -15.03 -17.80 30.77
N ASN D 21 -15.98 -18.35 30.01
CA ASN D 21 -17.06 -17.54 29.38
C ASN D 21 -16.46 -16.44 28.51
N GLY D 22 -15.31 -16.68 27.87
CA GLY D 22 -14.66 -15.75 26.93
C GLY D 22 -14.01 -14.57 27.63
N LYS D 23 -13.92 -14.65 28.96
CA LYS D 23 -13.26 -13.61 29.81
C LYS D 23 -12.07 -14.24 30.52
N HIS D 24 -11.14 -13.41 31.00
CA HIS D 24 -9.85 -13.86 31.56
C HIS D 24 -9.51 -13.05 32.79
N ALA D 25 -8.76 -13.65 33.71
CA ALA D 25 -8.16 -12.95 34.86
C ALA D 25 -6.82 -13.57 35.19
N LEU D 26 -5.86 -12.73 35.51
CA LEU D 26 -4.61 -13.19 36.16
C LEU D 26 -4.89 -13.18 37.65
N MET D 27 -5.00 -14.34 38.27
CA MET D 27 -5.16 -14.44 39.73
C MET D 27 -3.79 -14.33 40.39
N VAL D 28 -3.65 -13.40 41.33
CA VAL D 28 -2.44 -13.25 42.19
C VAL D 28 -2.93 -13.20 43.63
N ASP D 29 -2.41 -14.08 44.48
CA ASP D 29 -2.83 -14.18 45.90
C ASP D 29 -4.36 -14.40 45.96
N GLY D 30 -4.91 -15.13 44.99
CA GLY D 30 -6.28 -15.67 45.05
C GLY D 30 -7.34 -14.68 44.59
N ALA D 31 -6.96 -13.61 43.89
CA ALA D 31 -7.93 -12.64 43.36
C ALA D 31 -7.38 -12.05 42.07
N PRO D 32 -8.24 -11.56 41.16
CA PRO D 32 -7.79 -10.91 39.94
C PRO D 32 -6.83 -9.75 40.22
N TYR D 33 -5.88 -9.60 39.31
CA TYR D 33 -4.76 -8.64 39.42
C TYR D 33 -4.51 -8.00 38.07
N ILE D 34 -4.15 -6.73 38.07
CA ILE D 34 -3.70 -5.99 36.85
C ILE D 34 -2.23 -5.71 36.99
N ILE D 35 -1.43 -6.15 36.03
CA ILE D 35 -0.02 -5.73 35.93
C ILE D 35 0.00 -4.28 35.42
N LEU D 36 0.30 -3.34 36.30
CA LEU D 36 0.65 -1.95 35.92
C LEU D 36 2.16 -1.95 35.89
N GLY D 37 2.71 -2.27 34.74
CA GLY D 37 4.06 -2.84 34.66
C GLY D 37 5.09 -1.82 34.24
N SER D 38 6.32 -2.31 34.20
N SER D 38 6.35 -2.17 34.43
CA SER D 38 7.55 -1.58 33.81
CA SER D 38 7.50 -1.57 33.72
C SER D 38 8.57 -2.64 33.40
C SER D 38 8.43 -2.70 33.32
N GLN D 39 9.11 -2.54 32.18
CA GLN D 39 10.18 -3.47 31.77
C GLN D 39 11.50 -2.70 31.69
N THR D 40 12.57 -3.29 32.19
CA THR D 40 13.93 -2.75 32.08
C THR D 40 14.41 -2.80 30.64
N ASN D 41 15.44 -2.00 30.38
CA ASN D 41 16.26 -2.20 29.17
C ASN D 41 16.92 -3.59 29.26
N ASN D 42 17.44 -4.03 28.13
CA ASN D 42 17.87 -5.43 27.91
C ASN D 42 19.17 -5.78 28.68
N SER D 43 19.93 -4.81 29.20
CA SER D 43 21.23 -5.06 29.86
C SER D 43 21.19 -4.62 31.32
N SER D 44 20.01 -4.69 31.93
CA SER D 44 19.76 -4.29 33.34
C SER D 44 19.64 -5.50 34.27
N ASN D 45 19.89 -6.70 33.73
CA ASN D 45 19.66 -7.97 34.45
C ASN D 45 20.88 -8.36 35.30
N TYR D 46 21.45 -7.43 36.05
CA TYR D 46 22.64 -7.66 36.91
C TYR D 46 22.46 -6.90 38.20
N PRO D 47 22.98 -7.41 39.32
CA PRO D 47 22.82 -6.73 40.60
C PRO D 47 23.17 -5.23 40.57
N ASP D 48 24.28 -4.89 39.93
CA ASP D 48 24.80 -3.50 39.93
C ASP D 48 23.84 -2.58 39.20
N ALA D 49 23.03 -3.08 38.28
CA ALA D 49 22.14 -2.24 37.46
C ALA D 49 20.83 -1.93 38.20
N LEU D 50 20.47 -2.69 39.24
CA LEU D 50 19.10 -2.56 39.82
C LEU D 50 18.94 -1.17 40.46
N LYS D 51 20.01 -0.57 40.98
CA LYS D 51 19.92 0.80 41.55
C LYS D 51 19.47 1.80 40.48
N ASP D 52 19.58 1.48 39.18
CA ASP D 52 19.14 2.38 38.09
C ASP D 52 17.74 1.97 37.59
N VAL D 53 17.13 0.95 38.19
CA VAL D 53 15.80 0.42 37.82
C VAL D 53 14.77 0.88 38.84
N TRP D 54 15.06 0.70 40.13
CA TRP D 54 14.02 0.90 41.18
C TRP D 54 13.49 2.34 41.18
N PRO D 55 14.33 3.40 41.09
CA PRO D 55 13.80 4.75 41.17
C PRO D 55 12.74 5.02 40.10
N SER D 56 12.96 4.53 38.88
CA SER D 56 11.98 4.69 37.77
C SER D 56 10.68 3.98 38.12
N MET D 57 10.79 2.76 38.66
CA MET D 57 9.59 1.99 39.00
C MET D 57 8.77 2.74 40.07
N GLU D 58 9.44 3.35 41.02
CA GLU D 58 8.77 4.10 42.12
C GLU D 58 8.09 5.34 41.55
N LYS D 59 8.79 6.08 40.69
CA LYS D 59 8.23 7.30 40.07
C LYS D 59 7.03 6.94 39.20
N MET D 60 7.07 5.77 38.56
CA MET D 60 5.99 5.34 37.65
C MET D 60 4.77 4.87 38.47
N GLY D 61 4.94 4.37 39.69
CA GLY D 61 3.82 3.73 40.41
C GLY D 61 3.51 2.34 39.88
N ALA D 62 4.49 1.69 39.27
CA ALA D 62 4.28 0.34 38.73
C ALA D 62 4.17 -0.65 39.88
N ASN D 63 3.37 -1.71 39.69
CA ASN D 63 3.19 -2.78 40.71
C ASN D 63 3.98 -4.05 40.34
N THR D 64 4.51 -4.10 39.11
CA THR D 64 5.17 -5.32 38.60
C THR D 64 6.34 -4.92 37.70
N LEU D 65 7.50 -5.53 37.91
CA LEU D 65 8.71 -5.29 37.09
C LEU D 65 8.92 -6.52 36.21
N SER D 66 9.06 -6.30 34.91
CA SER D 66 9.51 -7.32 33.93
C SER D 66 11.00 -7.14 33.71
N ILE D 67 11.78 -8.19 33.87
CA ILE D 67 13.25 -8.08 33.81
C ILE D 67 13.80 -9.39 33.27
N PRO D 68 14.83 -9.36 32.40
CA PRO D 68 15.39 -10.61 31.91
C PRO D 68 16.07 -11.46 32.97
N VAL D 69 16.00 -12.78 32.78
CA VAL D 69 16.99 -13.73 33.36
C VAL D 69 17.54 -14.51 32.17
N ALA D 70 18.84 -14.40 31.94
CA ALA D 70 19.48 -14.87 30.70
C ALA D 70 20.07 -16.26 30.95
N TRP D 71 19.90 -17.13 29.98
CA TRP D 71 20.57 -18.44 30.04
C TRP D 71 22.09 -18.26 30.25
N GLU D 72 22.73 -17.31 29.56
CA GLU D 72 24.20 -17.11 29.69
C GLU D 72 24.56 -16.82 31.15
N GLN D 73 23.69 -16.13 31.92
CA GLN D 73 24.08 -15.72 33.30
C GLN D 73 23.79 -16.85 34.29
N ILE D 74 22.76 -17.66 34.05
CA ILE D 74 22.47 -18.77 35.02
C ILE D 74 23.26 -20.04 34.70
N GLU D 75 23.76 -20.22 33.47
CA GLU D 75 24.56 -21.45 33.16
C GLU D 75 25.76 -21.04 32.31
N PRO D 76 26.70 -20.25 32.86
CA PRO D 76 27.79 -19.70 32.06
C PRO D 76 28.75 -20.81 31.55
N VAL D 77 28.83 -21.88 32.32
CA VAL D 77 29.58 -23.12 31.97
C VAL D 77 28.57 -24.25 32.15
N GLU D 78 28.56 -25.20 31.23
CA GLU D 78 27.49 -26.23 31.23
C GLU D 78 27.46 -26.95 32.59
N GLY D 79 26.27 -27.06 33.19
CA GLY D 79 26.04 -27.74 34.48
C GLY D 79 26.49 -26.92 35.69
N GLN D 80 27.00 -25.70 35.50
CA GLN D 80 27.51 -24.86 36.62
C GLN D 80 26.56 -23.66 36.78
N PHE D 81 25.51 -23.85 37.58
CA PHE D 81 24.39 -22.90 37.70
C PHE D 81 24.76 -21.78 38.70
N ASP D 82 24.30 -20.59 38.34
CA ASP D 82 24.54 -19.34 39.09
C ASP D 82 23.23 -18.57 39.16
N PHE D 83 22.59 -18.55 40.34
CA PHE D 83 21.32 -17.81 40.57
C PHE D 83 21.59 -16.56 41.42
N SER D 84 22.82 -16.08 41.50
CA SER D 84 23.18 -14.91 42.34
C SER D 84 22.34 -13.69 41.92
N PHE D 85 22.06 -13.50 40.63
CA PHE D 85 21.23 -12.33 40.20
C PHE D 85 19.81 -12.52 40.72
N VAL D 86 19.25 -13.71 40.56
CA VAL D 86 17.83 -13.97 40.93
C VAL D 86 17.68 -13.78 42.44
N ASP D 87 18.67 -14.18 43.22
CA ASP D 87 18.68 -14.01 44.69
C ASP D 87 18.51 -12.51 45.01
N VAL D 88 19.38 -11.68 44.48
CA VAL D 88 19.36 -10.21 44.75
C VAL D 88 18.03 -9.63 44.26
N LEU D 89 17.60 -9.99 43.06
CA LEU D 89 16.36 -9.44 42.47
C LEU D 89 15.15 -9.75 43.37
N LEU D 90 15.00 -10.99 43.80
CA LEU D 90 13.86 -11.39 44.65
C LEU D 90 13.88 -10.53 45.92
N LYS D 91 15.03 -10.44 46.58
CA LYS D 91 15.13 -9.74 47.88
C LYS D 91 14.83 -8.25 47.70
N GLU D 92 15.37 -7.64 46.65
CA GLU D 92 15.17 -6.18 46.42
C GLU D 92 13.72 -5.92 45.99
N ALA D 93 13.10 -6.79 45.20
CA ALA D 93 11.66 -6.65 44.84
C ALA D 93 10.79 -6.73 46.10
N ARG D 94 11.09 -7.70 46.97
CA ARG D 94 10.35 -7.88 48.24
C ARG D 94 10.48 -6.63 49.12
N GLN D 95 11.67 -6.03 49.20
CA GLN D 95 11.87 -4.81 50.03
C GLN D 95 10.92 -3.72 49.54
N ARG D 96 10.68 -3.65 48.23
CA ARG D 96 9.88 -2.58 47.60
C ARG D 96 8.41 -2.97 47.40
N LYS D 97 8.03 -4.18 47.83
CA LYS D 97 6.63 -4.69 47.81
C LYS D 97 6.11 -4.60 46.38
N VAL D 98 6.92 -5.10 45.42
CA VAL D 98 6.50 -5.19 44.00
C VAL D 98 6.65 -6.65 43.58
N ARG D 99 5.96 -7.00 42.52
CA ARG D 99 5.99 -8.36 41.96
C ARG D 99 6.86 -8.36 40.70
N LEU D 100 7.21 -9.56 40.23
CA LEU D 100 8.16 -9.76 39.12
C LEU D 100 7.55 -10.64 38.03
N VAL D 101 7.88 -10.30 36.80
CA VAL D 101 7.77 -11.20 35.63
C VAL D 101 9.18 -11.40 35.11
N LEU D 102 9.67 -12.64 35.15
CA LEU D 102 11.00 -12.96 34.64
C LEU D 102 10.88 -13.26 33.15
N LEU D 103 11.82 -12.75 32.38
CA LEU D 103 11.87 -12.98 30.91
C LEU D 103 13.05 -13.92 30.62
N TRP D 104 12.74 -15.17 30.32
CA TRP D 104 13.75 -16.20 29.98
C TRP D 104 14.31 -15.94 28.58
N PHE D 105 15.50 -15.34 28.54
CA PHE D 105 16.26 -15.06 27.31
C PHE D 105 17.21 -16.24 27.06
N ALA D 106 16.88 -17.09 26.09
CA ALA D 106 17.54 -18.41 25.95
C ALA D 106 17.75 -18.73 24.47
N THR D 107 17.07 -19.74 23.92
CA THR D 107 17.23 -20.15 22.50
C THR D 107 16.94 -18.97 21.57
N TRP D 108 15.87 -18.21 21.83
CA TRP D 108 15.56 -16.98 21.06
C TRP D 108 15.48 -15.76 21.97
N LYS D 109 16.17 -14.72 21.55
CA LYS D 109 15.94 -13.32 22.00
C LYS D 109 15.97 -12.51 20.71
N ASN D 110 14.81 -12.04 20.26
CA ASN D 110 14.70 -11.26 19.00
C ASN D 110 15.28 -12.11 17.87
N ASN D 111 14.85 -13.37 17.79
CA ASN D 111 15.20 -14.34 16.73
C ASN D 111 16.57 -14.99 16.92
N ALA D 112 17.43 -14.53 17.84
CA ALA D 112 18.87 -14.85 17.86
C ALA D 112 19.28 -15.45 19.20
N PRO D 113 20.44 -16.15 19.23
CA PRO D 113 20.92 -16.77 20.47
C PRO D 113 21.96 -16.01 21.28
N HIS D 114 21.94 -14.68 21.20
CA HIS D 114 22.99 -13.85 21.86
C HIS D 114 23.00 -14.02 23.38
N TYR D 115 21.87 -14.36 24.00
CA TYR D 115 21.78 -14.57 25.46
C TYR D 115 21.93 -16.04 25.86
N ALA D 116 22.17 -16.93 24.89
CA ALA D 116 22.56 -18.31 25.22
C ALA D 116 24.03 -18.26 25.65
N PRO D 117 24.46 -19.19 26.53
CA PRO D 117 25.86 -19.26 26.96
C PRO D 117 26.79 -19.40 25.75
N ALA D 118 28.06 -19.01 25.91
CA ALA D 118 29.06 -19.15 24.83
C ALA D 118 29.13 -20.60 24.34
N TRP D 119 29.02 -21.57 25.26
CA TRP D 119 29.17 -23.01 24.91
C TRP D 119 27.95 -23.47 24.11
N VAL D 120 26.90 -22.66 24.05
CA VAL D 120 25.74 -22.91 23.14
C VAL D 120 25.91 -22.12 21.85
N LYS D 121 25.96 -20.79 21.90
CA LYS D 121 25.85 -19.94 20.68
C LYS D 121 27.10 -20.07 19.79
N LEU D 122 28.21 -20.59 20.30
CA LEU D 122 29.45 -20.73 19.48
C LEU D 122 29.62 -22.17 19.00
N ASP D 123 28.67 -23.06 19.28
CA ASP D 123 28.76 -24.51 18.91
C ASP D 123 27.61 -24.85 17.98
N ASN D 124 27.75 -24.50 16.70
CA ASN D 124 26.69 -24.74 15.68
C ASN D 124 26.53 -26.24 15.40
N ALA D 125 27.61 -27.03 15.49
CA ALA D 125 27.55 -28.49 15.28
C ALA D 125 26.55 -29.11 16.26
N ARG D 126 26.61 -28.69 17.52
CA ARG D 126 25.74 -29.26 18.59
C ARG D 126 24.36 -28.59 18.58
N PHE D 127 24.34 -27.29 18.32
CA PHE D 127 23.16 -26.42 18.47
C PHE D 127 22.93 -25.67 17.16
N PRO D 128 22.27 -26.31 16.18
CA PRO D 128 22.30 -25.79 14.82
C PRO D 128 21.40 -24.59 14.50
N ARG D 129 21.90 -23.79 13.58
CA ARG D 129 21.21 -22.60 13.04
C ARG D 129 20.32 -22.98 11.86
N VAL D 130 19.30 -22.16 11.67
CA VAL D 130 18.45 -22.08 10.46
C VAL D 130 19.36 -21.94 9.23
N VAL D 131 19.13 -22.80 8.25
CA VAL D 131 19.83 -22.72 6.94
C VAL D 131 18.82 -22.21 5.91
N LYS D 132 19.21 -21.21 5.13
CA LYS D 132 18.34 -20.63 4.07
C LYS D 132 18.24 -21.62 2.91
N GLU D 133 17.29 -21.41 2.01
CA GLU D 133 17.11 -22.28 0.82
C GLU D 133 18.41 -22.27 0.01
N ASP D 134 19.14 -21.15 -0.02
CA ASP D 134 20.39 -20.98 -0.82
C ASP D 134 21.61 -21.58 -0.09
N GLY D 135 21.40 -22.19 1.09
CA GLY D 135 22.45 -22.87 1.86
C GLY D 135 23.24 -21.94 2.77
N ASP D 136 22.99 -20.63 2.74
CA ASP D 136 23.61 -19.67 3.68
C ASP D 136 22.99 -19.89 5.07
N THR D 137 23.74 -19.62 6.13
CA THR D 137 23.29 -19.82 7.53
C THR D 137 22.88 -18.46 8.13
N LEU D 138 21.76 -18.45 8.85
CA LEU D 138 21.30 -17.27 9.64
C LEU D 138 21.59 -17.48 11.13
N ASN D 139 21.80 -16.39 11.87
CA ASN D 139 22.11 -16.46 13.32
C ASN D 139 20.78 -16.55 14.09
N SER D 140 20.09 -17.67 13.89
CA SER D 140 18.76 -17.99 14.45
C SER D 140 18.74 -19.50 14.66
N LEU D 141 18.64 -19.96 15.90
CA LEU D 141 18.74 -21.40 16.18
C LEU D 141 17.51 -22.12 15.63
N SER D 142 17.74 -23.28 15.01
CA SER D 142 16.64 -24.06 14.42
C SER D 142 15.80 -24.66 15.54
N PRO D 143 14.47 -24.59 15.44
CA PRO D 143 13.63 -25.24 16.45
C PRO D 143 13.68 -26.77 16.35
N LEU D 144 14.37 -27.30 15.34
CA LEU D 144 14.48 -28.77 15.19
C LEU D 144 15.80 -29.27 15.77
N GLY D 145 16.62 -28.39 16.35
CA GLY D 145 17.84 -28.80 17.08
C GLY D 145 17.46 -29.50 18.37
N GLN D 146 17.48 -30.82 18.40
CA GLN D 146 17.03 -31.57 19.59
C GLN D 146 17.97 -31.32 20.77
N ASN D 147 19.27 -31.10 20.53
CA ASN D 147 20.24 -30.83 21.64
C ASN D 147 19.89 -29.47 22.23
N THR D 148 19.51 -28.52 21.38
CA THR D 148 19.20 -27.14 21.80
C THR D 148 17.99 -27.18 22.75
N LEU D 149 16.93 -27.87 22.33
CA LEU D 149 15.71 -28.01 23.16
C LEU D 149 16.05 -28.67 24.51
N ALA D 150 16.82 -29.76 24.52
CA ALA D 150 17.17 -30.46 25.77
C ALA D 150 17.94 -29.52 26.70
N ALA D 151 18.85 -28.72 26.18
CA ALA D 151 19.72 -27.85 26.99
C ALA D 151 18.94 -26.66 27.55
N ASP D 152 18.07 -26.03 26.74
CA ASP D 152 17.21 -24.89 27.16
C ASP D 152 16.29 -25.40 28.27
N LYS D 153 15.58 -26.50 28.00
CA LYS D 153 14.68 -27.15 28.97
C LYS D 153 15.42 -27.40 30.30
N LYS D 154 16.64 -27.94 30.28
CA LYS D 154 17.40 -28.30 31.50
C LYS D 154 17.66 -27.03 32.32
N ALA D 155 18.10 -25.97 31.66
CA ALA D 155 18.43 -24.70 32.33
C ALA D 155 17.15 -24.04 32.87
N PHE D 156 16.07 -24.07 32.08
CA PHE D 156 14.78 -23.47 32.48
C PHE D 156 14.27 -24.20 33.72
N VAL D 157 14.40 -25.52 33.72
CA VAL D 157 13.97 -26.34 34.89
C VAL D 157 14.78 -25.91 36.11
N GLU D 158 16.08 -25.64 35.98
CA GLU D 158 16.91 -25.22 37.16
C GLU D 158 16.41 -23.86 37.64
N LEU D 159 16.03 -22.97 36.74
CA LEU D 159 15.50 -21.64 37.14
C LEU D 159 14.19 -21.86 37.91
N MET D 160 13.30 -22.71 37.41
CA MET D 160 11.99 -22.92 38.07
C MET D 160 12.21 -23.68 39.38
N LYS D 161 13.21 -24.57 39.47
CA LYS D 161 13.56 -25.20 40.78
C LYS D 161 14.02 -24.12 41.77
N TYR D 162 14.77 -23.12 41.32
CA TYR D 162 15.20 -22.02 42.19
C TYR D 162 13.96 -21.32 42.74
N LEU D 163 12.97 -21.02 41.89
CA LEU D 163 11.76 -20.32 42.36
C LEU D 163 10.96 -21.25 43.30
N ALA D 164 10.87 -22.55 42.98
CA ALA D 164 10.13 -23.50 43.84
C ALA D 164 10.71 -23.48 45.27
N LYS D 165 12.03 -23.45 45.38
CA LYS D 165 12.78 -23.57 46.66
C LYS D 165 12.89 -22.20 47.36
N ARG D 166 12.88 -21.09 46.61
CA ARG D 166 13.33 -19.78 47.17
C ARG D 166 12.25 -18.71 47.00
N ASP D 167 11.08 -19.02 46.43
CA ASP D 167 10.02 -17.99 46.20
C ASP D 167 8.63 -18.53 46.56
N LYS D 168 8.49 -19.05 47.77
CA LYS D 168 7.25 -19.68 48.29
C LYS D 168 6.06 -18.70 48.27
N ASP D 169 6.32 -17.40 48.36
CA ASP D 169 5.26 -16.36 48.41
C ASP D 169 5.00 -15.78 47.01
N HIS D 170 5.66 -16.32 45.97
CA HIS D 170 5.38 -15.98 44.55
C HIS D 170 5.61 -14.49 44.30
N THR D 171 6.77 -13.98 44.71
CA THR D 171 7.24 -12.64 44.29
C THR D 171 7.20 -12.60 42.76
N VAL D 172 7.66 -13.69 42.14
CA VAL D 172 7.54 -13.90 40.67
C VAL D 172 6.16 -14.50 40.39
N ILE D 173 5.35 -13.77 39.60
CA ILE D 173 3.94 -14.17 39.32
C ILE D 173 3.80 -14.79 37.94
N MET D 174 4.77 -14.62 37.05
CA MET D 174 4.62 -15.12 35.67
C MET D 174 6.01 -15.15 35.03
N VAL D 175 6.19 -16.03 34.05
CA VAL D 175 7.48 -16.14 33.32
C VAL D 175 7.20 -16.09 31.83
N GLN D 176 7.99 -15.28 31.15
CA GLN D 176 7.99 -15.23 29.67
C GLN D 176 9.01 -16.25 29.18
N VAL D 177 8.59 -17.15 28.29
CA VAL D 177 9.48 -18.21 27.76
C VAL D 177 10.02 -17.75 26.42
N GLN D 178 11.33 -17.50 26.36
CA GLN D 178 12.04 -16.88 25.22
C GLN D 178 11.61 -15.42 25.11
N ASN D 179 12.10 -14.74 24.07
CA ASN D 179 11.74 -13.34 23.79
C ASN D 179 11.67 -13.14 22.28
N GLU D 180 10.51 -12.80 21.75
CA GLU D 180 10.32 -12.51 20.28
C GLU D 180 11.01 -13.61 19.47
N VAL D 181 10.45 -14.81 19.59
CA VAL D 181 10.97 -15.97 18.82
C VAL D 181 10.76 -15.73 17.33
N GLY D 182 11.42 -16.55 16.51
CA GLY D 182 11.23 -16.50 15.06
C GLY D 182 12.54 -16.33 14.35
N THR D 183 12.46 -16.07 13.05
CA THR D 183 13.65 -15.87 12.20
C THR D 183 13.42 -14.68 11.27
N TYR D 184 14.39 -13.77 11.27
CA TYR D 184 14.49 -12.72 10.22
C TYR D 184 15.34 -13.28 9.08
N GLY D 185 14.95 -13.05 7.82
CA GLY D 185 15.80 -13.33 6.65
C GLY D 185 15.50 -14.67 6.00
N ALA D 186 14.63 -15.48 6.58
CA ALA D 186 14.12 -16.73 5.98
C ALA D 186 12.79 -17.05 6.63
N VAL D 187 11.99 -17.89 5.98
CA VAL D 187 10.62 -18.24 6.47
C VAL D 187 10.73 -19.41 7.44
N ARG D 188 11.69 -20.33 7.20
CA ARG D 188 11.89 -21.53 8.06
C ARG D 188 13.33 -22.03 7.91
N ASP D 189 13.65 -23.10 8.63
CA ASP D 189 14.90 -23.86 8.45
C ASP D 189 14.73 -24.73 7.19
N TYR D 190 15.69 -24.66 6.28
CA TYR D 190 15.75 -25.49 5.05
C TYR D 190 16.94 -26.47 5.12
N SER D 191 17.55 -26.63 6.29
CA SER D 191 18.61 -27.65 6.52
C SER D 191 18.07 -29.01 6.10
N PRO D 192 18.93 -29.94 5.67
CA PRO D 192 18.49 -31.31 5.40
C PRO D 192 17.67 -31.88 6.57
N MET D 193 18.09 -31.62 7.82
CA MET D 193 17.36 -32.08 9.04
C MET D 193 15.92 -31.57 9.01
N ALA D 194 15.74 -30.27 8.74
CA ALA D 194 14.40 -29.64 8.74
C ALA D 194 13.60 -30.13 7.54
N GLN D 195 14.25 -30.25 6.38
CA GLN D 195 13.59 -30.66 5.11
C GLN D 195 12.96 -32.05 5.30
N ALA D 196 13.66 -32.98 5.97
CA ALA D 196 13.21 -34.37 6.21
C ALA D 196 11.90 -34.38 7.03
N VAL D 197 11.76 -33.45 7.98
CA VAL D 197 10.53 -33.31 8.82
C VAL D 197 9.45 -32.63 7.98
N PHE D 198 9.82 -31.60 7.21
CA PHE D 198 8.88 -30.87 6.32
C PHE D 198 8.32 -31.82 5.25
N ASN D 199 9.16 -32.70 4.67
CA ASN D 199 8.78 -33.69 3.64
C ASN D 199 7.87 -34.78 4.21
N ALA D 200 7.85 -34.95 5.54
CA ALA D 200 7.07 -35.99 6.25
C ALA D 200 5.64 -35.51 6.53
N ALA D 201 4.80 -36.42 7.04
CA ALA D 201 3.39 -36.18 7.42
C ALA D 201 3.32 -35.06 8.47
N VAL D 202 2.38 -34.14 8.30
CA VAL D 202 1.97 -33.20 9.38
C VAL D 202 1.54 -34.09 10.55
N PRO D 203 2.02 -33.81 11.79
CA PRO D 203 1.57 -34.55 12.97
C PRO D 203 0.04 -34.58 13.05
N ASP D 204 -0.52 -35.72 13.45
CA ASP D 204 -2.00 -35.96 13.46
C ASP D 204 -2.69 -35.00 14.44
N ASP D 205 -2.05 -34.66 15.56
CA ASP D 205 -2.66 -33.78 16.60
C ASP D 205 -3.03 -32.43 15.95
N LEU D 206 -2.16 -31.87 15.11
CA LEU D 206 -2.43 -30.57 14.45
C LEU D 206 -3.57 -30.76 13.43
N ILE D 207 -3.46 -31.80 12.61
CA ILE D 207 -4.48 -32.10 11.56
C ILE D 207 -5.87 -32.16 12.22
N GLN D 208 -5.99 -32.89 13.33
CA GLN D 208 -7.28 -33.12 14.02
C GLN D 208 -7.77 -31.82 14.67
N LYS D 209 -6.88 -31.04 15.31
CA LYS D 209 -7.26 -29.76 15.97
C LYS D 209 -7.76 -28.77 14.91
N LEU D 210 -7.15 -28.72 13.73
CA LEU D 210 -7.53 -27.77 12.64
C LEU D 210 -8.59 -28.38 11.73
N GLN D 211 -8.92 -29.67 11.93
CA GLN D 211 -9.97 -30.41 11.16
C GLN D 211 -9.63 -30.37 9.68
N LEU D 212 -8.38 -30.68 9.34
CA LEU D 212 -7.88 -30.75 7.93
C LEU D 212 -7.77 -32.21 7.51
N LYS D 213 -7.47 -32.46 6.23
CA LYS D 213 -7.17 -33.81 5.69
C LYS D 213 -5.68 -34.06 5.92
N PRO D 214 -5.27 -35.29 6.28
CA PRO D 214 -3.85 -35.60 6.46
C PRO D 214 -3.07 -35.41 5.15
N GLY D 215 -1.75 -35.25 5.31
CA GLY D 215 -0.80 -35.08 4.20
C GLY D 215 0.50 -34.54 4.73
N THR D 216 1.42 -34.24 3.83
CA THR D 216 2.69 -33.55 4.12
C THR D 216 2.41 -32.05 4.32
N TRP D 217 3.41 -31.35 4.82
CA TRP D 217 3.31 -29.90 5.07
C TRP D 217 2.86 -29.20 3.79
N SER D 218 3.51 -29.50 2.65
CA SER D 218 3.24 -28.87 1.34
C SER D 218 1.80 -29.19 0.90
N GLN D 219 1.39 -30.45 1.05
CA GLN D 219 0.03 -30.92 0.65
C GLN D 219 -1.02 -30.20 1.49
N VAL D 220 -0.84 -30.13 2.80
CA VAL D 220 -1.91 -29.67 3.74
C VAL D 220 -2.06 -28.14 3.66
N PHE D 221 -0.94 -27.39 3.64
CA PHE D 221 -0.92 -25.92 3.90
C PHE D 221 -0.53 -25.10 2.66
N GLY D 222 -0.05 -25.73 1.60
CA GLY D 222 0.22 -25.07 0.30
C GLY D 222 1.13 -23.87 0.47
N ARG D 223 0.64 -22.68 0.12
CA ARG D 223 1.39 -21.40 0.10
C ARG D 223 1.90 -21.06 1.52
N ASP D 224 1.23 -21.58 2.55
CA ASP D 224 1.51 -21.24 3.97
C ASP D 224 2.39 -22.31 4.61
N ALA D 225 2.78 -23.36 3.89
CA ALA D 225 3.50 -24.50 4.48
C ALA D 225 4.79 -24.05 5.17
N ASP D 226 5.61 -23.21 4.51
CA ASP D 226 6.93 -22.84 5.08
C ASP D 226 6.74 -22.08 6.39
N GLU D 227 5.85 -21.08 6.41
CA GLU D 227 5.64 -20.22 7.61
C GLU D 227 4.95 -21.03 8.72
N PHE D 228 3.92 -21.79 8.38
CA PHE D 228 3.18 -22.61 9.37
C PHE D 228 4.11 -23.67 9.97
N PHE D 229 5.01 -24.26 9.17
CA PHE D 229 6.01 -25.25 9.66
C PHE D 229 6.89 -24.59 10.72
N HIS D 230 7.45 -23.41 10.43
CA HIS D 230 8.34 -22.72 11.40
C HIS D 230 7.55 -22.40 12.67
N ALA D 231 6.34 -21.84 12.53
CA ALA D 231 5.49 -21.46 13.68
C ALA D 231 5.20 -22.71 14.51
N TYR D 232 4.85 -23.82 13.85
CA TYR D 232 4.55 -25.08 14.56
C TYR D 232 5.79 -25.56 15.31
N GLN D 233 6.95 -25.62 14.65
CA GLN D 233 8.18 -26.20 15.25
C GLN D 233 8.58 -25.33 16.45
N ILE D 234 8.51 -24.01 16.31
CA ILE D 234 8.88 -23.10 17.43
C ILE D 234 7.86 -23.22 18.57
N ALA D 235 6.57 -23.25 18.24
CA ALA D 235 5.49 -23.38 19.24
C ALA D 235 5.69 -24.69 20.01
N ARG D 236 6.01 -25.81 19.33
CA ARG D 236 6.27 -27.09 20.03
C ARG D 236 7.49 -26.94 20.98
N TYR D 237 8.56 -26.33 20.50
CA TYR D 237 9.79 -26.11 21.29
C TYR D 237 9.42 -25.33 22.56
N CYS D 238 8.71 -24.21 22.37
CA CYS D 238 8.32 -23.34 23.51
C CYS D 238 7.38 -24.08 24.45
N ASP D 239 6.44 -24.87 23.90
CA ASP D 239 5.50 -25.65 24.73
C ASP D 239 6.29 -26.67 25.57
N GLU D 240 7.30 -27.35 25.00
CA GLU D 240 8.03 -28.40 25.76
C GLU D 240 8.82 -27.74 26.89
N VAL D 241 9.46 -26.60 26.62
CA VAL D 241 10.20 -25.86 27.69
C VAL D 241 9.20 -25.46 28.79
N THR D 242 8.05 -24.93 28.40
CA THR D 242 6.98 -24.49 29.32
C THR D 242 6.52 -25.65 30.22
N VAL D 243 6.17 -26.78 29.62
CA VAL D 243 5.67 -27.97 30.37
C VAL D 243 6.73 -28.39 31.39
N ALA D 244 8.00 -28.45 31.00
CA ALA D 244 9.11 -28.91 31.86
C ALA D 244 9.22 -27.97 33.07
N GLY D 245 9.13 -26.68 32.82
CA GLY D 245 9.22 -25.70 33.91
C GLY D 245 7.99 -25.72 34.80
N LYS D 246 6.80 -25.85 34.21
CA LYS D 246 5.50 -25.90 34.98
CA LYS D 246 5.53 -25.87 35.00
C LYS D 246 5.47 -27.14 35.86
N ALA D 247 6.14 -28.22 35.45
CA ALA D 247 6.16 -29.46 36.24
C ALA D 247 6.87 -29.21 37.58
N ILE D 248 7.80 -28.23 37.61
CA ILE D 248 8.55 -27.84 38.84
C ILE D 248 7.73 -26.83 39.63
N LYS D 249 7.25 -25.77 38.98
CA LYS D 249 6.35 -24.78 39.65
C LYS D 249 5.39 -24.24 38.60
N ASN D 250 4.09 -24.44 38.83
CA ASN D 250 3.05 -24.19 37.81
C ASN D 250 2.68 -22.70 37.79
N LEU D 251 3.64 -21.84 37.47
CA LEU D 251 3.35 -20.40 37.25
C LEU D 251 2.73 -20.24 35.87
N PRO D 252 1.91 -19.19 35.68
CA PRO D 252 1.53 -18.77 34.34
C PRO D 252 2.78 -18.45 33.51
N MET D 253 2.72 -18.80 32.23
CA MET D 253 3.86 -18.58 31.31
C MET D 253 3.29 -18.15 29.97
N TYR D 254 4.05 -17.29 29.28
CA TYR D 254 3.56 -16.66 28.03
C TYR D 254 4.73 -16.44 27.09
N VAL D 255 4.38 -16.20 25.84
CA VAL D 255 5.34 -15.79 24.79
C VAL D 255 4.92 -14.40 24.29
N ASN D 256 5.92 -13.62 23.88
CA ASN D 256 5.71 -12.25 23.38
C ASN D 256 6.12 -12.14 21.92
N VAL D 257 5.34 -11.38 21.18
CA VAL D 257 5.39 -11.41 19.69
C VAL D 257 6.05 -10.15 19.14
N ALA D 258 7.09 -10.35 18.35
CA ALA D 258 7.60 -9.33 17.41
C ALA D 258 6.52 -9.16 16.32
N LEU D 259 5.60 -8.24 16.52
CA LEU D 259 4.39 -8.10 15.67
C LEU D 259 4.76 -7.81 14.23
N ARG D 260 3.99 -8.40 13.32
CA ARG D 260 3.91 -7.89 11.93
C ARG D 260 2.86 -6.78 11.93
N ASN D 261 2.95 -5.88 10.96
CA ASN D 261 1.94 -4.83 10.80
C ASN D 261 0.63 -5.47 10.36
N PRO D 262 -0.47 -5.39 11.15
CA PRO D 262 -1.69 -6.12 10.83
C PRO D 262 -2.37 -5.68 9.52
N PHE D 263 -2.14 -4.44 9.11
CA PHE D 263 -2.76 -3.83 7.90
C PHE D 263 -1.88 -4.01 6.66
N ASN D 264 -0.57 -4.23 6.82
CA ASN D 264 0.42 -4.17 5.72
C ASN D 264 1.63 -4.97 6.17
N PRO D 265 1.47 -6.30 6.37
CA PRO D 265 2.48 -7.10 7.04
C PRO D 265 3.81 -7.27 6.29
N GLY D 266 3.77 -7.23 4.95
CA GLY D 266 4.92 -7.70 4.17
C GLY D 266 5.04 -9.21 4.30
N LEU D 267 6.23 -9.75 4.03
CA LEU D 267 6.44 -11.22 3.91
C LEU D 267 7.10 -11.78 5.16
N PRO D 268 6.82 -13.05 5.54
CA PRO D 268 7.53 -13.69 6.64
C PRO D 268 9.02 -13.72 6.30
N GLY D 269 9.86 -13.37 7.29
CA GLY D 269 11.30 -13.15 7.13
C GLY D 269 11.64 -11.67 7.08
N GLN D 270 10.78 -10.85 6.49
CA GLN D 270 10.79 -9.37 6.63
C GLN D 270 10.38 -9.11 8.09
N TYR D 271 9.20 -9.58 8.47
CA TYR D 271 8.84 -9.72 9.89
C TYR D 271 9.43 -11.03 10.42
N SER D 272 9.40 -11.21 11.73
CA SER D 272 9.99 -12.38 12.41
C SER D 272 9.11 -13.61 12.13
N SER D 273 9.51 -14.45 11.16
CA SER D 273 8.73 -15.65 10.78
C SER D 273 8.70 -16.64 11.95
N GLY D 274 7.52 -17.19 12.24
CA GLY D 274 7.33 -18.31 13.16
C GLY D 274 6.91 -17.86 14.54
N GLY D 275 7.05 -16.56 14.84
CA GLY D 275 6.46 -15.99 16.05
C GLY D 275 4.94 -16.01 15.98
N GLY D 276 4.30 -15.69 17.10
CA GLY D 276 2.84 -15.64 17.25
C GLY D 276 2.19 -14.47 16.50
N THR D 277 2.52 -14.29 15.22
CA THR D 277 1.89 -13.22 14.40
C THR D 277 0.43 -13.58 14.14
N ASP D 278 -0.36 -12.58 13.76
CA ASP D 278 -1.84 -12.69 13.78
C ASP D 278 -2.29 -13.84 12.85
N ASN D 279 -1.52 -14.12 11.81
CA ASN D 279 -1.88 -15.13 10.79
C ASN D 279 -1.54 -16.56 11.26
N VAL D 280 -0.79 -16.76 12.35
CA VAL D 280 -0.40 -18.13 12.83
C VAL D 280 -0.85 -18.36 14.27
N LEU D 281 -1.77 -17.52 14.77
CA LEU D 281 -2.29 -17.69 16.15
C LEU D 281 -2.96 -19.06 16.26
N HIS D 282 -3.66 -19.50 15.22
CA HIS D 282 -4.35 -20.82 15.21
C HIS D 282 -3.33 -21.96 15.28
N ILE D 283 -2.17 -21.80 14.65
CA ILE D 283 -1.06 -22.80 14.72
C ILE D 283 -0.51 -22.81 16.15
N TRP D 284 -0.21 -21.64 16.69
CA TRP D 284 0.36 -21.52 18.05
C TRP D 284 -0.61 -22.12 19.09
N LYS D 285 -1.90 -21.84 18.98
CA LYS D 285 -2.89 -22.32 19.98
C LYS D 285 -3.01 -23.85 19.86
N ALA D 286 -3.00 -24.40 18.66
CA ALA D 286 -3.12 -25.86 18.46
C ALA D 286 -1.84 -26.56 18.96
N ALA D 287 -0.69 -25.96 18.69
CA ALA D 287 0.64 -26.58 18.89
C ALA D 287 1.09 -26.50 20.35
N ALA D 288 0.73 -25.42 21.04
CA ALA D 288 1.29 -25.07 22.37
C ALA D 288 0.18 -24.89 23.39
N PRO D 289 -0.53 -25.97 23.80
CA PRO D 289 -1.67 -25.82 24.69
C PRO D 289 -1.28 -25.46 26.14
N ASN D 290 0.00 -25.55 26.48
CA ASN D 290 0.50 -25.32 27.86
C ASN D 290 0.95 -23.86 28.02
N ILE D 291 1.10 -23.13 26.92
CA ILE D 291 1.46 -21.69 26.98
C ILE D 291 0.17 -20.90 27.28
N ASP D 292 0.15 -20.12 28.37
CA ASP D 292 -1.11 -19.50 28.84
C ASP D 292 -1.64 -18.45 27.87
N LEU D 293 -0.77 -17.58 27.34
CA LEU D 293 -1.23 -16.54 26.40
C LEU D 293 -0.07 -16.11 25.49
N ILE D 294 -0.46 -15.47 24.39
CA ILE D 294 0.44 -14.89 23.36
C ILE D 294 0.28 -13.36 23.45
N ALA D 295 1.34 -12.68 23.83
CA ALA D 295 1.31 -11.25 24.21
C ALA D 295 1.90 -10.43 23.07
N PRO D 296 1.22 -9.36 22.62
CA PRO D 296 1.82 -8.43 21.66
C PRO D 296 2.85 -7.45 22.26
N ASP D 297 3.92 -7.19 21.51
CA ASP D 297 4.95 -6.16 21.81
C ASP D 297 4.69 -4.98 20.89
N ILE D 298 4.10 -3.90 21.42
CA ILE D 298 3.49 -2.83 20.57
C ILE D 298 4.43 -1.62 20.45
N TYR D 299 4.91 -1.34 19.23
CA TYR D 299 5.76 -0.15 18.96
C TYR D 299 5.12 0.67 17.83
N PHE D 300 3.97 0.26 17.31
CA PHE D 300 3.25 1.08 16.32
C PHE D 300 2.72 2.31 17.03
N ARG D 301 2.92 3.46 16.43
CA ARG D 301 2.59 4.76 17.09
C ARG D 301 1.09 5.07 16.91
N ASP D 302 0.58 4.75 15.73
CA ASP D 302 -0.74 5.25 15.26
C ASP D 302 -1.91 4.45 15.86
N TYR D 303 -2.93 5.18 16.26
CA TYR D 303 -4.10 4.67 16.98
C TYR D 303 -4.79 3.53 16.22
N LYS D 304 -4.99 3.66 14.91
CA LYS D 304 -5.72 2.61 14.13
C LYS D 304 -4.94 1.29 14.19
N THR D 305 -3.64 1.35 14.07
CA THR D 305 -2.80 0.12 14.09
C THR D 305 -2.75 -0.47 15.49
N VAL D 306 -2.52 0.34 16.51
CA VAL D 306 -2.51 -0.17 17.91
C VAL D 306 -3.88 -0.78 18.22
N SER D 307 -4.97 -0.09 17.88
CA SER D 307 -6.36 -0.58 18.11
C SER D 307 -6.54 -1.95 17.43
N LYS D 308 -6.04 -2.08 16.21
CA LYS D 308 -6.19 -3.34 15.46
C LYS D 308 -5.42 -4.46 16.18
N VAL D 309 -4.21 -4.18 16.67
CA VAL D 309 -3.43 -5.18 17.46
C VAL D 309 -4.22 -5.62 18.69
N LEU D 310 -4.77 -4.67 19.44
CA LEU D 310 -5.51 -5.01 20.69
C LEU D 310 -6.71 -5.91 20.31
N GLU D 311 -7.38 -5.62 19.20
CA GLU D 311 -8.54 -6.43 18.72
C GLU D 311 -8.07 -7.86 18.40
N LEU D 312 -6.96 -8.00 17.67
CA LEU D 312 -6.52 -9.32 17.16
C LEU D 312 -6.00 -10.21 18.29
N TYR D 313 -5.42 -9.64 19.35
CA TYR D 313 -4.77 -10.42 20.44
C TYR D 313 -5.73 -10.64 21.61
N THR D 314 -6.91 -10.02 21.59
CA THR D 314 -7.96 -10.25 22.60
C THR D 314 -8.95 -11.26 22.00
N ARG D 315 -8.91 -12.50 22.50
CA ARG D 315 -9.70 -13.63 21.96
C ARG D 315 -10.30 -14.42 23.11
N PRO D 316 -11.41 -15.16 22.89
CA PRO D 316 -11.88 -16.11 23.90
C PRO D 316 -10.76 -17.04 24.39
N ASP D 317 -9.83 -17.41 23.50
CA ASP D 317 -8.70 -18.33 23.82
C ASP D 317 -7.42 -17.57 24.17
N ASN D 318 -7.44 -16.24 24.25
CA ASN D 318 -6.21 -15.44 24.47
C ASN D 318 -6.51 -14.21 25.34
N ALA D 319 -6.07 -14.26 26.60
CA ALA D 319 -6.04 -13.08 27.49
C ALA D 319 -5.15 -12.03 26.87
N LEU D 320 -5.54 -10.77 26.97
CA LEU D 320 -4.71 -9.66 26.47
C LEU D 320 -3.72 -9.22 27.55
N PHE D 321 -2.44 -9.27 27.21
CA PHE D 321 -1.34 -8.75 28.04
C PHE D 321 -0.44 -7.97 27.09
N VAL D 322 -0.37 -6.65 27.29
CA VAL D 322 0.55 -5.80 26.51
C VAL D 322 1.92 -5.92 27.19
N ALA D 323 2.68 -6.96 26.81
CA ALA D 323 3.93 -7.38 27.45
C ALA D 323 5.01 -6.32 27.27
N GLU D 324 4.95 -5.62 26.15
CA GLU D 324 5.83 -4.47 25.85
C GLU D 324 5.02 -3.42 25.11
N ILE D 325 5.29 -2.17 25.42
CA ILE D 325 4.79 -1.05 24.60
C ILE D 325 5.86 0.04 24.66
N GLY D 326 5.98 0.82 23.59
CA GLY D 326 6.94 1.92 23.57
C GLY D 326 6.75 2.86 24.75
N ASN D 327 7.83 3.51 25.16
CA ASN D 327 7.79 4.37 26.37
C ASN D 327 7.64 5.84 25.99
N ASP D 328 7.45 6.18 24.72
CA ASP D 328 7.17 7.56 24.31
C ASP D 328 5.75 7.95 24.74
N GLN D 329 5.55 9.25 24.89
CA GLN D 329 4.29 9.85 25.39
C GLN D 329 3.05 9.28 24.70
N PRO D 330 2.99 9.09 23.36
CA PRO D 330 1.73 8.67 22.74
C PRO D 330 1.22 7.31 23.20
N PHE D 331 2.10 6.50 23.79
CA PHE D 331 1.74 5.10 24.14
C PHE D 331 0.94 5.05 25.44
N ALA D 332 1.06 6.04 26.33
CA ALA D 332 0.49 5.94 27.69
C ALA D 332 -1.03 5.74 27.60
N ARG D 333 -1.71 6.43 26.67
CA ARG D 333 -3.20 6.40 26.63
C ARG D 333 -3.71 5.01 26.27
N TYR D 334 -2.87 4.16 25.68
CA TYR D 334 -3.34 2.81 25.27
C TYR D 334 -3.58 1.92 26.49
N LEU D 335 -3.20 2.36 27.69
CA LEU D 335 -3.61 1.65 28.92
C LEU D 335 -5.14 1.52 28.94
N PHE D 336 -5.86 2.54 28.53
CA PHE D 336 -7.33 2.62 28.69
C PHE D 336 -8.00 1.53 27.85
N PRO D 337 -7.82 1.46 26.51
CA PRO D 337 -8.42 0.39 25.73
C PRO D 337 -7.90 -1.00 26.09
N THR D 338 -6.62 -1.12 26.49
CA THR D 338 -6.08 -2.41 26.98
C THR D 338 -6.93 -2.91 28.15
N LEU D 339 -7.16 -2.08 29.17
CA LEU D 339 -8.00 -2.50 30.32
C LEU D 339 -9.45 -2.67 29.88
N GLY D 340 -9.93 -1.86 28.95
CA GLY D 340 -11.32 -1.90 28.47
C GLY D 340 -11.63 -3.21 27.78
N LYS D 341 -10.61 -3.84 27.20
CA LYS D 341 -10.75 -5.14 26.49
C LYS D 341 -10.75 -6.29 27.50
N GLY D 342 -10.59 -6.01 28.79
CA GLY D 342 -10.38 -7.04 29.82
C GLY D 342 -8.92 -7.42 29.96
N GLY D 343 -8.00 -6.61 29.45
CA GLY D 343 -6.54 -6.88 29.53
C GLY D 343 -6.09 -7.12 30.97
N ILE D 344 -5.12 -8.00 31.13
CA ILE D 344 -4.58 -8.35 32.49
C ILE D 344 -3.40 -7.45 32.82
N GLY D 345 -2.87 -6.72 31.85
CA GLY D 345 -1.67 -5.93 32.12
C GLY D 345 -1.12 -5.15 30.95
N PHE D 346 -0.12 -4.33 31.27
CA PHE D 346 0.40 -3.28 30.38
C PHE D 346 1.79 -2.93 30.90
N SER D 347 2.83 -3.04 30.07
CA SER D 347 4.23 -2.93 30.54
C SER D 347 5.07 -2.14 29.56
N PRO D 348 5.21 -0.81 29.75
CA PRO D 348 6.09 -0.01 28.92
C PRO D 348 7.54 -0.51 29.02
N PHE D 349 8.22 -0.48 27.88
CA PHE D 349 9.59 -1.02 27.73
C PHE D 349 10.64 0.10 27.90
N GLY D 350 11.70 -0.21 28.64
CA GLY D 350 12.89 0.66 28.74
C GLY D 350 12.76 1.63 29.89
N MET D 351 12.11 1.25 30.98
CA MET D 351 11.85 2.17 32.11
C MET D 351 12.98 2.05 33.13
N ASP D 352 14.17 2.47 32.74
CA ASP D 352 15.30 2.53 33.69
C ASP D 352 16.29 3.60 33.22
N ASP D 353 17.23 3.92 34.11
CA ASP D 353 18.21 5.02 33.92
C ASP D 353 19.59 4.45 33.60
N THR D 354 19.65 3.41 32.76
CA THR D 354 20.92 2.75 32.41
C THR D 354 21.52 3.35 31.14
N ASP D 355 21.12 4.57 30.79
CA ASP D 355 21.77 5.37 29.72
C ASP D 355 21.51 4.69 28.37
N TYR D 356 20.24 4.43 28.10
CA TYR D 356 19.82 3.84 26.81
C TYR D 356 18.40 4.28 26.49
N THR D 357 18.17 4.56 25.21
CA THR D 357 16.80 4.73 24.68
C THR D 357 16.69 3.98 23.36
N ASN D 358 15.58 3.28 23.15
CA ASN D 358 15.35 2.53 21.90
C ASN D 358 14.64 3.42 20.87
N TYR D 359 14.60 4.74 21.08
CA TYR D 359 14.19 5.66 20.00
C TYR D 359 14.88 5.22 18.71
N PRO D 360 14.18 5.12 17.56
CA PRO D 360 12.83 5.66 17.35
C PRO D 360 11.60 4.86 17.85
N LEU D 361 11.80 3.70 18.45
CA LEU D 361 10.65 2.92 19.01
C LEU D 361 10.07 3.65 20.22
N GLY D 362 10.94 4.08 21.15
CA GLY D 362 10.52 4.75 22.39
C GLY D 362 10.85 6.23 22.38
N ALA D 363 10.96 6.78 23.58
CA ALA D 363 11.19 8.22 23.81
C ALA D 363 12.60 8.60 23.37
N LYS D 364 12.74 9.73 22.69
CA LYS D 364 14.08 10.25 22.30
C LYS D 364 14.91 10.54 23.56
N VAL D 365 14.28 11.09 24.59
CA VAL D 365 14.93 11.44 25.89
C VAL D 365 14.25 10.68 27.02
N TYR D 366 15.01 9.97 27.83
CA TYR D 366 14.51 9.31 29.06
C TYR D 366 14.78 10.22 30.26
N ASN D 367 13.72 10.74 30.84
CA ASN D 367 13.83 11.58 32.04
C ASN D 367 12.55 11.48 32.86
N ASP D 368 12.44 12.29 33.91
CA ASP D 368 11.27 12.20 34.82
C ASP D 368 9.97 12.44 34.03
N GLU D 369 9.97 13.34 33.04
CA GLU D 369 8.76 13.65 32.24
C GLU D 369 8.32 12.41 31.46
N THR D 370 9.26 11.62 30.93
CA THR D 370 8.96 10.37 30.20
C THR D 370 8.13 9.47 31.12
N ILE D 371 8.61 9.34 32.35
CA ILE D 371 8.02 8.41 33.34
C ILE D 371 6.63 8.96 33.71
N GLU D 372 6.54 10.27 33.91
CA GLU D 372 5.33 10.93 34.42
C GLU D 372 4.14 10.67 33.48
N GLN D 373 4.39 10.51 32.17
CA GLN D 373 3.25 10.30 31.24
C GLN D 373 2.54 9.00 31.63
N PHE D 374 3.30 7.99 32.03
CA PHE D 374 2.72 6.70 32.48
C PHE D 374 2.25 6.81 33.93
N ALA D 375 2.99 7.51 34.78
CA ALA D 375 2.60 7.67 36.20
C ALA D 375 1.18 8.26 36.27
N GLN D 376 0.87 9.22 35.39
CA GLN D 376 -0.43 9.92 35.47
C GLN D 376 -1.56 8.96 35.15
N VAL D 377 -1.37 8.02 34.23
CA VAL D 377 -2.49 7.10 33.90
C VAL D 377 -2.52 5.95 34.89
N TYR D 378 -1.37 5.51 35.41
CA TYR D 378 -1.36 4.49 36.49
C TYR D 378 -2.12 5.00 37.71
N ARG D 379 -2.01 6.30 38.02
CA ARG D 379 -2.69 6.89 39.22
C ARG D 379 -4.21 6.76 39.12
N LEU D 380 -4.80 6.54 37.93
CA LEU D 380 -6.26 6.36 37.78
C LEU D 380 -6.62 4.94 38.20
N VAL D 381 -5.71 3.98 38.02
CA VAL D 381 -6.03 2.53 38.18
C VAL D 381 -5.52 2.01 39.53
N ASN D 382 -4.33 2.41 39.97
CA ASN D 382 -3.75 1.90 41.25
C ASN D 382 -4.77 1.96 42.39
N PRO D 383 -5.49 3.07 42.64
CA PRO D 383 -6.33 3.17 43.84
C PRO D 383 -7.51 2.19 43.82
N MET D 384 -7.82 1.62 42.64
CA MET D 384 -8.94 0.66 42.49
C MET D 384 -8.45 -0.66 41.84
N MET D 385 -7.16 -0.96 41.92
CA MET D 385 -6.61 -2.03 41.04
C MET D 385 -7.40 -3.35 41.26
N ARG D 386 -7.58 -3.79 42.50
CA ARG D 386 -8.22 -5.10 42.76
C ARG D 386 -9.72 -5.06 42.38
N GLU D 387 -10.40 -3.94 42.64
CA GLU D 387 -11.84 -3.80 42.32
C GLU D 387 -12.01 -3.84 40.79
N TRP D 388 -11.22 -3.06 40.06
CA TRP D 388 -11.23 -3.07 38.58
C TRP D 388 -10.94 -4.48 38.06
N ALA D 389 -9.92 -5.15 38.60
CA ALA D 389 -9.52 -6.49 38.09
C ALA D 389 -10.73 -7.43 38.23
N ARG D 390 -11.46 -7.34 39.35
CA ARG D 390 -12.63 -8.21 39.62
C ARG D 390 -13.74 -7.84 38.61
N LEU D 391 -14.01 -6.55 38.43
CA LEU D 391 -15.11 -6.12 37.52
C LEU D 391 -14.79 -6.52 36.07
N SER D 392 -13.53 -6.45 35.67
N SER D 392 -13.53 -6.47 35.67
CA SER D 392 -13.13 -6.79 34.29
CA SER D 392 -13.13 -6.78 34.26
C SER D 392 -13.44 -8.28 34.03
C SER D 392 -13.29 -8.29 33.98
N TYR D 393 -13.10 -9.14 34.98
CA TYR D 393 -13.24 -10.61 34.85
C TYR D 393 -14.70 -11.05 34.88
N GLN D 394 -15.45 -10.62 35.90
CA GLN D 394 -16.77 -11.24 36.22
C GLN D 394 -17.89 -10.29 35.78
N GLY D 395 -17.55 -9.14 35.20
CA GLY D 395 -18.57 -8.16 34.77
C GLY D 395 -18.25 -7.47 33.47
N GLN D 396 -18.81 -6.27 33.29
CA GLN D 396 -18.72 -5.49 32.04
C GLN D 396 -17.85 -4.26 32.29
N VAL D 397 -16.84 -4.11 31.46
CA VAL D 397 -15.94 -2.93 31.46
C VAL D 397 -15.77 -2.41 30.04
N TRP D 398 -15.39 -1.14 29.96
CA TRP D 398 -15.12 -0.43 28.71
C TRP D 398 -13.92 0.46 28.90
N GLY D 399 -13.21 0.73 27.83
CA GLY D 399 -12.05 1.63 27.87
C GLY D 399 -11.77 2.19 26.51
N VAL D 400 -11.51 3.50 26.45
CA VAL D 400 -11.24 4.21 25.17
C VAL D 400 -10.03 5.13 25.34
N ALA D 401 -9.32 5.36 24.24
CA ALA D 401 -8.24 6.36 24.13
C ALA D 401 -8.59 7.37 23.05
N GLU D 402 -7.99 8.54 23.16
CA GLU D 402 -8.15 9.65 22.21
C GLU D 402 -7.79 9.14 20.81
N PRO D 403 -8.75 9.12 19.86
CA PRO D 403 -8.57 8.36 18.62
C PRO D 403 -7.90 9.09 17.46
N LEU D 404 -7.53 10.36 17.63
CA LEU D 404 -6.63 11.05 16.66
C LEU D 404 -5.25 11.17 17.27
N ASP D 405 -4.24 10.81 16.49
CA ASP D 405 -2.82 11.03 16.83
C ASP D 405 -2.56 12.55 16.79
N SER D 406 -1.49 12.98 17.44
CA SER D 406 -1.10 14.41 17.48
C SER D 406 -0.97 14.90 16.03
N THR D 407 -1.43 16.12 15.78
CA THR D 407 -1.30 16.81 14.48
C THR D 407 0.20 16.99 14.17
N THR D 408 0.64 16.56 12.98
CA THR D 408 2.05 16.65 12.52
C THR D 408 2.47 18.11 12.33
N THR D 410 3.55 19.25 9.55
CA THR D 410 3.02 19.35 8.16
C THR D 410 1.55 19.78 8.19
N GLN D 411 0.70 19.01 8.88
CA GLN D 411 -0.76 19.28 9.01
C GLN D 411 -0.96 20.72 9.50
N LYS D 412 -0.12 21.15 10.45
CA LYS D 412 -0.09 22.53 11.00
C LYS D 412 0.09 23.52 9.83
N ILE D 413 0.99 23.20 8.89
CA ILE D 413 1.27 24.03 7.67
C ILE D 413 -0.01 24.07 6.82
N TRP D 414 -0.51 22.91 6.39
CA TRP D 414 -1.79 22.78 5.65
C TRP D 414 -2.87 23.64 6.32
N ASN D 415 -3.09 23.46 7.62
CA ASN D 415 -4.13 24.17 8.40
C ASN D 415 -3.95 25.69 8.25
N ALA D 416 -2.70 26.16 8.25
CA ALA D 416 -2.33 27.60 8.13
C ALA D 416 -2.84 28.15 6.79
N GLU D 417 -2.48 27.50 5.68
CA GLU D 417 -2.73 27.96 4.29
C GLU D 417 -4.23 27.81 3.92
N ALA D 418 -5.02 27.09 4.71
CA ALA D 418 -6.43 26.73 4.40
C ALA D 418 -7.36 27.95 4.51
N THR D 419 -8.47 27.92 3.77
CA THR D 419 -9.54 28.96 3.75
C THR D 419 -10.30 28.96 5.08
N PRO D 420 -11.00 30.05 5.47
CA PRO D 420 -11.82 30.04 6.68
C PRO D 420 -12.93 28.97 6.64
N GLU D 421 -13.57 28.79 5.47
CA GLU D 421 -14.66 27.81 5.26
C GLU D 421 -14.10 26.38 5.40
N GLU D 422 -12.89 26.17 4.87
CA GLU D 422 -12.14 24.89 4.95
C GLU D 422 -11.74 24.63 6.40
N LYS D 423 -11.17 25.63 7.08
CA LYS D 423 -10.79 25.55 8.52
C LYS D 423 -12.00 25.12 9.34
N GLU D 424 -13.18 25.71 9.09
CA GLU D 424 -14.44 25.45 9.85
C GLU D 424 -14.85 23.99 9.64
N GLN D 425 -14.81 23.51 8.40
CA GLN D 425 -15.17 22.11 8.07
C GLN D 425 -14.22 21.15 8.78
N HIS D 426 -12.92 21.44 8.71
CA HIS D 426 -11.84 20.59 9.29
C HIS D 426 -12.07 20.46 10.80
N LYS D 427 -12.48 21.55 11.46
CA LYS D 427 -12.77 21.52 12.92
C LYS D 427 -13.99 20.64 13.19
N LYS D 428 -15.04 20.72 12.37
CA LYS D 428 -16.28 19.90 12.54
C LYS D 428 -15.91 18.41 12.36
N ASP D 429 -15.06 18.11 11.38
CA ASP D 429 -14.62 16.73 11.09
C ASP D 429 -13.79 16.19 12.27
N ARG D 430 -12.87 17.00 12.79
CA ARG D 430 -12.02 16.64 13.97
C ARG D 430 -12.94 16.42 15.18
N ALA D 431 -13.94 17.28 15.40
CA ALA D 431 -14.84 17.16 16.56
C ALA D 431 -15.58 15.82 16.51
N SER D 432 -16.06 15.45 15.32
CA SER D 432 -16.81 14.18 15.13
C SER D 432 -15.86 13.00 15.40
N ALA D 433 -14.62 13.09 14.91
CA ALA D 433 -13.62 12.00 15.09
C ALA D 433 -13.22 11.88 16.57
N LEU D 434 -13.32 12.99 17.32
CA LEU D 434 -12.88 13.03 18.74
C LEU D 434 -14.09 12.77 19.66
N THR D 435 -15.14 12.17 19.13
CA THR D 435 -16.37 11.81 19.88
C THR D 435 -16.56 10.28 19.76
N GLN D 436 -16.59 9.57 20.88
CA GLN D 436 -16.75 8.10 20.91
C GLN D 436 -18.03 7.75 21.67
N GLN D 437 -18.77 6.77 21.15
CA GLN D 437 -19.98 6.22 21.79
C GLN D 437 -19.65 4.87 22.43
N LEU D 438 -20.17 4.64 23.62
CA LEU D 438 -20.12 3.33 24.31
C LEU D 438 -21.54 2.95 24.72
N ASP D 439 -21.95 1.76 24.34
CA ASP D 439 -23.26 1.15 24.69
C ASP D 439 -23.10 0.42 26.02
N LEU D 440 -23.67 0.99 27.09
CA LEU D 440 -23.52 0.46 28.47
C LEU D 440 -24.80 -0.24 28.93
N GLY D 441 -25.63 -0.72 28.01
CA GLY D 441 -26.87 -1.43 28.39
C GLY D 441 -28.06 -0.49 28.28
N LEU D 442 -28.60 -0.03 29.41
CA LEU D 442 -29.75 0.92 29.41
C LEU D 442 -29.26 2.34 29.14
N TRP D 443 -27.97 2.57 29.31
CA TRP D 443 -27.32 3.90 29.20
C TRP D 443 -26.17 3.80 28.19
N ASP D 444 -25.91 4.90 27.50
CA ASP D 444 -24.71 5.14 26.66
C ASP D 444 -23.87 6.22 27.30
N ALA D 445 -22.56 6.14 27.06
CA ALA D 445 -21.62 7.22 27.37
C ALA D 445 -21.08 7.77 26.05
N GLU D 446 -20.89 9.08 26.02
CA GLU D 446 -20.23 9.79 24.91
C GLU D 446 -18.93 10.38 25.48
N VAL D 447 -17.79 9.99 24.93
CA VAL D 447 -16.46 10.45 25.40
C VAL D 447 -15.95 11.41 24.34
N THR D 448 -15.54 12.61 24.78
CA THR D 448 -14.98 13.65 23.90
C THR D 448 -13.68 14.18 24.50
N TYR D 449 -12.82 14.74 23.64
CA TYR D 449 -11.43 15.07 24.03
C TYR D 449 -11.06 16.50 23.66
N GLY D 450 -10.57 17.23 24.65
CA GLY D 450 -9.92 18.54 24.47
C GLY D 450 -10.96 19.63 24.35
N ARG D 451 -11.61 19.95 25.46
CA ARG D 451 -12.66 20.98 25.51
C ARG D 451 -12.73 21.53 26.92
N PRO D 452 -13.30 22.73 27.10
CA PRO D 452 -13.49 23.28 28.44
C PRO D 452 -14.33 22.36 29.33
N MET D 453 -14.32 22.69 30.62
CA MET D 453 -15.06 21.95 31.65
C MET D 453 -16.46 22.55 31.84
N PHE D 454 -16.81 23.52 31.00
CA PHE D 454 -18.08 24.29 31.08
C PHE D 454 -18.52 24.59 29.65
N TRP D 455 -19.84 24.60 29.45
N TRP D 455 -19.82 24.43 29.38
CA TRP D 455 -20.49 24.91 28.16
CA TRP D 455 -20.48 24.69 28.07
C TRP D 455 -20.19 23.73 27.21
C TRP D 455 -20.06 23.69 26.99
N VAL D 456 -20.40 23.91 25.90
N VAL D 456 -20.50 23.89 25.74
CA VAL D 456 -20.47 22.77 24.92
CA VAL D 456 -20.62 22.80 24.73
C VAL D 456 -19.74 23.09 23.61
C VAL D 456 -19.74 23.10 23.52
N THR D 457 -18.73 23.97 23.64
CA THR D 457 -17.76 24.18 22.52
C THR D 457 -17.27 22.82 22.06
N PRO D 458 -17.32 22.50 20.75
CA PRO D 458 -16.92 21.16 20.29
C PRO D 458 -15.49 20.79 20.67
N PRO D 459 -15.21 19.48 20.86
CA PRO D 459 -13.85 19.03 21.19
C PRO D 459 -12.84 19.29 20.06
N GLU D 460 -11.62 19.67 20.45
CA GLU D 460 -10.50 20.02 19.54
C GLU D 460 -9.30 19.10 19.78
N GLY D 461 -9.39 18.18 20.73
CA GLY D 461 -8.30 17.27 21.08
C GLY D 461 -7.29 17.86 22.05
N ASN D 462 -6.57 16.98 22.72
CA ASN D 462 -5.42 17.34 23.56
C ASN D 462 -4.17 17.47 22.67
N THR D 463 -3.21 18.28 23.11
N THR D 463 -3.27 18.38 23.00
CA THR D 463 -1.94 18.55 22.41
CA THR D 463 -1.92 18.47 22.36
C THR D 463 -0.79 18.31 23.37
C THR D 463 -0.88 18.24 23.43
N PRO D 464 -0.12 17.13 23.38
CA PRO D 464 -0.34 16.04 22.41
C PRO D 464 -1.57 15.17 22.73
N ALA D 465 -1.95 14.28 21.81
CA ALA D 465 -3.06 13.33 22.03
C ALA D 465 -2.72 12.52 23.29
N ALA D 466 -3.66 12.38 24.23
CA ALA D 466 -3.33 11.79 25.56
C ALA D 466 -4.56 11.27 26.33
N GLY D 467 -5.79 11.59 25.90
CA GLY D 467 -6.99 11.37 26.72
C GLY D 467 -7.44 9.92 26.71
N GLY D 468 -8.28 9.58 27.66
CA GLY D 468 -8.91 8.25 27.68
C GLY D 468 -9.91 8.13 28.82
N ALA D 469 -10.63 7.01 28.87
CA ALA D 469 -11.70 6.80 29.87
C ALA D 469 -11.84 5.31 30.15
N LEU D 470 -12.15 4.99 31.40
CA LEU D 470 -12.52 3.63 31.89
C LEU D 470 -13.92 3.71 32.48
N ILE D 471 -14.73 2.71 32.18
CA ILE D 471 -16.08 2.57 32.77
C ILE D 471 -16.25 1.11 33.15
N ALA D 472 -16.77 0.85 34.35
CA ALA D 472 -17.23 -0.50 34.76
C ALA D 472 -18.70 -0.43 35.15
N GLN D 473 -19.49 -1.42 34.78
CA GLN D 473 -20.91 -1.45 35.19
C GLN D 473 -21.02 -2.12 36.56
N LEU D 474 -21.64 -1.41 37.51
CA LEU D 474 -21.91 -1.92 38.88
C LEU D 474 -23.32 -2.51 38.94
N ASP D 475 -24.27 -1.89 38.26
CA ASP D 475 -25.68 -2.35 38.22
C ASP D 475 -26.36 -1.77 36.96
N ASP D 476 -27.62 -2.12 36.71
CA ASP D 476 -28.33 -1.64 35.49
C ASP D 476 -28.15 -0.14 35.29
N ASN D 477 -28.14 0.64 36.37
CA ASN D 477 -28.18 2.11 36.25
C ASN D 477 -26.96 2.77 36.90
N GLU D 478 -25.93 2.01 37.26
CA GLU D 478 -24.80 2.56 38.03
C GLU D 478 -23.47 2.10 37.44
N TYR D 479 -22.55 3.06 37.31
CA TYR D 479 -21.25 2.87 36.65
C TYR D 479 -20.12 3.45 37.50
N LEU D 480 -18.98 2.78 37.50
CA LEU D 480 -17.69 3.31 37.97
C LEU D 480 -16.98 3.95 36.76
N VAL D 481 -16.55 5.20 36.92
CA VAL D 481 -16.01 6.01 35.82
C VAL D 481 -14.75 6.71 36.30
N THR D 482 -13.68 6.59 35.53
CA THR D 482 -12.52 7.49 35.72
C THR D 482 -12.00 7.81 34.34
N ALA D 483 -11.55 9.04 34.11
CA ALA D 483 -11.09 9.45 32.78
C ALA D 483 -9.97 10.47 32.91
N TYR D 484 -9.43 10.83 31.77
CA TYR D 484 -8.17 11.59 31.71
C TYR D 484 -8.23 12.51 30.51
N LYS D 485 -8.16 13.82 30.77
CA LYS D 485 -8.16 14.85 29.70
C LYS D 485 -9.30 14.54 28.71
N ALA D 486 -10.51 14.45 29.25
CA ALA D 486 -11.69 14.03 28.49
C ALA D 486 -12.96 14.43 29.22
N ARG D 487 -14.04 14.48 28.46
CA ARG D 487 -15.41 14.65 28.99
C ARG D 487 -16.17 13.35 28.76
N VAL D 488 -16.91 12.90 29.75
CA VAL D 488 -17.76 11.70 29.63
C VAL D 488 -19.18 12.14 29.91
N GLU D 489 -20.10 11.85 29.00
CA GLU D 489 -21.52 12.27 29.14
C GLU D 489 -22.43 11.05 29.02
N PHE D 490 -23.40 10.92 29.91
CA PHE D 490 -24.36 9.80 29.92
C PHE D 490 -25.66 10.22 29.25
N LYS D 491 -26.31 9.24 28.60
CA LYS D 491 -27.62 9.41 27.95
C LYS D 491 -28.29 8.05 27.89
N PRO D 492 -29.61 8.01 27.66
CA PRO D 492 -30.30 6.73 27.48
C PRO D 492 -29.75 5.99 26.26
N SER D 493 -29.67 4.66 26.34
CA SER D 493 -29.25 3.78 25.20
C SER D 493 -30.39 3.62 24.20
N GLN D 494 -31.64 3.80 24.65
CA GLN D 494 -32.83 3.53 23.81
C GLN D 494 -33.93 4.53 24.18
N GLU D 495 -34.94 4.67 23.33
CA GLU D 495 -36.16 5.48 23.54
C GLU D 495 -36.72 5.17 24.94
N LEU D 496 -37.11 6.22 25.67
CA LEU D 496 -37.64 6.09 27.06
C LEU D 496 -39.17 6.02 27.06
N ALA D 497 -39.83 5.99 25.89
CA ALA D 497 -41.30 5.78 25.81
C ALA D 497 -42.03 6.79 26.70
N GLY D 498 -41.56 8.04 26.74
CA GLY D 498 -42.25 9.18 27.39
C GLY D 498 -41.63 9.58 28.72
N LYS D 499 -40.71 8.79 29.26
CA LYS D 499 -39.96 9.15 30.49
C LYS D 499 -38.90 10.20 30.15
N LYS D 500 -38.49 10.98 31.14
CA LYS D 500 -37.30 11.85 31.04
C LYS D 500 -36.12 11.13 31.73
N PHE D 501 -34.92 11.68 31.65
CA PHE D 501 -33.77 11.08 32.37
C PHE D 501 -32.94 12.20 32.99
N MET D 502 -32.20 11.81 34.02
CA MET D 502 -31.22 12.70 34.65
C MET D 502 -30.14 11.82 35.27
N ILE D 503 -29.03 12.45 35.60
CA ILE D 503 -28.12 11.92 36.63
C ILE D 503 -28.91 11.86 37.94
N GLU D 504 -28.94 10.71 38.59
CA GLU D 504 -29.51 10.65 39.95
C GLU D 504 -28.45 11.17 40.93
N ARG D 505 -27.24 10.62 40.88
N ARG D 505 -27.23 10.65 40.82
CA ARG D 505 -26.14 11.02 41.80
CA ARG D 505 -26.14 10.95 41.77
C ARG D 505 -24.79 10.63 41.21
C ARG D 505 -24.79 10.64 41.12
N VAL D 506 -23.84 11.57 41.24
CA VAL D 506 -22.41 11.29 40.97
C VAL D 506 -21.66 11.46 42.28
N GLU D 507 -20.92 10.44 42.71
CA GLU D 507 -20.10 10.51 43.93
C GLU D 507 -18.65 10.33 43.53
N GLU D 508 -17.76 11.19 44.03
CA GLU D 508 -16.31 10.92 43.97
C GLU D 508 -15.91 10.18 45.25
N GLY D 509 -15.03 9.20 45.12
CA GLY D 509 -14.64 8.40 46.29
C GLY D 509 -13.53 7.43 45.99
N ARG D 510 -13.41 6.44 46.86
CA ARG D 510 -12.30 5.48 46.77
C ARG D 510 -12.74 4.20 47.48
N PHE D 511 -12.04 3.11 47.20
CA PHE D 511 -12.19 1.83 47.93
C PHE D 511 -11.21 1.79 49.09
N GLU D 512 -11.72 1.48 50.28
N GLU D 512 -11.72 1.48 50.28
CA GLU D 512 -10.93 1.13 51.48
CA GLU D 512 -10.94 1.12 51.48
C GLU D 512 -11.43 -0.24 51.96
C GLU D 512 -11.44 -0.24 51.97
N LYS D 513 -10.54 -1.21 52.11
CA LYS D 513 -10.90 -2.59 52.55
C LYS D 513 -12.03 -3.13 51.65
N GLY D 514 -11.97 -2.82 50.35
CA GLY D 514 -12.96 -3.29 49.35
C GLY D 514 -14.30 -2.57 49.44
N LYS D 515 -14.45 -1.58 50.32
CA LYS D 515 -15.72 -0.83 50.50
C LYS D 515 -15.58 0.57 49.90
N TRP D 516 -16.62 1.02 49.21
CA TRP D 516 -16.70 2.39 48.68
C TRP D 516 -16.80 3.41 49.82
N VAL D 517 -15.99 4.46 49.76
CA VAL D 517 -16.02 5.59 50.73
C VAL D 517 -16.28 6.83 49.90
N MET D 518 -17.38 7.54 50.16
N MET D 518 -17.39 7.50 50.17
CA MET D 518 -17.75 8.77 49.41
CA MET D 518 -17.72 8.77 49.47
C MET D 518 -16.96 9.95 49.97
C MET D 518 -16.80 9.87 50.00
N GLU D 519 -16.29 10.70 49.10
CA GLU D 519 -15.56 11.94 49.46
C GLU D 519 -16.49 13.15 49.24
N ARG D 520 -17.14 13.24 48.09
CA ARG D 520 -18.04 14.36 47.80
C ARG D 520 -18.99 13.97 46.68
N VAL D 521 -20.06 14.72 46.53
CA VAL D 521 -21.02 14.62 45.41
C VAL D 521 -20.61 15.63 44.36
N TRP D 522 -20.38 15.17 43.14
CA TRP D 522 -20.34 16.08 41.97
C TRP D 522 -21.76 16.47 41.62
N ASN D 523 -21.98 17.77 41.48
CA ASN D 523 -23.29 18.33 41.08
C ASN D 523 -23.09 19.72 40.46
N GLY D 524 -24.17 20.32 39.98
CA GLY D 524 -24.14 21.68 39.43
C GLY D 524 -23.16 21.76 38.27
N ASP D 525 -22.24 22.73 38.28
CA ASP D 525 -21.24 22.93 37.19
C ASP D 525 -20.52 21.61 36.87
N GLN D 526 -20.25 20.78 37.87
CA GLN D 526 -19.41 19.58 37.69
C GLN D 526 -20.19 18.49 36.95
N THR D 527 -21.52 18.58 36.84
CA THR D 527 -22.33 17.55 36.12
C THR D 527 -23.20 18.16 35.00
N ASP D 528 -23.31 19.48 34.91
CA ASP D 528 -24.14 20.14 33.88
C ASP D 528 -23.60 19.91 32.47
N TRP D 529 -22.28 19.76 32.33
CA TRP D 529 -21.59 19.80 31.02
C TRP D 529 -20.80 18.50 30.86
N GLY D 530 -21.44 17.37 31.18
CA GLY D 530 -20.75 16.08 31.27
C GLY D 530 -19.85 16.02 32.49
N LEU D 531 -19.01 14.99 32.55
CA LEU D 531 -18.07 14.71 33.65
C LEU D 531 -16.68 15.00 33.10
N ASN D 532 -16.08 16.10 33.56
CA ASN D 532 -14.85 16.65 32.93
C ASN D 532 -13.64 16.29 33.79
N PHE D 533 -12.67 15.65 33.15
CA PHE D 533 -11.44 15.16 33.79
C PHE D 533 -10.24 15.87 33.19
N THR D 534 -9.26 16.19 34.01
CA THR D 534 -7.98 16.78 33.59
C THR D 534 -6.90 15.71 33.72
N ASP D 535 -5.74 16.06 34.25
CA ASP D 535 -4.63 15.11 34.48
C ASP D 535 -4.76 14.49 35.86
N ARG D 536 -5.63 15.01 36.73
CA ARG D 536 -5.70 14.52 38.14
C ARG D 536 -6.67 13.34 38.24
N PRO D 537 -6.39 12.41 39.16
CA PRO D 537 -7.25 11.25 39.33
C PRO D 537 -8.53 11.58 40.11
N HIS D 538 -9.67 11.15 39.58
CA HIS D 538 -10.99 11.15 40.26
C HIS D 538 -11.69 9.86 39.88
N LEU D 539 -12.14 9.12 40.87
CA LEU D 539 -12.96 7.90 40.64
C LEU D 539 -14.39 8.23 41.03
N LEU D 540 -15.31 8.08 40.09
CA LEU D 540 -16.73 8.42 40.29
C LEU D 540 -17.60 7.17 40.26
N ARG D 541 -18.68 7.23 41.01
CA ARG D 541 -19.83 6.32 40.88
C ARG D 541 -20.99 7.16 40.34
N VAL D 542 -21.46 6.79 39.16
CA VAL D 542 -22.50 7.53 38.40
C VAL D 542 -23.78 6.70 38.43
N LYS D 543 -24.83 7.23 39.04
CA LYS D 543 -26.16 6.59 39.05
C LYS D 543 -27.06 7.42 38.14
N MET D 544 -27.63 6.77 37.13
CA MET D 544 -28.58 7.40 36.18
C MET D 544 -30.02 6.97 36.52
N ALA D 545 -31.01 7.81 36.20
CA ALA D 545 -32.44 7.48 36.42
C ALA D 545 -33.29 7.99 35.27
N SER D 546 -34.20 7.13 34.79
CA SER D 546 -35.38 7.55 34.02
C SER D 546 -36.47 7.87 35.02
N TYR D 547 -37.32 8.83 34.71
CA TYR D 547 -38.41 9.21 35.62
C TYR D 547 -39.63 9.64 34.82
N SER D 548 -40.79 9.35 35.39
CA SER D 548 -42.11 9.71 34.83
C SER D 548 -42.36 11.20 35.01
N VAL D 549 -42.97 11.83 33.98
CA VAL D 549 -43.54 13.21 34.03
C VAL D 549 -45.02 13.20 33.62
N GLN D 550 -45.67 12.03 33.69
CA GLN D 550 -47.10 11.83 33.30
C GLN D 550 -47.98 12.60 34.29
N ALA E 11 60.77 4.99 49.67
CA ALA E 11 60.95 6.23 48.85
C ALA E 11 60.47 5.96 47.42
N ALA E 12 59.55 6.76 46.90
CA ALA E 12 59.02 6.61 45.52
C ALA E 12 60.16 6.79 44.53
N PRO E 13 60.21 6.02 43.42
CA PRO E 13 61.18 6.26 42.37
C PRO E 13 60.91 7.61 41.68
N LEU E 14 61.97 8.24 41.15
CA LEU E 14 61.84 9.49 40.36
C LEU E 14 60.90 9.23 39.20
N PRO E 15 60.06 10.20 38.81
CA PRO E 15 59.42 10.13 37.50
C PRO E 15 60.50 10.06 36.43
N GLU E 16 60.17 9.47 35.30
CA GLU E 16 61.08 9.40 34.14
C GLU E 16 60.28 9.15 32.87
N LEU E 17 60.75 9.74 31.79
CA LEU E 17 60.18 9.44 30.46
C LEU E 17 60.96 8.27 29.86
N LEU E 18 60.27 7.15 29.62
CA LEU E 18 60.86 5.96 28.97
C LEU E 18 60.52 6.04 27.48
N SER E 19 61.46 5.61 26.63
CA SER E 19 61.29 5.51 25.16
C SER E 19 61.91 4.20 24.67
N ASN E 20 61.08 3.27 24.20
CA ASN E 20 61.54 1.94 23.72
C ASN E 20 60.64 1.49 22.58
N ASN E 21 61.22 0.96 21.50
CA ASN E 21 60.49 0.29 20.39
C ASN E 21 59.50 1.27 19.74
N GLY E 22 59.85 2.57 19.70
CA GLY E 22 59.04 3.62 19.05
C GLY E 22 57.89 4.09 19.91
N LYS E 23 57.85 3.62 21.17
CA LYS E 23 56.75 3.82 22.14
C LYS E 23 57.32 4.60 23.33
N HIS E 24 56.43 5.21 24.11
CA HIS E 24 56.85 6.12 25.19
C HIS E 24 55.91 5.94 26.38
N ALA E 25 56.45 6.18 27.57
CA ALA E 25 55.65 6.27 28.81
C ALA E 25 56.26 7.29 29.74
N LEU E 26 55.41 8.09 30.36
CA LEU E 26 55.82 8.90 31.52
C LEU E 26 55.61 8.03 32.75
N MET E 27 56.72 7.56 33.34
CA MET E 27 56.67 6.78 34.59
C MET E 27 56.50 7.76 35.75
N VAL E 28 55.48 7.52 36.56
CA VAL E 28 55.25 8.24 37.85
C VAL E 28 55.01 7.17 38.91
N ASP E 29 55.82 7.19 39.98
CA ASP E 29 55.74 6.23 41.10
C ASP E 29 55.90 4.82 40.54
N GLY E 30 56.73 4.67 39.50
CA GLY E 30 57.20 3.34 39.04
C GLY E 30 56.25 2.68 38.06
N ALA E 31 55.29 3.42 37.49
CA ALA E 31 54.38 2.85 36.47
C ALA E 31 53.94 3.94 35.49
N PRO E 32 53.57 3.59 34.24
CA PRO E 32 53.09 4.58 33.30
C PRO E 32 51.92 5.37 33.88
N TYR E 33 51.90 6.67 33.54
CA TYR E 33 50.93 7.66 34.03
C TYR E 33 50.43 8.47 32.85
N ILE E 34 49.19 8.94 32.93
CA ILE E 34 48.67 9.91 31.94
C ILE E 34 48.36 11.21 32.67
N ILE E 35 48.90 12.32 32.17
CA ILE E 35 48.55 13.68 32.65
C ILE E 35 47.18 14.05 32.10
N LEU E 36 46.16 14.00 32.96
CA LEU E 36 44.83 14.55 32.66
C LEU E 36 44.84 15.93 33.29
N GLY E 37 45.34 16.89 32.54
CA GLY E 37 45.91 18.10 33.14
C GLY E 37 45.01 19.29 33.07
N SER E 38 45.47 20.36 33.71
N SER E 38 45.53 20.37 33.65
CA SER E 38 44.89 21.71 33.58
CA SER E 38 44.89 21.69 33.70
C SER E 38 46.01 22.69 33.85
C SER E 38 46.01 22.71 33.89
N GLN E 39 46.01 23.79 33.12
CA GLN E 39 47.02 24.85 33.32
C GLN E 39 46.31 26.12 33.76
N THR E 40 46.91 26.81 34.70
CA THR E 40 46.36 28.11 35.16
C THR E 40 46.52 29.17 34.08
N ASN E 41 45.82 30.28 34.24
CA ASN E 41 46.21 31.51 33.54
C ASN E 41 47.59 31.96 34.01
N ASN E 42 48.17 32.90 33.27
CA ASN E 42 49.59 33.29 33.40
C ASN E 42 49.89 34.09 34.66
N SER E 43 48.87 34.60 35.37
CA SER E 43 49.07 35.49 36.54
C SER E 43 48.52 34.84 37.81
N SER E 44 48.50 33.51 37.85
CA SER E 44 47.90 32.72 38.95
C SER E 44 48.99 32.11 39.83
N ASN E 45 50.25 32.47 39.60
CA ASN E 45 51.44 31.87 40.25
C ASN E 45 51.72 32.59 41.58
N TYR E 46 50.70 32.86 42.40
CA TYR E 46 50.87 33.53 43.73
C TYR E 46 49.98 32.85 44.73
N PRO E 47 50.41 32.77 46.01
CA PRO E 47 49.57 32.19 47.05
C PRO E 47 48.10 32.63 47.03
N ASP E 48 47.87 33.93 46.91
CA ASP E 48 46.50 34.49 47.01
C ASP E 48 45.61 33.99 45.85
N ALA E 49 46.20 33.61 44.71
CA ALA E 49 45.43 33.22 43.50
C ALA E 49 45.02 31.74 43.58
N LEU E 50 45.68 30.92 44.39
CA LEU E 50 45.44 29.45 44.33
C LEU E 50 43.98 29.13 44.72
N LYS E 51 43.30 29.94 45.53
CA LYS E 51 41.89 29.70 45.91
C LYS E 51 40.99 29.76 44.67
N ASP E 52 41.47 30.42 43.62
CA ASP E 52 40.75 30.60 42.35
C ASP E 52 41.18 29.54 41.33
N VAL E 53 42.09 28.67 41.70
CA VAL E 53 42.61 27.58 40.83
C VAL E 53 42.01 26.25 41.26
N TRP E 54 42.08 25.90 42.54
CA TRP E 54 41.71 24.55 42.98
C TRP E 54 40.28 24.16 42.64
N PRO E 55 39.25 25.03 42.81
CA PRO E 55 37.88 24.60 42.51
C PRO E 55 37.74 24.10 41.06
N SER E 56 38.37 24.78 40.11
CA SER E 56 38.32 24.40 38.68
C SER E 56 38.95 23.00 38.53
N MET E 57 40.10 22.77 39.17
N MET E 57 40.04 22.75 39.22
CA MET E 57 40.82 21.47 39.17
CA MET E 57 40.76 21.47 39.06
C MET E 57 39.84 20.36 39.57
C MET E 57 39.91 20.31 39.61
N GLU E 58 39.17 20.56 40.69
CA GLU E 58 38.24 19.57 41.27
C GLU E 58 37.08 19.31 40.30
N LYS E 59 36.48 20.38 39.79
CA LYS E 59 35.34 20.29 38.83
C LYS E 59 35.78 19.53 37.57
N MET E 60 37.01 19.74 37.13
CA MET E 60 37.53 19.13 35.89
C MET E 60 37.87 17.65 36.13
N GLY E 61 38.20 17.24 37.36
CA GLY E 61 38.75 15.91 37.67
C GLY E 61 40.15 15.74 37.13
N ALA E 62 40.91 16.83 37.00
CA ALA E 62 42.32 16.79 36.56
C ALA E 62 43.17 16.12 37.63
N ASN E 63 44.19 15.37 37.20
CA ASN E 63 45.12 14.70 38.15
C ASN E 63 46.43 15.50 38.28
N THR E 64 46.63 16.51 37.45
CA THR E 64 47.92 17.24 37.36
C THR E 64 47.63 18.69 37.02
N LEU E 65 48.24 19.61 37.77
CA LEU E 65 48.17 21.07 37.51
C LEU E 65 49.51 21.56 36.98
N SER E 66 49.46 22.25 35.85
CA SER E 66 50.57 23.01 35.26
C SER E 66 50.43 24.46 35.71
N ILE E 67 51.49 25.01 36.30
CA ILE E 67 51.43 26.39 36.86
C ILE E 67 52.81 27.00 36.74
N PRO E 68 52.91 28.32 36.47
CA PRO E 68 54.22 28.94 36.39
C PRO E 68 54.95 29.01 37.73
N VAL E 69 56.27 28.92 37.64
CA VAL E 69 57.19 29.48 38.65
C VAL E 69 58.12 30.44 37.92
N ALA E 70 58.03 31.72 38.28
CA ALA E 70 58.65 32.81 37.52
C ALA E 70 60.02 33.15 38.13
N TRP E 71 61.00 33.36 37.28
CA TRP E 71 62.35 33.81 37.74
C TRP E 71 62.19 35.09 38.57
N GLU E 72 61.31 36.00 38.15
CA GLU E 72 61.15 37.29 38.87
C GLU E 72 60.66 37.04 40.31
N GLN E 73 59.89 35.98 40.57
CA GLN E 73 59.34 35.76 41.93
C GLN E 73 60.36 35.03 42.78
N ILE E 74 61.18 34.13 42.21
CA ILE E 74 62.13 33.36 43.07
C ILE E 74 63.44 34.11 43.25
N GLU E 75 63.79 35.04 42.38
CA GLU E 75 65.05 35.83 42.53
C GLU E 75 64.80 37.31 42.27
N PRO E 76 63.96 37.96 43.10
CA PRO E 76 63.53 39.32 42.81
C PRO E 76 64.69 40.31 42.85
N VAL E 77 65.68 40.01 43.69
CA VAL E 77 66.96 40.73 43.83
C VAL E 77 68.04 39.68 43.67
N GLU E 78 69.09 39.97 42.92
CA GLU E 78 70.08 38.93 42.56
C GLU E 78 70.65 38.29 43.84
N GLY E 79 70.62 36.96 43.90
CA GLY E 79 71.16 36.19 45.04
C GLY E 79 70.23 36.09 46.23
N GLN E 80 69.07 36.73 46.18
CA GLN E 80 68.08 36.75 47.30
C GLN E 80 66.90 35.88 46.88
N PHE E 81 66.96 34.57 47.16
CA PHE E 81 65.95 33.58 46.68
C PHE E 81 64.74 33.58 47.61
N ASP E 82 63.58 33.35 46.99
CA ASP E 82 62.26 33.35 47.67
C ASP E 82 61.45 32.20 47.09
N PHE E 83 61.30 31.13 47.86
CA PHE E 83 60.49 29.95 47.46
C PHE E 83 59.15 29.90 48.20
N SER E 84 58.69 31.02 48.75
CA SER E 84 57.42 31.08 49.53
C SER E 84 56.26 30.57 48.68
N PHE E 85 56.24 30.88 47.38
CA PHE E 85 55.13 30.42 46.52
C PHE E 85 55.24 28.90 46.35
N VAL E 86 56.43 28.40 46.09
CA VAL E 86 56.60 26.95 45.80
C VAL E 86 56.23 26.15 47.06
N ASP E 87 56.60 26.65 48.24
CA ASP E 87 56.21 26.04 49.53
C ASP E 87 54.69 25.83 49.60
N VAL E 88 53.94 26.92 49.46
N VAL E 88 53.88 26.89 49.48
CA VAL E 88 52.46 26.97 49.54
CA VAL E 88 52.41 26.77 49.66
C VAL E 88 51.87 26.01 48.50
C VAL E 88 51.84 25.95 48.48
N LEU E 89 52.38 26.08 47.27
CA LEU E 89 51.84 25.33 46.10
C LEU E 89 52.03 23.82 46.37
N LEU E 90 53.21 23.43 46.83
CA LEU E 90 53.50 22.00 47.10
C LEU E 90 52.50 21.50 48.14
N LYS E 91 52.36 22.25 49.24
CA LYS E 91 51.50 21.83 50.37
C LYS E 91 50.04 21.74 49.94
N GLU E 92 49.57 22.71 49.15
CA GLU E 92 48.14 22.74 48.76
C GLU E 92 47.87 21.62 47.73
N ALA E 93 48.79 21.37 46.81
CA ALA E 93 48.65 20.29 45.80
C ALA E 93 48.54 18.95 46.56
N ARG E 94 49.38 18.75 47.56
CA ARG E 94 49.36 17.48 48.33
C ARG E 94 48.02 17.32 49.05
N GLN E 95 47.48 18.40 49.62
CA GLN E 95 46.19 18.35 50.34
C GLN E 95 45.10 17.90 49.37
N ARG E 96 45.19 18.30 48.10
CA ARG E 96 44.14 18.01 47.10
C ARG E 96 44.49 16.76 46.28
N LYS E 97 45.61 16.10 46.61
CA LYS E 97 46.04 14.81 46.03
C LYS E 97 46.13 14.95 44.50
N VAL E 98 46.80 16.00 44.06
CA VAL E 98 47.14 16.18 42.63
C VAL E 98 48.66 16.36 42.51
N ARG E 99 49.15 16.14 41.30
CA ARG E 99 50.57 16.29 40.96
C ARG E 99 50.73 17.62 40.25
N LEU E 100 51.99 18.02 40.09
CA LEU E 100 52.35 19.33 39.54
C LEU E 100 53.33 19.21 38.38
N VAL E 101 53.13 20.07 37.40
CA VAL E 101 54.13 20.40 36.37
C VAL E 101 54.47 21.88 36.58
N LEU E 102 55.70 22.17 36.94
CA LEU E 102 56.11 23.58 37.09
C LEU E 102 56.58 24.12 35.74
N LEU E 103 56.17 25.33 35.41
CA LEU E 103 56.59 26.01 34.16
C LEU E 103 57.60 27.10 34.50
N TRP E 104 58.87 26.87 34.18
CA TRP E 104 59.96 27.83 34.48
C TRP E 104 59.91 28.98 33.48
N PHE E 105 59.29 30.09 33.90
CA PHE E 105 59.18 31.33 33.12
C PHE E 105 60.43 32.17 33.39
N ALA E 106 61.35 32.26 32.44
CA ALA E 106 62.68 32.83 32.71
C ALA E 106 63.18 33.63 31.50
N THR E 107 64.23 33.16 30.82
CA THR E 107 64.83 33.90 29.70
C THR E 107 63.79 34.15 28.63
N TRP E 108 62.94 33.16 28.32
CA TRP E 108 61.83 33.31 27.36
C TRP E 108 60.50 32.90 28.00
N LYS E 109 59.52 33.76 27.84
CA LYS E 109 58.10 33.46 28.02
C LYS E 109 57.42 34.12 26.83
N ASN E 110 56.94 33.30 25.89
CA ASN E 110 56.36 33.80 24.63
C ASN E 110 57.38 34.74 23.95
N ASN E 111 58.64 34.30 23.81
CA ASN E 111 59.70 35.01 23.06
C ASN E 111 60.33 36.12 23.90
N ALA E 112 59.78 36.49 25.07
CA ALA E 112 60.12 37.76 25.77
C ALA E 112 60.60 37.50 27.18
N PRO E 113 61.34 38.48 27.77
CA PRO E 113 61.85 38.35 29.13
C PRO E 113 60.99 38.98 30.24
N HIS E 114 59.69 39.08 30.03
CA HIS E 114 58.83 39.81 30.98
C HIS E 114 58.86 39.16 32.37
N TYR E 115 59.06 37.84 32.46
CA TYR E 115 59.06 37.15 33.77
C TYR E 115 60.47 37.04 34.34
N ALA E 116 61.49 37.55 33.65
CA ALA E 116 62.83 37.67 34.25
C ALA E 116 62.78 38.81 35.28
N PRO E 117 63.62 38.75 36.33
CA PRO E 117 63.67 39.83 37.32
C PRO E 117 64.00 41.16 36.67
N ALA E 118 63.61 42.27 37.33
CA ALA E 118 63.88 43.64 36.84
C ALA E 118 65.39 43.81 36.59
N TRP E 119 66.24 43.27 37.47
CA TRP E 119 67.72 43.39 37.35
C TRP E 119 68.23 42.61 36.13
N VAL E 120 67.42 41.74 35.56
CA VAL E 120 67.77 41.07 34.26
C VAL E 120 67.14 41.86 33.09
N LYS E 121 65.81 41.98 33.04
CA LYS E 121 65.11 42.48 31.82
C LYS E 121 65.38 43.97 31.59
N LEU E 122 65.87 44.73 32.57
CA LEU E 122 66.15 46.17 32.36
C LEU E 122 67.65 46.44 32.15
N ASP E 123 68.47 45.39 32.06
CA ASP E 123 69.94 45.53 31.91
C ASP E 123 70.36 44.87 30.59
N ASN E 124 70.16 45.55 29.48
CA ASN E 124 70.45 45.00 28.14
C ASN E 124 71.97 44.76 27.97
N ALA E 125 72.81 45.62 28.52
CA ALA E 125 74.27 45.49 28.30
C ALA E 125 74.75 44.15 28.88
N ARG E 126 74.25 43.77 30.04
CA ARG E 126 74.66 42.52 30.72
C ARG E 126 73.91 41.35 30.08
N PHE E 127 72.65 41.56 29.71
CA PHE E 127 71.69 40.52 29.28
C PHE E 127 71.09 40.93 27.94
N PRO E 128 71.82 40.73 26.82
CA PRO E 128 71.49 41.37 25.57
C PRO E 128 70.34 40.76 24.77
N ARG E 129 69.60 41.64 24.11
CA ARG E 129 68.48 41.33 23.19
C ARG E 129 68.97 41.03 21.78
N VAL E 130 68.16 40.25 21.10
CA VAL E 130 68.20 40.05 19.63
C VAL E 130 68.26 41.41 18.94
N VAL E 131 69.23 41.58 18.05
CA VAL E 131 69.34 42.75 17.15
C VAL E 131 68.91 42.30 15.76
N LYS E 132 67.97 43.03 15.16
CA LYS E 132 67.51 42.82 13.76
C LYS E 132 68.64 43.11 12.79
N GLU E 133 68.49 42.63 11.56
CA GLU E 133 69.47 42.85 10.47
C GLU E 133 69.60 44.37 10.25
N ASP E 134 68.53 45.15 10.47
CA ASP E 134 68.51 46.61 10.22
C ASP E 134 69.08 47.38 11.42
N GLY E 135 69.45 46.69 12.50
CA GLY E 135 70.09 47.29 13.70
C GLY E 135 69.12 47.61 14.83
N ASP E 136 67.80 47.56 14.59
CA ASP E 136 66.80 47.80 15.64
C ASP E 136 66.80 46.59 16.58
N THR E 137 66.38 46.81 17.82
CA THR E 137 66.42 45.81 18.90
C THR E 137 65.00 45.28 19.15
N LEU E 138 64.89 43.97 19.33
CA LEU E 138 63.62 43.33 19.75
C LEU E 138 63.67 42.92 21.23
N ASN E 139 62.51 42.91 21.88
CA ASN E 139 62.39 42.51 23.30
C ASN E 139 62.35 40.97 23.38
N SER E 140 63.47 40.35 23.02
CA SER E 140 63.69 38.89 23.00
C SER E 140 65.17 38.70 23.32
N LEU E 141 65.49 38.01 24.40
CA LEU E 141 66.88 37.89 24.84
C LEU E 141 67.64 36.95 23.90
N SER E 142 68.82 37.36 23.48
CA SER E 142 69.68 36.53 22.61
C SER E 142 70.10 35.27 23.33
N PRO E 143 69.99 34.09 22.66
CA PRO E 143 70.52 32.85 23.24
C PRO E 143 72.06 32.79 23.29
N LEU E 144 72.75 33.77 22.71
CA LEU E 144 74.23 33.84 22.76
C LEU E 144 74.70 34.79 23.87
N GLY E 145 73.77 35.32 24.67
CA GLY E 145 74.14 36.05 25.88
C GLY E 145 74.67 35.11 26.95
N GLN E 146 76.00 35.06 27.17
CA GLN E 146 76.60 34.12 28.15
C GLN E 146 76.21 34.49 29.57
N ASN E 147 76.09 35.78 29.90
CA ASN E 147 75.67 36.16 31.29
C ASN E 147 74.24 35.70 31.55
N THR E 148 73.38 35.83 30.56
CA THR E 148 71.94 35.46 30.66
C THR E 148 71.85 33.96 30.95
N LEU E 149 72.56 33.15 30.18
CA LEU E 149 72.57 31.68 30.39
C LEU E 149 73.07 31.36 31.80
N ALA E 150 74.18 31.96 32.24
CA ALA E 150 74.73 31.69 33.60
C ALA E 150 73.68 32.04 34.66
N ALA E 151 72.98 33.17 34.51
CA ALA E 151 72.02 33.67 35.52
C ALA E 151 70.77 32.78 35.56
N ASP E 152 70.24 32.41 34.41
CA ASP E 152 69.02 31.56 34.32
C ASP E 152 69.37 30.22 34.98
N LYS E 153 70.47 29.61 34.54
CA LYS E 153 70.99 28.34 35.11
C LYS E 153 71.08 28.46 36.63
N LYS E 154 71.68 29.52 37.16
CA LYS E 154 71.88 29.66 38.62
C LYS E 154 70.52 29.59 39.31
N ALA E 155 69.53 30.33 38.82
CA ALA E 155 68.20 30.42 39.48
C ALA E 155 67.49 29.08 39.35
N PHE E 156 67.54 28.48 38.17
CA PHE E 156 66.91 27.17 37.92
C PHE E 156 67.49 26.12 38.88
N VAL E 157 68.80 26.14 39.08
CA VAL E 157 69.49 25.21 40.02
C VAL E 157 68.94 25.44 41.43
N GLU E 158 68.71 26.69 41.85
CA GLU E 158 68.15 26.96 43.21
C GLU E 158 66.72 26.39 43.30
N LEU E 159 65.90 26.52 42.25
CA LEU E 159 64.55 25.92 42.23
C LEU E 159 64.65 24.40 42.37
N MET E 160 65.54 23.79 41.62
CA MET E 160 65.65 22.30 41.66
C MET E 160 66.21 21.87 43.03
N LYS E 161 67.08 22.66 43.67
CA LYS E 161 67.58 22.35 45.04
C LYS E 161 66.39 22.40 46.01
N TYR E 162 65.47 23.34 45.80
CA TYR E 162 64.28 23.47 46.69
C TYR E 162 63.48 22.18 46.58
N LEU E 163 63.22 21.72 45.37
CA LEU E 163 62.47 20.46 45.13
C LEU E 163 63.27 19.27 45.69
N ALA E 164 64.58 19.24 45.52
CA ALA E 164 65.39 18.11 46.03
C ALA E 164 65.22 18.03 47.55
N LYS E 165 65.18 19.16 48.28
CA LYS E 165 65.13 19.07 49.77
C LYS E 165 63.69 19.06 50.28
N ARG E 166 62.69 19.50 49.49
CA ARG E 166 61.33 19.69 50.03
C ARG E 166 60.26 18.88 49.28
N ASP E 167 60.64 18.05 48.31
CA ASP E 167 59.65 17.29 47.50
C ASP E 167 60.11 15.85 47.26
N LYS E 168 60.35 15.12 48.35
CA LYS E 168 60.89 13.75 48.34
C LYS E 168 59.92 12.78 47.66
N ASP E 169 58.61 13.06 47.68
CA ASP E 169 57.58 12.15 47.09
C ASP E 169 57.25 12.62 45.67
N HIS E 170 57.93 13.65 45.16
CA HIS E 170 57.81 14.06 43.73
C HIS E 170 56.37 14.48 43.44
N THR E 171 55.77 15.31 44.29
CA THR E 171 54.52 16.04 43.96
C THR E 171 54.70 16.70 42.58
N VAL E 172 55.85 17.33 42.36
CA VAL E 172 56.27 17.84 41.03
C VAL E 172 56.82 16.67 40.23
N ILE E 173 56.14 16.32 39.14
CA ILE E 173 56.54 15.15 38.31
C ILE E 173 57.35 15.56 37.08
N MET E 174 57.30 16.84 36.70
CA MET E 174 57.94 17.29 35.44
C MET E 174 58.11 18.81 35.49
N VAL E 175 59.10 19.32 34.77
CA VAL E 175 59.37 20.78 34.71
C VAL E 175 59.48 21.19 33.24
N GLN E 176 58.76 22.24 32.89
CA GLN E 176 58.87 22.89 31.57
C GLN E 176 59.96 23.95 31.68
N VAL E 177 60.94 23.89 30.79
CA VAL E 177 62.10 24.80 30.80
C VAL E 177 61.80 25.91 29.81
N GLN E 178 61.63 27.13 30.32
CA GLN E 178 61.17 28.30 29.55
C GLN E 178 59.72 28.09 29.11
N ASN E 179 59.17 29.03 28.34
CA ASN E 179 57.80 28.91 27.80
C ASN E 179 57.76 29.54 26.42
N GLU E 180 57.44 28.76 25.39
CA GLU E 180 57.34 29.26 23.99
C GLU E 180 58.55 30.13 23.68
N VAL E 181 59.71 29.50 23.63
CA VAL E 181 60.97 30.19 23.25
C VAL E 181 60.89 30.65 21.80
N GLY E 182 61.79 31.53 21.44
CA GLY E 182 61.95 32.00 20.06
C GLY E 182 61.92 33.49 19.97
N THR E 183 61.80 33.99 18.75
CA THR E 183 61.73 35.44 18.46
C THR E 183 60.63 35.72 17.44
N TYR E 184 59.77 36.70 17.77
CA TYR E 184 58.85 37.33 16.80
C TYR E 184 59.54 38.56 16.23
N GLY E 185 59.43 38.76 14.92
CA GLY E 185 59.89 40.00 14.25
C GLY E 185 61.28 39.91 13.66
N ALA E 186 61.98 38.80 13.86
CA ALA E 186 63.28 38.50 13.21
C ALA E 186 63.52 37.00 13.23
N VAL E 187 64.44 36.51 12.40
CA VAL E 187 64.67 35.05 12.29
C VAL E 187 65.71 34.63 13.33
N ARG E 188 66.66 35.50 13.66
CA ARG E 188 67.78 35.20 14.58
C ARG E 188 68.34 36.51 15.13
N ASP E 189 69.31 36.41 16.04
CA ASP E 189 70.11 37.57 16.49
C ASP E 189 71.09 37.90 15.36
N TYR E 190 71.16 39.16 14.94
CA TYR E 190 72.13 39.66 13.93
C TYR E 190 73.13 40.61 14.62
N SER E 191 73.18 40.60 15.96
CA SER E 191 74.18 41.37 16.71
C SER E 191 75.59 40.99 16.24
N PRO E 192 76.57 41.91 16.34
CA PRO E 192 77.95 41.55 16.05
C PRO E 192 78.35 40.24 16.76
N MET E 193 77.96 40.07 18.02
CA MET E 193 78.28 38.88 18.85
C MET E 193 77.70 37.63 18.16
N ALA E 194 76.42 37.67 17.76
CA ALA E 194 75.73 36.53 17.10
C ALA E 194 76.36 36.29 15.73
N GLN E 195 76.61 37.36 14.98
CA GLN E 195 77.15 37.26 13.60
C GLN E 195 78.52 36.57 13.62
N ALA E 196 79.36 36.83 14.63
CA ALA E 196 80.68 36.17 14.74
C ALA E 196 80.47 34.65 14.82
N VAL E 197 79.47 34.21 15.57
CA VAL E 197 79.22 32.75 15.79
C VAL E 197 78.64 32.15 14.50
N PHE E 198 77.74 32.87 13.85
CA PHE E 198 77.11 32.47 12.56
C PHE E 198 78.20 32.32 11.48
N ASN E 199 79.19 33.22 11.46
CA ASN E 199 80.25 33.23 10.42
C ASN E 199 81.24 32.08 10.67
N ALA E 200 81.25 31.52 11.88
CA ALA E 200 82.18 30.46 12.33
C ALA E 200 81.66 29.09 11.90
N ALA E 201 82.50 28.08 12.05
CA ALA E 201 82.16 26.66 11.76
C ALA E 201 80.90 26.27 12.52
N VAL E 202 80.00 25.53 11.88
CA VAL E 202 78.91 24.81 12.60
C VAL E 202 79.58 23.82 13.54
N PRO E 203 79.20 23.72 14.83
CA PRO E 203 79.84 22.77 15.73
C PRO E 203 79.83 21.34 15.19
N ASP E 204 80.94 20.63 15.41
CA ASP E 204 81.22 19.27 14.86
C ASP E 204 80.08 18.32 15.26
N ASP E 205 79.61 18.40 16.51
CA ASP E 205 78.57 17.50 17.08
C ASP E 205 77.31 17.56 16.22
N LEU E 206 76.86 18.75 15.84
CA LEU E 206 75.64 18.92 14.99
C LEU E 206 75.90 18.31 13.61
N ILE E 207 77.06 18.63 13.02
CA ILE E 207 77.43 18.14 11.67
C ILE E 207 77.41 16.60 11.67
N GLN E 208 78.01 15.98 12.70
CA GLN E 208 78.13 14.49 12.82
C GLN E 208 76.73 13.88 13.05
N LYS E 209 75.89 14.50 13.88
CA LYS E 209 74.55 13.95 14.20
C LYS E 209 73.65 14.00 12.96
N LEU E 210 73.75 15.06 12.14
CA LEU E 210 72.92 15.25 10.92
C LEU E 210 73.62 14.63 9.71
N GLN E 211 74.85 14.14 9.88
CA GLN E 211 75.63 13.47 8.80
C GLN E 211 75.76 14.45 7.62
N LEU E 212 76.18 15.69 7.89
CA LEU E 212 76.37 16.74 6.86
C LEU E 212 77.87 16.93 6.63
N LYS E 213 78.22 17.75 5.63
CA LYS E 213 79.62 18.17 5.33
C LYS E 213 79.95 19.36 6.23
N PRO E 214 81.17 19.41 6.83
CA PRO E 214 81.56 20.55 7.66
C PRO E 214 81.52 21.86 6.87
N GLY E 215 81.33 22.96 7.58
CA GLY E 215 81.34 24.32 6.99
C GLY E 215 80.75 25.31 7.95
N THR E 216 80.62 26.57 7.51
CA THR E 216 79.96 27.63 8.30
C THR E 216 78.45 27.48 8.14
N TRP E 217 77.68 28.23 8.91
CA TRP E 217 76.20 28.12 8.95
C TRP E 217 75.64 28.35 7.55
N SER E 218 76.11 29.40 6.86
CA SER E 218 75.64 29.75 5.50
C SER E 218 75.99 28.62 4.53
N GLN E 219 77.19 28.05 4.66
CA GLN E 219 77.67 26.97 3.75
C GLN E 219 76.79 25.72 3.96
N VAL E 220 76.56 25.34 5.22
CA VAL E 220 75.96 24.02 5.54
C VAL E 220 74.45 24.06 5.27
N PHE E 221 73.76 25.17 5.58
CA PHE E 221 72.28 25.19 5.67
C PHE E 221 71.63 26.12 4.63
N GLY E 222 72.41 26.97 3.92
CA GLY E 222 71.89 27.83 2.85
C GLY E 222 70.70 28.65 3.32
N ARG E 223 69.55 28.50 2.63
CA ARG E 223 68.30 29.27 2.84
C ARG E 223 67.79 29.09 4.27
N ASP E 224 68.16 28.00 4.95
CA ASP E 224 67.69 27.72 6.33
C ASP E 224 68.72 28.11 7.40
N ALA E 225 69.86 28.69 7.02
CA ALA E 225 70.94 28.99 7.98
C ALA E 225 70.43 29.88 9.12
N ASP E 226 69.69 30.96 8.82
CA ASP E 226 69.29 31.95 9.85
C ASP E 226 68.39 31.26 10.89
N GLU E 227 67.37 30.56 10.44
CA GLU E 227 66.37 29.92 11.33
C GLU E 227 67.01 28.74 12.07
N PHE E 228 67.76 27.89 11.38
CA PHE E 228 68.38 26.70 12.01
C PHE E 228 69.40 27.17 13.05
N PHE E 229 70.10 28.26 12.79
CA PHE E 229 71.06 28.87 13.75
C PHE E 229 70.34 29.29 15.03
N HIS E 230 69.25 30.04 14.92
CA HIS E 230 68.46 30.48 16.10
C HIS E 230 67.94 29.27 16.85
N ALA E 231 67.40 28.27 16.13
CA ALA E 231 66.86 27.05 16.80
C ALA E 231 68.02 26.37 17.55
N TYR E 232 69.17 26.22 16.91
CA TYR E 232 70.31 25.51 17.54
C TYR E 232 70.73 26.27 18.80
N GLN E 233 70.88 27.59 18.72
CA GLN E 233 71.45 28.35 19.85
C GLN E 233 70.44 28.32 21.00
N ILE E 234 69.14 28.43 20.69
CA ILE E 234 68.11 28.34 21.78
C ILE E 234 68.07 26.92 22.34
N ALA E 235 68.08 25.89 21.49
CA ALA E 235 68.11 24.48 21.95
C ALA E 235 69.33 24.25 22.86
N ARG E 236 70.52 24.74 22.51
CA ARG E 236 71.75 24.58 23.36
C ARG E 236 71.51 25.27 24.70
N TYR E 237 70.96 26.47 24.67
CA TYR E 237 70.68 27.26 25.89
C TYR E 237 69.75 26.45 26.82
N CYS E 238 68.63 25.97 26.26
CA CYS E 238 67.60 25.21 27.02
C CYS E 238 68.21 23.90 27.53
N ASP E 239 69.03 23.23 26.71
CA ASP E 239 69.70 21.96 27.12
C ASP E 239 70.64 22.21 28.31
N GLU E 240 71.41 23.30 28.29
CA GLU E 240 72.38 23.60 29.39
C GLU E 240 71.62 23.91 30.70
N VAL E 241 70.53 24.68 30.62
CA VAL E 241 69.68 24.93 31.81
C VAL E 241 69.15 23.57 32.30
N THR E 242 68.61 22.75 31.40
CA THR E 242 68.05 21.42 31.72
C THR E 242 69.10 20.55 32.43
N VAL E 243 70.30 20.44 31.85
CA VAL E 243 71.38 19.62 32.47
C VAL E 243 71.66 20.10 33.90
N ALA E 244 71.81 21.41 34.07
CA ALA E 244 72.16 22.01 35.39
C ALA E 244 71.10 21.61 36.41
N GLY E 245 69.83 21.71 36.03
CA GLY E 245 68.70 21.38 36.92
C GLY E 245 68.64 19.89 37.22
N LYS E 246 68.77 19.06 36.19
CA LYS E 246 68.72 17.57 36.32
C LYS E 246 69.87 17.06 37.19
N ALA E 247 71.03 17.73 37.20
CA ALA E 247 72.17 17.35 38.05
C ALA E 247 71.79 17.48 39.53
N ILE E 248 70.86 18.38 39.86
CA ILE E 248 70.32 18.55 41.25
C ILE E 248 69.23 17.50 41.50
N LYS E 249 68.24 17.42 40.62
CA LYS E 249 67.17 16.41 40.73
C LYS E 249 66.72 16.05 39.31
N ASN E 250 66.82 14.77 38.98
CA ASN E 250 66.70 14.28 37.60
C ASN E 250 65.22 14.04 37.25
N LEU E 251 64.40 15.09 37.26
CA LEU E 251 63.01 15.06 36.76
C LEU E 251 63.01 15.12 35.23
N PRO E 252 61.95 14.56 34.59
CA PRO E 252 61.63 14.77 33.17
C PRO E 252 61.49 16.29 32.98
N MET E 253 62.01 16.79 31.88
CA MET E 253 61.95 18.24 31.58
C MET E 253 61.66 18.38 30.09
N TYR E 254 60.85 19.35 29.73
CA TYR E 254 60.42 19.48 28.32
C TYR E 254 60.33 20.97 27.93
N VAL E 255 60.16 21.20 26.65
CA VAL E 255 59.89 22.56 26.09
C VAL E 255 58.57 22.50 25.33
N ASN E 256 57.88 23.63 25.32
CA ASN E 256 56.57 23.77 24.66
C ASN E 256 56.68 24.75 23.50
N VAL E 257 55.98 24.47 22.43
CA VAL E 257 56.20 25.16 21.13
C VAL E 257 55.00 26.07 20.80
N ALA E 258 55.30 27.34 20.55
CA ALA E 258 54.40 28.26 19.85
C ALA E 258 54.34 27.78 18.39
N LEU E 259 53.35 26.95 18.08
CA LEU E 259 53.32 26.24 16.77
C LEU E 259 53.22 27.22 15.62
N ARG E 260 53.87 26.84 14.52
CA ARG E 260 53.57 27.43 13.21
C ARG E 260 52.45 26.57 12.59
N ASN E 261 51.64 27.18 11.75
CA ASN E 261 50.58 26.41 11.04
C ASN E 261 51.27 25.39 10.14
N PRO E 262 51.00 24.08 10.28
CA PRO E 262 51.77 23.09 9.55
C PRO E 262 51.47 23.05 8.05
N PHE E 263 50.33 23.60 7.62
CA PHE E 263 49.92 23.63 6.19
C PHE E 263 50.34 24.93 5.49
N ASN E 264 50.45 26.03 6.24
CA ASN E 264 50.61 27.40 5.69
C ASN E 264 51.34 28.21 6.75
N PRO E 265 52.61 27.89 7.03
CA PRO E 265 53.31 28.44 8.21
C PRO E 265 53.63 29.92 8.15
N GLY E 266 53.76 30.48 6.95
CA GLY E 266 54.37 31.82 6.83
C GLY E 266 55.86 31.77 7.17
N LEU E 267 56.46 32.92 7.43
CA LEU E 267 57.93 33.02 7.56
C LEU E 267 58.34 32.98 9.03
N PRO E 268 59.54 32.44 9.34
CA PRO E 268 60.05 32.52 10.71
C PRO E 268 60.16 34.00 11.08
N GLY E 269 59.67 34.32 12.28
CA GLY E 269 59.56 35.69 12.79
C GLY E 269 58.12 36.18 12.71
N GLN E 270 57.34 35.73 11.72
CA GLN E 270 55.85 35.84 11.75
C GLN E 270 55.37 34.84 12.81
N TYR E 271 55.80 33.59 12.68
CA TYR E 271 55.77 32.62 13.79
C TYR E 271 57.03 32.79 14.64
N SER E 272 57.07 32.13 15.79
CA SER E 272 58.14 32.30 16.79
C SER E 272 59.39 31.53 16.32
N SER E 273 60.31 32.24 15.67
CA SER E 273 61.54 31.65 15.07
C SER E 273 62.39 31.03 16.19
N GLY E 274 62.87 29.81 15.98
CA GLY E 274 63.86 29.15 16.84
C GLY E 274 63.20 28.19 17.82
N GLY E 275 61.89 28.31 18.03
CA GLY E 275 61.13 27.30 18.79
C GLY E 275 61.15 25.98 18.08
N GLY E 276 60.64 24.93 18.74
CA GLY E 276 60.61 23.56 18.21
C GLY E 276 59.53 23.39 17.16
N THR E 277 59.51 24.24 16.13
CA THR E 277 58.51 24.14 15.03
C THR E 277 58.85 22.91 14.21
N ASP E 278 57.90 22.44 13.40
CA ASP E 278 57.95 21.08 12.78
C ASP E 278 59.18 20.98 11.86
N ASN E 279 59.65 22.10 11.32
CA ASN E 279 60.79 22.16 10.38
C ASN E 279 62.15 22.15 11.10
N VAL E 280 62.22 22.36 12.41
CA VAL E 280 63.53 22.39 13.15
C VAL E 280 63.54 21.34 14.26
N LEU E 281 62.63 20.37 14.24
CA LEU E 281 62.64 19.30 15.26
C LEU E 281 63.96 18.53 15.17
N HIS E 282 64.50 18.31 13.97
CA HIS E 282 65.79 17.58 13.80
C HIS E 282 66.94 18.37 14.43
N ILE E 283 66.91 19.70 14.35
CA ILE E 283 67.94 20.58 14.99
C ILE E 283 67.79 20.48 16.50
N TRP E 284 66.56 20.62 17.00
CA TRP E 284 66.29 20.52 18.46
C TRP E 284 66.69 19.15 19.02
N LYS E 285 66.43 18.05 18.30
CA LYS E 285 66.76 16.71 18.83
C LYS E 285 68.28 16.51 18.84
N ALA E 286 69.00 17.03 17.84
CA ALA E 286 70.47 16.89 17.75
C ALA E 286 71.12 17.80 18.80
N ALA E 287 70.58 19.01 19.01
CA ALA E 287 71.23 20.05 19.83
C ALA E 287 70.99 19.80 21.31
N ALA E 288 69.86 19.18 21.68
CA ALA E 288 69.38 19.13 23.08
C ALA E 288 69.01 17.70 23.48
N PRO E 289 70.01 16.80 23.61
CA PRO E 289 69.80 15.39 23.96
C PRO E 289 69.26 15.21 25.38
N ASN E 290 69.31 16.26 26.20
CA ASN E 290 68.91 16.16 27.62
C ASN E 290 67.45 16.64 27.82
N ILE E 291 66.84 17.28 26.83
CA ILE E 291 65.41 17.67 26.93
C ILE E 291 64.59 16.43 26.55
N ASP E 292 63.67 16.02 27.42
CA ASP E 292 62.97 14.73 27.25
C ASP E 292 62.04 14.75 26.04
N LEU E 293 61.30 15.82 25.81
CA LEU E 293 60.33 15.90 24.71
C LEU E 293 60.04 17.34 24.35
N ILE E 294 59.49 17.51 23.16
CA ILE E 294 59.06 18.81 22.59
C ILE E 294 57.55 18.75 22.41
N ALA E 295 56.82 19.60 23.13
CA ALA E 295 55.35 19.52 23.33
C ALA E 295 54.66 20.64 22.54
N PRO E 296 53.65 20.29 21.72
CA PRO E 296 52.89 21.30 21.01
C PRO E 296 51.88 22.03 21.88
N ASP E 297 51.73 23.34 21.65
CA ASP E 297 50.70 24.17 22.30
C ASP E 297 49.61 24.42 21.25
N ILE E 298 48.46 23.76 21.36
CA ILE E 298 47.49 23.68 20.24
C ILE E 298 46.33 24.65 20.44
N TYR E 299 46.20 25.63 19.56
CA TYR E 299 45.07 26.60 19.60
C TYR E 299 44.35 26.61 18.25
N PHE E 300 44.79 25.78 17.30
CA PHE E 300 44.01 25.53 16.06
C PHE E 300 42.77 24.73 16.48
N ARG E 301 41.59 25.16 16.05
N ARG E 301 41.59 25.17 16.04
CA ARG E 301 40.29 24.51 16.43
CA ARG E 301 40.29 24.53 16.43
C ARG E 301 39.96 23.36 15.48
C ARG E 301 39.94 23.38 15.47
N ASP E 302 40.35 23.51 14.20
CA ASP E 302 39.87 22.60 13.11
C ASP E 302 40.59 21.26 13.15
N TYR E 303 39.79 20.22 12.98
CA TYR E 303 40.23 18.82 13.08
C TYR E 303 41.44 18.56 12.16
N LYS E 304 41.41 19.01 10.91
CA LYS E 304 42.51 18.66 9.96
C LYS E 304 43.83 19.22 10.50
N THR E 305 43.86 20.45 10.99
CA THR E 305 45.14 21.07 11.42
C THR E 305 45.59 20.47 12.76
N VAL E 306 44.66 20.26 13.69
CA VAL E 306 45.00 19.62 14.99
C VAL E 306 45.54 18.22 14.70
N SER E 307 44.87 17.46 13.83
CA SER E 307 45.32 16.08 13.52
C SER E 307 46.74 16.10 12.95
N LYS E 308 47.04 17.07 12.09
CA LYS E 308 48.39 17.20 11.49
C LYS E 308 49.42 17.49 12.58
N VAL E 309 49.10 18.37 13.53
CA VAL E 309 50.05 18.66 14.63
C VAL E 309 50.31 17.39 15.43
N LEU E 310 49.27 16.63 15.76
CA LEU E 310 49.46 15.41 16.57
C LEU E 310 50.36 14.44 15.80
N GLU E 311 50.20 14.37 14.47
CA GLU E 311 51.01 13.49 13.61
C GLU E 311 52.48 13.91 13.67
N LEU E 312 52.75 15.21 13.52
CA LEU E 312 54.12 15.74 13.39
C LEU E 312 54.85 15.63 14.73
N TYR E 313 54.15 15.76 15.85
CA TYR E 313 54.83 15.79 17.17
C TYR E 313 54.90 14.39 17.79
N THR E 314 54.22 13.40 17.21
CA THR E 314 54.34 12.00 17.65
C THR E 314 55.40 11.32 16.79
N ARG E 315 56.55 11.01 17.38
CA ARG E 315 57.72 10.48 16.66
C ARG E 315 58.37 9.38 17.48
N PRO E 316 59.09 8.43 16.84
CA PRO E 316 59.88 7.49 17.62
C PRO E 316 60.80 8.19 18.63
N ASP E 317 61.29 9.37 18.29
CA ASP E 317 62.20 10.17 19.17
C ASP E 317 61.44 11.23 19.97
N ASN E 318 60.11 11.25 19.95
CA ASN E 318 59.35 12.34 20.63
C ASN E 318 58.02 11.80 21.17
N ALA E 319 57.94 11.66 22.48
CA ALA E 319 56.67 11.37 23.18
C ALA E 319 55.71 12.53 22.92
N LEU E 320 54.44 12.24 22.75
CA LEU E 320 53.41 13.28 22.55
C LEU E 320 52.88 13.76 23.91
N PHE E 321 53.05 15.04 24.19
CA PHE E 321 52.42 15.66 25.35
C PHE E 321 51.75 16.93 24.85
N VAL E 322 50.43 17.01 24.94
CA VAL E 322 49.71 18.25 24.54
C VAL E 322 49.80 19.20 25.74
N ALA E 323 50.88 19.98 25.81
CA ALA E 323 51.27 20.76 27.02
C ALA E 323 50.26 21.88 27.24
N GLU E 324 49.69 22.37 26.15
CA GLU E 324 48.60 23.37 26.18
C GLU E 324 47.62 23.04 25.08
N ILE E 325 46.34 23.23 25.36
CA ILE E 325 45.33 23.28 24.28
C ILE E 325 44.26 24.28 24.68
N GLY E 326 43.60 24.88 23.72
CA GLY E 326 42.52 25.83 23.99
C GLY E 326 41.47 25.23 24.90
N ASN E 327 40.78 26.06 25.69
CA ASN E 327 39.77 25.56 26.65
C ASN E 327 38.34 25.74 26.14
N ASP E 328 38.14 26.10 24.88
CA ASP E 328 36.81 26.13 24.25
C ASP E 328 36.34 24.68 23.98
N GLN E 329 35.05 24.54 23.84
CA GLN E 329 34.37 23.23 23.72
C GLN E 329 34.99 22.36 22.62
N PRO E 330 35.33 22.89 21.43
CA PRO E 330 35.75 22.01 20.33
C PRO E 330 37.03 21.24 20.66
N PHE E 331 37.84 21.71 21.63
CA PHE E 331 39.16 21.14 21.91
C PHE E 331 39.04 19.85 22.75
N ALA E 332 37.96 19.66 23.51
CA ALA E 332 37.90 18.54 24.50
C ALA E 332 38.07 17.21 23.75
N ARG E 333 37.48 17.07 22.57
CA ARG E 333 37.46 15.74 21.89
C ARG E 333 38.87 15.34 21.44
N TYR E 334 39.82 16.27 21.36
CA TYR E 334 41.22 15.93 20.94
C TYR E 334 41.93 15.09 22.01
N LEU E 335 41.35 14.93 23.20
CA LEU E 335 41.94 14.02 24.20
C LEU E 335 42.02 12.63 23.54
N PHE E 336 41.01 12.24 22.78
CA PHE E 336 40.91 10.84 22.29
C PHE E 336 42.06 10.53 21.32
N PRO E 337 42.26 11.28 20.20
CA PRO E 337 43.41 11.01 19.33
C PRO E 337 44.77 11.20 20.02
N THR E 338 44.85 12.16 20.97
CA THR E 338 46.08 12.34 21.77
C THR E 338 46.44 11.02 22.44
N LEU E 339 45.51 10.43 23.18
CA LEU E 339 45.78 9.15 23.89
C LEU E 339 45.97 8.04 22.86
N GLY E 340 45.19 8.04 21.78
CA GLY E 340 45.30 7.00 20.73
C GLY E 340 46.70 6.94 20.11
N LYS E 341 47.41 8.06 20.04
CA LYS E 341 48.78 8.15 19.50
C LYS E 341 49.80 7.67 20.53
N GLY E 342 49.36 7.28 21.72
CA GLY E 342 50.24 6.94 22.84
C GLY E 342 50.67 8.18 23.62
N GLY E 343 49.91 9.26 23.52
CA GLY E 343 50.22 10.51 24.22
C GLY E 343 50.29 10.29 25.72
N ILE E 344 51.17 11.02 26.39
CA ILE E 344 51.39 10.88 27.86
C ILE E 344 50.55 11.90 28.62
N GLY E 345 49.91 12.83 27.93
CA GLY E 345 49.16 13.87 28.64
C GLY E 345 48.52 14.90 27.75
N PHE E 346 47.68 15.70 28.40
CA PHE E 346 46.77 16.65 27.72
C PHE E 346 46.40 17.71 28.75
N SER E 347 46.60 18.99 28.43
CA SER E 347 46.48 20.04 29.47
C SER E 347 45.83 21.28 28.88
N PRO E 348 44.49 21.42 29.01
CA PRO E 348 43.80 22.64 28.59
C PRO E 348 44.32 23.84 29.39
N PHE E 349 44.48 24.94 28.66
CA PHE E 349 45.03 26.20 29.19
C PHE E 349 43.94 27.14 29.67
N GLY E 350 44.18 27.72 30.85
CA GLY E 350 43.33 28.81 31.38
C GLY E 350 42.22 28.33 32.29
N MET E 351 42.43 27.23 32.99
CA MET E 351 41.37 26.59 33.81
C MET E 351 41.41 27.18 35.22
N ASP E 352 41.11 28.46 35.34
CA ASP E 352 40.98 29.06 36.68
C ASP E 352 39.96 30.21 36.62
N ASP E 353 39.56 30.71 37.79
CA ASP E 353 38.51 31.74 37.93
C ASP E 353 39.17 33.07 38.30
N THR E 354 40.32 33.38 37.70
CA THR E 354 41.05 34.65 38.00
C THR E 354 40.59 35.78 37.07
N ASP E 355 39.41 35.66 36.47
CA ASP E 355 38.74 36.74 35.70
C ASP E 355 39.58 37.03 34.46
N TYR E 356 39.87 36.00 33.69
CA TYR E 356 40.57 36.15 32.40
C TYR E 356 40.15 35.02 31.47
N THR E 357 39.96 35.35 30.19
N THR E 357 39.93 35.36 30.19
CA THR E 357 39.82 34.36 29.09
CA THR E 357 39.82 34.40 29.07
C THR E 357 40.72 34.79 27.93
C THR E 357 40.78 34.81 27.95
N ASN E 358 41.48 33.84 27.36
CA ASN E 358 42.34 34.09 26.18
C ASN E 358 41.55 33.94 24.87
N TYR E 359 40.21 33.94 24.90
CA TYR E 359 39.38 34.10 23.70
C TYR E 359 39.97 35.24 22.88
N PRO E 360 40.20 35.12 21.55
CA PRO E 360 39.68 34.04 20.68
C PRO E 360 40.41 32.69 20.68
N LEU E 361 41.49 32.53 21.46
CA LEU E 361 42.16 31.21 21.51
C LEU E 361 41.28 30.22 22.27
N GLY E 362 40.74 30.62 23.40
CA GLY E 362 39.93 29.76 24.28
C GLY E 362 38.48 30.16 24.30
N ALA E 363 37.79 29.78 25.37
CA ALA E 363 36.34 29.96 25.54
C ALA E 363 36.04 31.45 25.72
N LYS E 364 34.98 31.94 25.09
CA LYS E 364 34.55 33.34 25.28
C LYS E 364 34.14 33.59 26.75
N VAL E 365 33.45 32.64 27.36
CA VAL E 365 32.98 32.66 28.77
C VAL E 365 33.61 31.49 29.51
N TYR E 366 34.26 31.77 30.64
CA TYR E 366 34.77 30.75 31.59
C TYR E 366 33.73 30.56 32.68
N ASN E 367 33.11 29.39 32.67
CA ASN E 367 32.09 29.04 33.68
C ASN E 367 32.08 27.53 33.88
N ASP E 368 31.18 27.04 34.71
CA ASP E 368 31.10 25.59 35.04
C ASP E 368 30.93 24.79 33.76
N GLU E 369 30.16 25.31 32.79
CA GLU E 369 29.92 24.59 31.51
C GLU E 369 31.25 24.44 30.76
N THR E 370 32.09 25.47 30.75
CA THR E 370 33.41 25.41 30.09
C THR E 370 34.18 24.21 30.65
N ILE E 371 34.22 24.10 31.98
CA ILE E 371 35.01 23.05 32.65
C ILE E 371 34.38 21.69 32.33
N GLU E 372 33.07 21.63 32.34
CA GLU E 372 32.30 20.35 32.21
C GLU E 372 32.64 19.69 30.88
N GLN E 373 32.92 20.44 29.82
CA GLN E 373 33.25 19.79 28.51
C GLN E 373 34.48 18.90 28.66
N PHE E 374 35.47 19.31 29.45
CA PHE E 374 36.69 18.52 29.72
C PHE E 374 36.39 17.47 30.79
N ALA E 375 35.63 17.82 31.83
CA ALA E 375 35.30 16.87 32.90
C ALA E 375 34.67 15.63 32.26
N GLN E 376 33.81 15.82 31.26
CA GLN E 376 33.05 14.67 30.71
C GLN E 376 34.01 13.70 30.04
N VAL E 377 35.03 14.20 29.34
CA VAL E 377 35.95 13.28 28.64
C VAL E 377 36.97 12.73 29.65
N TYR E 378 37.39 13.50 30.66
CA TYR E 378 38.33 12.97 31.68
C TYR E 378 37.69 11.81 32.46
N ARG E 379 36.38 11.83 32.65
CA ARG E 379 35.63 10.76 33.36
C ARG E 379 35.77 9.45 32.61
N LEU E 380 36.07 9.44 31.32
CA LEU E 380 36.22 8.17 30.57
C LEU E 380 37.57 7.55 30.90
N VAL E 381 38.57 8.36 31.23
CA VAL E 381 39.98 7.91 31.34
C VAL E 381 40.37 7.73 32.81
N ASN E 382 40.02 8.68 33.68
CA ASN E 382 40.34 8.61 35.12
C ASN E 382 40.15 7.20 35.70
N PRO E 383 39.02 6.51 35.50
CA PRO E 383 38.78 5.24 36.18
C PRO E 383 39.71 4.11 35.71
N MET E 384 40.38 4.29 34.57
CA MET E 384 41.31 3.28 34.05
C MET E 384 42.70 3.90 33.77
N MET E 385 43.06 4.98 34.46
CA MET E 385 44.23 5.78 34.01
C MET E 385 45.47 4.89 33.98
N ARG E 386 45.76 4.16 35.06
CA ARG E 386 47.01 3.36 35.11
C ARG E 386 46.96 2.23 34.10
N GLU E 387 45.80 1.58 33.97
CA GLU E 387 45.66 0.43 33.03
C GLU E 387 45.83 0.94 31.61
N TRP E 388 45.17 2.05 31.26
CA TRP E 388 45.33 2.65 29.91
C TRP E 388 46.80 3.00 29.67
N ALA E 389 47.45 3.66 30.64
CA ALA E 389 48.84 4.12 30.47
C ALA E 389 49.73 2.91 30.16
N ARG E 390 49.54 1.79 30.84
CA ARG E 390 50.34 0.55 30.63
CA ARG E 390 50.34 0.56 30.63
C ARG E 390 50.07 0.02 29.22
N LEU E 391 48.80 -0.12 28.84
CA LEU E 391 48.42 -0.64 27.51
C LEU E 391 48.98 0.25 26.39
N SER E 392 48.97 1.57 26.60
CA SER E 392 49.46 2.50 25.55
C SER E 392 50.96 2.21 25.31
N TYR E 393 51.73 2.07 26.38
CA TYR E 393 53.21 1.86 26.32
C TYR E 393 53.55 0.45 25.81
N GLN E 394 52.93 -0.58 26.38
CA GLN E 394 53.32 -2.01 26.21
C GLN E 394 52.58 -2.62 25.03
N GLY E 395 51.41 -2.10 24.74
CA GLY E 395 50.45 -2.74 23.86
C GLY E 395 49.99 -1.84 22.73
N GLN E 396 48.81 -2.17 22.23
CA GLN E 396 48.20 -1.48 21.07
C GLN E 396 46.98 -0.71 21.56
N VAL E 397 47.00 0.58 21.28
CA VAL E 397 45.84 1.49 21.54
C VAL E 397 45.50 2.26 20.27
N TRP E 398 44.26 2.75 20.25
CA TRP E 398 43.72 3.58 19.17
C TRP E 398 42.83 4.64 19.80
N GLY E 399 42.67 5.75 19.09
CA GLY E 399 41.79 6.81 19.59
C GLY E 399 41.41 7.71 18.44
N VAL E 400 40.14 8.11 18.40
CA VAL E 400 39.62 8.95 17.30
C VAL E 400 38.72 10.04 17.90
N ALA E 401 38.67 11.15 17.19
CA ALA E 401 37.70 12.23 17.46
C ALA E 401 36.80 12.46 16.26
N GLU E 402 35.62 13.00 16.54
CA GLU E 402 34.65 13.38 15.51
C GLU E 402 35.34 14.27 14.48
N PRO E 403 35.41 13.83 13.20
CA PRO E 403 36.31 14.46 12.23
C PRO E 403 35.76 15.63 11.40
N LEU E 404 34.50 15.99 11.58
CA LEU E 404 33.95 17.25 11.02
C LEU E 404 33.81 18.22 12.18
N ASP E 405 34.24 19.45 11.96
CA ASP E 405 34.00 20.56 12.91
C ASP E 405 32.53 20.93 12.82
N SER E 406 32.04 21.65 13.83
CA SER E 406 30.65 22.13 13.86
C SER E 406 30.34 22.90 12.58
N THR E 407 29.15 22.70 12.05
CA THR E 407 28.68 23.40 10.83
C THR E 407 28.65 24.91 11.13
N THR E 408 29.23 25.71 10.23
CA THR E 408 29.36 27.18 10.38
C THR E 408 28.07 27.84 9.91
N GLU E 409 27.90 29.11 10.24
CA GLU E 409 26.75 29.94 9.77
C GLU E 409 26.80 30.02 8.24
N THR E 410 27.99 30.26 7.66
CA THR E 410 28.22 30.33 6.20
C THR E 410 27.75 29.02 5.55
N GLN E 411 27.94 27.89 6.23
CA GLN E 411 27.53 26.55 5.72
C GLN E 411 26.01 26.34 5.95
N LYS E 412 25.46 26.82 7.06
CA LYS E 412 24.00 26.66 7.36
C LYS E 412 23.21 27.39 6.26
N ILE E 413 23.74 28.51 5.77
CA ILE E 413 23.19 29.34 4.66
C ILE E 413 23.40 28.59 3.34
N TRP E 414 24.65 28.36 2.94
CA TRP E 414 25.04 27.66 1.69
C TRP E 414 24.26 26.33 1.57
N ASN E 415 23.71 25.86 2.70
CA ASN E 415 22.96 24.57 2.85
C ASN E 415 21.49 24.72 2.47
N ALA E 416 20.74 25.53 3.22
CA ALA E 416 19.25 25.60 3.22
C ALA E 416 18.73 26.09 1.85
N GLU E 417 19.58 26.64 1.00
CA GLU E 417 19.18 27.09 -0.37
C GLU E 417 19.56 26.00 -1.37
N ALA E 418 20.14 24.89 -0.91
CA ALA E 418 20.59 23.76 -1.75
C ALA E 418 19.38 23.06 -2.36
N THR E 419 19.55 22.51 -3.57
CA THR E 419 18.55 21.67 -4.29
C THR E 419 18.28 20.40 -3.49
N PRO E 420 17.04 19.82 -3.55
CA PRO E 420 16.73 18.57 -2.83
C PRO E 420 17.76 17.45 -3.08
N GLU E 421 18.20 17.29 -4.33
CA GLU E 421 19.26 16.34 -4.75
C GLU E 421 20.59 16.70 -4.08
N GLU E 422 20.93 18.00 -4.03
CA GLU E 422 22.20 18.49 -3.41
C GLU E 422 22.19 18.20 -1.91
N LYS E 423 21.04 18.36 -1.24
CA LYS E 423 20.88 18.13 0.21
C LYS E 423 21.09 16.65 0.52
N GLU E 424 20.47 15.77 -0.26
CA GLU E 424 20.60 14.29 -0.09
C GLU E 424 22.06 13.91 -0.22
N GLN E 425 22.77 14.44 -1.22
CA GLN E 425 24.19 14.10 -1.49
C GLN E 425 25.07 14.63 -0.36
N HIS E 426 24.76 15.83 0.13
CA HIS E 426 25.46 16.46 1.28
C HIS E 426 25.32 15.56 2.51
N LYS E 427 24.11 15.09 2.84
CA LYS E 427 23.90 14.20 4.02
C LYS E 427 24.71 12.91 3.85
N LYS E 428 24.70 12.31 2.65
CA LYS E 428 25.49 11.08 2.33
C LYS E 428 26.98 11.36 2.53
N ASP E 429 27.48 12.49 2.03
CA ASP E 429 28.92 12.86 2.09
C ASP E 429 29.29 13.08 3.56
N ARG E 430 28.43 13.73 4.33
CA ARG E 430 28.66 13.93 5.79
C ARG E 430 28.67 12.57 6.49
N ALA E 431 27.72 11.68 6.21
CA ALA E 431 27.65 10.36 6.86
C ALA E 431 28.96 9.60 6.61
N SER E 432 29.45 9.60 5.37
CA SER E 432 30.73 8.95 5.02
C SER E 432 31.87 9.58 5.82
N ALA E 433 31.90 10.91 5.90
CA ALA E 433 33.01 11.62 6.58
C ALA E 433 32.95 11.35 8.09
N LEU E 434 31.76 11.07 8.63
CA LEU E 434 31.54 10.82 10.07
C LEU E 434 31.62 9.32 10.38
N THR E 435 32.27 8.55 9.50
CA THR E 435 32.51 7.11 9.64
C THR E 435 34.01 6.86 9.57
N GLN E 436 34.59 6.34 10.65
CA GLN E 436 36.04 6.07 10.75
C GLN E 436 36.24 4.56 10.89
N GLN E 437 37.26 4.06 10.21
CA GLN E 437 37.70 2.64 10.32
C GLN E 437 38.98 2.56 11.13
N LEU E 438 39.06 1.54 11.99
CA LEU E 438 40.29 1.19 12.75
C LEU E 438 40.59 -0.29 12.51
N ASP E 439 41.84 -0.56 12.18
CA ASP E 439 42.35 -1.93 11.94
C ASP E 439 42.90 -2.46 13.26
N LEU E 440 42.17 -3.38 13.90
CA LEU E 440 42.57 -3.84 15.25
C LEU E 440 43.18 -5.25 15.18
N GLY E 441 43.72 -5.64 14.02
CA GLY E 441 44.34 -6.97 13.84
C GLY E 441 43.38 -7.91 13.16
N LEU E 442 42.79 -8.86 13.90
CA LEU E 442 41.81 -9.81 13.34
C LEU E 442 40.44 -9.15 13.18
N TRP E 443 40.22 -8.03 13.87
CA TRP E 443 38.93 -7.33 13.96
C TRP E 443 39.18 -5.86 13.58
N ASP E 444 38.17 -5.24 12.99
CA ASP E 444 38.15 -3.79 12.73
C ASP E 444 37.02 -3.20 13.56
N ALA E 445 37.17 -1.92 13.92
CA ALA E 445 36.07 -1.12 14.49
C ALA E 445 35.68 -0.03 13.50
N GLU E 446 34.39 0.24 13.45
CA GLU E 446 33.79 1.37 12.72
C GLU E 446 33.20 2.31 13.77
N VAL E 447 33.71 3.53 13.81
CA VAL E 447 33.20 4.58 14.72
C VAL E 447 32.37 5.57 13.92
N THR E 448 31.17 5.86 14.39
CA THR E 448 30.24 6.80 13.74
C THR E 448 29.73 7.80 14.77
N TYR E 449 29.29 8.97 14.30
CA TYR E 449 28.97 10.08 15.22
C TYR E 449 27.59 10.66 14.93
N GLY E 450 26.75 10.72 15.96
CA GLY E 450 25.50 11.49 15.93
C GLY E 450 24.38 10.70 15.27
N ARG E 451 23.92 9.68 15.98
CA ARG E 451 22.84 8.80 15.49
C ARG E 451 22.15 8.19 16.69
N PRO E 452 20.94 7.65 16.50
CA PRO E 452 20.22 6.98 17.59
C PRO E 452 20.99 5.77 18.13
N MET E 453 20.52 5.26 19.26
CA MET E 453 21.17 4.10 19.92
C MET E 453 20.50 2.82 19.43
N PHE E 454 19.58 2.97 18.49
N PHE E 454 19.67 2.90 18.38
CA PHE E 454 18.72 1.88 17.96
CA PHE E 454 18.81 1.79 17.89
C PHE E 454 18.63 2.11 16.44
C PHE E 454 18.62 1.93 16.37
N TRP E 455 18.65 1.02 15.68
N TRP E 455 18.69 0.84 15.62
CA TRP E 455 18.51 1.01 14.20
CA TRP E 455 18.61 0.82 14.13
C TRP E 455 19.77 1.60 13.53
C TRP E 455 19.81 1.54 13.51
N VAL E 456 19.76 1.80 12.21
CA VAL E 456 20.98 2.13 11.41
C VAL E 456 20.77 3.39 10.58
N THR E 457 19.92 4.33 11.01
CA THR E 457 19.89 5.69 10.41
C THR E 457 21.34 6.15 10.30
N PRO E 458 21.77 6.66 9.13
CA PRO E 458 23.14 7.16 8.99
C PRO E 458 23.50 8.30 9.94
N PRO E 459 24.79 8.36 10.34
CA PRO E 459 25.27 9.42 11.24
C PRO E 459 25.14 10.83 10.64
N GLU E 460 24.78 11.78 11.52
CA GLU E 460 24.61 13.20 11.14
C GLU E 460 25.51 14.11 11.96
N GLY E 461 26.30 13.56 12.87
CA GLY E 461 27.21 14.35 13.72
C GLY E 461 26.54 14.88 14.97
N ASN E 462 27.35 15.19 15.97
CA ASN E 462 26.89 15.87 17.20
C ASN E 462 26.92 17.38 16.94
N THR E 463 26.01 18.10 17.58
CA THR E 463 25.97 19.59 17.53
C THR E 463 26.15 20.08 18.96
N PRO E 464 27.32 20.65 19.35
CA PRO E 464 28.49 20.81 18.50
C PRO E 464 29.27 19.50 18.31
N ALA E 465 30.22 19.50 17.37
CA ALA E 465 31.11 18.34 17.19
C ALA E 465 31.76 18.03 18.54
N ALA E 466 31.80 16.76 18.96
CA ALA E 466 32.21 16.46 20.35
C ALA E 466 32.65 15.01 20.58
N GLY E 467 32.40 14.11 19.65
CA GLY E 467 32.50 12.67 19.92
C GLY E 467 33.92 12.16 19.83
N GLY E 468 34.13 10.96 20.34
CA GLY E 468 35.40 10.26 20.16
C GLY E 468 35.33 8.87 20.78
N ALA E 469 36.40 8.13 20.63
CA ALA E 469 36.46 6.74 21.12
C ALA E 469 37.91 6.37 21.44
N LEU E 470 38.06 5.52 22.45
CA LEU E 470 39.33 4.87 22.81
C LEU E 470 39.17 3.36 22.71
N ILE E 471 40.18 2.70 22.17
CA ILE E 471 40.21 1.20 22.13
C ILE E 471 41.62 0.76 22.52
N ALA E 472 41.73 -0.25 23.37
CA ALA E 472 43.00 -0.92 23.67
C ALA E 472 42.84 -2.41 23.40
N GLN E 473 43.85 -3.02 22.80
CA GLN E 473 43.82 -4.48 22.54
C GLN E 473 44.29 -5.25 23.78
N LEU E 474 43.46 -6.16 24.28
CA LEU E 474 43.81 -7.01 25.45
C LEU E 474 44.38 -8.34 24.96
N ASP E 475 43.84 -8.86 23.87
CA ASP E 475 44.27 -10.15 23.29
C ASP E 475 43.81 -10.15 21.83
N ASP E 476 44.02 -11.25 21.13
CA ASP E 476 43.75 -11.31 19.67
C ASP E 476 42.29 -10.97 19.40
N ASN E 477 41.38 -11.36 20.31
CA ASN E 477 39.93 -11.22 20.08
C ASN E 477 39.27 -10.33 21.14
N GLU E 478 40.04 -9.60 21.95
CA GLU E 478 39.41 -8.91 23.08
C GLU E 478 39.97 -7.49 23.17
N TYR E 479 39.08 -6.55 23.42
CA TYR E 479 39.42 -5.10 23.41
C TYR E 479 38.75 -4.41 24.59
N LEU E 480 39.43 -3.40 25.10
CA LEU E 480 38.86 -2.43 26.06
C LEU E 480 38.33 -1.27 25.22
N VAL E 481 37.09 -0.85 25.43
CA VAL E 481 36.44 0.21 24.61
C VAL E 481 35.75 1.20 25.54
N THR E 482 36.01 2.49 25.33
CA THR E 482 35.12 3.52 25.90
C THR E 482 35.00 4.64 24.89
N ALA E 483 33.80 5.22 24.79
CA ALA E 483 33.55 6.23 23.76
C ALA E 483 32.52 7.24 24.27
N TYR E 484 32.31 8.25 23.47
CA TYR E 484 31.62 9.47 23.86
C TYR E 484 30.83 9.98 22.67
N LYS E 485 29.52 10.07 22.81
CA LYS E 485 28.61 10.61 21.76
C LYS E 485 28.96 9.95 20.41
N ALA E 486 29.02 8.62 20.42
CA ALA E 486 29.48 7.86 19.25
C ALA E 486 28.94 6.44 19.33
N ARG E 487 28.95 5.79 18.18
CA ARG E 487 28.69 4.33 18.04
C ARG E 487 29.99 3.65 17.60
N VAL E 488 30.28 2.51 18.22
CA VAL E 488 31.46 1.67 17.88
C VAL E 488 30.92 0.30 17.47
N GLU E 489 31.27 -0.14 16.27
CA GLU E 489 30.81 -1.44 15.76
C GLU E 489 32.03 -2.27 15.33
N PHE E 490 32.04 -3.54 15.68
CA PHE E 490 33.16 -4.46 15.39
C PHE E 490 32.79 -5.37 14.21
N LYS E 491 33.79 -5.69 13.39
CA LYS E 491 33.61 -6.62 12.25
C LYS E 491 34.94 -7.31 12.02
N PRO E 492 34.98 -8.43 11.26
CA PRO E 492 36.24 -9.05 10.93
C PRO E 492 37.10 -8.08 10.09
N SER E 493 38.40 -8.13 10.29
CA SER E 493 39.39 -7.33 9.53
C SER E 493 39.65 -7.98 8.17
N GLN E 494 39.37 -9.27 8.04
CA GLN E 494 39.71 -10.01 6.80
C GLN E 494 38.64 -11.08 6.57
N GLU E 495 38.59 -11.61 5.35
CA GLU E 495 37.78 -12.78 4.94
C GLU E 495 37.88 -13.89 5.99
N LEU E 496 36.74 -14.47 6.38
CA LEU E 496 36.70 -15.53 7.42
C LEU E 496 36.76 -16.94 6.80
N ALA E 497 36.79 -17.05 5.48
CA ALA E 497 36.95 -18.34 4.77
C ALA E 497 35.82 -19.30 5.20
N GLY E 498 34.58 -18.82 5.25
CA GLY E 498 33.40 -19.66 5.48
C GLY E 498 32.87 -19.59 6.90
N LYS E 499 33.63 -19.02 7.84
CA LYS E 499 33.15 -18.82 9.23
C LYS E 499 32.21 -17.62 9.27
N LYS E 500 31.34 -17.61 10.26
CA LYS E 500 30.53 -16.42 10.64
C LYS E 500 31.19 -15.76 11.83
N PHE E 501 30.71 -14.60 12.24
CA PHE E 501 31.24 -13.94 13.45
C PHE E 501 30.09 -13.37 14.27
N MET E 502 30.38 -13.20 15.55
CA MET E 502 29.49 -12.46 16.47
C MET E 502 30.34 -11.82 17.56
N ILE E 503 29.69 -10.92 18.28
CA ILE E 503 30.12 -10.57 19.65
C ILE E 503 30.00 -11.84 20.48
N GLU E 504 31.07 -12.25 21.15
CA GLU E 504 30.96 -13.34 22.13
C GLU E 504 30.42 -12.76 23.44
N ARG E 505 30.97 -11.65 23.91
N ARG E 505 31.00 -11.65 23.89
CA ARG E 505 30.53 -11.05 25.20
CA ARG E 505 30.65 -11.03 25.19
C ARG E 505 31.05 -9.62 25.30
C ARG E 505 31.03 -9.56 25.15
N VAL E 506 30.14 -8.70 25.64
CA VAL E 506 30.49 -7.33 26.07
C VAL E 506 30.18 -7.21 27.56
N GLU E 507 31.17 -6.81 28.36
CA GLU E 507 31.00 -6.54 29.80
C GLU E 507 31.29 -5.06 30.05
N GLU E 508 30.44 -4.41 30.83
CA GLU E 508 30.77 -3.09 31.40
C GLU E 508 31.37 -3.33 32.78
N GLY E 509 32.44 -2.61 33.11
CA GLY E 509 33.03 -2.78 34.44
C GLY E 509 34.09 -1.75 34.76
N ARG E 510 34.98 -2.11 35.66
CA ARG E 510 35.99 -1.17 36.14
C ARG E 510 37.18 -1.97 36.66
N PHE E 511 38.31 -1.30 36.83
CA PHE E 511 39.52 -1.90 37.46
C PHE E 511 39.52 -1.52 38.94
N GLU E 512 39.72 -2.53 39.79
CA GLU E 512 39.98 -2.38 41.25
C GLU E 512 41.27 -3.14 41.56
N LYS E 513 42.26 -2.45 42.14
CA LYS E 513 43.60 -3.03 42.44
C LYS E 513 44.11 -3.70 41.16
N GLY E 514 43.90 -3.07 39.99
CA GLY E 514 44.37 -3.52 38.68
C GLY E 514 43.67 -4.78 38.19
N LYS E 515 42.59 -5.22 38.85
CA LYS E 515 41.78 -6.40 38.44
C LYS E 515 40.45 -5.92 37.86
N TRP E 516 40.00 -6.55 36.78
CA TRP E 516 38.68 -6.26 36.16
C TRP E 516 37.56 -6.74 37.08
N VAL E 517 36.61 -5.84 37.34
CA VAL E 517 35.34 -6.16 38.05
C VAL E 517 34.20 -5.91 37.08
N MET E 518 33.42 -6.95 36.76
N MET E 518 33.46 -6.96 36.75
CA MET E 518 32.26 -6.87 35.83
CA MET E 518 32.26 -6.87 35.88
C MET E 518 31.04 -6.34 36.58
C MET E 518 31.13 -6.22 36.67
N GLU E 519 30.41 -5.30 36.04
CA GLU E 519 29.17 -4.71 36.60
C GLU E 519 27.98 -5.33 35.90
N ARG E 520 28.04 -5.43 34.57
CA ARG E 520 26.91 -6.03 33.81
C ARG E 520 27.39 -6.46 32.42
N VAL E 521 26.58 -7.27 31.77
CA VAL E 521 26.77 -7.68 30.37
C VAL E 521 25.87 -6.80 29.50
N TRP E 522 26.47 -6.12 28.52
CA TRP E 522 25.69 -5.46 27.44
C TRP E 522 25.26 -6.55 26.47
N ASN E 523 23.99 -6.60 26.15
CA ASN E 523 23.45 -7.59 25.18
C ASN E 523 22.14 -7.04 24.60
N GLY E 524 21.51 -7.79 23.72
CA GLY E 524 20.23 -7.42 23.13
C GLY E 524 20.33 -6.04 22.49
N ASP E 525 19.39 -5.14 22.80
CA ASP E 525 19.36 -3.78 22.22
C ASP E 525 20.74 -3.12 22.34
N GLN E 526 21.45 -3.36 23.45
CA GLN E 526 22.70 -2.62 23.72
C GLN E 526 23.84 -3.10 22.81
N THR E 527 23.69 -4.25 22.12
CA THR E 527 24.77 -4.70 21.21
C THR E 527 24.24 -5.00 19.79
N ASP E 528 22.94 -4.91 19.53
CA ASP E 528 22.35 -5.19 18.21
C ASP E 528 22.75 -4.13 17.18
N TRP E 529 22.98 -2.88 17.63
CA TRP E 529 23.13 -1.71 16.75
C TRP E 529 24.47 -1.03 17.06
N GLY E 530 25.52 -1.82 17.19
CA GLY E 530 26.82 -1.31 17.67
C GLY E 530 26.81 -1.03 19.16
N LEU E 531 27.87 -0.40 19.64
CA LEU E 531 28.03 -0.02 21.06
C LEU E 531 27.85 1.50 21.13
N ASN E 532 26.72 1.92 21.68
CA ASN E 532 26.28 3.33 21.63
C ASN E 532 26.57 4.02 22.95
N PHE E 533 27.26 5.16 22.84
CA PHE E 533 27.73 5.95 23.99
C PHE E 533 27.14 7.35 23.88
N THR E 534 26.76 7.89 25.04
CA THR E 534 26.25 9.26 25.15
C THR E 534 27.35 10.09 25.82
N ASP E 535 26.98 10.90 26.81
CA ASP E 535 27.94 11.73 27.54
C ASP E 535 28.42 11.04 28.82
N ARG E 536 27.86 9.89 29.17
CA ARG E 536 28.16 9.20 30.45
C ARG E 536 29.28 8.19 30.23
N PRO E 537 30.11 7.96 31.27
CA PRO E 537 31.21 7.02 31.16
C PRO E 537 30.75 5.56 31.28
N HIS E 538 31.22 4.76 30.32
CA HIS E 538 31.10 3.28 30.36
C HIS E 538 32.41 2.70 29.84
N LEU E 539 33.01 1.79 30.60
CA LEU E 539 34.21 1.06 30.14
C LEU E 539 33.80 -0.38 29.81
N LEU E 540 34.04 -0.79 28.57
CA LEU E 540 33.63 -2.13 28.09
C LEU E 540 34.84 -3.00 27.79
N ARG E 541 34.67 -4.29 28.04
CA ARG E 541 35.54 -5.32 27.49
C ARG E 541 34.71 -6.07 26.46
N VAL E 542 35.21 -6.05 25.23
CA VAL E 542 34.50 -6.62 24.05
C VAL E 542 35.29 -7.82 23.58
N LYS E 543 34.67 -8.99 23.63
CA LYS E 543 35.26 -10.24 23.10
C LYS E 543 34.51 -10.62 21.82
N MET E 544 35.23 -10.75 20.71
CA MET E 544 34.68 -11.15 19.38
C MET E 544 35.03 -12.62 19.10
N ALA E 545 34.18 -13.30 18.33
CA ALA E 545 34.46 -14.69 17.94
C ALA E 545 34.05 -14.92 16.48
N SER E 546 34.90 -15.64 15.76
CA SER E 546 34.51 -16.34 14.51
C SER E 546 34.04 -17.74 14.90
N TYR E 547 33.05 -18.26 14.19
CA TYR E 547 32.54 -19.61 14.46
C TYR E 547 32.17 -20.33 13.17
N SER E 548 32.34 -21.64 13.22
CA SER E 548 32.01 -22.54 12.08
C SER E 548 30.50 -22.73 12.00
N VAL E 549 29.97 -22.78 10.79
CA VAL E 549 28.57 -23.22 10.51
C VAL E 549 28.59 -24.42 9.57
N GLN E 550 29.74 -25.11 9.44
CA GLN E 550 30.00 -26.21 8.48
C GLN E 550 28.99 -27.34 8.70
N ALA F 12 -23.53 38.76 70.99
CA ALA F 12 -23.30 39.48 69.69
C ALA F 12 -24.64 39.76 69.01
N PRO F 13 -24.89 40.99 68.50
CA PRO F 13 -26.13 41.29 67.78
C PRO F 13 -26.22 40.50 66.47
N LEU F 14 -27.45 40.13 66.07
CA LEU F 14 -27.72 39.53 64.74
C LEU F 14 -27.12 40.42 63.66
N PRO F 15 -26.53 39.83 62.60
CA PRO F 15 -26.29 40.57 61.37
C PRO F 15 -27.63 41.09 60.83
N GLU F 16 -27.58 42.21 60.13
CA GLU F 16 -28.81 42.88 59.65
C GLU F 16 -28.48 43.74 58.43
N LEU F 17 -29.32 43.71 57.40
CA LEU F 17 -29.19 44.68 56.29
C LEU F 17 -30.01 45.92 56.63
N LEU F 18 -29.30 47.04 56.80
CA LEU F 18 -29.92 48.37 57.06
C LEU F 18 -30.05 49.12 55.75
N SER F 19 -31.15 49.83 55.59
CA SER F 19 -31.41 50.71 54.42
C SER F 19 -31.97 52.03 54.96
N ASN F 20 -31.29 53.13 54.64
CA ASN F 20 -31.68 54.48 55.12
C ASN F 20 -31.13 55.53 54.16
N ASN F 21 -31.99 56.48 53.74
CA ASN F 21 -31.67 57.61 52.84
C ASN F 21 -31.12 57.07 51.51
N GLY F 22 -31.74 56.02 50.99
CA GLY F 22 -31.39 55.37 49.70
C GLY F 22 -30.02 54.70 49.73
N LYS F 23 -29.48 54.46 50.93
CA LYS F 23 -28.15 53.82 51.13
C LYS F 23 -28.29 52.61 52.05
N HIS F 24 -27.26 51.78 52.11
CA HIS F 24 -27.36 50.42 52.70
C HIS F 24 -26.09 50.07 53.44
N ALA F 25 -26.22 49.22 54.45
CA ALA F 25 -25.10 48.63 55.19
C ALA F 25 -25.48 47.22 55.58
N LEU F 26 -24.54 46.29 55.41
CA LEU F 26 -24.62 45.00 56.10
C LEU F 26 -23.95 45.21 57.46
N MET F 27 -24.77 45.16 58.50
CA MET F 27 -24.27 45.22 59.88
C MET F 27 -23.83 43.82 60.29
N VAL F 28 -22.58 43.68 60.69
CA VAL F 28 -22.01 42.45 61.30
C VAL F 28 -21.36 42.85 62.62
N ASP F 29 -21.82 42.23 63.70
CA ASP F 29 -21.32 42.49 65.08
C ASP F 29 -21.52 43.97 65.41
N GLY F 30 -22.61 44.57 64.94
CA GLY F 30 -23.08 45.90 65.39
C GLY F 30 -22.46 47.05 64.63
N ALA F 31 -21.75 46.80 63.51
CA ALA F 31 -21.16 47.86 62.66
C ALA F 31 -21.20 47.44 61.20
N PRO F 32 -21.21 48.40 60.26
CA PRO F 32 -21.14 48.08 58.84
C PRO F 32 -19.92 47.23 58.49
N TYR F 33 -20.10 46.31 57.54
CA TYR F 33 -19.14 45.25 57.15
C TYR F 33 -19.13 45.13 55.63
N ILE F 34 -17.96 44.90 55.06
CA ILE F 34 -17.82 44.64 53.60
C ILE F 34 -17.45 43.19 53.44
N ILE F 35 -18.22 42.46 52.65
CA ILE F 35 -17.84 41.08 52.25
C ILE F 35 -16.76 41.17 51.18
N LEU F 36 -15.53 40.86 51.56
CA LEU F 36 -14.42 40.62 50.62
C LEU F 36 -14.39 39.11 50.47
N GLY F 37 -15.17 38.61 49.51
CA GLY F 37 -15.67 37.24 49.53
C GLY F 37 -14.90 36.31 48.61
N SER F 38 -15.18 35.03 48.75
CA SER F 38 -14.80 33.99 47.79
C SER F 38 -15.91 32.95 47.80
N GLN F 39 -16.23 32.41 46.65
CA GLN F 39 -17.22 31.31 46.60
C GLN F 39 -16.51 30.07 46.10
N THR F 40 -16.85 28.93 46.69
CA THR F 40 -16.32 27.64 46.22
C THR F 40 -16.92 27.29 44.86
N ASN F 41 -16.28 26.35 44.19
CA ASN F 41 -16.95 25.60 43.11
C ASN F 41 -18.14 24.83 43.70
N ASN F 42 -19.00 24.33 42.82
CA ASN F 42 -20.36 23.83 43.18
C ASN F 42 -20.32 22.45 43.88
N SER F 43 -19.20 21.73 43.84
CA SER F 43 -19.11 20.37 44.41
C SER F 43 -18.09 20.34 45.56
N SER F 44 -17.90 21.49 46.25
CA SER F 44 -16.93 21.60 47.37
C SER F 44 -17.64 21.57 48.73
N ASN F 45 -18.94 21.28 48.74
CA ASN F 45 -19.82 21.35 49.92
C ASN F 45 -19.76 20.05 50.72
N TYR F 46 -18.57 19.47 50.90
CA TYR F 46 -18.38 18.24 51.70
C TYR F 46 -17.14 18.37 52.56
N PRO F 47 -17.12 17.71 53.75
CA PRO F 47 -15.97 17.81 54.65
C PRO F 47 -14.62 17.58 53.96
N ASP F 48 -14.54 16.58 53.09
CA ASP F 48 -13.27 16.16 52.43
C ASP F 48 -12.76 17.27 51.49
N ALA F 49 -13.66 18.10 50.97
CA ALA F 49 -13.29 19.12 49.98
C ALA F 49 -12.75 20.37 50.67
N LEU F 50 -13.00 20.58 51.96
CA LEU F 50 -12.66 21.89 52.57
C LEU F 50 -11.14 22.13 52.58
N LYS F 51 -10.33 21.07 52.63
N LYS F 51 -10.31 21.09 52.61
CA LYS F 51 -8.85 21.13 52.56
CA LYS F 51 -8.83 21.26 52.63
C LYS F 51 -8.44 21.92 51.31
C LYS F 51 -8.35 21.80 51.25
N ASP F 52 -9.21 21.77 50.23
CA ASP F 52 -8.90 22.37 48.91
C ASP F 52 -9.57 23.75 48.78
N VAL F 53 -10.26 24.21 49.80
CA VAL F 53 -10.90 25.55 49.83
C VAL F 53 -10.07 26.52 50.68
N TRP F 54 -9.73 26.14 51.91
CA TRP F 54 -9.15 27.11 52.85
C TRP F 54 -7.87 27.74 52.31
N PRO F 55 -6.92 27.01 51.67
CA PRO F 55 -5.68 27.65 51.23
C PRO F 55 -5.94 28.79 50.25
N SER F 56 -6.89 28.63 49.32
CA SER F 56 -7.26 29.69 48.36
C SER F 56 -7.79 30.91 49.13
N MET F 57 -8.65 30.66 50.12
CA MET F 57 -9.28 31.76 50.88
C MET F 57 -8.17 32.55 51.61
N GLU F 58 -7.17 31.85 52.14
CA GLU F 58 -6.04 32.48 52.87
C GLU F 58 -5.22 33.30 51.88
N LYS F 59 -4.88 32.71 50.74
CA LYS F 59 -4.07 33.43 49.71
C LYS F 59 -4.83 34.68 49.22
N MET F 60 -6.15 34.60 49.14
CA MET F 60 -6.96 35.71 48.60
C MET F 60 -7.05 36.84 49.65
N GLY F 61 -6.93 36.51 50.94
CA GLY F 61 -7.24 37.47 52.02
C GLY F 61 -8.72 37.77 52.12
N ALA F 62 -9.57 36.81 51.75
CA ALA F 62 -11.03 36.97 51.85
C ALA F 62 -11.44 36.91 53.32
N ASN F 63 -12.49 37.65 53.69
CA ASN F 63 -13.04 37.68 55.06
C ASN F 63 -14.28 36.82 55.17
N THR F 64 -14.85 36.37 54.05
CA THR F 64 -16.16 35.67 54.03
C THR F 64 -16.16 34.60 52.93
N LEU F 65 -16.52 33.38 53.28
CA LEU F 65 -16.65 32.27 52.30
C LEU F 65 -18.12 32.04 51.99
N SER F 66 -18.49 32.06 50.72
CA SER F 66 -19.79 31.58 50.23
C SER F 66 -19.65 30.11 49.82
N ILE F 67 -20.52 29.26 50.33
CA ILE F 67 -20.42 27.80 50.06
C ILE F 67 -21.81 27.20 50.07
N PRO F 68 -22.12 26.23 49.18
CA PRO F 68 -23.44 25.62 49.22
C PRO F 68 -23.72 24.77 50.46
N VAL F 69 -24.98 24.78 50.87
CA VAL F 69 -25.61 23.70 51.69
C VAL F 69 -26.78 23.18 50.87
N ALA F 70 -26.69 21.91 50.47
CA ALA F 70 -27.61 21.29 49.52
C ALA F 70 -28.74 20.58 50.27
N TRP F 71 -29.98 20.76 49.80
CA TRP F 71 -31.14 19.99 50.34
C TRP F 71 -30.83 18.49 50.28
N GLU F 72 -30.20 18.03 49.19
CA GLU F 72 -29.91 16.57 49.06
C GLU F 72 -28.99 16.08 50.17
N GLN F 73 -28.10 16.93 50.72
CA GLN F 73 -27.13 16.47 51.74
C GLN F 73 -27.75 16.58 53.15
N ILE F 74 -28.64 17.54 53.40
CA ILE F 74 -29.20 17.70 54.78
C ILE F 74 -30.45 16.86 54.94
N GLU F 75 -31.13 16.47 53.85
CA GLU F 75 -32.35 15.62 53.98
C GLU F 75 -32.33 14.53 52.93
N PRO F 76 -31.33 13.62 52.98
CA PRO F 76 -31.16 12.60 51.93
C PRO F 76 -32.33 11.62 51.84
N VAL F 77 -32.92 11.31 53.00
CA VAL F 77 -34.17 10.52 53.17
C VAL F 77 -35.16 11.43 53.90
N GLU F 78 -36.41 11.46 53.47
CA GLU F 78 -37.39 12.44 53.99
C GLU F 78 -37.52 12.31 55.51
N GLY F 79 -37.36 13.43 56.22
CA GLY F 79 -37.45 13.53 57.69
C GLY F 79 -36.20 13.06 58.41
N GLN F 80 -35.15 12.64 57.70
CA GLN F 80 -33.89 12.12 58.29
C GLN F 80 -32.79 13.15 58.01
N PHE F 81 -32.64 14.12 58.91
CA PHE F 81 -31.76 15.30 58.69
C PHE F 81 -30.31 14.95 59.06
N ASP F 82 -29.38 15.56 58.33
CA ASP F 82 -27.93 15.32 58.47
C ASP F 82 -27.21 16.66 58.32
N PHE F 83 -26.74 17.23 59.42
CA PHE F 83 -26.03 18.53 59.44
C PHE F 83 -24.53 18.31 59.67
N SER F 84 -24.01 17.11 59.41
CA SER F 84 -22.59 16.77 59.64
C SER F 84 -21.69 17.71 58.82
N PHE F 85 -22.09 18.13 57.62
CA PHE F 85 -21.23 19.03 56.81
C PHE F 85 -21.24 20.42 57.45
N VAL F 86 -22.41 20.87 57.90
CA VAL F 86 -22.52 22.23 58.49
C VAL F 86 -21.70 22.26 59.79
N ASP F 87 -21.71 21.18 60.56
CA ASP F 87 -20.90 21.08 61.80
C ASP F 87 -19.42 21.36 61.48
N VAL F 88 -18.85 20.64 60.52
CA VAL F 88 -17.42 20.70 60.14
C VAL F 88 -17.14 22.11 59.59
N LEU F 89 -18.01 22.60 58.72
CA LEU F 89 -17.82 23.92 58.07
C LEU F 89 -17.78 25.02 59.13
N LEU F 90 -18.74 25.05 60.04
CA LEU F 90 -18.76 26.08 61.12
C LEU F 90 -17.45 25.99 61.90
N LYS F 91 -17.06 24.78 62.32
CA LYS F 91 -15.86 24.61 63.16
C LYS F 91 -14.63 25.13 62.42
N GLU F 92 -14.48 24.77 61.15
CA GLU F 92 -13.25 25.08 60.39
C GLU F 92 -13.23 26.57 60.04
N ALA F 93 -14.40 27.19 59.82
CA ALA F 93 -14.48 28.64 59.50
C ALA F 93 -14.04 29.42 60.74
N ARG F 94 -14.55 29.03 61.90
CA ARG F 94 -14.18 29.67 63.20
C ARG F 94 -12.67 29.54 63.45
N GLN F 95 -12.07 28.38 63.14
CA GLN F 95 -10.61 28.13 63.35
C GLN F 95 -9.84 29.16 62.55
N ARG F 96 -10.36 29.54 61.37
CA ARG F 96 -9.65 30.44 60.42
C ARG F 96 -10.15 31.89 60.54
N LYS F 97 -11.08 32.14 61.47
CA LYS F 97 -11.61 33.48 61.84
C LYS F 97 -12.15 34.15 60.57
N VAL F 98 -12.95 33.41 59.82
CA VAL F 98 -13.69 33.94 58.64
C VAL F 98 -15.18 33.73 58.87
N ARG F 99 -15.96 34.49 58.13
CA ARG F 99 -17.43 34.43 58.20
C ARG F 99 -17.93 33.63 57.00
N LEU F 100 -19.18 33.23 57.07
CA LEU F 100 -19.82 32.36 56.05
C LEU F 100 -21.09 33.00 55.49
N VAL F 101 -21.30 32.78 54.19
CA VAL F 101 -22.62 32.92 53.54
C VAL F 101 -23.00 31.52 53.05
N LEU F 102 -24.09 30.97 53.57
CA LEU F 102 -24.54 29.64 53.10
C LEU F 102 -25.47 29.84 51.91
N LEU F 103 -25.30 29.00 50.89
CA LEU F 103 -26.13 29.05 49.66
C LEU F 103 -27.07 27.86 49.66
N TRP F 104 -28.34 28.09 49.91
CA TRP F 104 -29.36 27.03 50.03
C TRP F 104 -29.69 26.53 48.63
N PHE F 105 -29.09 25.42 48.21
CA PHE F 105 -29.38 24.79 46.90
C PHE F 105 -30.52 23.79 47.07
N ALA F 106 -31.71 24.11 46.57
CA ALA F 106 -32.95 23.40 46.94
C ALA F 106 -33.86 23.27 45.72
N THR F 107 -35.02 23.93 45.71
CA THR F 107 -36.00 23.83 44.61
C THR F 107 -35.36 24.23 43.29
N TRP F 108 -34.59 25.34 43.28
CA TRP F 108 -33.81 25.78 42.10
C TRP F 108 -32.33 25.90 42.44
N LYS F 109 -31.53 25.31 41.56
CA LYS F 109 -30.08 25.61 41.43
C LYS F 109 -29.88 25.73 39.92
N ASN F 110 -29.67 26.94 39.41
CA ASN F 110 -29.54 27.21 37.95
C ASN F 110 -30.79 26.63 37.25
N ASN F 111 -31.97 26.92 37.79
CA ASN F 111 -33.30 26.66 37.18
C ASN F 111 -33.75 25.21 37.49
N ALA F 112 -32.88 24.37 38.05
CA ALA F 112 -33.08 22.90 38.05
C ALA F 112 -33.09 22.34 39.46
N PRO F 113 -33.73 21.15 39.68
CA PRO F 113 -33.76 20.54 41.01
C PRO F 113 -32.65 19.52 41.29
N HIS F 114 -31.48 19.64 40.64
CA HIS F 114 -30.41 18.62 40.76
C HIS F 114 -29.92 18.48 42.20
N TYR F 115 -30.02 19.55 43.00
CA TYR F 115 -29.56 19.50 44.42
C TYR F 115 -30.72 19.16 45.37
N ALA F 116 -31.93 18.93 44.87
CA ALA F 116 -33.04 18.44 45.71
C ALA F 116 -32.77 16.95 45.95
N PRO F 117 -33.24 16.38 47.07
CA PRO F 117 -33.03 14.97 47.35
C PRO F 117 -33.63 14.11 46.22
N ALA F 118 -33.14 12.88 46.07
CA ALA F 118 -33.69 11.92 45.07
C ALA F 118 -35.22 11.79 45.23
N TRP F 119 -35.73 11.79 46.48
CA TRP F 119 -37.17 11.52 46.77
C TRP F 119 -37.99 12.75 46.35
N VAL F 120 -37.30 13.86 46.07
CA VAL F 120 -37.94 15.08 45.50
C VAL F 120 -37.78 15.06 43.97
N LYS F 121 -36.55 15.08 43.46
CA LYS F 121 -36.30 15.35 42.03
C LYS F 121 -36.78 14.18 41.16
N LEU F 122 -36.93 12.97 41.70
CA LEU F 122 -37.40 11.81 40.90
C LEU F 122 -38.92 11.54 41.08
N ASP F 123 -39.61 12.38 41.85
CA ASP F 123 -41.07 12.24 42.09
C ASP F 123 -41.81 13.44 41.50
N ASN F 124 -42.05 13.41 40.19
CA ASN F 124 -42.74 14.50 39.46
C ASN F 124 -44.22 14.59 39.90
N ALA F 125 -44.87 13.47 40.25
CA ALA F 125 -46.28 13.44 40.69
C ALA F 125 -46.46 14.36 41.90
N ARG F 126 -45.59 14.23 42.89
CA ARG F 126 -45.65 14.99 44.17
C ARG F 126 -45.07 16.39 43.99
N PHE F 127 -43.98 16.50 43.22
CA PHE F 127 -43.16 17.73 43.07
C PHE F 127 -43.08 18.08 41.59
N PRO F 128 -44.11 18.75 41.05
CA PRO F 128 -44.29 18.89 39.61
C PRO F 128 -43.37 19.90 38.91
N ARG F 129 -42.96 19.52 37.71
CA ARG F 129 -42.16 20.35 36.80
C ARG F 129 -43.05 21.27 35.98
N VAL F 130 -42.42 22.37 35.55
CA VAL F 130 -42.88 23.31 34.51
C VAL F 130 -43.26 22.50 33.27
N VAL F 131 -44.46 22.75 32.75
CA VAL F 131 -44.94 22.15 31.48
C VAL F 131 -44.95 23.27 30.45
N LYS F 132 -44.34 23.03 29.29
CA LYS F 132 -44.33 23.98 28.15
C LYS F 132 -45.73 24.08 27.53
N GLU F 133 -45.92 25.09 26.70
CA GLU F 133 -47.18 25.35 25.95
C GLU F 133 -47.49 24.15 25.04
N ASP F 134 -46.46 23.48 24.50
CA ASP F 134 -46.61 22.33 23.56
C ASP F 134 -46.83 21.02 24.35
N GLY F 135 -46.83 21.10 25.68
CA GLY F 135 -47.12 19.98 26.58
C GLY F 135 -45.88 19.21 27.02
N ASP F 136 -44.70 19.50 26.44
CA ASP F 136 -43.42 18.86 26.88
C ASP F 136 -43.04 19.43 28.25
N THR F 137 -42.32 18.64 29.05
CA THR F 137 -41.93 18.95 30.45
C THR F 137 -40.47 19.38 30.49
N LEU F 138 -40.15 20.43 31.26
CA LEU F 138 -38.74 20.88 31.47
C LEU F 138 -38.27 20.48 32.87
N ASN F 139 -36.97 20.28 33.05
CA ASN F 139 -36.41 19.89 34.36
C ASN F 139 -36.25 21.15 35.22
N SER F 140 -37.37 21.74 35.57
CA SER F 140 -37.46 23.00 36.34
C SER F 140 -38.75 22.90 37.14
N LEU F 141 -38.64 22.90 38.47
CA LEU F 141 -39.80 22.68 39.36
C LEU F 141 -40.72 23.90 39.30
N SER F 142 -42.01 23.63 39.17
CA SER F 142 -43.03 24.70 39.10
C SER F 142 -43.11 25.39 40.46
N PRO F 143 -43.11 26.73 40.49
CA PRO F 143 -43.32 27.43 41.75
C PRO F 143 -44.76 27.33 42.29
N LEU F 144 -45.68 26.70 41.55
CA LEU F 144 -47.08 26.50 42.01
C LEU F 144 -47.26 25.10 42.57
N GLY F 145 -46.18 24.32 42.66
CA GLY F 145 -46.20 23.02 43.34
C GLY F 145 -46.24 23.23 44.84
N GLN F 146 -47.40 22.99 45.46
CA GLN F 146 -47.63 23.32 46.89
C GLN F 146 -46.85 22.33 47.76
N ASN F 147 -46.71 21.08 47.32
CA ASN F 147 -45.93 20.07 48.08
C ASN F 147 -44.44 20.47 48.05
N THR F 148 -43.98 21.02 46.93
CA THR F 148 -42.56 21.41 46.72
C THR F 148 -42.23 22.51 47.72
N LEU F 149 -43.07 23.55 47.77
CA LEU F 149 -42.89 24.71 48.67
C LEU F 149 -42.88 24.22 50.13
N ALA F 150 -43.85 23.39 50.53
CA ALA F 150 -43.94 22.83 51.91
C ALA F 150 -42.66 22.06 52.26
N ALA F 151 -42.14 21.24 51.35
CA ALA F 151 -40.96 20.38 51.63
C ALA F 151 -39.69 21.23 51.73
N ASP F 152 -39.51 22.19 50.84
CA ASP F 152 -38.34 23.10 50.83
C ASP F 152 -38.35 23.89 52.14
N LYS F 153 -39.46 24.59 52.41
CA LYS F 153 -39.69 25.31 53.69
C LYS F 153 -39.27 24.45 54.87
N LYS F 154 -39.74 23.20 54.94
CA LYS F 154 -39.54 22.32 56.10
C LYS F 154 -38.04 22.08 56.29
N ALA F 155 -37.30 21.78 55.21
CA ALA F 155 -35.85 21.52 55.26
C ALA F 155 -35.10 22.81 55.60
N PHE F 156 -35.47 23.93 54.96
CA PHE F 156 -34.83 25.24 55.22
C PHE F 156 -35.01 25.62 56.69
N VAL F 157 -36.20 25.39 57.23
CA VAL F 157 -36.49 25.62 58.68
C VAL F 157 -35.53 24.78 59.52
N GLU F 158 -35.26 23.52 59.15
CA GLU F 158 -34.33 22.67 59.94
C GLU F 158 -32.91 23.23 59.89
N LEU F 159 -32.49 23.74 58.73
CA LEU F 159 -31.15 24.36 58.59
C LEU F 159 -31.09 25.58 59.53
N MET F 160 -32.13 26.41 59.51
CA MET F 160 -32.11 27.66 60.33
C MET F 160 -32.21 27.29 61.82
N LYS F 161 -32.90 26.21 62.19
CA LYS F 161 -32.91 25.71 63.59
C LYS F 161 -31.49 25.30 63.98
N TYR F 162 -30.76 24.61 63.10
CA TYR F 162 -29.36 24.21 63.37
C TYR F 162 -28.55 25.48 63.67
N LEU F 163 -28.67 26.51 62.85
CA LEU F 163 -27.91 27.77 63.07
C LEU F 163 -28.36 28.47 64.34
N ALA F 164 -29.68 28.50 64.59
CA ALA F 164 -30.24 29.11 65.82
C ALA F 164 -29.59 28.45 67.04
N LYS F 165 -29.45 27.13 67.03
CA LYS F 165 -28.98 26.36 68.22
C LYS F 165 -27.44 26.34 68.26
N ARG F 166 -26.76 26.33 67.10
CA ARG F 166 -25.32 25.94 67.03
C ARG F 166 -24.45 27.10 66.51
N ASP F 167 -25.02 28.27 66.22
CA ASP F 167 -24.24 29.39 65.65
C ASP F 167 -24.61 30.72 66.33
N LYS F 168 -24.51 30.76 67.66
CA LYS F 168 -25.02 31.91 68.46
C LYS F 168 -24.12 33.14 68.30
N ASP F 169 -22.89 33.00 67.77
CA ASP F 169 -21.98 34.13 67.48
C ASP F 169 -22.07 34.53 65.99
N HIS F 170 -22.94 33.87 65.23
CA HIS F 170 -23.27 34.27 63.83
C HIS F 170 -22.02 34.13 62.94
N THR F 171 -21.32 33.01 63.00
CA THR F 171 -20.30 32.68 61.98
C THR F 171 -20.94 32.87 60.60
N VAL F 172 -22.15 32.33 60.43
CA VAL F 172 -22.98 32.58 59.22
C VAL F 172 -23.67 33.94 59.35
N ILE F 173 -23.35 34.85 58.44
CA ILE F 173 -23.84 36.25 58.50
C ILE F 173 -25.00 36.47 57.52
N MET F 174 -25.21 35.59 56.54
CA MET F 174 -26.25 35.78 55.50
C MET F 174 -26.53 34.42 54.82
N VAL F 175 -27.75 34.24 54.33
CA VAL F 175 -28.13 32.99 53.61
C VAL F 175 -28.73 33.38 52.28
N GLN F 176 -28.23 32.73 51.23
CA GLN F 176 -28.80 32.82 49.89
C GLN F 176 -29.90 31.77 49.76
N VAL F 177 -31.10 32.19 49.38
CA VAL F 177 -32.27 31.28 49.29
C VAL F 177 -32.42 30.85 47.83
N GLN F 178 -32.19 29.56 47.56
CA GLN F 178 -32.10 29.01 46.18
C GLN F 178 -30.84 29.56 45.51
N ASN F 179 -30.62 29.18 44.27
CA ASN F 179 -29.48 29.66 43.45
C ASN F 179 -29.93 29.84 42.01
N GLU F 180 -29.88 31.04 41.48
CA GLU F 180 -30.26 31.36 40.07
C GLU F 180 -31.59 30.69 39.73
N VAL F 181 -32.65 31.11 40.39
CA VAL F 181 -34.03 30.59 40.13
C VAL F 181 -34.44 30.94 38.70
N GLY F 182 -35.50 30.28 38.25
CA GLY F 182 -36.12 30.60 36.96
C GLY F 182 -36.23 29.35 36.13
N THR F 183 -36.49 29.54 34.84
CA THR F 183 -36.64 28.44 33.88
C THR F 183 -35.94 28.83 32.59
N TYR F 184 -35.07 27.94 32.10
CA TYR F 184 -34.56 27.94 30.70
C TYR F 184 -35.52 27.09 29.85
N GLY F 185 -35.86 27.60 28.67
CA GLY F 185 -36.60 26.87 27.62
C GLY F 185 -38.11 27.13 27.63
N ALA F 186 -38.60 27.92 28.56
CA ALA F 186 -40.00 28.40 28.60
C ALA F 186 -40.11 29.63 29.50
N VAL F 187 -41.16 30.42 29.33
CA VAL F 187 -41.37 31.71 30.05
C VAL F 187 -42.05 31.44 31.40
N ARG F 188 -42.92 30.43 31.50
CA ARG F 188 -43.63 30.07 32.76
C ARG F 188 -44.11 28.62 32.71
N ASP F 189 -44.77 28.17 33.78
CA ASP F 189 -45.51 26.87 33.81
C ASP F 189 -46.82 27.06 33.06
N TYR F 190 -47.08 26.22 32.05
CA TYR F 190 -48.32 26.22 31.25
C TYR F 190 -49.17 24.98 31.60
N SER F 191 -48.80 24.28 32.69
CA SER F 191 -49.59 23.16 33.26
C SER F 191 -51.02 23.63 33.54
N PRO F 192 -52.03 22.73 33.47
CA PRO F 192 -53.39 23.07 33.89
C PRO F 192 -53.44 23.77 35.26
N MET F 193 -52.68 23.25 36.25
CA MET F 193 -52.63 23.83 37.62
C MET F 193 -52.18 25.29 37.55
N ALA F 194 -51.13 25.57 36.75
CA ALA F 194 -50.54 26.91 36.58
C ALA F 194 -51.53 27.81 35.82
N GLN F 195 -52.08 27.28 34.72
CA GLN F 195 -53.04 28.00 33.86
C GLN F 195 -54.24 28.49 34.69
N ALA F 196 -54.73 27.70 35.67
CA ALA F 196 -55.92 28.01 36.51
C ALA F 196 -55.65 29.26 37.37
N VAL F 197 -54.41 29.47 37.78
CA VAL F 197 -53.96 30.67 38.56
C VAL F 197 -53.76 31.85 37.58
N PHE F 198 -53.14 31.60 36.44
CA PHE F 198 -52.90 32.63 35.39
C PHE F 198 -54.23 33.18 34.87
N ASN F 199 -55.28 32.35 34.78
CA ASN F 199 -56.61 32.73 34.25
C ASN F 199 -57.39 33.53 35.31
N ALA F 200 -57.01 33.42 36.57
CA ALA F 200 -57.64 34.10 37.73
C ALA F 200 -57.07 35.53 37.88
N ALA F 201 -57.65 36.29 38.80
CA ALA F 201 -57.28 37.69 39.14
C ALA F 201 -55.83 37.74 39.63
N VAL F 202 -55.09 38.78 39.22
CA VAL F 202 -53.80 39.21 39.83
C VAL F 202 -54.10 39.51 41.30
N PRO F 203 -53.39 38.89 42.28
CA PRO F 203 -53.59 39.25 43.68
C PRO F 203 -53.61 40.77 43.92
N ASP F 204 -54.50 41.21 44.82
CA ASP F 204 -54.75 42.64 45.13
C ASP F 204 -53.45 43.32 45.56
N ASP F 205 -52.64 42.65 46.40
CA ASP F 205 -51.41 43.22 47.00
C ASP F 205 -50.44 43.71 45.89
N LEU F 206 -50.26 42.94 44.82
CA LEU F 206 -49.37 43.33 43.70
C LEU F 206 -49.97 44.54 42.98
N ILE F 207 -51.27 44.49 42.70
CA ILE F 207 -52.04 45.57 42.01
C ILE F 207 -51.92 46.88 42.82
N GLN F 208 -52.10 46.81 44.15
CA GLN F 208 -51.98 47.98 45.05
C GLN F 208 -50.54 48.50 45.03
N LYS F 209 -49.54 47.63 45.17
CA LYS F 209 -48.11 48.04 45.26
C LYS F 209 -47.68 48.75 43.97
N LEU F 210 -48.09 48.23 42.80
CA LEU F 210 -47.66 48.78 41.47
C LEU F 210 -48.58 49.90 40.97
N GLN F 211 -49.70 50.15 41.65
N GLN F 211 -49.68 50.15 41.69
CA GLN F 211 -50.69 51.21 41.32
CA GLN F 211 -50.73 51.16 41.36
C GLN F 211 -51.23 50.96 39.91
C GLN F 211 -51.21 50.94 39.92
N LEU F 212 -51.75 49.75 39.64
CA LEU F 212 -52.35 49.36 38.34
C LEU F 212 -53.85 49.13 38.55
N LYS F 213 -54.58 48.79 37.49
CA LYS F 213 -56.05 48.50 37.52
C LYS F 213 -56.24 47.00 37.78
N PRO F 214 -57.22 46.58 38.61
CA PRO F 214 -57.47 45.14 38.83
C PRO F 214 -57.77 44.40 37.52
N GLY F 215 -57.50 43.09 37.49
CA GLY F 215 -57.84 42.19 36.37
C GLY F 215 -57.09 40.87 36.47
N THR F 216 -57.17 40.05 35.42
CA THR F 216 -56.41 38.79 35.31
C THR F 216 -54.99 39.14 34.82
N TRP F 217 -54.09 38.17 34.85
CA TRP F 217 -52.67 38.37 34.47
C TRP F 217 -52.61 38.94 33.05
N SER F 218 -53.33 38.35 32.10
CA SER F 218 -53.33 38.77 30.66
C SER F 218 -53.88 40.21 30.56
N GLN F 219 -54.98 40.49 31.25
CA GLN F 219 -55.60 41.84 31.25
C GLN F 219 -54.59 42.87 31.76
N VAL F 220 -53.94 42.58 32.88
CA VAL F 220 -53.12 43.56 33.66
C VAL F 220 -51.77 43.77 32.96
N PHE F 221 -51.09 42.71 32.51
CA PHE F 221 -49.67 42.76 32.08
C PHE F 221 -49.48 42.57 30.56
N GLY F 222 -50.52 42.13 29.84
CA GLY F 222 -50.45 41.98 28.37
C GLY F 222 -49.27 41.13 27.96
N ARG F 223 -48.38 41.65 27.12
CA ARG F 223 -47.27 40.86 26.50
C ARG F 223 -46.31 40.34 27.59
N ASP F 224 -46.31 40.99 28.76
CA ASP F 224 -45.41 40.65 29.90
C ASP F 224 -46.09 39.66 30.85
N ALA F 225 -47.36 39.30 30.61
CA ALA F 225 -48.13 38.44 31.55
C ALA F 225 -47.36 37.16 31.90
N ASP F 226 -46.84 36.43 30.90
CA ASP F 226 -46.21 35.10 31.14
C ASP F 226 -45.00 35.25 32.05
N GLU F 227 -44.07 36.14 31.68
CA GLU F 227 -42.78 36.38 32.38
C GLU F 227 -43.04 36.99 33.76
N PHE F 228 -43.95 37.97 33.87
CA PHE F 228 -44.29 38.61 35.18
C PHE F 228 -44.97 37.58 36.08
N PHE F 229 -45.81 36.68 35.53
CA PHE F 229 -46.48 35.59 36.28
C PHE F 229 -45.40 34.68 36.92
N HIS F 230 -44.46 34.19 36.10
CA HIS F 230 -43.39 33.27 36.57
C HIS F 230 -42.54 33.97 37.65
N ALA F 231 -42.12 35.22 37.41
CA ALA F 231 -41.33 36.00 38.38
C ALA F 231 -42.13 36.17 39.68
N TYR F 232 -43.41 36.47 39.58
CA TYR F 232 -44.29 36.68 40.77
C TYR F 232 -44.36 35.35 41.54
N GLN F 233 -44.70 34.24 40.87
CA GLN F 233 -44.90 32.95 41.56
C GLN F 233 -43.57 32.53 42.21
N ILE F 234 -42.44 32.69 41.52
CA ILE F 234 -41.12 32.27 42.08
C ILE F 234 -40.78 33.20 43.26
N ALA F 235 -41.02 34.50 43.13
CA ALA F 235 -40.73 35.48 44.21
C ALA F 235 -41.55 35.13 45.45
N ARG F 236 -42.85 34.82 45.30
CA ARG F 236 -43.72 34.39 46.43
C ARG F 236 -43.15 33.11 47.06
N TYR F 237 -42.73 32.14 46.23
CA TYR F 237 -42.17 30.87 46.73
C TYR F 237 -40.96 31.18 47.62
N CYS F 238 -40.03 31.98 47.09
CA CYS F 238 -38.76 32.36 47.75
C CYS F 238 -39.04 33.19 49.01
N ASP F 239 -39.99 34.15 48.93
CA ASP F 239 -40.40 34.97 50.10
C ASP F 239 -40.92 34.05 51.22
N GLU F 240 -41.70 33.02 50.88
CA GLU F 240 -42.32 32.14 51.89
C GLU F 240 -41.24 31.29 52.58
N VAL F 241 -40.32 30.71 51.81
CA VAL F 241 -39.18 29.96 52.39
C VAL F 241 -38.39 30.93 53.29
N THR F 242 -38.13 32.14 52.81
CA THR F 242 -37.36 33.17 53.56
C THR F 242 -38.07 33.48 54.90
N VAL F 243 -39.36 33.81 54.86
CA VAL F 243 -40.15 34.17 56.07
C VAL F 243 -40.05 33.00 57.07
N ALA F 244 -40.26 31.77 56.60
CA ALA F 244 -40.21 30.55 57.42
C ALA F 244 -38.85 30.46 58.12
N GLY F 245 -37.77 30.68 57.38
CA GLY F 245 -36.41 30.58 57.95
C GLY F 245 -36.12 31.70 58.91
N LYS F 246 -36.49 32.93 58.55
CA LYS F 246 -36.24 34.13 59.40
C LYS F 246 -37.01 34.03 60.72
N ALA F 247 -38.16 33.35 60.73
CA ALA F 247 -38.98 33.15 61.96
C ALA F 247 -38.15 32.34 62.95
N ILE F 248 -37.22 31.52 62.46
CA ILE F 248 -36.33 30.70 63.33
C ILE F 248 -35.12 31.55 63.72
N LYS F 249 -34.46 32.13 62.73
CA LYS F 249 -33.33 33.05 63.00
C LYS F 249 -33.33 34.12 61.92
N ASN F 250 -33.43 35.39 62.35
CA ASN F 250 -33.66 36.53 61.44
C ASN F 250 -32.34 37.00 60.82
N LEU F 251 -31.60 36.12 60.13
CA LEU F 251 -30.41 36.52 59.34
C LEU F 251 -30.85 37.23 58.08
N PRO F 252 -30.00 38.12 57.52
CA PRO F 252 -30.22 38.66 56.20
C PRO F 252 -30.27 37.50 55.19
N MET F 253 -31.16 37.60 54.23
CA MET F 253 -31.31 36.56 53.18
C MET F 253 -31.52 37.25 51.85
N TYR F 254 -30.96 36.66 50.79
CA TYR F 254 -30.97 37.28 49.45
C TYR F 254 -31.13 36.21 48.39
N VAL F 255 -31.39 36.66 47.18
CA VAL F 255 -31.46 35.79 45.98
C VAL F 255 -30.45 36.33 44.97
N ASN F 256 -29.87 35.44 44.18
CA ASN F 256 -28.82 35.75 43.20
C ASN F 256 -29.34 35.46 41.79
N VAL F 257 -29.00 36.32 40.86
CA VAL F 257 -29.69 36.38 39.54
C VAL F 257 -28.75 35.87 38.45
N ALA F 258 -29.23 34.88 37.71
CA ALA F 258 -28.73 34.53 36.36
C ALA F 258 -29.08 35.70 35.44
N LEU F 259 -28.17 36.65 35.31
CA LEU F 259 -28.48 37.94 34.64
C LEU F 259 -28.82 37.70 33.17
N ARG F 260 -29.76 38.49 32.67
CA ARG F 260 -29.91 38.68 31.21
C ARG F 260 -28.97 39.81 30.79
N ASN F 261 -28.54 39.82 29.53
CA ASN F 261 -27.68 40.92 29.04
C ASN F 261 -28.48 42.21 29.11
N PRO F 262 -28.01 43.27 29.81
CA PRO F 262 -28.84 44.46 30.02
C PRO F 262 -29.06 45.33 28.77
N PHE F 263 -28.19 45.20 27.77
CA PHE F 263 -28.25 45.98 26.51
C PHE F 263 -29.00 45.18 25.44
N ASN F 264 -28.91 43.85 25.47
CA ASN F 264 -29.30 42.95 24.34
C ASN F 264 -29.78 41.63 24.96
N PRO F 265 -30.86 41.63 25.78
CA PRO F 265 -31.23 40.45 26.55
C PRO F 265 -31.74 39.23 25.77
N GLY F 266 -32.30 39.44 24.57
CA GLY F 266 -33.07 38.37 23.89
C GLY F 266 -34.33 38.04 24.68
N LEU F 267 -34.88 36.82 24.56
CA LEU F 267 -36.23 36.48 25.05
C LEU F 267 -36.15 35.70 26.35
N PRO F 268 -37.15 35.88 27.25
CA PRO F 268 -37.26 35.07 28.46
C PRO F 268 -37.39 33.58 28.08
N GLY F 269 -36.62 32.72 28.75
CA GLY F 269 -36.45 31.30 28.36
C GLY F 269 -35.09 31.07 27.72
N GLN F 270 -34.59 32.05 26.98
CA GLN F 270 -33.19 32.08 26.47
C GLN F 270 -32.32 32.42 27.68
N TYR F 271 -32.65 33.53 28.34
CA TYR F 271 -32.20 33.80 29.72
C TYR F 271 -33.15 33.07 30.68
N SER F 272 -32.75 32.97 31.95
CA SER F 272 -33.52 32.27 33.01
C SER F 272 -34.75 33.11 33.35
N SER F 273 -35.90 32.78 32.77
CA SER F 273 -37.20 33.48 33.00
C SER F 273 -37.59 33.37 34.47
N GLY F 274 -38.01 34.48 35.05
CA GLY F 274 -38.65 34.50 36.37
C GLY F 274 -37.68 34.84 37.49
N GLY F 275 -36.37 34.74 37.22
CA GLY F 275 -35.33 35.28 38.11
C GLY F 275 -35.40 36.79 38.20
N GLY F 276 -34.65 37.39 39.09
CA GLY F 276 -34.67 38.85 39.33
C GLY F 276 -33.94 39.63 38.26
N THR F 277 -34.26 39.39 37.00
CA THR F 277 -33.68 40.12 35.85
C THR F 277 -34.16 41.58 35.97
N ASP F 278 -33.47 42.50 35.28
CA ASP F 278 -33.62 43.96 35.48
C ASP F 278 -35.06 44.38 35.16
N ASN F 279 -35.75 43.65 34.27
CA ASN F 279 -37.12 44.00 33.81
C ASN F 279 -38.19 43.59 34.84
N VAL F 280 -37.88 42.76 35.85
CA VAL F 280 -38.89 42.22 36.80
C VAL F 280 -38.49 42.54 38.24
N LEU F 281 -37.55 43.46 38.41
CA LEU F 281 -37.10 43.88 39.77
C LEU F 281 -38.31 44.47 40.50
N HIS F 282 -39.18 45.20 39.81
CA HIS F 282 -40.41 45.79 40.40
C HIS F 282 -41.35 44.67 40.86
N ILE F 283 -41.48 43.58 40.11
CA ILE F 283 -42.36 42.42 40.48
C ILE F 283 -41.77 41.77 41.73
N TRP F 284 -40.46 41.52 41.70
CA TRP F 284 -39.72 40.85 42.80
C TRP F 284 -39.82 41.68 44.10
N LYS F 285 -39.65 42.98 44.01
CA LYS F 285 -39.70 43.86 45.21
C LYS F 285 -41.13 43.87 45.79
N ALA F 286 -42.16 43.92 44.95
CA ALA F 286 -43.59 43.94 45.39
C ALA F 286 -43.98 42.59 45.99
N ALA F 287 -43.51 41.49 45.39
CA ALA F 287 -43.94 40.11 45.74
C ALA F 287 -43.22 39.62 47.01
N ALA F 288 -41.96 40.05 47.22
CA ALA F 288 -41.03 39.42 48.18
C ALA F 288 -40.44 40.47 49.12
N PRO F 289 -41.28 41.13 49.97
CA PRO F 289 -40.81 42.17 50.91
C PRO F 289 -39.85 41.66 51.99
N ASN F 290 -39.75 40.34 52.16
CA ASN F 290 -38.95 39.71 53.24
C ASN F 290 -37.55 39.32 52.72
N ILE F 291 -37.32 39.34 51.40
CA ILE F 291 -35.98 39.08 50.82
C ILE F 291 -35.20 40.39 50.88
N ASP F 292 -34.05 40.39 51.56
CA ASP F 292 -33.31 41.64 51.87
C ASP F 292 -32.80 42.31 50.60
N LEU F 293 -32.26 41.53 49.64
CA LEU F 293 -31.69 42.16 48.43
C LEU F 293 -31.65 41.14 47.30
N ILE F 294 -31.50 41.66 46.09
CA ILE F 294 -31.42 40.87 44.83
C ILE F 294 -30.04 41.13 44.23
N ALA F 295 -29.21 40.08 44.15
CA ALA F 295 -27.76 40.16 43.90
C ALA F 295 -27.47 39.70 42.48
N PRO F 296 -26.73 40.50 41.70
CA PRO F 296 -26.26 40.06 40.39
C PRO F 296 -25.11 39.05 40.45
N ASP F 297 -25.15 38.08 39.53
CA ASP F 297 -24.06 37.12 39.27
C ASP F 297 -23.39 37.52 37.96
N ILE F 298 -22.22 38.16 38.03
CA ILE F 298 -21.63 38.89 36.88
C ILE F 298 -20.54 38.07 36.18
N TYR F 299 -20.80 37.70 34.94
CA TYR F 299 -19.81 36.96 34.11
C TYR F 299 -19.54 37.73 32.80
N PHE F 300 -20.16 38.89 32.61
CA PHE F 300 -19.83 39.76 31.45
C PHE F 300 -18.45 40.34 31.72
N ARG F 301 -17.54 40.30 30.77
CA ARG F 301 -16.14 40.72 31.03
C ARG F 301 -15.99 42.22 30.80
N ASP F 302 -16.81 42.74 29.88
CA ASP F 302 -16.61 44.07 29.27
C ASP F 302 -17.17 45.16 30.18
N TYR F 303 -16.40 46.23 30.27
CA TYR F 303 -16.60 47.33 31.23
C TYR F 303 -18.00 47.92 31.09
N LYS F 304 -18.45 48.19 29.87
CA LYS F 304 -19.75 48.87 29.69
C LYS F 304 -20.88 47.99 30.23
N THR F 305 -20.83 46.69 29.96
CA THR F 305 -21.94 45.80 30.39
C THR F 305 -21.85 45.64 31.91
N VAL F 306 -20.66 45.42 32.47
CA VAL F 306 -20.55 45.27 33.95
C VAL F 306 -21.05 46.56 34.61
N SER F 307 -20.60 47.71 34.10
CA SER F 307 -20.97 49.01 34.68
C SER F 307 -22.49 49.14 34.69
N LYS F 308 -23.15 48.78 33.59
CA LYS F 308 -24.61 48.84 33.47
C LYS F 308 -25.27 47.94 34.53
N VAL F 309 -24.79 46.70 34.71
CA VAL F 309 -25.37 45.81 35.75
C VAL F 309 -25.25 46.46 37.13
N LEU F 310 -24.08 47.01 37.47
CA LEU F 310 -23.90 47.65 38.80
C LEU F 310 -24.90 48.81 38.92
N GLU F 311 -25.12 49.57 37.86
CA GLU F 311 -26.12 50.69 37.86
C GLU F 311 -27.53 50.13 38.15
N LEU F 312 -27.96 49.11 37.42
CA LEU F 312 -29.35 48.58 37.51
C LEU F 312 -29.62 47.94 38.89
N TYR F 313 -28.63 47.31 39.52
CA TYR F 313 -28.85 46.53 40.76
C TYR F 313 -28.56 47.40 42.00
N THR F 314 -28.06 48.62 41.80
CA THR F 314 -27.89 49.59 42.91
C THR F 314 -29.08 50.54 42.90
N ARG F 315 -29.98 50.39 43.88
CA ARG F 315 -31.27 51.10 43.92
C ARG F 315 -31.51 51.57 45.36
N PRO F 316 -32.31 52.64 45.54
CA PRO F 316 -32.75 52.99 46.88
C PRO F 316 -33.38 51.79 47.60
N ASP F 317 -34.05 50.89 46.87
CA ASP F 317 -34.71 49.70 47.47
C ASP F 317 -33.80 48.46 47.36
N ASN F 318 -32.55 48.58 46.92
CA ASN F 318 -31.74 47.36 46.67
C ASN F 318 -30.26 47.63 46.95
N ALA F 319 -29.76 47.09 48.07
CA ALA F 319 -28.31 47.07 48.37
C ALA F 319 -27.59 46.29 47.27
N LEU F 320 -26.43 46.79 46.87
CA LEU F 320 -25.57 46.12 45.87
C LEU F 320 -24.70 45.07 46.55
N PHE F 321 -24.89 43.81 46.18
CA PHE F 321 -24.00 42.71 46.57
C PHE F 321 -23.66 41.94 45.30
N VAL F 322 -22.39 41.95 44.93
CA VAL F 322 -21.90 41.17 43.75
C VAL F 322 -21.67 39.74 44.26
N ALA F 323 -22.75 38.96 44.30
CA ALA F 323 -22.83 37.62 44.93
C ALA F 323 -21.90 36.65 44.19
N GLU F 324 -21.76 36.86 42.89
CA GLU F 324 -20.80 36.09 42.09
C GLU F 324 -20.17 37.03 41.08
N ILE F 325 -18.89 36.81 40.82
CA ILE F 325 -18.24 37.42 39.64
C ILE F 325 -17.21 36.43 39.11
N GLY F 326 -16.96 36.46 37.81
CA GLY F 326 -15.92 35.60 37.20
C GLY F 326 -14.60 35.75 37.91
N ASN F 327 -13.79 34.71 37.93
CA ASN F 327 -12.50 34.72 38.65
C ASN F 327 -11.34 34.99 37.68
N ASP F 328 -11.62 35.33 36.42
CA ASP F 328 -10.55 35.73 35.49
C ASP F 328 -10.04 37.13 35.87
N GLN F 329 -8.81 37.42 35.45
CA GLN F 329 -8.09 38.67 35.81
C GLN F 329 -8.94 39.91 35.55
N PRO F 330 -9.68 40.07 34.42
CA PRO F 330 -10.36 41.35 34.15
C PRO F 330 -11.40 41.73 35.19
N PHE F 331 -11.90 40.77 35.96
CA PHE F 331 -13.02 40.98 36.91
C PHE F 331 -12.51 41.65 38.20
N ALA F 332 -11.23 41.55 38.54
CA ALA F 332 -10.74 41.99 39.86
C ALA F 332 -11.01 43.49 40.03
N ARG F 333 -10.85 44.27 38.97
CA ARG F 333 -10.92 45.75 39.09
C ARG F 333 -12.34 46.19 39.39
N TYR F 334 -13.37 45.35 39.19
CA TYR F 334 -14.77 45.75 39.43
C TYR F 334 -15.06 45.84 40.93
N LEU F 335 -14.13 45.43 41.78
CA LEU F 335 -14.30 45.67 43.24
C LEU F 335 -14.44 47.18 43.44
N PHE F 336 -13.67 47.98 42.70
CA PHE F 336 -13.61 49.44 42.97
C PHE F 336 -14.98 50.09 42.72
N PRO F 337 -15.60 50.00 41.51
CA PRO F 337 -16.93 50.56 41.31
C PRO F 337 -18.02 49.92 42.19
N THR F 338 -17.90 48.63 42.49
CA THR F 338 -18.83 47.96 43.42
C THR F 338 -18.81 48.71 44.75
N LEU F 339 -17.62 48.95 45.31
CA LEU F 339 -17.54 49.67 46.62
C LEU F 339 -17.94 51.12 46.44
N GLY F 340 -17.59 51.74 45.31
CA GLY F 340 -17.92 53.16 45.07
C GLY F 340 -19.41 53.42 45.02
N LYS F 341 -20.20 52.42 44.63
CA LYS F 341 -21.68 52.51 44.54
C LYS F 341 -22.29 52.27 45.94
N GLY F 342 -21.48 52.03 46.96
CA GLY F 342 -21.96 51.67 48.31
C GLY F 342 -22.23 50.18 48.45
N GLY F 343 -21.67 49.36 47.56
CA GLY F 343 -21.81 47.90 47.65
C GLY F 343 -21.41 47.36 49.00
N ILE F 344 -22.10 46.31 49.43
CA ILE F 344 -21.84 45.66 50.74
C ILE F 344 -20.87 44.49 50.54
N GLY F 345 -20.57 44.11 49.30
CA GLY F 345 -19.70 42.95 49.12
C GLY F 345 -19.47 42.55 47.69
N PHE F 346 -18.57 41.60 47.53
CA PHE F 346 -18.00 41.19 46.23
C PHE F 346 -17.39 39.82 46.40
N SER F 347 -17.82 38.86 45.59
CA SER F 347 -17.47 37.44 45.83
C SER F 347 -17.14 36.72 44.53
N PRO F 348 -15.85 36.66 44.14
CA PRO F 348 -15.43 35.89 42.97
C PRO F 348 -15.77 34.39 43.12
N PHE F 349 -16.21 33.79 42.01
CA PHE F 349 -16.73 32.41 41.96
C PHE F 349 -15.60 31.44 41.55
N GLY F 350 -15.54 30.32 42.25
CA GLY F 350 -14.66 29.19 41.89
C GLY F 350 -13.28 29.29 42.49
N MET F 351 -13.18 29.87 43.69
CA MET F 351 -11.87 30.09 44.36
C MET F 351 -11.53 28.85 45.20
N ASP F 352 -11.30 27.72 44.53
CA ASP F 352 -10.78 26.53 45.25
C ASP F 352 -9.98 25.66 44.28
N ASP F 353 -9.28 24.70 44.85
CA ASP F 353 -8.33 23.84 44.11
C ASP F 353 -8.94 22.44 43.93
N THR F 354 -10.23 22.38 43.62
CA THR F 354 -10.93 21.07 43.46
C THR F 354 -10.91 20.65 41.98
N ASP F 355 -9.93 21.09 41.21
CA ASP F 355 -9.68 20.63 39.81
C ASP F 355 -10.87 20.98 38.93
N TYR F 356 -11.30 22.22 38.97
CA TYR F 356 -12.37 22.69 38.07
C TYR F 356 -12.16 24.17 37.77
N THR F 357 -12.42 24.54 36.52
CA THR F 357 -12.59 25.95 36.12
C THR F 357 -13.84 26.08 35.26
N ASN F 358 -14.59 27.16 35.46
CA ASN F 358 -15.83 27.45 34.71
C ASN F 358 -15.48 28.31 33.48
N TYR F 359 -14.21 28.42 33.09
CA TYR F 359 -13.82 28.94 31.76
C TYR F 359 -14.76 28.33 30.73
N PRO F 360 -15.40 29.08 29.82
CA PRO F 360 -15.05 30.47 29.51
C PRO F 360 -15.59 31.59 30.43
N LEU F 361 -16.41 31.27 31.43
CA LEU F 361 -16.89 32.32 32.38
C LEU F 361 -15.72 32.83 33.22
N GLY F 362 -14.90 31.96 33.76
CA GLY F 362 -13.77 32.33 34.64
C GLY F 362 -12.43 32.09 33.99
N ALA F 363 -11.38 31.96 34.80
CA ALA F 363 -9.99 31.85 34.36
C ALA F 363 -9.77 30.49 33.68
N LYS F 364 -9.05 30.49 32.59
CA LYS F 364 -8.69 29.24 31.88
C LYS F 364 -7.89 28.31 32.79
N VAL F 365 -6.98 28.90 33.57
CA VAL F 365 -6.08 28.19 34.53
C VAL F 365 -6.31 28.77 35.91
N TYR F 366 -6.61 27.88 36.87
CA TYR F 366 -6.71 28.21 38.31
C TYR F 366 -5.36 27.91 38.97
N ASN F 367 -4.65 28.96 39.34
CA ASN F 367 -3.36 28.84 40.06
C ASN F 367 -3.16 30.04 40.99
N ASP F 368 -2.01 30.11 41.64
CA ASP F 368 -1.70 31.19 42.60
C ASP F 368 -1.84 32.57 41.92
N GLU F 369 -1.47 32.69 40.65
CA GLU F 369 -1.56 33.97 39.89
C GLU F 369 -3.04 34.37 39.77
N THR F 370 -3.95 33.42 39.54
CA THR F 370 -5.40 33.70 39.45
C THR F 370 -5.84 34.38 40.75
N ILE F 371 -5.49 33.78 41.88
CA ILE F 371 -5.91 34.25 43.22
C ILE F 371 -5.29 35.63 43.46
N GLU F 372 -4.01 35.79 43.10
CA GLU F 372 -3.22 37.02 43.40
C GLU F 372 -3.90 38.24 42.77
N GLN F 373 -4.56 38.11 41.63
CA GLN F 373 -5.21 39.29 41.01
C GLN F 373 -6.26 39.86 41.98
N PHE F 374 -6.98 39.01 42.71
CA PHE F 374 -7.99 39.45 43.71
C PHE F 374 -7.26 39.82 45.00
N ALA F 375 -6.25 39.06 45.41
CA ALA F 375 -5.52 39.36 46.68
C ALA F 375 -5.03 40.80 46.61
N GLN F 376 -4.52 41.22 45.45
CA GLN F 376 -3.89 42.56 45.36
C GLN F 376 -4.93 43.66 45.60
N VAL F 377 -6.15 43.52 45.09
CA VAL F 377 -7.18 44.58 45.29
C VAL F 377 -7.77 44.45 46.69
N TYR F 378 -7.92 43.23 47.23
CA TYR F 378 -8.43 43.08 48.63
C TYR F 378 -7.46 43.74 49.60
N ARG F 379 -6.16 43.73 49.32
CA ARG F 379 -5.13 44.33 50.22
C ARG F 379 -5.33 45.84 50.35
N LEU F 380 -6.05 46.47 49.42
CA LEU F 380 -6.32 47.94 49.51
C LEU F 380 -7.46 48.20 50.51
N VAL F 381 -8.36 47.25 50.70
CA VAL F 381 -9.64 47.46 51.44
C VAL F 381 -9.54 46.82 52.84
N ASN F 382 -8.95 45.64 52.95
CA ASN F 382 -8.81 44.89 54.25
C ASN F 382 -8.29 45.79 55.36
N PRO F 383 -7.21 46.59 55.19
CA PRO F 383 -6.66 47.35 56.31
C PRO F 383 -7.60 48.46 56.82
N MET F 384 -8.64 48.83 56.03
CA MET F 384 -9.62 49.88 56.42
C MET F 384 -11.06 49.36 56.32
N MET F 385 -11.27 48.04 56.38
CA MET F 385 -12.59 47.48 55.99
C MET F 385 -13.70 48.15 56.81
N ARG F 386 -13.58 48.21 58.13
CA ARG F 386 -14.70 48.72 58.97
C ARG F 386 -14.84 50.25 58.76
N GLU F 387 -13.72 50.97 58.60
CA GLU F 387 -13.79 52.44 58.41
C GLU F 387 -14.46 52.73 57.07
N TRP F 388 -14.03 52.03 56.01
CA TRP F 388 -14.65 52.17 54.66
C TRP F 388 -16.15 51.85 54.75
N ALA F 389 -16.50 50.73 55.39
CA ALA F 389 -17.90 50.28 55.52
C ALA F 389 -18.74 51.42 56.15
N ARG F 390 -18.18 52.06 57.18
N ARG F 390 -18.24 52.08 57.19
CA ARG F 390 -18.83 53.15 57.94
CA ARG F 390 -19.05 53.14 57.84
C ARG F 390 -19.07 54.35 57.00
C ARG F 390 -19.15 54.35 56.89
N LEU F 391 -18.04 54.73 56.25
CA LEU F 391 -18.05 55.90 55.33
C LEU F 391 -19.00 55.66 54.15
N SER F 392 -19.07 54.44 53.64
N SER F 392 -19.09 54.44 53.63
CA SER F 392 -19.94 54.11 52.49
CA SER F 392 -19.95 54.13 52.45
C SER F 392 -21.41 54.33 52.89
C SER F 392 -21.43 54.22 52.85
N TYR F 393 -21.78 53.85 54.08
CA TYR F 393 -23.17 53.91 54.59
C TYR F 393 -23.53 55.36 54.97
N GLN F 394 -22.72 55.98 55.83
CA GLN F 394 -23.05 57.25 56.55
C GLN F 394 -22.47 58.45 55.79
N GLY F 395 -21.57 58.23 54.84
CA GLY F 395 -20.85 59.32 54.18
C GLY F 395 -20.85 59.20 52.67
N GLN F 396 -19.89 59.88 52.06
CA GLN F 396 -19.76 59.98 50.60
C GLN F 396 -18.55 59.18 50.17
N VAL F 397 -18.79 58.23 49.29
CA VAL F 397 -17.69 57.43 48.67
C VAL F 397 -17.85 57.45 47.15
N TRP F 398 -16.73 57.16 46.49
CA TRP F 398 -16.64 57.02 45.02
C TRP F 398 -15.70 55.85 44.71
N GLY F 399 -15.86 55.25 43.54
CA GLY F 399 -15.00 54.14 43.12
C GLY F 399 -15.05 54.00 41.63
N VAL F 400 -13.88 53.83 41.00
CA VAL F 400 -13.81 53.72 39.52
C VAL F 400 -12.88 52.57 39.16
N ALA F 401 -13.13 51.95 38.01
CA ALA F 401 -12.23 50.96 37.39
C ALA F 401 -11.77 51.48 36.02
N GLU F 402 -10.63 50.99 35.58
CA GLU F 402 -10.06 51.29 34.25
C GLU F 402 -11.10 50.97 33.19
N PRO F 403 -11.56 51.98 32.42
CA PRO F 403 -12.76 51.87 31.60
C PRO F 403 -12.58 51.35 30.17
N LEU F 404 -11.35 51.02 29.78
CA LEU F 404 -11.12 50.29 28.52
C LEU F 404 -10.69 48.87 28.91
N ASP F 405 -11.28 47.91 28.20
CA ASP F 405 -10.89 46.49 28.30
C ASP F 405 -9.52 46.33 27.64
N SER F 406 -8.83 45.24 27.92
CA SER F 406 -7.52 44.95 27.27
C SER F 406 -7.69 44.98 25.75
N THR F 407 -6.72 45.58 25.06
CA THR F 407 -6.63 45.63 23.58
C THR F 407 -6.62 44.19 23.06
N THR F 408 -7.52 43.88 22.13
CA THR F 408 -7.69 42.53 21.55
C THR F 408 -6.62 42.32 20.47
N GLU F 409 -6.44 41.09 20.04
CA GLU F 409 -5.50 40.77 18.92
C GLU F 409 -6.01 41.46 17.65
N THR F 410 -7.33 41.50 17.44
CA THR F 410 -7.99 42.12 16.25
C THR F 410 -7.68 43.63 16.22
N GLN F 411 -7.64 44.29 17.38
CA GLN F 411 -7.34 45.74 17.51
C GLN F 411 -5.82 45.99 17.39
N LYS F 412 -5.00 45.05 17.87
CA LYS F 412 -3.52 45.11 17.74
C LYS F 412 -3.13 45.10 16.26
N ILE F 413 -3.84 44.31 15.45
CA ILE F 413 -3.67 44.23 13.96
C ILE F 413 -3.90 45.63 13.38
N TRP F 414 -5.02 46.28 13.72
CA TRP F 414 -5.30 47.70 13.33
C TRP F 414 -4.16 48.62 13.79
N ASN F 415 -3.57 48.36 14.96
CA ASN F 415 -2.48 49.19 15.55
C ASN F 415 -1.27 49.22 14.60
N ALA F 416 -0.87 48.06 14.06
CA ALA F 416 0.34 47.88 13.22
C ALA F 416 0.10 48.53 11.85
N GLU F 417 -1.03 48.22 11.21
CA GLU F 417 -1.41 48.67 9.84
C GLU F 417 -1.56 50.18 9.82
N ALA F 418 -2.05 50.74 10.93
CA ALA F 418 -2.43 52.16 11.10
C ALA F 418 -1.29 53.08 10.63
N THR F 419 -1.64 54.19 9.97
CA THR F 419 -0.70 55.25 9.53
C THR F 419 -0.27 56.07 10.75
N PRO F 420 0.77 56.93 10.63
CA PRO F 420 1.18 57.83 11.71
C PRO F 420 0.04 58.69 12.29
N GLU F 421 -0.67 59.44 11.44
CA GLU F 421 -1.76 60.38 11.83
C GLU F 421 -2.86 59.61 12.58
N GLU F 422 -3.25 58.44 12.06
CA GLU F 422 -4.30 57.59 12.67
C GLU F 422 -3.82 57.06 14.02
N LYS F 423 -2.57 56.58 14.11
CA LYS F 423 -1.94 56.14 15.39
C LYS F 423 -2.00 57.28 16.40
N GLU F 424 -1.48 58.47 16.04
CA GLU F 424 -1.47 59.67 16.93
C GLU F 424 -2.90 59.92 17.43
N GLN F 425 -3.90 59.88 16.54
CA GLN F 425 -5.31 60.20 16.90
C GLN F 425 -5.86 59.11 17.84
N HIS F 426 -5.56 57.84 17.54
CA HIS F 426 -6.01 56.70 18.36
C HIS F 426 -5.49 56.85 19.80
N LYS F 427 -4.22 57.24 19.94
CA LYS F 427 -3.57 57.44 21.25
C LYS F 427 -4.28 58.56 22.00
N LYS F 428 -4.60 59.67 21.33
CA LYS F 428 -5.34 60.81 21.93
C LYS F 428 -6.70 60.32 22.43
N ASP F 429 -7.41 59.55 21.61
CA ASP F 429 -8.78 59.07 21.95
C ASP F 429 -8.68 58.11 23.14
N ARG F 430 -7.70 57.21 23.17
N ARG F 430 -7.72 57.18 23.12
CA ARG F 430 -7.53 56.24 24.30
CA ARG F 430 -7.46 56.27 24.28
C ARG F 430 -7.11 57.00 25.57
C ARG F 430 -7.23 57.11 25.53
N ALA F 431 -6.31 58.07 25.46
CA ALA F 431 -5.92 58.87 26.64
C ALA F 431 -7.16 59.50 27.27
N SER F 432 -8.01 60.09 26.43
N SER F 432 -8.04 60.10 26.45
CA SER F 432 -9.29 60.73 26.85
CA SER F 432 -9.31 60.75 26.93
C SER F 432 -10.19 59.70 27.54
C SER F 432 -10.23 59.70 27.55
N ALA F 433 -10.35 58.52 26.94
CA ALA F 433 -11.22 57.44 27.48
C ALA F 433 -10.66 56.95 28.83
N LEU F 434 -9.34 56.98 29.02
CA LEU F 434 -8.62 56.50 30.23
C LEU F 434 -8.45 57.63 31.25
N THR F 435 -9.27 58.67 31.12
CA THR F 435 -9.35 59.82 32.06
C THR F 435 -10.78 59.93 32.60
N GLN F 436 -10.95 59.76 33.91
CA GLN F 436 -12.25 59.80 34.62
C GLN F 436 -12.27 61.01 35.56
N GLN F 437 -13.39 61.72 35.58
CA GLN F 437 -13.63 62.84 36.53
C GLN F 437 -14.58 62.37 37.63
N LEU F 438 -14.30 62.82 38.85
CA LEU F 438 -15.17 62.61 40.03
C LEU F 438 -15.39 63.98 40.67
N ASP F 439 -16.65 64.29 40.93
CA ASP F 439 -17.08 65.56 41.56
C ASP F 439 -17.17 65.31 43.07
N LEU F 440 -16.21 65.83 43.84
CA LEU F 440 -16.11 65.54 45.29
C LEU F 440 -16.55 66.74 46.13
N GLY F 441 -17.40 67.60 45.58
CA GLY F 441 -17.92 68.78 46.29
C GLY F 441 -17.12 70.01 45.88
N LEU F 442 -16.27 70.51 46.78
CA LEU F 442 -15.39 71.67 46.48
C LEU F 442 -14.20 71.26 45.63
N TRP F 443 -13.90 69.96 45.58
CA TRP F 443 -12.72 69.43 44.87
C TRP F 443 -13.19 68.34 43.92
N ASP F 444 -12.48 68.19 42.81
CA ASP F 444 -12.66 67.06 41.88
C ASP F 444 -11.38 66.24 41.88
N ALA F 445 -11.54 64.97 41.55
CA ALA F 445 -10.41 64.08 41.26
C ALA F 445 -10.46 63.68 39.79
N GLU F 446 -9.29 63.61 39.18
CA GLU F 446 -9.08 63.06 37.83
C GLU F 446 -8.27 61.79 38.01
N VAL F 447 -8.84 60.67 37.58
CA VAL F 447 -8.17 59.35 37.65
C VAL F 447 -7.74 58.97 36.23
N THR F 448 -6.47 58.61 36.09
CA THR F 448 -5.90 58.20 34.80
C THR F 448 -5.16 56.86 34.97
N TYR F 449 -5.01 56.13 33.86
CA TYR F 449 -4.49 54.73 33.95
C TYR F 449 -3.33 54.49 32.98
N GLY F 450 -2.23 53.97 33.51
CA GLY F 450 -1.10 53.48 32.70
C GLY F 450 -0.21 54.60 32.23
N ARG F 451 0.56 55.13 33.17
CA ARG F 451 1.47 56.26 32.89
C ARG F 451 2.56 56.21 33.94
N PRO F 452 3.72 56.84 33.65
CA PRO F 452 4.78 56.94 34.63
C PRO F 452 4.31 57.65 35.91
N MET F 453 5.16 57.58 36.93
CA MET F 453 4.88 58.20 38.25
C MET F 453 5.45 59.62 38.29
N PHE F 454 5.99 60.12 37.18
N PHE F 454 6.07 60.02 37.19
CA PHE F 454 6.69 61.43 37.08
CA PHE F 454 6.76 61.31 37.01
C PHE F 454 6.32 62.09 35.74
C PHE F 454 6.38 61.87 35.64
N TRP F 455 6.26 63.42 35.67
N TRP F 455 6.04 63.15 35.61
CA TRP F 455 5.92 64.14 34.41
CA TRP F 455 5.71 64.00 34.43
C TRP F 455 4.47 63.81 34.02
C TRP F 455 4.30 63.69 33.88
N VAL F 456 4.04 64.16 32.80
N VAL F 456 3.96 64.17 32.68
CA VAL F 456 2.58 64.17 32.40
CA VAL F 456 2.56 64.34 32.24
C VAL F 456 2.34 63.56 31.01
C VAL F 456 2.32 63.58 30.94
N THR F 457 3.18 62.63 30.55
CA THR F 457 2.93 61.78 29.37
C THR F 457 1.51 61.26 29.48
N PRO F 458 0.65 61.35 28.43
CA PRO F 458 -0.73 60.90 28.54
C PRO F 458 -0.87 59.42 28.86
N PRO F 459 -1.96 59.04 29.56
CA PRO F 459 -2.20 57.64 29.91
C PRO F 459 -2.39 56.76 28.66
N GLU F 460 -1.86 55.54 28.74
CA GLU F 460 -1.92 54.52 27.65
C GLU F 460 -2.61 53.25 28.14
N GLY F 461 -3.04 53.20 29.40
CA GLY F 461 -3.70 52.04 30.00
C GLY F 461 -2.73 50.98 30.49
N ASN F 462 -3.20 50.17 31.41
CA ASN F 462 -2.44 48.99 31.89
C ASN F 462 -2.68 47.83 30.93
N THR F 463 -1.70 46.95 30.83
CA THR F 463 -1.79 45.70 30.03
C THR F 463 -1.54 44.52 30.96
N PRO F 464 -2.56 43.73 31.36
CA PRO F 464 -3.96 43.91 30.97
C PRO F 464 -4.63 45.06 31.72
N ALA F 465 -5.84 45.43 31.29
CA ALA F 465 -6.63 46.45 32.01
C ALA F 465 -6.78 45.98 33.45
N ALA F 466 -6.59 46.84 34.44
CA ALA F 466 -6.52 46.36 35.84
C ALA F 466 -6.76 47.47 36.88
N GLY F 467 -6.69 48.74 36.50
CA GLY F 467 -6.55 49.80 37.51
C GLY F 467 -7.86 50.18 38.15
N GLY F 468 -7.79 50.93 39.23
CA GLY F 468 -8.99 51.53 39.81
C GLY F 468 -8.64 52.41 41.00
N ALA F 469 -9.66 53.02 41.57
CA ALA F 469 -9.45 53.95 42.70
C ALA F 469 -10.68 53.96 43.60
N LEU F 470 -10.43 54.23 44.89
CA LEU F 470 -11.47 54.45 45.92
C LEU F 470 -11.21 55.81 46.57
N ILE F 471 -12.28 56.57 46.77
CA ILE F 471 -12.18 57.87 47.50
C ILE F 471 -13.34 57.93 48.49
N ALA F 472 -13.06 58.41 49.69
CA ALA F 472 -14.11 58.72 50.68
C ALA F 472 -13.92 60.15 51.14
N GLN F 473 -15.02 60.88 51.31
CA GLN F 473 -14.94 62.25 51.82
C GLN F 473 -14.95 62.23 53.36
N LEU F 474 -13.92 62.82 53.97
CA LEU F 474 -13.80 62.95 55.44
C LEU F 474 -14.38 64.30 55.88
N ASP F 475 -14.20 65.35 55.08
CA ASP F 475 -14.65 66.73 55.39
C ASP F 475 -14.63 67.54 54.10
N ASP F 476 -14.99 68.83 54.16
CA ASP F 476 -15.13 69.67 52.94
C ASP F 476 -13.85 69.59 52.10
N ASN F 477 -12.69 69.48 52.74
CA ASN F 477 -11.38 69.60 52.04
C ASN F 477 -10.50 68.37 52.24
N GLU F 478 -11.04 67.27 52.77
CA GLU F 478 -10.19 66.13 53.19
C GLU F 478 -10.81 64.83 52.69
N TYR F 479 -9.98 63.96 52.14
CA TYR F 479 -10.41 62.72 51.47
C TYR F 479 -9.49 61.58 51.89
N LEU F 480 -10.06 60.37 51.96
CA LEU F 480 -9.30 59.11 52.07
C LEU F 480 -9.19 58.55 50.64
N VAL F 481 -8.00 58.17 50.23
CA VAL F 481 -7.72 57.76 48.82
C VAL F 481 -6.85 56.54 48.84
N THR F 482 -7.28 55.52 48.09
CA THR F 482 -6.38 54.41 47.76
C THR F 482 -6.66 53.99 46.31
N ALA F 483 -5.63 53.65 45.56
CA ALA F 483 -5.82 53.32 44.14
C ALA F 483 -4.80 52.29 43.72
N TYR F 484 -4.95 51.83 42.49
CA TYR F 484 -4.25 50.63 42.00
C TYR F 484 -3.94 50.86 40.53
N LYS F 485 -2.65 50.87 40.19
CA LYS F 485 -2.16 51.00 38.80
C LYS F 485 -2.82 52.22 38.15
N ALA F 486 -2.74 53.36 38.82
CA ALA F 486 -3.49 54.56 38.41
C ALA F 486 -2.86 55.79 39.08
N ARG F 487 -3.15 56.93 38.48
CA ARG F 487 -2.82 58.25 39.01
C ARG F 487 -4.12 58.94 39.41
N VAL F 488 -4.12 59.59 40.56
CA VAL F 488 -5.27 60.38 41.08
C VAL F 488 -4.77 61.81 41.28
N GLU F 489 -5.42 62.77 40.64
CA GLU F 489 -5.04 64.19 40.75
C GLU F 489 -6.23 65.01 41.26
N PHE F 490 -6.00 65.86 42.25
CA PHE F 490 -7.05 66.76 42.80
C PHE F 490 -6.94 68.16 42.20
N LYS F 491 -8.11 68.76 42.00
CA LYS F 491 -8.26 70.14 41.47
C LYS F 491 -9.52 70.74 42.04
N PRO F 492 -9.65 72.08 42.01
CA PRO F 492 -10.89 72.69 42.46
C PRO F 492 -12.07 72.24 41.61
N SER F 493 -13.25 72.08 42.22
CA SER F 493 -14.50 71.68 41.50
C SER F 493 -15.09 72.91 40.81
N GLN F 494 -14.75 74.11 41.25
CA GLN F 494 -15.39 75.35 40.75
C GLN F 494 -14.33 76.45 40.75
N GLU F 495 -14.58 77.50 39.96
CA GLU F 495 -13.68 78.67 39.83
C GLU F 495 -13.45 79.24 41.23
N LEU F 496 -12.22 79.63 41.54
CA LEU F 496 -11.85 80.04 42.93
C LEU F 496 -11.83 81.56 43.10
N ALA F 497 -12.36 82.31 42.14
CA ALA F 497 -12.63 83.76 42.28
C ALA F 497 -11.36 84.49 42.73
N GLY F 498 -10.19 84.15 42.18
CA GLY F 498 -8.93 84.88 42.42
C GLY F 498 -7.99 84.20 43.42
N LYS F 499 -8.45 83.15 44.11
CA LYS F 499 -7.60 82.34 45.02
C LYS F 499 -6.80 81.33 44.18
N LYS F 500 -5.72 80.84 44.75
CA LYS F 500 -4.92 79.70 44.24
C LYS F 500 -5.27 78.47 45.05
N PHE F 501 -4.80 77.31 44.62
CA PHE F 501 -5.04 76.07 45.40
C PHE F 501 -3.75 75.27 45.41
N MET F 502 -3.63 74.46 46.44
CA MET F 502 -2.55 73.45 46.53
C MET F 502 -3.05 72.26 47.34
N ILE F 503 -2.31 71.16 47.26
CA ILE F 503 -2.34 70.15 48.34
C ILE F 503 -1.82 70.82 49.61
N GLU F 504 -2.58 70.75 50.68
CA GLU F 504 -2.06 71.17 52.01
C GLU F 504 -1.19 70.05 52.56
N ARG F 505 -1.68 68.81 52.56
N ARG F 505 -1.69 68.80 52.50
CA ARG F 505 -0.90 67.68 53.13
CA ARG F 505 -1.01 67.66 53.15
C ARG F 505 -1.48 66.35 52.66
C ARG F 505 -1.52 66.36 52.55
N VAL F 506 -0.61 65.45 52.21
CA VAL F 506 -0.94 64.04 51.94
C VAL F 506 -0.16 63.20 52.96
N GLU F 507 -0.87 62.37 53.71
CA GLU F 507 -0.29 61.43 54.69
C GLU F 507 -0.63 60.01 54.23
N GLU F 508 0.36 59.13 54.23
CA GLU F 508 0.11 57.67 54.14
C GLU F 508 0.00 57.14 55.56
N GLY F 509 -0.94 56.22 55.77
CA GLY F 509 -1.12 55.68 57.12
C GLY F 509 -2.11 54.57 57.16
N ARG F 510 -2.66 54.34 58.34
CA ARG F 510 -3.52 53.18 58.58
C ARG F 510 -4.38 53.49 59.79
N PHE F 511 -5.44 52.71 59.97
CA PHE F 511 -6.30 52.79 61.16
C PHE F 511 -5.86 51.71 62.14
N GLU F 512 -5.62 52.14 63.38
CA GLU F 512 -5.36 51.23 64.52
C GLU F 512 -6.38 51.58 65.60
N LYS F 513 -7.18 50.59 65.99
CA LYS F 513 -8.26 50.76 66.99
C LYS F 513 -9.14 51.96 66.56
N GLY F 514 -9.39 52.10 65.26
CA GLY F 514 -10.30 53.11 64.69
C GLY F 514 -9.69 54.51 64.59
N LYS F 515 -8.42 54.68 64.98
CA LYS F 515 -7.74 55.98 64.90
C LYS F 515 -6.72 55.96 63.76
N TRP F 516 -6.62 57.09 63.04
CA TRP F 516 -5.58 57.30 62.00
C TRP F 516 -4.19 57.36 62.63
N VAL F 517 -3.29 56.56 62.10
CA VAL F 517 -1.84 56.57 62.44
C VAL F 517 -1.07 56.96 61.18
N MET F 518 -0.33 58.08 61.22
N MET F 518 -0.36 58.08 61.24
CA MET F 518 0.47 58.58 60.07
CA MET F 518 0.49 58.54 60.12
C MET F 518 1.79 57.82 60.01
C MET F 518 1.72 57.64 60.06
N GLU F 519 2.12 57.24 58.86
CA GLU F 519 3.41 56.58 58.61
C GLU F 519 4.37 57.58 57.98
N ARG F 520 3.94 58.31 56.97
CA ARG F 520 4.81 59.29 56.29
C ARG F 520 3.95 60.32 55.58
N VAL F 521 4.59 61.43 55.24
CA VAL F 521 4.00 62.49 54.38
C VAL F 521 4.47 62.21 52.95
N TRP F 522 3.52 62.13 52.01
CA TRP F 522 3.86 62.17 50.57
C TRP F 522 4.05 63.64 50.21
N ASN F 523 5.16 63.96 49.60
CA ASN F 523 5.44 65.34 49.13
C ASN F 523 6.41 65.26 47.96
N GLY F 524 6.82 66.41 47.44
CA GLY F 524 7.79 66.49 46.35
C GLY F 524 7.38 65.64 45.16
N ASP F 525 8.28 64.79 44.69
CA ASP F 525 7.99 63.96 43.49
C ASP F 525 6.69 63.19 43.69
N GLN F 526 6.38 62.77 44.92
CA GLN F 526 5.21 61.89 45.18
C GLN F 526 3.89 62.66 45.06
N THR F 527 3.89 64.00 45.06
CA THR F 527 2.64 64.77 44.86
C THR F 527 2.73 65.77 43.69
N ASP F 528 3.88 65.94 43.05
CA ASP F 528 4.03 66.90 41.94
C ASP F 528 3.23 66.48 40.71
N TRP F 529 3.08 65.16 40.52
CA TRP F 529 2.53 64.58 39.27
C TRP F 529 1.33 63.73 39.62
N GLY F 530 0.43 64.26 40.44
CA GLY F 530 -0.69 63.46 40.98
C GLY F 530 -0.21 62.47 42.03
N LEU F 531 -1.10 61.59 42.43
CA LEU F 531 -0.81 60.54 43.42
C LEU F 531 -0.76 59.22 42.65
N ASN F 532 0.43 58.67 42.51
CA ASN F 532 0.72 57.52 41.62
C ASN F 532 0.77 56.23 42.43
N PHE F 533 -0.04 55.27 42.01
CA PHE F 533 -0.22 53.96 42.67
C PHE F 533 0.20 52.86 41.68
N THR F 534 0.89 51.86 42.20
CA THR F 534 1.28 50.65 41.45
C THR F 534 0.37 49.51 41.93
N ASP F 535 0.95 48.35 42.19
CA ASP F 535 0.17 47.18 42.65
C ASP F 535 0.24 47.10 44.18
N ARG F 536 1.00 47.97 44.83
CA ARG F 536 1.17 47.87 46.30
C ARG F 536 0.14 48.74 47.02
N PRO F 537 -0.30 48.34 48.23
CA PRO F 537 -1.29 49.10 48.96
C PRO F 537 -0.71 50.35 49.65
N HIS F 538 -1.39 51.47 49.44
CA HIS F 538 -1.10 52.73 50.16
C HIS F 538 -2.45 53.40 50.43
N LEU F 539 -2.75 53.69 51.69
CA LEU F 539 -3.95 54.44 52.08
C LEU F 539 -3.52 55.86 52.43
N LEU F 540 -4.12 56.84 51.75
CA LEU F 540 -3.71 58.25 51.90
C LEU F 540 -4.85 59.08 52.44
N ARG F 541 -4.50 60.05 53.28
N ARG F 541 -4.50 60.06 53.27
CA ARG F 541 -5.40 61.15 53.70
CA ARG F 541 -5.42 61.14 53.69
C ARG F 541 -4.94 62.42 52.99
C ARG F 541 -4.95 62.42 53.00
N VAL F 542 -5.80 62.97 52.15
CA VAL F 542 -5.48 64.12 51.28
C VAL F 542 -6.26 65.34 51.78
N LYS F 543 -5.55 66.39 52.16
N LYS F 543 -5.52 66.39 52.10
CA LYS F 543 -6.17 67.68 52.58
CA LYS F 543 -6.09 67.68 52.55
C LYS F 543 -5.79 68.73 51.54
C LYS F 543 -5.76 68.72 51.48
N MET F 544 -6.79 69.32 50.90
CA MET F 544 -6.64 70.34 49.84
C MET F 544 -6.90 71.72 50.48
N ALA F 545 -6.28 72.77 49.95
CA ALA F 545 -6.54 74.15 50.40
C ALA F 545 -6.62 75.12 49.22
N SER F 546 -7.59 76.04 49.27
CA SER F 546 -7.54 77.30 48.48
C SER F 546 -6.89 78.35 49.38
N TYR F 547 -6.10 79.23 48.80
CA TYR F 547 -5.41 80.29 49.59
C TYR F 547 -5.40 81.59 48.82
N SER F 548 -5.44 82.69 49.57
N SER F 548 -5.49 82.69 49.56
CA SER F 548 -5.42 84.07 49.05
CA SER F 548 -5.44 84.06 49.00
C SER F 548 -4.01 84.45 48.60
C SER F 548 -4.01 84.39 48.55
N VAL F 549 -3.89 85.13 47.45
CA VAL F 549 -2.61 85.74 47.00
C VAL F 549 -2.79 87.27 46.88
N GLN F 550 -3.91 87.83 47.36
CA GLN F 550 -4.11 89.30 47.41
C GLN F 550 -2.93 89.91 48.17
N ALA G 11 37.20 63.88 70.49
CA ALA G 11 36.71 65.03 69.70
C ALA G 11 37.22 64.91 68.25
N ALA G 12 36.51 64.18 67.40
CA ALA G 12 36.82 64.10 65.95
C ALA G 12 36.72 65.49 65.36
N PRO G 13 37.62 65.90 64.44
CA PRO G 13 37.52 67.24 63.85
C PRO G 13 36.28 67.35 62.97
N LEU G 14 35.70 68.54 62.93
CA LEU G 14 34.60 68.91 62.02
C LEU G 14 34.95 68.54 60.59
N PRO G 15 33.97 68.03 59.81
CA PRO G 15 34.11 67.98 58.37
C PRO G 15 34.33 69.41 57.84
N GLU G 16 35.12 69.51 56.76
CA GLU G 16 35.49 70.80 56.16
C GLU G 16 35.72 70.60 54.66
N LEU G 17 35.24 71.54 53.85
CA LEU G 17 35.63 71.56 52.43
C LEU G 17 36.89 72.43 52.29
N LEU G 18 38.01 71.81 51.91
CA LEU G 18 39.27 72.54 51.61
C LEU G 18 39.34 72.83 50.11
N SER G 19 39.87 74.00 49.77
CA SER G 19 40.22 74.40 48.39
C SER G 19 41.64 74.96 48.37
N ASN G 20 42.51 74.42 47.50
CA ASN G 20 43.92 74.84 47.40
C ASN G 20 44.49 74.44 46.02
N ASN G 21 45.23 75.33 45.35
N ASN G 21 45.21 75.38 45.39
CA ASN G 21 45.89 75.04 44.05
CA ASN G 21 45.85 75.24 44.05
C ASN G 21 44.82 74.74 42.99
C ASN G 21 44.81 74.72 43.06
N GLY G 22 43.60 75.30 43.12
CA GLY G 22 42.47 74.99 42.21
C GLY G 22 41.91 73.60 42.42
N LYS G 23 42.28 72.92 43.50
CA LYS G 23 41.82 71.54 43.82
C LYS G 23 41.05 71.57 45.15
N HIS G 24 40.32 70.50 45.44
CA HIS G 24 39.32 70.50 46.53
C HIS G 24 39.36 69.16 47.22
N ALA G 25 39.02 69.15 48.51
CA ALA G 25 38.83 67.93 49.31
C ALA G 25 37.69 68.17 50.28
N LEU G 26 36.84 67.17 50.40
CA LEU G 26 35.91 67.08 51.54
C LEU G 26 36.65 66.33 52.63
N MET G 27 37.05 67.06 53.66
CA MET G 27 37.74 66.48 54.82
C MET G 27 36.68 65.90 55.76
N VAL G 28 36.79 64.61 56.06
CA VAL G 28 35.93 63.90 57.05
C VAL G 28 36.86 63.17 58.01
N ASP G 29 36.74 63.47 59.29
CA ASP G 29 37.57 62.85 60.36
C ASP G 29 39.06 63.09 60.06
N GLY G 30 39.39 64.27 59.51
CA GLY G 30 40.76 64.79 59.40
C GLY G 30 41.49 64.35 58.14
N ALA G 31 40.79 63.76 57.17
CA ALA G 31 41.41 63.30 55.91
C ALA G 31 40.41 63.42 54.76
N PRO G 32 40.88 63.58 53.51
CA PRO G 32 39.97 63.60 52.36
C PRO G 32 39.08 62.36 52.33
N TYR G 33 37.87 62.57 51.82
CA TYR G 33 36.76 61.58 51.82
C TYR G 33 36.04 61.70 50.49
N ILE G 34 35.61 60.56 49.94
CA ILE G 34 34.72 60.53 48.75
C ILE G 34 33.32 60.08 49.20
N ILE G 35 32.30 60.87 48.89
CA ILE G 35 30.90 60.44 49.05
C ILE G 35 30.57 59.44 47.93
N LEU G 36 30.50 58.18 48.28
CA LEU G 36 29.91 57.13 47.41
C LEU G 36 28.47 57.01 47.87
N GLY G 37 27.63 57.85 47.30
CA GLY G 37 26.37 58.17 47.96
C GLY G 37 25.16 57.50 47.39
N SER G 38 24.04 57.70 48.06
N SER G 38 24.04 57.80 48.03
CA SER G 38 22.69 57.36 47.57
CA SER G 38 22.69 57.31 47.71
C SER G 38 21.73 58.36 48.19
C SER G 38 21.72 58.36 48.22
N GLN G 39 20.72 58.76 47.43
CA GLN G 39 19.67 59.66 47.95
C GLN G 39 18.34 58.91 47.95
N THR G 40 17.58 59.08 49.01
CA THR G 40 16.20 58.58 49.10
C THR G 40 15.29 59.26 48.08
N ASN G 41 14.16 58.62 47.82
CA ASN G 41 13.00 59.31 47.23
C ASN G 41 12.55 60.42 48.19
N ASN G 42 11.71 61.29 47.69
CA ASN G 42 11.36 62.56 48.38
C ASN G 42 10.43 62.36 49.58
N SER G 43 9.81 61.21 49.78
CA SER G 43 8.80 61.00 50.85
C SER G 43 9.28 59.89 51.79
N SER G 44 10.59 59.73 51.93
CA SER G 44 11.22 58.68 52.79
C SER G 44 11.76 59.26 54.09
N ASN G 45 11.49 60.54 54.35
CA ASN G 45 12.05 61.30 55.50
C ASN G 45 11.21 61.07 56.75
N TYR G 46 10.81 59.83 57.04
CA TYR G 46 9.99 59.49 58.24
C TYR G 46 10.52 58.20 58.83
N PRO G 47 10.45 58.02 60.16
CA PRO G 47 10.96 56.81 60.79
C PRO G 47 10.47 55.51 60.11
N ASP G 48 9.20 55.45 59.75
CA ASP G 48 8.56 54.21 59.22
C ASP G 48 9.16 53.86 57.86
N ALA G 49 9.69 54.83 57.12
CA ALA G 49 10.15 54.61 55.73
C ALA G 49 11.60 54.10 55.75
N LEU G 50 12.35 54.27 56.84
CA LEU G 50 13.81 53.98 56.83
C LEU G 50 14.06 52.49 56.56
N LYS G 51 13.14 51.62 57.00
N LYS G 51 13.16 51.60 56.98
CA LYS G 51 13.18 50.15 56.76
CA LYS G 51 13.37 50.14 56.74
C LYS G 51 13.35 49.89 55.26
C LYS G 51 13.30 49.84 55.24
N ASP G 52 12.77 50.77 54.44
CA ASP G 52 12.75 50.62 52.96
C ASP G 52 13.94 51.35 52.31
N VAL G 53 14.80 51.99 53.11
CA VAL G 53 16.00 52.71 52.63
C VAL G 53 17.26 51.88 52.88
N TRP G 54 17.46 51.39 54.10
CA TRP G 54 18.74 50.79 54.51
C TRP G 54 19.11 49.60 53.63
N PRO G 55 18.18 48.68 53.23
CA PRO G 55 18.61 47.52 52.45
C PRO G 55 19.29 47.95 51.13
N SER G 56 18.72 48.96 50.48
CA SER G 56 19.29 49.49 49.22
C SER G 56 20.68 50.05 49.47
N MET G 57 20.89 50.77 50.57
CA MET G 57 22.24 51.36 50.85
C MET G 57 23.26 50.22 51.03
N GLU G 58 22.88 49.15 51.70
CA GLU G 58 23.77 47.98 51.94
C GLU G 58 24.08 47.30 50.60
N LYS G 59 23.07 47.08 49.77
CA LYS G 59 23.26 46.41 48.45
C LYS G 59 24.19 47.27 47.57
N MET G 60 24.07 48.59 47.68
CA MET G 60 24.82 49.52 46.81
C MET G 60 26.27 49.63 47.28
N GLY G 61 26.53 49.40 48.58
CA GLY G 61 27.84 49.65 49.18
C GLY G 61 28.09 51.15 49.35
N ALA G 62 27.04 51.94 49.46
CA ALA G 62 27.19 53.41 49.61
C ALA G 62 27.77 53.69 51.01
N ASN G 63 28.55 54.75 51.12
CA ASN G 63 29.13 55.16 52.43
C ASN G 63 28.36 56.35 53.03
N THR G 64 27.48 56.97 52.27
CA THR G 64 26.80 58.24 52.68
C THR G 64 25.37 58.24 52.12
N LEU G 65 24.39 58.51 52.97
CA LEU G 65 22.97 58.66 52.59
C LEU G 65 22.60 60.15 52.60
N SER G 66 22.05 60.61 51.49
CA SER G 66 21.40 61.94 51.39
C SER G 66 19.91 61.73 51.61
N ILE G 67 19.31 62.50 52.51
CA ILE G 67 17.90 62.31 52.90
C ILE G 67 17.35 63.66 53.33
N PRO G 68 16.08 63.96 53.01
CA PRO G 68 15.49 65.22 53.43
C PRO G 68 15.30 65.33 54.94
N VAL G 69 15.41 66.57 55.42
CA VAL G 69 14.79 67.01 56.68
C VAL G 69 13.94 68.22 56.32
N ALA G 70 12.62 68.11 56.50
CA ALA G 70 11.65 69.08 55.99
C ALA G 70 11.33 70.10 57.07
N TRP G 71 11.25 71.36 56.67
CA TRP G 71 10.75 72.40 57.59
C TRP G 71 9.38 72.01 58.17
N GLU G 72 8.46 71.50 57.33
CA GLU G 72 7.11 71.14 57.78
C GLU G 72 7.19 70.11 58.91
N GLN G 73 8.21 69.22 58.93
CA GLN G 73 8.27 68.14 59.94
C GLN G 73 8.94 68.64 61.21
N ILE G 74 9.91 69.56 61.14
CA ILE G 74 10.63 69.98 62.37
C ILE G 74 9.90 71.15 63.03
N GLU G 75 9.08 71.87 62.28
CA GLU G 75 8.33 73.00 62.91
C GLU G 75 6.88 72.98 62.43
N PRO G 76 6.06 71.95 62.73
CA PRO G 76 4.72 71.84 62.15
C PRO G 76 3.78 72.95 62.63
N VAL G 77 4.03 73.46 63.83
CA VAL G 77 3.34 74.64 64.44
C VAL G 77 4.45 75.61 64.82
N GLU G 78 4.27 76.90 64.57
CA GLU G 78 5.37 77.88 64.76
C GLU G 78 5.87 77.80 66.22
N GLY G 79 7.18 77.65 66.38
CA GLY G 79 7.86 77.63 67.69
C GLY G 79 7.81 76.28 68.38
N GLN G 80 7.16 75.27 67.79
CA GLN G 80 7.00 73.91 68.39
C GLN G 80 7.84 72.95 67.57
N PHE G 81 9.09 72.76 67.96
CA PHE G 81 10.07 71.97 67.18
C PHE G 81 9.94 70.50 67.52
N ASP G 82 10.19 69.67 66.50
CA ASP G 82 10.04 68.19 66.56
C ASP G 82 11.22 67.59 65.80
N PHE G 83 12.20 67.04 66.53
CA PHE G 83 13.41 66.42 65.96
C PHE G 83 13.32 64.89 66.07
N SER G 84 12.13 64.35 66.27
CA SER G 84 11.93 62.88 66.44
C SER G 84 12.49 62.13 65.22
N PHE G 85 12.33 62.66 64.01
CA PHE G 85 12.85 61.97 62.81
C PHE G 85 14.38 61.99 62.83
N VAL G 86 14.97 63.14 63.10
CA VAL G 86 16.46 63.29 63.08
C VAL G 86 17.08 62.36 64.12
N ASP G 87 16.42 62.21 65.26
CA ASP G 87 16.89 61.33 66.36
C ASP G 87 17.05 59.91 65.82
N VAL G 88 15.97 59.36 65.24
CA VAL G 88 15.92 57.97 64.73
C VAL G 88 16.94 57.85 63.59
N LEU G 89 16.97 58.83 62.69
CA LEU G 89 17.88 58.77 61.51
C LEU G 89 19.33 58.71 61.99
N LEU G 90 19.74 59.57 62.91
CA LEU G 90 21.15 59.58 63.38
C LEU G 90 21.49 58.20 63.96
N LYS G 91 20.59 57.64 64.77
CA LYS G 91 20.85 56.38 65.52
C LYS G 91 20.96 55.24 64.51
N GLU G 92 20.07 55.22 63.52
CA GLU G 92 20.04 54.10 62.54
C GLU G 92 21.24 54.22 61.59
N ALA G 93 21.60 55.43 61.18
CA ALA G 93 22.78 55.64 60.32
C ALA G 93 24.04 55.12 61.05
N ARG G 94 24.20 55.46 62.32
CA ARG G 94 25.37 55.01 63.11
C ARG G 94 25.37 53.48 63.19
N GLN G 95 24.22 52.86 63.44
CA GLN G 95 24.08 51.37 63.54
C GLN G 95 24.61 50.73 62.25
N ARG G 96 24.37 51.38 61.11
CA ARG G 96 24.73 50.82 59.78
C ARG G 96 26.06 51.36 59.27
N LYS G 97 26.76 52.14 60.09
CA LYS G 97 28.13 52.64 59.85
C LYS G 97 28.14 53.43 58.55
N VAL G 98 27.14 54.29 58.36
CA VAL G 98 27.14 55.23 57.21
C VAL G 98 27.03 56.65 57.71
N ARG G 99 27.46 57.56 56.85
CA ARG G 99 27.39 59.02 57.12
C ARG G 99 26.16 59.60 56.41
N LEU G 100 25.85 60.85 56.74
CA LEU G 100 24.62 61.51 56.29
C LEU G 100 24.93 62.87 55.68
N VAL G 101 24.17 63.17 54.64
CA VAL G 101 23.98 64.53 54.11
C VAL G 101 22.51 64.84 54.31
N LEU G 102 22.20 65.85 55.11
CA LEU G 102 20.79 66.23 55.33
C LEU G 102 20.42 67.26 54.29
N LEU G 103 19.24 67.15 53.74
CA LEU G 103 18.77 68.10 52.69
C LEU G 103 17.66 68.94 53.32
N TRP G 104 17.96 70.21 53.59
CA TRP G 104 16.99 71.13 54.23
C TRP G 104 15.94 71.57 53.20
N PHE G 105 14.76 70.93 53.22
CA PHE G 105 13.63 71.25 52.32
C PHE G 105 12.79 72.33 53.00
N ALA G 106 12.87 73.56 52.52
CA ALA G 106 12.37 74.71 53.30
C ALA G 106 11.69 75.74 52.39
N THR G 107 12.25 76.94 52.23
CA THR G 107 11.68 77.99 51.37
C THR G 107 11.51 77.49 49.94
N TRP G 108 12.53 76.81 49.39
CA TRP G 108 12.43 76.19 48.04
C TRP G 108 12.69 74.69 48.14
N LYS G 109 11.81 73.95 47.50
CA LYS G 109 12.07 72.56 47.08
C LYS G 109 11.52 72.47 45.65
N ASN G 110 12.42 72.40 44.67
CA ASN G 110 12.05 72.41 43.24
C ASN G 110 11.20 73.65 42.97
N ASN G 111 11.68 74.80 43.46
CA ASN G 111 11.14 76.15 43.16
C ASN G 111 9.97 76.48 44.10
N ALA G 112 9.44 75.52 44.86
CA ALA G 112 8.11 75.65 45.51
C ALA G 112 8.22 75.48 47.02
N PRO G 113 7.23 76.00 47.76
CA PRO G 113 7.23 75.87 49.21
C PRO G 113 6.43 74.70 49.79
N HIS G 114 6.32 73.59 49.06
CA HIS G 114 5.46 72.47 49.50
C HIS G 114 5.95 71.84 50.81
N TYR G 115 7.24 71.92 51.10
CA TYR G 115 7.81 71.33 52.34
C TYR G 115 7.93 72.37 53.44
N ALA G 116 7.52 73.61 53.20
CA ALA G 116 7.40 74.60 54.29
C ALA G 116 6.15 74.22 55.09
N PRO G 117 6.07 74.54 56.40
CA PRO G 117 4.89 74.24 57.21
C PRO G 117 3.64 74.90 56.64
N ALA G 118 2.46 74.38 57.00
CA ALA G 118 1.15 74.92 56.57
C ALA G 118 1.07 76.40 56.95
N TRP G 119 1.56 76.77 58.13
CA TRP G 119 1.47 78.18 58.62
C TRP G 119 2.41 79.09 57.82
N VAL G 120 3.32 78.52 57.02
CA VAL G 120 4.15 79.31 56.06
C VAL G 120 3.47 79.29 54.69
N LYS G 121 3.31 78.11 54.11
CA LYS G 121 2.92 78.03 52.67
C LYS G 121 1.47 78.48 52.43
N LEU G 122 0.62 78.56 53.46
CA LEU G 122 -0.78 79.02 53.24
C LEU G 122 -0.94 80.48 53.66
N ASP G 123 0.15 81.17 54.03
CA ASP G 123 0.05 82.59 54.47
C ASP G 123 0.86 83.47 53.51
N ASN G 124 0.27 83.81 52.37
CA ASN G 124 0.97 84.61 51.32
C ASN G 124 1.24 86.04 51.79
N ALA G 125 0.35 86.64 52.57
CA ALA G 125 0.55 88.03 53.05
C ALA G 125 1.84 88.11 53.88
N ARG G 126 2.08 87.13 54.75
CA ARG G 126 3.29 87.11 55.62
C ARG G 126 4.51 86.66 54.82
N PHE G 127 4.31 85.65 53.96
CA PHE G 127 5.38 84.94 53.26
C PHE G 127 5.09 84.96 51.76
N PRO G 128 5.47 86.04 51.06
CA PRO G 128 4.94 86.28 49.72
C PRO G 128 5.61 85.51 48.58
N ARG G 129 4.76 85.20 47.61
CA ARG G 129 5.12 84.54 46.35
C ARG G 129 5.60 85.56 45.32
N VAL G 130 6.43 85.04 44.43
CA VAL G 130 6.80 85.66 43.15
C VAL G 130 5.53 86.10 42.43
N VAL G 131 5.51 87.34 41.97
CA VAL G 131 4.42 87.89 41.11
C VAL G 131 5.00 88.06 39.70
N LYS G 132 4.29 87.54 38.70
CA LYS G 132 4.72 87.66 37.28
C LYS G 132 4.57 89.12 36.83
N GLU G 133 5.27 89.48 35.75
CA GLU G 133 5.14 90.84 35.14
C GLU G 133 3.64 91.11 34.85
N ASP G 134 2.82 90.09 34.55
CA ASP G 134 1.38 90.27 34.20
C ASP G 134 0.48 90.33 35.45
N GLY G 135 1.05 90.23 36.65
CA GLY G 135 0.34 90.39 37.93
C GLY G 135 -0.22 89.08 38.50
N ASP G 136 -0.19 87.98 37.73
CA ASP G 136 -0.54 86.64 38.26
C ASP G 136 0.56 86.19 39.23
N THR G 137 0.23 85.30 40.16
CA THR G 137 1.13 84.81 41.24
C THR G 137 1.58 83.39 40.90
N LEU G 138 2.86 83.09 41.14
CA LEU G 138 3.43 81.72 41.02
C LEU G 138 3.63 81.12 42.41
N ASN G 139 3.53 79.81 42.52
CA ASN G 139 3.74 79.09 43.81
C ASN G 139 5.25 78.90 44.01
N SER G 140 5.94 80.00 44.23
CA SER G 140 7.41 80.10 44.38
C SER G 140 7.65 81.29 45.30
N LEU G 141 8.21 81.05 46.49
CA LEU G 141 8.33 82.15 47.48
C LEU G 141 9.39 83.16 47.02
N SER G 142 9.05 84.44 47.14
CA SER G 142 9.99 85.53 46.75
C SER G 142 11.20 85.53 47.69
N PRO G 143 12.44 85.65 47.14
CA PRO G 143 13.65 85.76 47.95
C PRO G 143 13.73 87.12 48.65
N LEU G 144 12.81 88.03 48.36
CA LEU G 144 12.80 89.35 49.03
C LEU G 144 11.76 89.40 50.14
N GLY G 145 11.08 88.29 50.42
CA GLY G 145 10.22 88.16 51.61
C GLY G 145 11.04 88.12 52.89
N GLN G 146 11.12 89.22 53.62
CA GLN G 146 11.99 89.28 54.82
C GLN G 146 11.46 88.37 55.92
N ASN G 147 10.15 88.24 56.07
CA ASN G 147 9.58 87.34 57.11
C ASN G 147 9.97 85.90 56.77
N THR G 148 9.91 85.54 55.49
CA THR G 148 10.24 84.16 55.04
C THR G 148 11.68 83.84 55.43
N LEU G 149 12.62 84.75 55.12
CA LEU G 149 14.06 84.55 55.42
C LEU G 149 14.24 84.37 56.93
N ALA G 150 13.62 85.24 57.74
CA ALA G 150 13.76 85.17 59.21
C ALA G 150 13.24 83.81 59.72
N ALA G 151 12.11 83.34 59.19
CA ALA G 151 11.42 82.11 59.65
C ALA G 151 12.25 80.88 59.24
N ASP G 152 12.78 80.89 58.01
CA ASP G 152 13.60 79.76 57.47
C ASP G 152 14.87 79.69 58.34
N LYS G 153 15.57 80.80 58.48
CA LYS G 153 16.80 80.93 59.31
C LYS G 153 16.53 80.40 60.72
N LYS G 154 15.44 80.83 61.35
CA LYS G 154 15.13 80.42 62.74
C LYS G 154 15.06 78.89 62.81
N ALA G 155 14.34 78.25 61.89
CA ALA G 155 14.12 76.80 61.94
C ALA G 155 15.44 76.08 61.63
N PHE G 156 16.18 76.57 60.65
CA PHE G 156 17.48 75.99 60.25
C PHE G 156 18.44 76.02 61.44
N VAL G 157 18.43 77.13 62.17
CA VAL G 157 19.29 77.29 63.38
C VAL G 157 18.87 76.23 64.41
N GLU G 158 17.57 75.94 64.57
CA GLU G 158 17.14 74.91 65.55
C GLU G 158 17.64 73.53 65.06
N LEU G 159 17.59 73.26 63.77
CA LEU G 159 18.13 71.98 63.26
C LEU G 159 19.63 71.89 63.58
N MET G 160 20.39 72.96 63.35
CA MET G 160 21.85 72.92 63.55
C MET G 160 22.15 72.83 65.04
N LYS G 161 21.33 73.47 65.88
CA LYS G 161 21.46 73.32 67.35
C LYS G 161 21.29 71.85 67.73
N TYR G 162 20.33 71.14 67.14
CA TYR G 162 20.08 69.72 67.42
C TYR G 162 21.35 68.93 67.07
N LEU G 163 21.94 69.19 65.90
CA LEU G 163 23.19 68.50 65.49
C LEU G 163 24.34 68.89 66.42
N ALA G 164 24.41 70.15 66.86
CA ALA G 164 25.50 70.57 67.75
C ALA G 164 25.46 69.73 69.03
N LYS G 165 24.26 69.47 69.57
CA LYS G 165 24.14 68.81 70.90
C LYS G 165 24.01 67.29 70.75
N ARG G 166 23.63 66.75 69.58
CA ARG G 166 23.30 65.30 69.46
C ARG G 166 24.19 64.60 68.42
N ASP G 167 25.12 65.28 67.76
CA ASP G 167 25.93 64.65 66.69
C ASP G 167 27.40 65.03 66.85
N LYS G 168 27.99 64.75 68.02
CA LYS G 168 29.37 65.15 68.38
C LYS G 168 30.41 64.50 67.46
N ASP G 169 30.11 63.32 66.91
CA ASP G 169 31.06 62.55 66.05
C ASP G 169 30.75 62.84 64.56
N HIS G 170 29.84 63.75 64.27
CA HIS G 170 29.58 64.26 62.90
C HIS G 170 29.15 63.14 61.96
N THR G 171 28.17 62.34 62.40
CA THR G 171 27.45 61.42 61.51
C THR G 171 27.04 62.21 60.28
N VAL G 172 26.45 63.39 60.50
CA VAL G 172 26.10 64.33 59.40
C VAL G 172 27.37 65.09 59.02
N ILE G 173 27.82 64.95 57.76
CA ILE G 173 29.10 65.53 57.27
C ILE G 173 28.87 66.78 56.42
N MET G 174 27.64 67.01 55.97
CA MET G 174 27.31 68.14 55.09
C MET G 174 25.81 68.35 55.09
N VAL G 175 25.38 69.59 54.83
CA VAL G 175 23.95 69.93 54.78
C VAL G 175 23.71 70.67 53.47
N GLN G 176 22.69 70.26 52.75
CA GLN G 176 22.21 70.98 51.55
C GLN G 176 21.20 72.03 52.02
N VAL G 177 21.43 73.29 51.68
CA VAL G 177 20.49 74.39 52.05
C VAL G 177 19.50 74.62 50.90
N GLN G 178 18.23 74.29 51.14
CA GLN G 178 17.12 74.30 50.17
C GLN G 178 17.31 73.13 49.20
N ASN G 179 16.45 73.03 48.20
CA ASN G 179 16.58 72.00 47.14
C ASN G 179 16.12 72.61 45.82
N GLU G 180 17.02 72.68 44.84
CA GLU G 180 16.70 73.19 43.48
C GLU G 180 15.89 74.48 43.62
N VAL G 181 16.54 75.50 44.15
CA VAL G 181 15.94 76.85 44.27
C VAL G 181 15.65 77.41 42.88
N GLY G 182 14.85 78.46 42.86
CA GLY G 182 14.53 79.17 41.61
C GLY G 182 13.04 79.31 41.42
N THR G 183 12.67 79.71 40.21
CA THR G 183 11.26 79.88 39.82
C THR G 183 11.07 79.34 38.40
N TYR G 184 10.08 78.48 38.26
CA TYR G 184 9.49 78.12 36.95
C TYR G 184 8.36 79.09 36.61
N GLY G 185 8.33 79.57 35.37
CA GLY G 185 7.18 80.31 34.80
C GLY G 185 7.36 81.82 34.89
N ALA G 186 8.47 82.29 35.46
CA ALA G 186 8.88 83.71 35.45
C ALA G 186 10.38 83.80 35.69
N VAL G 187 11.02 84.91 35.31
CA VAL G 187 12.50 85.07 35.44
C VAL G 187 12.82 85.56 36.85
N ARG G 188 11.93 86.38 37.44
CA ARG G 188 12.14 86.96 38.78
C ARG G 188 10.80 87.37 39.39
N ASP G 189 10.85 87.91 40.60
CA ASP G 189 9.68 88.52 41.26
C ASP G 189 9.51 89.91 40.66
N TYR G 190 8.32 90.22 40.15
CA TYR G 190 7.98 91.57 39.64
C TYR G 190 7.00 92.29 40.57
N SER G 191 6.85 91.80 41.80
CA SER G 191 6.03 92.47 42.85
C SER G 191 6.55 93.89 43.06
N PRO G 192 5.71 94.84 43.52
CA PRO G 192 6.20 96.18 43.85
C PRO G 192 7.42 96.14 44.77
N MET G 193 7.40 95.26 45.79
CA MET G 193 8.52 95.08 46.73
C MET G 193 9.80 94.76 45.94
N ALA G 194 9.75 93.79 45.01
CA ALA G 194 10.95 93.35 44.27
C ALA G 194 11.38 94.44 43.28
N GLN G 195 10.42 95.08 42.63
CA GLN G 195 10.70 96.08 41.58
C GLN G 195 11.46 97.25 42.20
N ALA G 196 11.15 97.61 43.44
CA ALA G 196 11.79 98.73 44.16
C ALA G 196 13.27 98.42 44.36
N VAL G 197 13.60 97.15 44.60
CA VAL G 197 15.02 96.70 44.77
C VAL G 197 15.67 96.63 43.38
N PHE G 198 14.96 96.09 42.39
CA PHE G 198 15.44 96.03 40.99
C PHE G 198 15.80 97.43 40.48
N ASN G 199 14.98 98.43 40.82
CA ASN G 199 15.11 99.83 40.34
C ASN G 199 16.27 100.54 41.07
N ALA G 200 16.70 100.01 42.22
CA ALA G 200 17.79 100.56 43.05
C ALA G 200 19.16 100.15 42.50
N ALA G 201 20.21 100.77 43.03
CA ALA G 201 21.62 100.46 42.73
C ALA G 201 21.89 98.97 42.96
N VAL G 202 22.66 98.35 42.07
CA VAL G 202 23.31 97.03 42.36
C VAL G 202 24.18 97.25 43.58
N PRO G 203 24.06 96.41 44.63
CA PRO G 203 24.94 96.47 45.80
C PRO G 203 26.43 96.58 45.43
N ASP G 204 27.18 97.36 46.22
CA ASP G 204 28.61 97.71 45.95
C ASP G 204 29.47 96.44 45.90
N ASP G 205 29.25 95.50 46.83
CA ASP G 205 30.07 94.27 46.98
C ASP G 205 30.07 93.49 45.65
N LEU G 206 28.92 93.39 44.99
CA LEU G 206 28.79 92.63 43.71
C LEU G 206 29.51 93.37 42.59
N ILE G 207 29.31 94.69 42.51
CA ILE G 207 29.95 95.57 41.47
C ILE G 207 31.46 95.41 41.56
N GLN G 208 32.01 95.45 42.79
CA GLN G 208 33.47 95.37 43.08
C GLN G 208 33.98 93.97 42.71
N LYS G 209 33.28 92.91 43.13
CA LYS G 209 33.75 91.51 42.96
C LYS G 209 33.81 91.18 41.45
N LEU G 210 32.93 91.77 40.63
CA LEU G 210 32.82 91.49 39.17
C LEU G 210 33.55 92.55 38.32
N GLN G 211 34.22 93.54 38.92
CA GLN G 211 34.97 94.60 38.18
C GLN G 211 34.02 95.36 37.23
N LEU G 212 32.82 95.73 37.69
CA LEU G 212 31.77 96.39 36.85
C LEU G 212 31.64 97.88 37.18
N LYS G 213 30.97 98.62 36.30
CA LYS G 213 30.61 100.05 36.50
C LYS G 213 29.37 100.08 37.38
N PRO G 214 29.37 100.85 38.49
CA PRO G 214 28.17 101.02 39.32
C PRO G 214 26.96 101.46 38.49
N GLY G 215 25.76 101.06 38.93
CA GLY G 215 24.49 101.39 38.28
C GLY G 215 23.33 100.63 38.90
N THR G 216 22.12 100.80 38.37
CA THR G 216 20.94 99.99 38.73
C THR G 216 21.02 98.66 37.97
N TRP G 217 20.19 97.70 38.35
CA TRP G 217 20.24 96.33 37.76
C TRP G 217 20.17 96.42 36.23
N SER G 218 19.23 97.21 35.70
CA SER G 218 19.02 97.34 34.23
C SER G 218 20.27 97.97 33.60
N GLN G 219 20.86 99.00 34.22
CA GLN G 219 22.06 99.70 33.69
C GLN G 219 23.25 98.72 33.61
N VAL G 220 23.49 97.94 34.68
CA VAL G 220 24.74 97.12 34.82
C VAL G 220 24.65 95.89 33.94
N PHE G 221 23.50 95.23 33.89
CA PHE G 221 23.38 93.85 33.36
C PHE G 221 22.55 93.77 32.07
N GLY G 222 21.85 94.84 31.67
CA GLY G 222 21.07 94.88 30.42
C GLY G 222 20.17 93.65 30.25
N ARG G 223 20.42 92.86 29.20
CA ARG G 223 19.51 91.75 28.82
C ARG G 223 19.48 90.68 29.91
N ASP G 224 20.47 90.67 30.81
CA ASP G 224 20.58 89.63 31.87
C ASP G 224 20.06 90.16 33.21
N ALA G 225 19.58 91.41 33.28
CA ALA G 225 19.21 92.04 34.58
C ALA G 225 18.18 91.20 35.33
N ASP G 226 17.09 90.79 34.68
CA ASP G 226 16.00 90.06 35.37
C ASP G 226 16.56 88.77 36.00
N GLU G 227 17.30 87.99 35.23
CA GLU G 227 17.75 86.66 35.70
C GLU G 227 18.85 86.82 36.74
N PHE G 228 19.82 87.71 36.50
CA PHE G 228 20.95 87.93 37.45
C PHE G 228 20.39 88.46 38.77
N PHE G 229 19.36 89.30 38.71
CA PHE G 229 18.67 89.85 39.90
C PHE G 229 18.11 88.70 40.74
N HIS G 230 17.36 87.79 40.12
CA HIS G 230 16.74 86.66 40.85
C HIS G 230 17.83 85.77 41.45
N ALA G 231 18.85 85.43 40.65
CA ALA G 231 20.00 84.62 41.10
C ALA G 231 20.64 85.29 42.31
N TYR G 232 20.90 86.61 42.20
CA TYR G 232 21.57 87.33 43.30
C TYR G 232 20.68 87.28 44.56
N GLN G 233 19.38 87.61 44.45
CA GLN G 233 18.51 87.66 45.65
C GLN G 233 18.42 86.26 46.26
N ILE G 234 18.25 85.21 45.46
CA ILE G 234 18.16 83.83 46.04
C ILE G 234 19.52 83.47 46.67
N ALA G 235 20.63 83.76 46.01
CA ALA G 235 21.97 83.46 46.56
C ALA G 235 22.11 84.16 47.91
N ARG G 236 21.72 85.44 48.01
CA ARG G 236 21.86 86.18 49.29
C ARG G 236 21.03 85.47 50.38
N TYR G 237 19.80 85.07 50.04
CA TYR G 237 18.87 84.39 50.97
C TYR G 237 19.55 83.12 51.49
N CYS G 238 20.04 82.31 50.57
CA CYS G 238 20.67 81.01 50.89
C CYS G 238 21.95 81.23 51.68
N ASP G 239 22.70 82.30 51.36
CA ASP G 239 23.96 82.62 52.07
C ASP G 239 23.62 82.99 53.51
N GLU G 240 22.56 83.77 53.74
CA GLU G 240 22.19 84.21 55.11
C GLU G 240 21.71 83.01 55.94
N VAL G 241 20.94 82.09 55.35
CA VAL G 241 20.50 80.86 56.07
C VAL G 241 21.75 80.06 56.44
N THR G 242 22.65 79.88 55.48
CA THR G 242 23.93 79.16 55.64
C THR G 242 24.74 79.74 56.81
N VAL G 243 24.93 81.06 56.82
CA VAL G 243 25.76 81.74 57.86
C VAL G 243 25.14 81.49 59.22
N ALA G 244 23.81 81.62 59.34
CA ALA G 244 23.09 81.46 60.62
C ALA G 244 23.31 80.05 61.16
N GLY G 245 23.28 79.06 60.27
CA GLY G 245 23.41 77.66 60.69
C GLY G 245 24.84 77.30 61.02
N LYS G 246 25.80 77.78 60.22
CA LYS G 246 27.26 77.57 60.45
C LYS G 246 27.71 78.21 61.77
N ALA G 247 27.07 79.31 62.19
CA ALA G 247 27.39 79.96 63.47
C ALA G 247 27.11 78.98 64.63
N ILE G 248 26.19 78.03 64.44
CA ILE G 248 25.81 77.02 65.47
C ILE G 248 26.77 75.83 65.35
N LYS G 249 26.87 75.28 64.14
CA LYS G 249 27.87 74.22 63.83
C LYS G 249 28.39 74.41 62.40
N ASN G 250 29.70 74.54 62.25
CA ASN G 250 30.34 74.96 60.98
C ASN G 250 30.56 73.74 60.08
N LEU G 251 29.48 73.05 59.71
CA LEU G 251 29.53 71.96 58.69
C LEU G 251 29.61 72.57 57.30
N PRO G 252 30.22 71.84 56.33
CA PRO G 252 30.15 72.17 54.90
C PRO G 252 28.66 72.28 54.53
N MET G 253 28.32 73.27 53.73
CA MET G 253 26.92 73.44 53.26
C MET G 253 26.96 73.77 51.78
N TYR G 254 25.98 73.29 51.02
CA TYR G 254 26.00 73.48 49.57
C TYR G 254 24.58 73.69 49.05
N VAL G 255 24.48 74.12 47.79
CA VAL G 255 23.17 74.18 47.08
C VAL G 255 23.24 73.27 45.85
N ASN G 256 22.09 72.72 45.47
CA ASN G 256 21.99 71.81 44.31
C ASN G 256 21.14 72.43 43.21
N VAL G 257 21.53 72.21 41.96
CA VAL G 257 21.01 72.99 40.80
C VAL G 257 20.08 72.13 39.94
N ALA G 258 18.88 72.62 39.73
CA ALA G 258 18.01 72.17 38.64
C ALA G 258 18.65 72.68 37.35
N LEU G 259 19.51 71.86 36.74
CA LEU G 259 20.34 72.26 35.59
C LEU G 259 19.46 72.71 34.44
N ARG G 260 19.92 73.75 33.74
CA ARG G 260 19.47 74.04 32.36
C ARG G 260 20.36 73.19 31.43
N ASN G 261 19.84 72.87 30.26
CA ASN G 261 20.63 72.17 29.22
C ASN G 261 21.77 73.10 28.84
N PRO G 262 23.04 72.66 28.94
CA PRO G 262 24.17 73.56 28.72
C PRO G 262 24.37 73.96 27.25
N PHE G 263 23.79 73.19 26.32
CA PHE G 263 23.93 73.45 24.87
C PHE G 263 22.74 74.22 24.31
N ASN G 264 21.54 74.03 24.85
CA ASN G 264 20.28 74.60 24.31
C ASN G 264 19.34 74.82 25.51
N PRO G 265 19.67 75.79 26.40
CA PRO G 265 19.00 75.91 27.69
C PRO G 265 17.53 76.36 27.62
N GLY G 266 17.16 77.05 26.55
CA GLY G 266 15.91 77.81 26.52
C GLY G 266 15.98 79.02 27.43
N LEU G 267 14.80 79.53 27.84
CA LEU G 267 14.69 80.78 28.60
C LEU G 267 14.62 80.51 30.09
N PRO G 268 15.19 81.43 30.90
CA PRO G 268 14.98 81.37 32.35
C PRO G 268 13.47 81.44 32.60
N GLY G 269 12.97 80.57 33.47
CA GLY G 269 11.52 80.34 33.71
C GLY G 269 11.01 79.11 32.99
N GLN G 270 11.61 78.75 31.85
CA GLN G 270 11.40 77.41 31.24
C GLN G 270 12.27 76.45 32.05
N TYR G 271 13.54 76.81 32.22
CA TYR G 271 14.38 76.24 33.29
C TYR G 271 14.16 77.04 34.57
N SER G 272 14.66 76.52 35.68
CA SER G 272 14.44 77.09 37.03
C SER G 272 15.30 78.35 37.15
N SER G 273 14.68 79.51 36.93
CA SER G 273 15.38 80.82 36.94
C SER G 273 15.91 81.10 38.35
N GLY G 274 17.18 81.48 38.43
CA GLY G 274 17.77 82.02 39.67
C GLY G 274 18.56 80.97 40.43
N GLY G 275 18.42 79.70 40.10
CA GLY G 275 19.33 78.69 40.68
C GLY G 275 20.71 78.83 40.06
N GLY G 276 21.64 78.01 40.52
CA GLY G 276 23.05 78.09 40.12
C GLY G 276 23.30 77.48 38.76
N THR G 277 22.54 77.91 37.75
CA THR G 277 22.74 77.51 36.33
C THR G 277 24.10 78.05 35.86
N ASP G 278 24.64 77.45 34.81
CA ASP G 278 26.05 77.71 34.39
C ASP G 278 26.25 79.20 34.08
N ASN G 279 25.20 79.91 33.66
CA ASN G 279 25.33 81.33 33.23
C ASN G 279 25.33 82.28 34.43
N VAL G 280 25.00 81.80 35.65
CA VAL G 280 24.94 82.68 36.85
C VAL G 280 25.86 82.16 37.95
N LEU G 281 26.80 81.27 37.65
CA LEU G 281 27.75 80.78 38.69
C LEU G 281 28.57 81.96 39.23
N HIS G 282 28.98 82.89 38.35
CA HIS G 282 29.75 84.11 38.79
C HIS G 282 28.90 84.92 39.77
N ILE G 283 27.60 85.05 39.53
CA ILE G 283 26.69 85.81 40.44
C ILE G 283 26.62 85.08 41.78
N TRP G 284 26.39 83.77 41.75
CA TRP G 284 26.26 82.94 42.98
C TRP G 284 27.57 82.99 43.78
N LYS G 285 28.72 82.93 43.11
CA LYS G 285 30.01 82.89 43.84
C LYS G 285 30.29 84.25 44.49
N ALA G 286 29.96 85.36 43.81
CA ALA G 286 30.16 86.73 44.36
C ALA G 286 29.18 86.97 45.51
N ALA G 287 27.94 86.49 45.37
CA ALA G 287 26.80 86.80 46.27
C ALA G 287 26.86 85.95 47.54
N ALA G 288 27.32 84.70 47.46
CA ALA G 288 27.17 83.71 48.55
C ALA G 288 28.54 83.12 48.92
N PRO G 289 29.45 83.90 49.52
CA PRO G 289 30.79 83.40 49.83
C PRO G 289 30.82 82.34 50.94
N ASN G 290 29.73 82.14 51.67
CA ASN G 290 29.68 81.18 52.80
C ASN G 290 29.12 79.84 52.34
N ILE G 291 28.56 79.75 51.14
CA ILE G 291 28.09 78.45 50.57
C ILE G 291 29.33 77.76 49.99
N ASP G 292 29.62 76.54 50.44
CA ASP G 292 30.89 75.85 50.10
C ASP G 292 30.98 75.48 48.61
N LEU G 293 29.91 74.97 48.02
CA LEU G 293 29.93 74.60 46.58
C LEU G 293 28.52 74.64 46.00
N ILE G 294 28.47 74.62 44.68
CA ILE G 294 27.24 74.58 43.86
C ILE G 294 27.27 73.25 43.11
N ALA G 295 26.30 72.38 43.39
CA ALA G 295 26.33 70.96 42.95
C ALA G 295 25.32 70.74 41.84
N PRO G 296 25.73 70.11 40.72
CA PRO G 296 24.76 69.74 39.68
C PRO G 296 23.92 68.50 40.00
N ASP G 297 22.65 68.58 39.63
CA ASP G 297 21.67 67.46 39.69
C ASP G 297 21.51 66.95 38.27
N ILE G 298 22.16 65.82 37.94
CA ILE G 298 22.32 65.38 36.53
C ILE G 298 21.27 64.32 36.14
N TYR G 299 20.39 64.65 35.20
CA TYR G 299 19.42 63.67 34.65
C TYR G 299 19.55 63.59 33.12
N PHE G 300 20.52 64.27 32.52
CA PHE G 300 20.88 64.05 31.10
C PHE G 300 21.60 62.67 31.03
N ARG G 301 21.20 61.83 30.09
N ARG G 301 21.18 61.80 30.12
CA ARG G 301 21.73 60.44 29.99
CA ARG G 301 21.77 60.43 30.01
C ARG G 301 22.97 60.43 29.07
C ARG G 301 23.00 60.46 29.10
N ASP G 302 23.03 61.39 28.13
CA ASP G 302 23.97 61.28 26.98
C ASP G 302 25.33 61.83 27.41
N TYR G 303 26.36 61.11 27.02
CA TYR G 303 27.75 61.37 27.40
C TYR G 303 28.13 62.83 27.09
N LYS G 304 27.81 63.35 25.93
CA LYS G 304 28.30 64.71 25.57
C LYS G 304 27.74 65.74 26.56
N THR G 305 26.47 65.65 26.91
CA THR G 305 25.81 66.65 27.77
C THR G 305 26.30 66.48 29.20
N VAL G 306 26.35 65.25 29.70
CA VAL G 306 26.86 64.99 31.07
C VAL G 306 28.30 65.50 31.16
N SER G 307 29.16 65.19 30.18
CA SER G 307 30.58 65.63 30.18
C SER G 307 30.64 67.17 30.24
N LYS G 308 29.77 67.86 29.51
CA LYS G 308 29.72 69.34 29.50
C LYS G 308 29.35 69.85 30.90
N VAL G 309 28.36 69.24 31.54
CA VAL G 309 27.96 69.63 32.93
C VAL G 309 29.18 69.46 33.86
N LEU G 310 29.86 68.33 33.81
CA LEU G 310 31.00 68.07 34.72
C LEU G 310 32.07 69.14 34.48
N GLU G 311 32.26 69.54 33.22
CA GLU G 311 33.27 70.56 32.85
C GLU G 311 32.84 71.89 33.48
N LEU G 312 31.59 72.27 33.31
CA LEU G 312 31.09 73.61 33.73
C LEU G 312 31.07 73.73 35.26
N TYR G 313 30.85 72.65 36.00
CA TYR G 313 30.71 72.73 37.49
C TYR G 313 32.02 72.42 38.22
N THR G 314 33.06 71.97 37.52
CA THR G 314 34.40 71.79 38.07
C THR G 314 35.21 73.06 37.79
N ARG G 315 35.44 73.84 38.83
CA ARG G 315 36.09 75.17 38.70
C ARG G 315 37.13 75.31 39.80
N PRO G 316 38.14 76.19 39.60
CA PRO G 316 39.05 76.55 40.69
C PRO G 316 38.28 76.99 41.94
N ASP G 317 37.13 77.66 41.78
CA ASP G 317 36.29 78.19 42.89
C ASP G 317 35.15 77.24 43.23
N ASN G 318 35.10 76.02 42.68
CA ASN G 318 33.92 75.13 42.88
C ASN G 318 34.32 73.65 42.85
N ALA G 319 34.34 73.02 44.01
CA ALA G 319 34.47 71.55 44.15
C ALA G 319 33.32 70.90 43.39
N LEU G 320 33.60 69.80 42.69
CA LEU G 320 32.56 69.01 41.99
C LEU G 320 31.94 67.99 42.95
N PHE G 321 30.66 68.11 43.18
CA PHE G 321 29.84 67.13 43.93
C PHE G 321 28.62 66.83 43.08
N VAL G 322 28.51 65.61 42.57
CA VAL G 322 27.29 65.22 41.80
C VAL G 322 26.23 64.84 42.84
N ALA G 323 25.50 65.84 43.31
CA ALA G 323 24.58 65.75 44.46
C ALA G 323 23.38 64.86 44.12
N GLU G 324 23.02 64.80 42.85
CA GLU G 324 21.97 63.90 42.35
C GLU G 324 22.40 63.44 40.97
N ILE G 325 22.14 62.18 40.68
CA ILE G 325 22.25 61.71 39.28
C ILE G 325 21.16 60.64 39.10
N GLY G 326 20.63 60.52 37.90
CA GLY G 326 19.60 59.49 37.65
C GLY G 326 20.07 58.11 38.05
N ASN G 327 19.13 57.22 38.36
CA ASN G 327 19.52 55.87 38.87
C ASN G 327 19.38 54.80 37.79
N ASP G 328 19.14 55.19 36.55
CA ASP G 328 19.13 54.21 35.44
C ASP G 328 20.57 53.80 35.13
N GLN G 329 20.71 52.66 34.47
CA GLN G 329 22.02 52.03 34.18
C GLN G 329 22.98 52.99 33.51
N PRO G 330 22.60 53.81 32.49
CA PRO G 330 23.61 54.60 31.78
C PRO G 330 24.37 55.58 32.69
N PHE G 331 23.81 55.90 33.86
CA PHE G 331 24.39 56.96 34.72
C PHE G 331 25.57 56.44 35.53
N ALA G 332 25.66 55.13 35.77
CA ALA G 332 26.66 54.58 36.72
C ALA G 332 28.09 54.93 36.27
N ARG G 333 28.36 54.88 34.97
CA ARG G 333 29.75 55.04 34.48
C ARG G 333 30.22 56.47 34.71
N TYR G 334 29.31 57.42 34.98
CA TYR G 334 29.74 58.83 35.17
C TYR G 334 30.46 59.00 36.50
N LEU G 335 30.45 57.98 37.34
CA LEU G 335 31.32 58.01 38.55
C LEU G 335 32.77 58.28 38.12
N PHE G 336 33.23 57.63 37.06
CA PHE G 336 34.66 57.64 36.69
C PHE G 336 35.10 59.06 36.34
N PRO G 337 34.47 59.76 35.38
CA PRO G 337 34.92 61.12 35.10
C PRO G 337 34.64 62.08 36.26
N THR G 338 33.62 61.82 37.06
CA THR G 338 33.35 62.66 38.27
C THR G 338 34.58 62.58 39.19
N LEU G 339 35.07 61.38 39.47
CA LEU G 339 36.26 61.25 40.36
C LEU G 339 37.52 61.73 39.63
N GLY G 340 37.60 61.50 38.31
CA GLY G 340 38.76 61.96 37.51
C GLY G 340 38.92 63.47 37.52
N LYS G 341 37.84 64.22 37.68
CA LYS G 341 37.86 65.69 37.72
C LYS G 341 38.25 66.18 39.12
N GLY G 342 38.45 65.28 40.07
CA GLY G 342 38.72 65.64 41.48
C GLY G 342 37.43 65.74 42.29
N GLY G 343 36.34 65.19 41.76
CA GLY G 343 35.03 65.27 42.45
C GLY G 343 35.08 64.67 43.84
N ILE G 344 34.31 65.25 44.76
CA ILE G 344 34.29 64.81 46.19
C ILE G 344 33.20 63.77 46.40
N GLY G 345 32.35 63.55 45.40
CA GLY G 345 31.22 62.64 45.62
C GLY G 345 30.27 62.54 44.46
N PHE G 346 29.33 61.61 44.62
CA PHE G 346 28.46 61.10 43.54
C PHE G 346 27.28 60.41 44.23
N SER G 347 26.06 60.85 43.96
CA SER G 347 24.87 60.39 44.72
C SER G 347 23.68 60.13 43.82
N PRO G 348 23.52 58.88 43.34
CA PRO G 348 22.34 58.52 42.56
C PRO G 348 21.05 58.72 43.37
N PHE G 349 20.05 59.24 42.69
CA PHE G 349 18.76 59.63 43.28
C PHE G 349 17.72 58.49 43.21
N GLY G 350 16.99 58.29 44.30
CA GLY G 350 15.83 57.38 44.34
C GLY G 350 16.23 55.97 44.70
N MET G 351 17.25 55.80 45.53
CA MET G 351 17.76 54.46 45.91
C MET G 351 17.01 53.97 47.16
N ASP G 352 15.73 53.70 47.00
CA ASP G 352 14.95 53.05 48.10
C ASP G 352 13.77 52.28 47.51
N ASP G 353 13.14 51.48 48.36
CA ASP G 353 12.05 50.57 47.95
C ASP G 353 10.71 51.10 48.44
N THR G 354 10.50 52.41 48.35
CA THR G 354 9.23 53.03 48.80
C THR G 354 8.18 53.10 47.70
N ASP G 355 8.34 52.31 46.65
CA ASP G 355 7.32 52.12 45.59
C ASP G 355 7.21 53.41 44.79
N TYR G 356 8.35 53.90 44.32
CA TYR G 356 8.36 55.08 43.44
C TYR G 356 9.55 55.00 42.51
N THR G 357 9.34 55.37 41.25
CA THR G 357 10.45 55.65 40.33
C THR G 357 10.18 56.97 39.62
N ASN G 358 11.22 57.76 39.45
CA ASN G 358 11.12 59.06 38.76
C ASN G 358 11.36 58.89 37.25
N TYR G 359 11.33 57.67 36.72
CA TYR G 359 11.28 57.45 35.27
C TYR G 359 10.23 58.42 34.70
N PRO G 360 10.50 59.18 33.60
CA PRO G 360 11.68 58.96 32.73
C PRO G 360 13.07 59.49 33.12
N LEU G 361 13.22 60.13 34.28
CA LEU G 361 14.54 60.63 34.72
C LEU G 361 15.41 59.43 35.10
N GLY G 362 14.87 58.52 35.92
CA GLY G 362 15.64 57.35 36.38
C GLY G 362 15.13 56.06 35.80
N ALA G 363 15.41 54.96 36.50
CA ALA G 363 15.13 53.59 36.01
C ALA G 363 13.62 53.35 35.96
N LYS G 364 13.14 52.71 34.90
CA LYS G 364 11.69 52.38 34.76
C LYS G 364 11.29 51.40 35.87
N VAL G 365 12.18 50.46 36.20
CA VAL G 365 11.99 49.47 37.29
C VAL G 365 13.11 49.64 38.31
N TYR G 366 12.75 49.71 39.58
CA TYR G 366 13.67 49.70 40.73
C TYR G 366 13.70 48.29 41.32
N ASN G 367 14.82 47.61 41.11
CA ASN G 367 15.05 46.26 41.67
C ASN G 367 16.54 46.07 41.99
N ASP G 368 16.93 44.87 42.39
CA ASP G 368 18.32 44.59 42.79
C ASP G 368 19.28 44.87 41.63
N GLU G 369 18.85 44.62 40.38
N GLU G 369 18.82 44.60 40.39
CA GLU G 369 19.73 44.86 39.21
CA GLU G 369 19.61 44.86 39.16
C GLU G 369 19.94 46.38 39.03
C GLU G 369 19.93 46.36 39.08
N THR G 370 18.94 47.21 39.35
CA THR G 370 19.11 48.68 39.31
C THR G 370 20.28 49.07 40.22
N ILE G 371 20.22 48.57 41.45
CA ILE G 371 21.21 48.88 42.50
C ILE G 371 22.57 48.34 42.07
N GLU G 372 22.59 47.12 41.51
CA GLU G 372 23.85 46.40 41.20
C GLU G 372 24.68 47.21 40.19
N GLN G 373 24.06 48.00 39.31
CA GLN G 373 24.85 48.77 38.29
C GLN G 373 25.75 49.76 39.03
N PHE G 374 25.27 50.35 40.13
CA PHE G 374 26.09 51.26 40.95
C PHE G 374 26.99 50.47 41.90
N ALA G 375 26.50 49.38 42.47
CA ALA G 375 27.31 48.57 43.39
C ALA G 375 28.62 48.16 42.68
N GLN G 376 28.52 47.78 41.41
CA GLN G 376 29.69 47.28 40.67
C GLN G 376 30.77 48.37 40.53
N VAL G 377 30.38 49.63 40.30
CA VAL G 377 31.41 50.71 40.15
C VAL G 377 31.87 51.19 41.53
N TYR G 378 31.02 51.19 42.54
CA TYR G 378 31.43 51.54 43.92
C TYR G 378 32.48 50.55 44.43
N ARG G 379 32.38 49.28 44.03
CA ARG G 379 33.33 48.23 44.48
C ARG G 379 34.74 48.51 43.97
N LEU G 380 34.92 49.35 42.93
CA LEU G 380 36.28 49.71 42.46
C LEU G 380 36.89 50.76 43.39
N VAL G 381 36.04 51.58 44.01
CA VAL G 381 36.54 52.78 44.74
C VAL G 381 36.57 52.51 46.25
N ASN G 382 35.55 51.87 46.80
CA ASN G 382 35.45 51.57 48.26
C ASN G 382 36.77 51.04 48.82
N PRO G 383 37.44 50.05 48.19
CA PRO G 383 38.63 49.48 48.84
C PRO G 383 39.83 50.44 48.89
N MET G 384 39.79 51.55 48.15
CA MET G 384 40.87 52.56 48.13
C MET G 384 40.33 53.96 48.44
N MET G 385 39.18 54.06 49.12
CA MET G 385 38.45 55.34 49.13
C MET G 385 39.36 56.43 49.72
N ARG G 386 39.99 56.19 50.87
CA ARG G 386 40.83 57.25 51.52
C ARG G 386 42.08 57.52 50.69
N GLU G 387 42.71 56.49 50.13
CA GLU G 387 43.93 56.69 49.32
C GLU G 387 43.58 57.49 48.08
N TRP G 388 42.51 57.12 47.38
CA TRP G 388 42.05 57.87 46.20
C TRP G 388 41.75 59.32 46.59
N ALA G 389 41.03 59.54 47.68
CA ALA G 389 40.62 60.92 48.10
C ALA G 389 41.87 61.80 48.27
N ARG G 390 42.93 61.29 48.89
N ARG G 390 42.91 61.29 48.94
N ARG G 390 42.90 61.24 48.90
CA ARG G 390 44.18 62.08 49.12
CA ARG G 390 44.18 62.03 49.11
CA ARG G 390 44.21 61.90 49.16
C ARG G 390 44.90 62.29 47.78
C ARG G 390 44.78 62.32 47.73
C ARG G 390 44.88 62.25 47.82
N LEU G 391 44.95 61.28 46.90
CA LEU G 391 45.64 61.45 45.59
C LEU G 391 44.88 62.48 44.75
N SER G 392 43.55 62.47 44.82
N SER G 392 43.54 62.49 44.80
CA SER G 392 42.73 63.42 44.03
CA SER G 392 42.73 63.43 43.99
C SER G 392 43.04 64.85 44.49
C SER G 392 42.94 64.88 44.49
N TYR G 393 43.13 65.07 45.80
CA TYR G 393 43.39 66.41 46.36
C TYR G 393 44.86 66.82 46.17
N GLN G 394 45.77 65.93 46.56
CA GLN G 394 47.22 66.21 46.77
C GLN G 394 47.99 65.99 45.47
N GLY G 395 47.48 65.14 44.59
CA GLY G 395 48.25 64.67 43.43
C GLY G 395 47.44 64.74 42.15
N GLN G 396 47.80 63.88 41.20
CA GLN G 396 47.21 63.89 39.85
C GLN G 396 46.35 62.64 39.69
N VAL G 397 45.11 62.87 39.29
CA VAL G 397 44.16 61.77 38.96
C VAL G 397 43.56 62.02 37.59
N TRP G 398 43.06 60.93 37.02
CA TRP G 398 42.31 60.93 35.75
C TRP G 398 41.15 59.93 35.89
N GLY G 399 40.13 60.12 35.09
CA GLY G 399 38.97 59.22 35.04
C GLY G 399 38.22 59.45 33.75
N VAL G 400 37.77 58.36 33.12
CA VAL G 400 37.04 58.42 31.84
C VAL G 400 35.88 57.44 31.90
N ALA G 401 34.83 57.75 31.15
CA ALA G 401 33.70 56.86 30.92
C ALA G 401 33.62 56.55 29.42
N GLU G 402 33.01 55.40 29.11
CA GLU G 402 32.72 54.96 27.74
C GLU G 402 31.99 56.08 27.01
N PRO G 403 32.59 56.67 25.95
CA PRO G 403 32.08 57.92 25.40
C PRO G 403 30.99 57.84 24.31
N LEU G 404 30.60 56.63 23.90
CA LEU G 404 29.41 56.46 23.03
C LEU G 404 28.28 55.91 23.90
N ASP G 405 27.09 56.48 23.76
CA ASP G 405 25.88 55.96 24.44
C ASP G 405 25.46 54.68 23.72
N SER G 406 24.58 53.93 24.35
CA SER G 406 24.08 52.63 23.79
C SER G 406 23.47 52.94 22.42
N THR G 407 23.69 52.03 21.48
CA THR G 407 23.16 52.14 20.10
C THR G 407 21.63 52.19 20.19
N THR G 408 20.99 53.12 19.48
CA THR G 408 19.52 53.34 19.48
C THR G 408 18.85 52.40 18.46
N GLU G 409 17.52 52.29 18.53
CA GLU G 409 16.73 51.55 17.50
C GLU G 409 16.97 52.22 16.14
N THR G 410 17.00 53.56 16.11
CA THR G 410 17.28 54.39 14.91
C THR G 410 18.65 54.02 14.33
N GLN G 411 19.71 54.08 15.14
CA GLN G 411 21.08 53.68 14.72
C GLN G 411 21.03 52.23 14.22
N LYS G 412 20.25 51.39 14.90
CA LYS G 412 20.14 49.94 14.57
C LYS G 412 19.44 49.78 13.21
N ILE G 413 18.51 50.67 12.85
CA ILE G 413 17.82 50.68 11.52
C ILE G 413 18.88 50.90 10.43
N TRP G 414 19.67 51.97 10.57
CA TRP G 414 20.86 52.29 9.73
C TRP G 414 21.80 51.08 9.70
N ASN G 415 22.01 50.41 10.84
CA ASN G 415 22.81 49.16 10.94
C ASN G 415 22.38 48.20 9.82
N ALA G 416 21.07 48.07 9.60
CA ALA G 416 20.47 47.22 8.55
C ALA G 416 20.82 47.76 7.16
N GLU G 417 20.28 48.95 6.83
CA GLU G 417 20.24 49.54 5.47
C GLU G 417 21.64 49.92 4.96
N ALA G 418 22.67 49.74 5.79
CA ALA G 418 24.08 50.11 5.48
C ALA G 418 24.69 49.13 4.48
N THR G 419 25.55 49.64 3.59
CA THR G 419 26.41 48.88 2.64
C THR G 419 27.47 48.09 3.40
N PRO G 420 28.07 47.04 2.81
CA PRO G 420 29.19 46.35 3.44
C PRO G 420 30.33 47.33 3.71
N GLU G 421 30.56 48.26 2.77
CA GLU G 421 31.55 49.38 2.88
C GLU G 421 31.14 50.34 4.01
N GLU G 422 29.84 50.63 4.11
CA GLU G 422 29.29 51.54 5.16
C GLU G 422 29.44 50.89 6.53
N LYS G 423 29.13 49.60 6.66
CA LYS G 423 29.28 48.81 7.90
C LYS G 423 30.76 48.85 8.32
N GLU G 424 31.69 48.59 7.40
CA GLU G 424 33.15 48.62 7.71
C GLU G 424 33.56 50.01 8.22
N GLN G 425 33.14 51.08 7.53
CA GLN G 425 33.53 52.47 7.89
C GLN G 425 32.93 52.83 9.26
N HIS G 426 31.69 52.43 9.49
CA HIS G 426 30.97 52.71 10.76
C HIS G 426 31.74 52.07 11.91
N LYS G 427 32.14 50.80 11.74
CA LYS G 427 32.93 50.05 12.74
C LYS G 427 34.26 50.76 12.99
N LYS G 428 34.94 51.29 11.96
CA LYS G 428 36.22 52.02 12.13
C LYS G 428 35.96 53.29 12.94
N ASP G 429 34.90 54.04 12.62
CA ASP G 429 34.55 55.33 13.28
C ASP G 429 34.19 55.07 14.75
N ARG G 430 33.41 54.02 15.02
CA ARG G 430 33.04 53.65 16.41
C ARG G 430 34.33 53.30 17.17
N ALA G 431 35.22 52.49 16.58
CA ALA G 431 36.47 52.06 17.25
C ALA G 431 37.29 53.29 17.68
N SER G 432 37.44 54.26 16.77
N SER G 432 37.43 54.27 16.77
CA SER G 432 38.16 55.53 17.03
CA SER G 432 38.18 55.53 17.03
C SER G 432 37.49 56.29 18.18
C SER G 432 37.50 56.34 18.15
N ALA G 433 36.17 56.44 18.12
CA ALA G 433 35.41 57.17 19.18
C ALA G 433 35.59 56.45 20.52
N LEU G 434 35.73 55.12 20.54
CA LEU G 434 35.81 54.30 21.77
C LEU G 434 37.28 54.12 22.21
N THR G 435 38.18 55.00 21.76
CA THR G 435 39.60 55.01 22.12
C THR G 435 39.90 56.39 22.72
N GLN G 436 40.30 56.45 23.99
CA GLN G 436 40.59 57.70 24.69
C GLN G 436 42.06 57.74 25.07
N GLN G 437 42.67 58.90 24.91
CA GLN G 437 44.09 59.16 25.29
C GLN G 437 44.10 59.94 26.60
N LEU G 438 45.01 59.57 27.49
CA LEU G 438 45.30 60.32 28.72
C LEU G 438 46.80 60.60 28.80
N ASP G 439 47.16 61.86 29.01
CA ASP G 439 48.57 62.32 29.13
C ASP G 439 48.96 62.26 30.61
N LEU G 440 49.76 61.25 30.98
CA LEU G 440 50.11 61.02 32.42
C LEU G 440 51.53 61.50 32.70
N GLY G 441 52.06 62.42 31.90
CA GLY G 441 53.41 62.97 32.13
C GLY G 441 54.39 62.32 31.18
N LEU G 442 55.25 61.43 31.68
CA LEU G 442 56.23 60.68 30.83
C LEU G 442 55.53 59.54 30.10
N TRP G 443 54.37 59.13 30.59
CA TRP G 443 53.60 58.00 30.01
C TRP G 443 52.20 58.48 29.62
N ASP G 444 51.59 57.84 28.63
CA ASP G 444 50.17 58.04 28.27
C ASP G 444 49.46 56.71 28.52
N ALA G 445 48.16 56.78 28.76
CA ALA G 445 47.28 55.60 28.73
C ALA G 445 46.28 55.77 27.59
N GLU G 446 45.99 54.66 26.95
CA GLU G 446 44.92 54.56 25.93
C GLU G 446 43.87 53.65 26.54
N VAL G 447 42.66 54.13 26.63
CA VAL G 447 41.51 53.37 27.18
C VAL G 447 40.57 53.03 26.02
N THR G 448 40.21 51.76 25.92
CA THR G 448 39.33 51.25 24.85
C THR G 448 38.24 50.41 25.50
N TYR G 449 37.09 50.34 24.83
CA TYR G 449 35.88 49.71 25.40
C TYR G 449 35.30 48.62 24.49
N GLY G 450 35.06 47.45 25.07
CA GLY G 450 34.30 46.39 24.38
C GLY G 450 35.17 45.62 23.41
N ARG G 451 36.08 44.82 23.93
CA ARG G 451 36.98 44.00 23.10
C ARG G 451 37.43 42.83 23.93
N PRO G 452 37.93 41.75 23.28
CA PRO G 452 38.44 40.64 24.07
C PRO G 452 39.61 41.03 24.98
N MET G 453 40.03 40.07 25.79
CA MET G 453 41.12 40.26 26.78
C MET G 453 42.45 39.80 26.18
N PHE G 454 42.38 39.34 24.93
N PHE G 454 42.44 39.46 24.89
CA PHE G 454 43.52 38.76 24.17
CA PHE G 454 43.59 38.85 24.16
C PHE G 454 43.41 39.30 22.74
C PHE G 454 43.63 39.42 22.75
N TRP G 455 44.55 39.72 22.19
N TRP G 455 44.82 39.61 22.18
CA TRP G 455 44.74 40.14 20.77
CA TRP G 455 45.02 40.20 20.83
C TRP G 455 44.25 41.59 20.57
C TRP G 455 44.39 41.60 20.78
N VAL G 456 44.25 42.13 19.34
N VAL G 456 44.15 42.11 19.56
CA VAL G 456 44.04 43.60 19.15
CA VAL G 456 43.99 43.56 19.29
C VAL G 456 42.84 43.86 18.24
C VAL G 456 42.83 43.86 18.34
N THR G 457 41.83 42.98 18.25
CA THR G 457 40.55 43.26 17.55
C THR G 457 40.07 44.63 18.01
N PRO G 458 39.72 45.57 17.10
CA PRO G 458 39.31 46.90 17.52
C PRO G 458 38.12 46.89 18.47
N PRO G 459 38.03 47.89 19.37
CA PRO G 459 36.89 47.99 20.28
C PRO G 459 35.57 48.24 19.54
N GLU G 460 34.50 47.63 20.08
CA GLU G 460 33.12 47.70 19.53
C GLU G 460 32.15 48.24 20.58
N GLY G 461 32.63 48.52 21.80
CA GLY G 461 31.77 49.06 22.85
C GLY G 461 31.06 47.98 23.63
N ASN G 462 30.68 48.32 24.85
CA ASN G 462 29.84 47.46 25.72
C ASN G 462 28.38 47.70 25.36
N THR G 463 27.54 46.68 25.51
N THR G 463 27.55 46.68 25.54
CA THR G 463 26.07 46.76 25.33
CA THR G 463 26.08 46.70 25.34
C THR G 463 25.41 46.31 26.64
C THR G 463 25.42 46.31 26.66
N PRO G 464 24.81 47.23 27.43
CA PRO G 464 24.81 48.68 27.15
C PRO G 464 26.17 49.37 27.42
N ALA G 465 26.30 50.62 27.00
CA ALA G 465 27.49 51.44 27.34
C ALA G 465 27.65 51.45 28.86
N ALA G 466 28.84 51.19 29.37
CA ALA G 466 29.01 50.98 30.83
C ALA G 466 30.44 51.15 31.33
N GLY G 467 31.43 51.22 30.45
CA GLY G 467 32.84 51.10 30.86
C GLY G 467 33.42 52.39 31.41
N GLY G 468 34.52 52.28 32.12
CA GLY G 468 35.30 53.46 32.55
C GLY G 468 36.59 53.06 33.22
N ALA G 469 37.40 54.05 33.57
CA ALA G 469 38.72 53.81 34.16
C ALA G 469 39.09 54.97 35.09
N LEU G 470 39.85 54.63 36.11
CA LEU G 470 40.47 55.59 37.04
C LEU G 470 41.99 55.36 37.03
N ILE G 471 42.75 56.44 37.02
CA ILE G 471 44.22 56.38 37.13
C ILE G 471 44.66 57.45 38.12
N ALA G 472 45.58 57.12 39.02
CA ALA G 472 46.23 58.10 39.91
C ALA G 472 47.74 57.97 39.72
N GLN G 473 48.46 59.09 39.68
CA GLN G 473 49.93 59.06 39.54
C GLN G 473 50.56 58.96 40.94
N LEU G 474 51.37 57.92 41.14
CA LEU G 474 52.11 57.70 42.40
C LEU G 474 53.50 58.34 42.30
N ASP G 475 54.12 58.29 41.13
CA ASP G 475 55.49 58.81 40.92
C ASP G 475 55.69 58.95 39.42
N ASP G 476 56.84 59.44 38.97
CA ASP G 476 57.09 59.71 37.54
C ASP G 476 56.70 58.50 36.66
N ASN G 477 56.95 57.27 37.12
CA ASN G 477 56.77 56.08 36.27
C ASN G 477 55.76 55.11 36.89
N GLU G 478 55.00 55.51 37.89
CA GLU G 478 54.16 54.55 38.65
C GLU G 478 52.76 55.12 38.82
N TYR G 479 51.77 54.28 38.57
CA TYR G 479 50.34 54.66 38.55
C TYR G 479 49.52 53.61 39.27
N LEU G 480 48.46 54.09 39.91
CA LEU G 480 47.36 53.26 40.43
C LEU G 480 46.28 53.21 39.36
N VAL G 481 45.81 52.02 39.00
CA VAL G 481 44.83 51.87 37.91
C VAL G 481 43.73 50.91 38.37
N THR G 482 42.48 51.30 38.12
CA THR G 482 41.35 50.34 38.21
C THR G 482 40.36 50.74 37.11
N ALA G 483 39.75 49.75 36.47
CA ALA G 483 38.84 50.05 35.35
C ALA G 483 37.78 48.97 35.28
N TYR G 484 36.86 49.18 34.37
CA TYR G 484 35.58 48.46 34.35
C TYR G 484 35.17 48.30 32.89
N LYS G 485 35.05 47.05 32.44
CA LYS G 485 34.60 46.71 31.06
C LYS G 485 35.40 47.53 30.04
N ALA G 486 36.72 47.46 30.15
CA ALA G 486 37.65 48.32 29.40
C ALA G 486 39.03 47.70 29.37
N ARG G 487 39.80 48.17 28.41
CA ARG G 487 41.25 47.91 28.33
C ARG G 487 42.00 49.21 28.55
N VAL G 488 43.07 49.15 29.34
CA VAL G 488 43.96 50.31 29.58
C VAL G 488 45.35 49.90 29.11
N GLU G 489 45.95 50.67 28.20
CA GLU G 489 47.30 50.36 27.67
C GLU G 489 48.23 51.55 27.91
N PHE G 490 49.41 51.30 28.44
CA PHE G 490 50.43 52.34 28.70
C PHE G 490 51.44 52.39 27.54
N LYS G 491 51.89 53.60 27.26
CA LYS G 491 52.93 53.86 26.23
C LYS G 491 53.70 55.13 26.63
N PRO G 492 54.88 55.37 26.03
CA PRO G 492 55.58 56.63 26.29
C PRO G 492 54.74 57.83 25.82
N SER G 493 54.84 58.94 26.54
CA SER G 493 54.13 60.20 26.21
C SER G 493 54.93 61.00 25.17
N GLN G 494 56.22 60.72 25.04
CA GLN G 494 57.13 61.43 24.12
C GLN G 494 58.15 60.45 23.54
N GLU G 495 58.74 60.81 22.41
CA GLU G 495 59.78 59.99 21.72
C GLU G 495 60.88 59.72 22.74
N LEU G 496 61.47 58.52 22.72
CA LEU G 496 62.44 58.10 23.77
C LEU G 496 63.88 58.16 23.29
N ALA G 497 64.17 58.78 22.14
CA ALA G 497 65.53 59.16 21.71
C ALA G 497 66.45 57.94 21.78
N GLY G 498 66.00 56.83 21.23
CA GLY G 498 66.79 55.58 21.07
C GLY G 498 66.52 54.54 22.14
N LYS G 499 65.82 54.86 23.22
CA LYS G 499 65.51 53.85 24.27
C LYS G 499 64.30 53.02 23.84
N LYS G 500 64.11 51.88 24.48
CA LYS G 500 62.87 51.09 24.34
C LYS G 500 62.08 51.25 25.62
N PHE G 501 60.86 50.75 25.66
CA PHE G 501 60.04 50.80 26.89
C PHE G 501 59.37 49.46 27.12
N MET G 502 59.08 49.22 28.38
CA MET G 502 58.23 48.08 28.78
C MET G 502 57.48 48.42 30.04
N ILE G 503 56.51 47.59 30.34
CA ILE G 503 55.99 47.45 31.71
C ILE G 503 57.13 46.88 32.54
N GLU G 504 57.53 47.57 33.61
CA GLU G 504 58.45 46.98 34.58
C GLU G 504 57.70 45.96 35.45
N ARG G 505 56.53 46.35 35.96
N ARG G 505 56.57 46.36 36.04
CA ARG G 505 55.79 45.52 36.93
CA ARG G 505 55.78 45.47 36.92
C ARG G 505 54.34 45.99 37.05
C ARG G 505 54.35 45.98 37.04
N VAL G 506 53.39 45.06 36.97
CA VAL G 506 51.98 45.29 37.36
C VAL G 506 51.68 44.39 38.55
N GLU G 507 51.22 44.98 39.64
CA GLU G 507 50.78 44.25 40.83
C GLU G 507 49.31 44.51 41.07
N GLU G 508 48.56 43.47 41.35
CA GLU G 508 47.20 43.59 41.89
C GLU G 508 47.30 43.50 43.42
N GLY G 509 46.58 44.36 44.11
CA GLY G 509 46.57 44.29 45.57
C GLY G 509 45.60 45.27 46.16
N ARG G 510 45.89 45.66 47.38
CA ARG G 510 44.94 46.47 48.17
C ARG G 510 45.73 47.27 49.19
N PHE G 511 45.07 48.24 49.80
CA PHE G 511 45.63 49.00 50.93
C PHE G 511 45.11 48.42 52.24
N GLU G 512 46.02 48.14 53.17
CA GLU G 512 45.70 47.79 54.58
C GLU G 512 46.46 48.75 55.48
N LYS G 513 45.72 49.47 56.34
CA LYS G 513 46.25 50.53 57.23
C LYS G 513 47.13 51.47 56.41
N GLY G 514 46.66 51.83 55.19
CA GLY G 514 47.28 52.80 54.27
C GLY G 514 48.50 52.26 53.56
N LYS G 515 48.82 50.98 53.73
CA LYS G 515 50.01 50.32 53.13
C LYS G 515 49.55 49.36 52.02
N TRP G 516 50.26 49.41 50.89
CA TRP G 516 50.03 48.51 49.76
C TRP G 516 50.39 47.08 50.15
N VAL G 517 49.47 46.16 49.87
CA VAL G 517 49.67 44.71 50.04
C VAL G 517 49.50 44.10 48.65
N MET G 518 50.56 43.46 48.13
N MET G 518 50.56 43.48 48.15
CA MET G 518 50.53 42.78 46.81
CA MET G 518 50.51 42.76 46.86
C MET G 518 49.87 41.40 46.95
C MET G 518 49.73 41.45 47.06
N GLU G 519 48.88 41.14 46.11
CA GLU G 519 48.18 39.82 46.02
C GLU G 519 48.86 38.99 44.94
N ARG G 520 49.08 39.58 43.77
CA ARG G 520 49.73 38.85 42.66
C ARG G 520 50.32 39.83 41.66
N VAL G 521 51.21 39.33 40.82
CA VAL G 521 51.78 40.06 39.67
C VAL G 521 50.99 39.70 38.42
N TRP G 522 50.47 40.70 37.74
CA TRP G 522 49.92 40.50 36.39
C TRP G 522 51.09 40.46 35.44
N ASN G 523 51.13 39.44 34.60
CA ASN G 523 52.21 39.30 33.59
C ASN G 523 51.69 38.42 32.46
N GLY G 524 52.54 38.19 31.45
CA GLY G 524 52.17 37.30 30.33
C GLY G 524 50.89 37.75 29.66
N ASP G 525 49.93 36.85 29.46
CA ASP G 525 48.66 37.16 28.76
C ASP G 525 47.98 38.37 29.43
N GLN G 526 48.14 38.53 30.75
CA GLN G 526 47.40 39.60 31.47
C GLN G 526 48.02 40.99 31.20
N THR G 527 49.21 41.08 30.62
CA THR G 527 49.79 42.40 30.27
C THR G 527 50.24 42.49 28.82
N ASP G 528 50.13 41.44 28.01
CA ASP G 528 50.56 41.47 26.59
C ASP G 528 49.64 42.35 25.74
N TRP G 529 48.38 42.45 26.14
CA TRP G 529 47.27 43.01 25.33
C TRP G 529 46.59 44.11 26.15
N GLY G 530 47.42 44.98 26.76
CA GLY G 530 46.88 45.97 27.68
C GLY G 530 46.42 45.35 29.00
N LEU G 531 45.77 46.13 29.83
CA LEU G 531 45.24 45.67 31.12
C LEU G 531 43.73 45.61 30.97
N ASN G 532 43.20 44.38 30.97
CA ASN G 532 41.80 44.13 30.58
C ASN G 532 40.96 43.88 31.83
N PHE G 533 39.89 44.67 31.95
CA PHE G 533 38.98 44.63 33.12
C PHE G 533 37.58 44.24 32.67
N THR G 534 36.90 43.47 33.51
CA THR G 534 35.51 43.06 33.25
C THR G 534 34.62 43.82 34.23
N ASP G 535 33.70 43.13 34.88
CA ASP G 535 32.82 43.74 35.90
C ASP G 535 33.42 43.59 37.29
N ARG G 536 34.49 42.82 37.44
CA ARG G 536 35.03 42.47 38.78
C ARG G 536 36.06 43.51 39.17
N PRO G 537 36.19 43.83 40.47
CA PRO G 537 37.17 44.82 40.89
C PRO G 537 38.59 44.25 40.93
N HIS G 538 39.52 45.03 40.38
CA HIS G 538 40.98 44.78 40.50
C HIS G 538 41.68 46.13 40.62
N LEU G 539 42.46 46.32 41.67
CA LEU G 539 43.30 47.53 41.85
C LEU G 539 44.74 47.18 41.51
N LEU G 540 45.30 47.91 40.55
CA LEU G 540 46.65 47.63 40.07
C LEU G 540 47.60 48.79 40.34
N ARG G 541 48.84 48.44 40.66
N ARG G 541 48.84 48.44 40.69
CA ARG G 541 49.99 49.36 40.70
CA ARG G 541 49.98 49.40 40.70
C ARG G 541 50.83 49.07 39.45
C ARG G 541 50.82 49.08 39.46
N VAL G 542 50.94 50.03 38.55
CA VAL G 542 51.66 49.86 37.27
C VAL G 542 52.94 50.68 37.29
N LYS G 543 54.09 50.02 37.18
N LYS G 543 54.07 50.01 37.12
CA LYS G 543 55.42 50.67 37.05
CA LYS G 543 55.42 50.62 37.03
C LYS G 543 55.91 50.48 35.61
C LYS G 543 55.91 50.47 35.58
N MET G 544 56.17 51.58 34.91
CA MET G 544 56.66 51.61 33.52
C MET G 544 58.16 51.90 33.54
N ALA G 545 58.90 51.47 32.52
CA ALA G 545 60.34 51.76 32.40
C ALA G 545 60.76 51.96 30.95
N SER G 546 61.56 53.00 30.70
CA SER G 546 62.36 53.17 29.48
C SER G 546 63.73 52.53 29.78
N TYR G 547 64.33 51.90 28.80
CA TYR G 547 65.60 51.18 29.00
C TYR G 547 66.47 51.32 27.76
N SER G 548 67.78 51.35 28.00
N SER G 548 67.78 51.35 27.98
CA SER G 548 68.83 51.47 26.96
CA SER G 548 68.82 51.52 26.93
C SER G 548 68.96 50.15 26.21
C SER G 548 69.05 50.17 26.22
N VAL G 549 69.24 50.21 24.90
CA VAL G 549 69.62 49.02 24.09
C VAL G 549 70.94 49.30 23.38
N GLN G 550 71.66 50.34 23.82
CA GLN G 550 72.93 50.82 23.22
C GLN G 550 73.97 49.69 23.21
N ALA H 12 -49.98 -20.65 2.66
CA ALA H 12 -49.69 -19.74 1.52
C ALA H 12 -51.00 -19.24 0.92
N PRO H 13 -51.09 -17.96 0.52
CA PRO H 13 -52.31 -17.45 -0.10
C PRO H 13 -52.47 -18.05 -1.50
N LEU H 14 -53.70 -18.24 -1.95
CA LEU H 14 -53.98 -18.71 -3.32
C LEU H 14 -53.31 -17.77 -4.30
N PRO H 15 -52.80 -18.28 -5.42
CA PRO H 15 -52.52 -17.46 -6.57
C PRO H 15 -53.80 -16.74 -7.01
N GLU H 16 -53.68 -15.52 -7.54
N GLU H 16 -53.66 -15.59 -7.66
CA GLU H 16 -54.84 -14.72 -8.03
CA GLU H 16 -54.82 -14.76 -8.07
C GLU H 16 -54.36 -13.79 -9.15
C GLU H 16 -54.38 -13.76 -9.14
N LEU H 17 -55.22 -13.56 -10.16
CA LEU H 17 -54.97 -12.51 -11.17
C LEU H 17 -55.62 -11.22 -10.68
N LEU H 18 -54.80 -10.18 -10.46
CA LEU H 18 -55.26 -8.83 -10.04
C LEU H 18 -55.32 -7.95 -11.28
N SER H 19 -56.36 -7.15 -11.40
CA SER H 19 -56.53 -6.16 -12.50
C SER H 19 -56.92 -4.84 -11.84
N ASN H 20 -56.09 -3.81 -12.00
CA ASN H 20 -56.36 -2.46 -11.43
C ASN H 20 -55.76 -1.42 -12.36
N ASN H 21 -56.50 -0.36 -12.65
CA ASN H 21 -55.99 0.83 -13.39
C ASN H 21 -55.40 0.40 -14.73
N GLY H 22 -56.07 -0.55 -15.41
CA GLY H 22 -55.68 -1.01 -16.75
C GLY H 22 -54.44 -1.89 -16.72
N LYS H 23 -53.92 -2.22 -15.53
CA LYS H 23 -52.70 -3.06 -15.39
C LYS H 23 -53.09 -4.36 -14.71
N HIS H 24 -52.19 -5.35 -14.77
CA HIS H 24 -52.47 -6.74 -14.31
C HIS H 24 -51.26 -7.31 -13.58
N ALA H 25 -51.52 -8.20 -12.64
CA ALA H 25 -50.48 -8.99 -11.95
C ALA H 25 -51.03 -10.39 -11.71
N LEU H 26 -50.22 -11.38 -11.98
CA LEU H 26 -50.42 -12.74 -11.45
C LEU H 26 -49.76 -12.78 -10.08
N MET H 27 -50.56 -12.83 -9.02
CA MET H 27 -50.06 -12.97 -7.65
C MET H 27 -49.80 -14.44 -7.37
N VAL H 28 -48.58 -14.73 -6.92
CA VAL H 28 -48.18 -16.09 -6.47
C VAL H 28 -47.48 -15.90 -5.13
N ASP H 29 -47.96 -16.58 -4.08
CA ASP H 29 -47.40 -16.49 -2.71
C ASP H 29 -47.44 -15.02 -2.26
N GLY H 30 -48.47 -14.29 -2.70
CA GLY H 30 -48.85 -12.97 -2.18
C GLY H 30 -48.05 -11.83 -2.78
N ALA H 31 -47.39 -12.01 -3.93
CA ALA H 31 -46.67 -10.94 -4.65
C ALA H 31 -46.72 -11.22 -6.14
N PRO H 32 -46.63 -10.19 -7.00
CA PRO H 32 -46.57 -10.38 -8.45
C PRO H 32 -45.48 -11.38 -8.86
N TYR H 33 -45.79 -12.16 -9.90
CA TYR H 33 -44.95 -13.27 -10.40
C TYR H 33 -44.96 -13.23 -11.93
N ILE H 34 -43.81 -13.50 -12.55
CA ILE H 34 -43.71 -13.69 -14.02
C ILE H 34 -43.49 -15.17 -14.28
N ILE H 35 -44.35 -15.74 -15.12
CA ILE H 35 -44.13 -17.10 -15.66
C ILE H 35 -43.04 -16.99 -16.74
N LEU H 36 -41.84 -17.48 -16.42
CA LEU H 36 -40.77 -17.74 -17.39
C LEU H 36 -40.91 -19.22 -17.71
N GLY H 37 -41.76 -19.49 -18.69
CA GLY H 37 -42.39 -20.80 -18.81
C GLY H 37 -41.77 -21.70 -19.83
N SER H 38 -42.19 -22.95 -19.81
N SER H 38 -42.23 -22.93 -19.82
CA SER H 38 -41.90 -23.94 -20.85
CA SER H 38 -41.87 -24.02 -20.75
C SER H 38 -43.08 -24.92 -20.88
C SER H 38 -43.09 -24.93 -20.86
N GLN H 39 -43.47 -25.31 -22.07
CA GLN H 39 -44.60 -26.27 -22.24
C GLN H 39 -44.01 -27.52 -22.88
N THR H 40 -44.48 -28.67 -22.42
CA THR H 40 -44.09 -29.97 -22.98
C THR H 40 -44.74 -30.12 -24.34
N ASN H 41 -44.24 -31.08 -25.10
CA ASN H 41 -44.99 -31.61 -26.27
C ASN H 41 -46.27 -32.28 -25.75
N ASN H 42 -47.19 -32.57 -26.66
CA ASN H 42 -48.59 -32.97 -26.33
C ASN H 42 -48.69 -34.40 -25.75
N SER H 43 -47.65 -35.22 -25.86
CA SER H 43 -47.70 -36.64 -25.39
C SER H 43 -46.68 -36.88 -24.26
N SER H 44 -46.39 -35.86 -23.46
CA SER H 44 -45.40 -35.94 -22.35
C SER H 44 -46.09 -36.03 -20.99
N ASN H 45 -47.41 -36.17 -20.99
CA ASN H 45 -48.27 -36.10 -19.78
C ASN H 45 -48.37 -37.47 -19.09
N TYR H 46 -47.24 -38.18 -18.96
CA TYR H 46 -47.15 -39.53 -18.33
C TYR H 46 -45.91 -39.60 -17.46
N PRO H 47 -45.94 -40.37 -16.35
CA PRO H 47 -44.78 -40.49 -15.47
C PRO H 47 -43.48 -40.83 -16.21
N ASP H 48 -43.54 -41.75 -17.17
CA ASP H 48 -42.32 -42.24 -17.87
C ASP H 48 -41.72 -41.13 -18.74
N ALA H 49 -42.50 -40.14 -19.17
CA ALA H 49 -42.02 -39.06 -20.07
C ALA H 49 -41.33 -37.94 -19.30
N LEU H 50 -41.51 -37.84 -17.98
CA LEU H 50 -41.05 -36.64 -17.23
C LEU H 50 -39.52 -36.57 -17.24
N LYS H 51 -38.84 -37.70 -17.32
CA LYS H 51 -37.35 -37.73 -17.34
C LYS H 51 -36.85 -37.02 -18.61
N ASP H 52 -37.68 -36.94 -19.65
CA ASP H 52 -37.33 -36.26 -20.92
C ASP H 52 -37.78 -34.79 -20.89
N VAL H 53 -38.42 -34.35 -19.81
CA VAL H 53 -38.92 -32.94 -19.65
C VAL H 53 -38.00 -32.15 -18.73
N TRP H 54 -37.67 -32.68 -17.54
CA TRP H 54 -36.97 -31.89 -16.51
C TRP H 54 -35.63 -31.36 -17.01
N PRO H 55 -34.79 -32.15 -17.72
CA PRO H 55 -33.49 -31.63 -18.17
C PRO H 55 -33.65 -30.37 -19.01
N SER H 56 -34.62 -30.35 -19.92
CA SER H 56 -34.88 -29.18 -20.78
C SER H 56 -35.25 -27.99 -19.89
N MET H 57 -36.10 -28.24 -18.90
CA MET H 57 -36.58 -27.13 -18.04
C MET H 57 -35.39 -26.55 -17.25
N GLU H 58 -34.44 -27.40 -16.80
CA GLU H 58 -33.23 -26.96 -16.05
C GLU H 58 -32.32 -26.14 -16.96
N LYS H 59 -32.14 -26.58 -18.22
CA LYS H 59 -31.24 -25.90 -19.19
C LYS H 59 -31.86 -24.54 -19.54
N MET H 60 -33.18 -24.47 -19.61
CA MET H 60 -33.90 -23.25 -20.00
C MET H 60 -33.91 -22.23 -18.87
N GLY H 61 -33.80 -22.70 -17.61
CA GLY H 61 -33.98 -21.84 -16.43
C GLY H 61 -35.42 -21.37 -16.25
N ALA H 62 -36.38 -22.13 -16.75
CA ALA H 62 -37.81 -21.82 -16.63
C ALA H 62 -38.22 -21.97 -15.16
N ASN H 63 -39.16 -21.14 -14.71
CA ASN H 63 -39.65 -21.21 -13.31
C ASN H 63 -40.97 -21.98 -13.26
N THR H 64 -41.60 -22.23 -14.40
CA THR H 64 -42.99 -22.76 -14.47
C THR H 64 -43.11 -23.71 -15.66
N LEU H 65 -43.70 -24.89 -15.45
CA LEU H 65 -43.91 -25.88 -16.51
C LEU H 65 -45.39 -25.95 -16.80
N SER H 66 -45.75 -25.79 -18.07
CA SER H 66 -47.10 -26.05 -18.58
C SER H 66 -47.12 -27.48 -19.13
N ILE H 67 -48.07 -28.27 -18.70
CA ILE H 67 -48.11 -29.71 -19.09
C ILE H 67 -49.57 -30.12 -19.11
N PRO H 68 -49.98 -30.99 -20.06
CA PRO H 68 -51.36 -31.42 -20.11
C PRO H 68 -51.73 -32.36 -18.95
N VAL H 69 -52.97 -32.26 -18.54
CA VAL H 69 -53.68 -33.32 -17.79
C VAL H 69 -54.93 -33.63 -18.60
N ALA H 70 -55.01 -34.86 -19.10
CA ALA H 70 -56.01 -35.26 -20.11
C ALA H 70 -57.20 -35.91 -19.41
N TRP H 71 -58.39 -35.56 -19.85
CA TRP H 71 -59.63 -36.21 -19.39
C TRP H 71 -59.48 -37.73 -19.55
N GLU H 72 -58.96 -38.18 -20.69
CA GLU H 72 -58.85 -39.65 -20.97
C GLU H 72 -57.99 -40.31 -19.88
N GLN H 73 -56.97 -39.64 -19.33
CA GLN H 73 -56.06 -40.29 -18.34
C GLN H 73 -56.65 -40.23 -16.93
N ILE H 74 -57.44 -39.21 -16.59
CA ILE H 74 -57.94 -39.15 -15.19
C ILE H 74 -59.27 -39.87 -15.06
N GLU H 75 -60.02 -40.05 -16.14
CA GLU H 75 -61.31 -40.79 -16.06
C GLU H 75 -61.39 -41.77 -17.22
N PRO H 76 -60.49 -42.78 -17.29
CA PRO H 76 -60.44 -43.68 -18.45
C PRO H 76 -61.72 -44.50 -18.60
N VAL H 77 -62.34 -44.80 -17.47
CA VAL H 77 -63.68 -45.44 -17.39
C VAL H 77 -64.57 -44.51 -16.57
N GLU H 78 -65.81 -44.30 -17.01
CA GLU H 78 -66.68 -43.30 -16.38
C GLU H 78 -66.79 -43.61 -14.88
N GLY H 79 -66.48 -42.63 -14.03
CA GLY H 79 -66.65 -42.73 -12.57
C GLY H 79 -65.41 -43.33 -11.91
N GLN H 80 -64.41 -43.73 -12.69
CA GLN H 80 -63.20 -44.41 -12.16
C GLN H 80 -62.01 -43.46 -12.36
N PHE H 81 -61.70 -42.65 -11.35
CA PHE H 81 -60.69 -41.58 -11.46
C PHE H 81 -59.30 -42.14 -11.15
N ASP H 82 -58.31 -41.56 -11.83
CA ASP H 82 -56.88 -41.93 -11.70
C ASP H 82 -56.03 -40.65 -11.69
N PHE H 83 -55.45 -40.30 -10.53
CA PHE H 83 -54.60 -39.10 -10.41
C PHE H 83 -53.14 -39.50 -10.23
N SER H 84 -52.77 -40.73 -10.64
CA SER H 84 -51.39 -41.25 -10.50
C SER H 84 -50.39 -40.33 -11.20
N PHE H 85 -50.75 -39.78 -12.36
CA PHE H 85 -49.83 -38.87 -13.09
C PHE H 85 -49.67 -37.55 -12.31
N VAL H 86 -50.78 -36.99 -11.85
CA VAL H 86 -50.75 -35.68 -11.14
C VAL H 86 -49.91 -35.83 -9.86
N ASP H 87 -50.06 -36.94 -9.14
CA ASP H 87 -49.27 -37.25 -7.91
C ASP H 87 -47.77 -37.17 -8.23
N VAL H 88 -47.32 -37.93 -9.22
CA VAL H 88 -45.88 -37.97 -9.61
C VAL H 88 -45.46 -36.57 -10.03
N LEU H 89 -46.28 -35.91 -10.84
CA LEU H 89 -45.91 -34.58 -11.40
C LEU H 89 -45.71 -33.58 -10.28
N LEU H 90 -46.61 -33.55 -9.30
CA LEU H 90 -46.50 -32.58 -8.18
C LEU H 90 -45.17 -32.81 -7.43
N LYS H 91 -44.86 -34.07 -7.13
CA LYS H 91 -43.69 -34.43 -6.31
C LYS H 91 -42.42 -34.08 -7.08
N GLU H 92 -42.38 -34.36 -8.38
CA GLU H 92 -41.16 -34.11 -9.16
C GLU H 92 -41.00 -32.60 -9.35
N ALA H 93 -42.08 -31.84 -9.55
CA ALA H 93 -41.99 -30.36 -9.73
C ALA H 93 -41.45 -29.73 -8.45
N ARG H 94 -41.95 -30.16 -7.30
CA ARG H 94 -41.49 -29.67 -5.99
C ARG H 94 -40.01 -29.94 -5.79
N GLN H 95 -39.52 -31.15 -6.14
CA GLN H 95 -38.09 -31.53 -5.95
C GLN H 95 -37.24 -30.52 -6.72
N ARG H 96 -37.72 -30.08 -7.89
CA ARG H 96 -36.94 -29.19 -8.79
C ARG H 96 -37.30 -27.73 -8.56
N LYS H 97 -38.18 -27.44 -7.60
CA LYS H 97 -38.52 -26.09 -7.10
C LYS H 97 -39.04 -25.26 -8.28
N VAL H 98 -39.95 -25.85 -9.05
CA VAL H 98 -40.66 -25.13 -10.14
C VAL H 98 -42.14 -25.24 -9.88
N ARG H 99 -42.90 -24.35 -10.51
CA ARG H 99 -44.37 -24.30 -10.40
C ARG H 99 -44.96 -24.88 -11.67
N LEU H 100 -46.26 -25.10 -11.63
CA LEU H 100 -47.00 -25.83 -12.68
C LEU H 100 -48.19 -25.03 -13.18
N VAL H 101 -48.43 -25.11 -14.48
CA VAL H 101 -49.73 -24.74 -15.10
C VAL H 101 -50.26 -26.02 -15.72
N LEU H 102 -51.37 -26.53 -15.19
CA LEU H 102 -51.99 -27.74 -15.78
C LEU H 102 -52.90 -27.32 -16.94
N LEU H 103 -52.83 -28.06 -18.04
CA LEU H 103 -53.64 -27.79 -19.25
C LEU H 103 -54.72 -28.89 -19.34
N TRP H 104 -55.96 -28.52 -19.08
CA TRP H 104 -57.12 -29.45 -19.05
C TRP H 104 -57.52 -29.74 -20.48
N PHE H 105 -57.06 -30.88 -21.00
CA PHE H 105 -57.37 -31.34 -22.38
C PHE H 105 -58.62 -32.20 -22.28
N ALA H 106 -59.76 -31.70 -22.73
CA ALA H 106 -61.08 -32.34 -22.45
C ALA H 106 -61.98 -32.23 -23.66
N THR H 107 -63.02 -31.41 -23.60
CA THR H 107 -64.04 -31.31 -24.67
C THR H 107 -63.37 -30.83 -25.96
N TRP H 108 -62.49 -29.85 -25.86
CA TRP H 108 -61.68 -29.38 -27.01
C TRP H 108 -60.21 -29.46 -26.68
N LYS H 109 -59.47 -30.03 -27.62
CA LYS H 109 -58.02 -29.89 -27.79
C LYS H 109 -57.83 -29.65 -29.30
N ASN H 110 -57.50 -28.44 -29.69
CA ASN H 110 -57.32 -28.06 -31.12
C ASN H 110 -58.61 -28.42 -31.86
N ASN H 111 -59.75 -27.98 -31.32
CA ASN H 111 -61.10 -28.09 -31.93
C ASN H 111 -61.71 -29.48 -31.72
N ALA H 112 -60.94 -30.46 -31.25
CA ALA H 112 -61.33 -31.89 -31.34
C ALA H 112 -61.38 -32.56 -29.97
N PRO H 113 -62.10 -33.69 -29.85
CA PRO H 113 -62.21 -34.44 -28.61
C PRO H 113 -61.23 -35.61 -28.42
N HIS H 114 -60.07 -35.58 -29.09
CA HIS H 114 -59.13 -36.74 -29.05
C HIS H 114 -58.66 -37.07 -27.65
N TYR H 115 -58.66 -36.10 -26.73
CA TYR H 115 -58.15 -36.34 -25.35
C TYR H 115 -59.31 -36.63 -24.39
N ALA H 116 -60.54 -36.60 -24.89
CA ALA H 116 -61.72 -37.04 -24.13
C ALA H 116 -61.63 -38.56 -24.06
N PRO H 117 -62.13 -39.20 -22.98
CA PRO H 117 -62.10 -40.66 -22.84
C PRO H 117 -62.82 -41.32 -24.02
N ALA H 118 -62.51 -42.58 -24.29
CA ALA H 118 -63.15 -43.36 -25.38
C ALA H 118 -64.66 -43.36 -25.20
N TRP H 119 -65.16 -43.50 -23.96
CA TRP H 119 -66.62 -43.54 -23.66
C TRP H 119 -67.28 -42.17 -23.90
N VAL H 120 -66.48 -41.11 -24.04
CA VAL H 120 -66.99 -39.81 -24.56
C VAL H 120 -66.84 -39.71 -26.08
N LYS H 121 -65.61 -39.80 -26.62
CA LYS H 121 -65.36 -39.41 -28.03
C LYS H 121 -65.96 -40.42 -29.01
N LEU H 122 -66.33 -41.62 -28.57
CA LEU H 122 -66.95 -42.62 -29.49
C LEU H 122 -68.47 -42.73 -29.30
N ASP H 123 -69.07 -41.83 -28.51
CA ASP H 123 -70.53 -41.82 -28.23
C ASP H 123 -71.14 -40.50 -28.70
N ASN H 124 -71.32 -40.35 -30.01
CA ASN H 124 -71.88 -39.12 -30.63
C ASN H 124 -73.31 -38.89 -30.11
N ALA H 125 -74.13 -39.94 -29.98
CA ALA H 125 -75.55 -39.79 -29.55
C ALA H 125 -75.59 -39.07 -28.19
N ARG H 126 -74.73 -39.45 -27.24
CA ARG H 126 -74.67 -38.84 -25.89
C ARG H 126 -73.91 -37.50 -25.94
N PHE H 127 -72.84 -37.43 -26.72
CA PHE H 127 -71.88 -36.31 -26.76
C PHE H 127 -71.76 -35.82 -28.20
N PRO H 128 -72.72 -34.99 -28.67
CA PRO H 128 -72.85 -34.69 -30.10
C PRO H 128 -71.84 -33.71 -30.69
N ARG H 129 -71.49 -33.99 -31.95
CA ARG H 129 -70.58 -33.17 -32.78
C ARG H 129 -71.34 -32.06 -33.51
N VAL H 130 -70.60 -31.00 -33.80
CA VAL H 130 -70.93 -29.94 -34.79
C VAL H 130 -71.42 -30.60 -36.08
N VAL H 131 -72.55 -30.12 -36.61
CA VAL H 131 -73.10 -30.56 -37.92
C VAL H 131 -73.01 -29.35 -38.86
N LYS H 132 -72.46 -29.57 -40.05
CA LYS H 132 -72.30 -28.51 -41.08
C LYS H 132 -73.68 -28.13 -41.64
N GLU H 133 -73.75 -26.99 -42.32
CA GLU H 133 -74.97 -26.53 -43.02
C GLU H 133 -75.47 -27.64 -43.94
N ASP H 134 -74.55 -28.39 -44.55
CA ASP H 134 -74.84 -29.41 -45.59
C ASP H 134 -75.17 -30.77 -44.95
N GLY H 135 -75.23 -30.86 -43.62
CA GLY H 135 -75.65 -32.06 -42.89
C GLY H 135 -74.48 -32.99 -42.53
N ASP H 136 -73.29 -32.79 -43.12
CA ASP H 136 -72.08 -33.57 -42.77
C ASP H 136 -71.66 -33.20 -41.34
N THR H 137 -70.93 -34.10 -40.67
CA THR H 137 -70.53 -33.97 -39.24
C THR H 137 -69.02 -33.72 -39.17
N LEU H 138 -68.58 -32.79 -38.31
CA LEU H 138 -67.15 -32.53 -38.04
C LEU H 138 -66.77 -33.15 -36.70
N ASN H 139 -65.50 -33.56 -36.57
CA ASN H 139 -64.99 -34.14 -35.30
C ASN H 139 -64.65 -32.99 -34.35
N SER H 140 -65.68 -32.27 -33.90
CA SER H 140 -65.62 -31.10 -33.00
C SER H 140 -66.92 -31.13 -32.18
N LEU H 141 -66.84 -31.31 -30.86
CA LEU H 141 -68.05 -31.47 -30.01
C LEU H 141 -68.80 -30.13 -29.90
N SER H 142 -70.12 -30.19 -30.03
CA SER H 142 -70.99 -28.98 -29.96
C SER H 142 -70.96 -28.41 -28.56
N PRO H 143 -70.80 -27.06 -28.39
CA PRO H 143 -70.88 -26.39 -27.08
C PRO H 143 -72.31 -26.46 -26.52
N LEU H 144 -73.26 -26.91 -27.34
CA LEU H 144 -74.69 -27.05 -26.92
C LEU H 144 -75.01 -28.46 -26.45
N GLY H 145 -74.03 -29.37 -26.47
CA GLY H 145 -74.20 -30.71 -25.86
C GLY H 145 -74.23 -30.64 -24.34
N GLN H 146 -75.41 -30.78 -23.73
CA GLN H 146 -75.61 -30.62 -22.26
C GLN H 146 -74.94 -31.79 -21.53
N ASN H 147 -74.96 -33.00 -22.09
CA ASN H 147 -74.34 -34.18 -21.46
C ASN H 147 -72.82 -33.97 -21.42
N THR H 148 -72.26 -33.45 -22.51
CA THR H 148 -70.79 -33.22 -22.62
C THR H 148 -70.39 -32.24 -21.53
N LEU H 149 -71.12 -31.14 -21.41
CA LEU H 149 -70.79 -30.10 -20.40
C LEU H 149 -70.82 -30.73 -19.01
N ALA H 150 -71.86 -31.49 -18.68
CA ALA H 150 -72.00 -32.12 -17.34
C ALA H 150 -70.81 -33.03 -17.08
N ALA H 151 -70.37 -33.79 -18.09
CA ALA H 151 -69.33 -34.83 -17.92
C ALA H 151 -67.97 -34.15 -17.78
N ASP H 152 -67.71 -33.11 -18.58
CA ASP H 152 -66.46 -32.33 -18.52
C ASP H 152 -66.36 -31.72 -17.11
N LYS H 153 -67.41 -30.99 -16.70
N LYS H 153 -67.41 -30.99 -16.70
CA LYS H 153 -67.51 -30.37 -15.34
CA LYS H 153 -67.51 -30.37 -15.34
C LYS H 153 -67.17 -31.41 -14.27
C LYS H 153 -67.16 -31.41 -14.27
N LYS H 154 -67.81 -32.57 -14.31
CA LYS H 154 -67.67 -33.61 -13.25
C LYS H 154 -66.20 -34.02 -13.13
N ALA H 155 -65.51 -34.25 -14.25
CA ALA H 155 -64.10 -34.70 -14.24
C ALA H 155 -63.19 -33.56 -13.78
N PHE H 156 -63.44 -32.34 -14.26
CA PHE H 156 -62.66 -31.13 -13.90
C PHE H 156 -62.77 -30.89 -12.40
N VAL H 157 -63.98 -31.05 -11.85
CA VAL H 157 -64.22 -30.95 -10.38
C VAL H 157 -63.36 -31.98 -9.62
N GLU H 158 -63.25 -33.21 -10.12
CA GLU H 158 -62.43 -34.24 -9.44
C GLU H 158 -60.95 -33.84 -9.50
N LEU H 159 -60.50 -33.25 -10.62
CA LEU H 159 -59.09 -32.78 -10.72
C LEU H 159 -58.86 -31.69 -9.67
N MET H 160 -59.77 -30.73 -9.56
CA MET H 160 -59.59 -29.59 -8.63
C MET H 160 -59.67 -30.12 -7.18
N LYS H 161 -60.46 -31.17 -6.93
CA LYS H 161 -60.50 -31.78 -5.56
C LYS H 161 -59.15 -32.42 -5.24
N TYR H 162 -58.49 -33.03 -6.23
CA TYR H 162 -57.16 -33.63 -6.02
C TYR H 162 -56.20 -32.51 -5.61
N LEU H 163 -56.22 -31.37 -6.29
CA LEU H 163 -55.29 -30.25 -5.94
C LEU H 163 -55.66 -29.68 -4.57
N ALA H 164 -56.94 -29.57 -4.26
CA ALA H 164 -57.43 -29.05 -2.96
C ALA H 164 -56.85 -29.91 -1.83
N LYS H 165 -56.77 -31.23 -2.03
CA LYS H 165 -56.42 -32.23 -0.98
C LYS H 165 -54.89 -32.44 -0.91
N ARG H 166 -54.16 -32.35 -2.04
N ARG H 166 -54.16 -32.35 -2.03
CA ARG H 166 -52.74 -32.77 -2.15
CA ARG H 166 -52.73 -32.76 -2.11
C ARG H 166 -51.80 -31.62 -2.56
C ARG H 166 -51.84 -31.65 -2.68
N ASP H 167 -52.31 -30.41 -2.80
CA ASP H 167 -51.47 -29.28 -3.30
C ASP H 167 -51.72 -28.00 -2.47
N LYS H 168 -51.49 -28.09 -1.16
CA LYS H 168 -51.80 -27.04 -0.16
C LYS H 168 -50.93 -25.81 -0.39
N ASP H 169 -49.73 -25.96 -0.94
CA ASP H 169 -48.78 -24.84 -1.16
C ASP H 169 -48.89 -24.34 -2.61
N HIS H 170 -49.87 -24.83 -3.37
CA HIS H 170 -50.18 -24.34 -4.73
C HIS H 170 -48.95 -24.47 -5.63
N THR H 171 -48.30 -25.64 -5.66
CA THR H 171 -47.33 -25.97 -6.75
C THR H 171 -47.98 -25.63 -8.11
N VAL H 172 -49.24 -26.03 -8.31
CA VAL H 172 -50.07 -25.64 -9.48
C VAL H 172 -50.61 -24.24 -9.22
N ILE H 173 -50.19 -23.28 -10.04
CA ILE H 173 -50.54 -21.84 -9.80
C ILE H 173 -51.70 -21.42 -10.69
N MET H 174 -52.03 -22.18 -11.75
CA MET H 174 -53.03 -21.74 -12.75
C MET H 174 -53.44 -22.97 -13.59
N VAL H 175 -54.68 -22.97 -14.09
CA VAL H 175 -55.21 -24.09 -14.91
C VAL H 175 -55.74 -23.51 -16.21
N GLN H 176 -55.31 -24.09 -17.33
CA GLN H 176 -55.88 -23.78 -18.66
C GLN H 176 -57.10 -24.68 -18.85
N VAL H 177 -58.24 -24.09 -19.19
CA VAL H 177 -59.52 -24.83 -19.36
C VAL H 177 -59.71 -25.12 -20.85
N GLN H 178 -59.61 -26.39 -21.24
CA GLN H 178 -59.60 -26.83 -22.66
C GLN H 178 -58.30 -26.37 -23.31
N ASN H 179 -58.17 -26.61 -24.62
CA ASN H 179 -56.98 -26.18 -25.38
C ASN H 179 -57.40 -25.81 -26.80
N GLU H 180 -57.21 -24.55 -27.19
CA GLU H 180 -57.54 -24.09 -28.57
C GLU H 180 -58.94 -24.60 -28.95
N VAL H 181 -59.96 -24.07 -28.26
CA VAL H 181 -61.38 -24.42 -28.56
C VAL H 181 -61.73 -23.87 -29.95
N GLY H 182 -62.85 -24.36 -30.46
CA GLY H 182 -63.43 -23.88 -31.71
C GLY H 182 -63.69 -25.01 -32.67
N THR H 183 -63.94 -24.67 -33.92
CA THR H 183 -64.22 -25.63 -35.01
C THR H 183 -63.50 -25.21 -36.29
N TYR H 184 -62.72 -26.13 -36.87
CA TYR H 184 -62.24 -26.06 -38.26
C TYR H 184 -63.28 -26.68 -39.19
N GLY H 185 -63.54 -26.03 -40.33
CA GLY H 185 -64.37 -26.57 -41.41
C GLY H 185 -65.84 -26.16 -41.34
N ALA H 186 -66.25 -25.43 -40.28
CA ALA H 186 -67.57 -24.79 -40.14
C ALA H 186 -67.46 -23.59 -39.20
N VAL H 187 -68.41 -22.65 -39.31
CA VAL H 187 -68.45 -21.42 -38.45
C VAL H 187 -69.11 -21.77 -37.11
N ARG H 188 -70.10 -22.66 -37.12
CA ARG H 188 -70.85 -23.04 -35.88
C ARG H 188 -71.48 -24.42 -36.04
N ASP H 189 -72.14 -24.89 -34.99
CA ASP H 189 -73.09 -26.02 -35.03
C ASP H 189 -74.37 -25.53 -35.74
N TYR H 190 -74.76 -26.25 -36.79
CA TYR H 190 -76.01 -26.04 -37.55
C TYR H 190 -76.98 -27.20 -37.28
N SER H 191 -76.75 -27.98 -36.21
CA SER H 191 -77.66 -29.08 -35.79
C SER H 191 -79.03 -28.51 -35.48
N PRO H 192 -80.12 -29.28 -35.65
CA PRO H 192 -81.46 -28.84 -35.22
C PRO H 192 -81.39 -28.27 -33.79
N MET H 193 -80.60 -28.89 -32.92
CA MET H 193 -80.38 -28.48 -31.51
C MET H 193 -79.81 -27.06 -31.46
N ALA H 194 -78.74 -26.81 -32.20
CA ALA H 194 -78.05 -25.50 -32.26
C ALA H 194 -78.98 -24.44 -32.89
N GLN H 195 -79.66 -24.81 -33.97
CA GLN H 195 -80.48 -23.90 -34.80
C GLN H 195 -81.66 -23.37 -33.97
N ALA H 196 -82.14 -24.13 -32.99
CA ALA H 196 -83.28 -23.71 -32.14
C ALA H 196 -82.85 -22.59 -31.18
N VAL H 197 -81.60 -22.63 -30.71
CA VAL H 197 -81.01 -21.61 -29.81
C VAL H 197 -80.64 -20.40 -30.66
N PHE H 198 -80.08 -20.64 -31.85
CA PHE H 198 -79.70 -19.59 -32.84
C PHE H 198 -80.91 -18.68 -33.10
N ASN H 199 -82.12 -19.25 -33.16
CA ASN H 199 -83.34 -18.53 -33.61
C ASN H 199 -84.03 -17.79 -32.45
N ALA H 200 -83.61 -17.97 -31.20
CA ALA H 200 -84.24 -17.38 -30.00
C ALA H 200 -83.56 -16.06 -29.64
N ALA H 201 -84.09 -15.34 -28.65
CA ALA H 201 -83.46 -14.12 -28.10
C ALA H 201 -81.99 -14.42 -27.84
N VAL H 202 -81.12 -13.45 -28.09
CA VAL H 202 -79.78 -13.41 -27.48
C VAL H 202 -80.04 -13.26 -25.99
N PRO H 203 -79.42 -14.09 -25.14
CA PRO H 203 -79.55 -13.96 -23.69
C PRO H 203 -79.39 -12.52 -23.19
N ASP H 204 -80.33 -12.11 -22.32
CA ASP H 204 -80.37 -10.78 -21.66
C ASP H 204 -78.96 -10.36 -21.26
N ASP H 205 -78.24 -11.21 -20.52
CA ASP H 205 -76.91 -10.86 -19.92
C ASP H 205 -75.98 -10.31 -21.01
N LEU H 206 -75.91 -10.98 -22.16
CA LEU H 206 -75.05 -10.54 -23.29
C LEU H 206 -75.53 -9.18 -23.81
N ILE H 207 -76.85 -8.93 -23.82
CA ILE H 207 -77.49 -7.61 -24.11
C ILE H 207 -77.05 -6.57 -23.08
N GLN H 208 -77.37 -6.78 -21.80
CA GLN H 208 -77.08 -5.83 -20.69
C GLN H 208 -75.57 -5.47 -20.64
N LYS H 209 -74.68 -6.47 -20.78
CA LYS H 209 -73.21 -6.29 -20.63
C LYS H 209 -72.65 -5.50 -21.81
N LEU H 210 -73.13 -5.80 -23.02
CA LEU H 210 -72.62 -5.21 -24.28
C LEU H 210 -73.32 -3.89 -24.57
N GLN H 211 -74.32 -3.51 -23.77
CA GLN H 211 -75.05 -2.24 -23.97
C GLN H 211 -75.59 -2.17 -25.41
N LEU H 212 -76.25 -3.24 -25.87
CA LEU H 212 -76.95 -3.33 -27.19
C LEU H 212 -78.47 -3.46 -26.98
N LYS H 213 -79.23 -3.29 -28.06
CA LYS H 213 -80.71 -3.40 -28.10
C LYS H 213 -81.08 -4.89 -28.10
N PRO H 214 -81.96 -5.37 -27.20
CA PRO H 214 -82.38 -6.77 -27.24
C PRO H 214 -82.78 -7.18 -28.66
N GLY H 215 -82.72 -8.47 -28.92
CA GLY H 215 -83.11 -9.08 -30.21
C GLY H 215 -82.66 -10.52 -30.22
N THR H 216 -82.85 -11.22 -31.34
CA THR H 216 -82.32 -12.58 -31.53
C THR H 216 -80.88 -12.49 -32.04
N TRP H 217 -80.19 -13.63 -32.09
CA TRP H 217 -78.80 -13.74 -32.63
C TRP H 217 -78.73 -12.98 -33.95
N SER H 218 -79.64 -13.30 -34.85
CA SER H 218 -79.78 -12.66 -36.17
C SER H 218 -79.92 -11.13 -36.04
N GLN H 219 -80.86 -10.66 -35.24
CA GLN H 219 -81.18 -9.21 -35.22
C GLN H 219 -80.02 -8.46 -34.57
N VAL H 220 -79.32 -9.07 -33.59
CA VAL H 220 -78.36 -8.29 -32.77
C VAL H 220 -77.02 -8.15 -33.52
N PHE H 221 -76.59 -9.19 -34.25
CA PHE H 221 -75.20 -9.34 -34.72
C PHE H 221 -75.10 -9.50 -36.25
N GLY H 222 -76.20 -9.76 -36.97
CA GLY H 222 -76.22 -9.73 -38.45
C GLY H 222 -75.21 -10.68 -39.09
N ARG H 223 -74.33 -10.18 -39.96
CA ARG H 223 -73.40 -11.02 -40.78
C ARG H 223 -72.43 -11.81 -39.89
N ASP H 224 -72.26 -11.39 -38.63
CA ASP H 224 -71.37 -12.03 -37.63
C ASP H 224 -72.15 -13.04 -36.77
N ALA H 225 -73.43 -13.26 -37.06
CA ALA H 225 -74.35 -14.05 -36.20
C ALA H 225 -73.77 -15.46 -35.98
N ASP H 226 -73.43 -16.17 -37.06
CA ASP H 226 -72.94 -17.58 -36.97
C ASP H 226 -71.69 -17.65 -36.08
N GLU H 227 -70.69 -16.80 -36.32
CA GLU H 227 -69.38 -16.88 -35.62
C GLU H 227 -69.55 -16.42 -34.17
N PHE H 228 -70.27 -15.32 -33.93
CA PHE H 228 -70.49 -14.78 -32.57
C PHE H 228 -71.30 -15.80 -31.75
N PHE H 229 -72.21 -16.52 -32.41
CA PHE H 229 -73.03 -17.59 -31.79
C PHE H 229 -72.09 -18.69 -31.27
N HIS H 230 -71.21 -19.19 -32.12
CA HIS H 230 -70.27 -20.28 -31.75
C HIS H 230 -69.38 -19.78 -30.61
N ALA H 231 -68.80 -18.58 -30.74
CA ALA H 231 -67.94 -17.98 -29.70
C ALA H 231 -68.72 -17.91 -28.37
N TYR H 232 -69.94 -17.37 -28.39
CA TYR H 232 -70.76 -17.21 -27.15
C TYR H 232 -70.98 -18.59 -26.50
N GLN H 233 -71.45 -19.55 -27.29
CA GLN H 233 -71.82 -20.90 -26.78
C GLN H 233 -70.57 -21.57 -26.20
N ILE H 234 -69.43 -21.49 -26.89
CA ILE H 234 -68.18 -22.10 -26.36
C ILE H 234 -67.75 -21.36 -25.10
N ALA H 235 -67.81 -20.03 -25.10
CA ALA H 235 -67.42 -19.22 -23.92
C ALA H 235 -68.29 -19.61 -22.70
N ARG H 236 -69.59 -19.74 -22.89
CA ARG H 236 -70.54 -20.14 -21.80
C ARG H 236 -70.13 -21.52 -21.26
N TYR H 237 -69.79 -22.44 -22.16
CA TYR H 237 -69.38 -23.83 -21.79
C TYR H 237 -68.13 -23.73 -20.92
N CYS H 238 -67.09 -23.03 -21.41
CA CYS H 238 -65.80 -22.92 -20.68
C CYS H 238 -66.01 -22.18 -19.34
N ASP H 239 -66.89 -21.18 -19.31
CA ASP H 239 -67.16 -20.43 -18.07
C ASP H 239 -67.81 -21.36 -17.03
N GLU H 240 -68.71 -22.25 -17.45
CA GLU H 240 -69.40 -23.16 -16.49
C GLU H 240 -68.40 -24.19 -15.94
N VAL H 241 -67.49 -24.70 -16.77
CA VAL H 241 -66.45 -25.64 -16.30
C VAL H 241 -65.56 -24.90 -15.29
N THR H 242 -65.13 -23.69 -15.63
CA THR H 242 -64.25 -22.84 -14.79
C THR H 242 -64.93 -22.64 -13.42
N VAL H 243 -66.19 -22.24 -13.41
CA VAL H 243 -66.96 -21.91 -12.16
C VAL H 243 -67.01 -23.16 -11.27
N ALA H 244 -67.27 -24.33 -11.88
CA ALA H 244 -67.40 -25.62 -11.14
C ALA H 244 -66.05 -25.96 -10.50
N GLY H 245 -64.94 -25.80 -11.24
CA GLY H 245 -63.60 -26.05 -10.69
C GLY H 245 -63.22 -25.06 -9.60
N LYS H 246 -63.48 -23.78 -9.82
CA LYS H 246 -63.07 -22.68 -8.90
C LYS H 246 -63.79 -22.84 -7.55
N ALA H 247 -65.01 -23.37 -7.60
CA ALA H 247 -65.84 -23.63 -6.39
C ALA H 247 -65.11 -24.62 -5.46
N ILE H 248 -64.25 -25.49 -6.02
CA ILE H 248 -63.42 -26.46 -5.25
C ILE H 248 -62.11 -25.81 -4.80
N LYS H 249 -61.38 -25.22 -5.74
CA LYS H 249 -60.14 -24.47 -5.43
C LYS H 249 -60.05 -23.29 -6.40
N ASN H 250 -60.02 -22.07 -5.86
CA ASN H 250 -60.20 -20.83 -6.64
C ASN H 250 -58.86 -20.40 -7.25
N LEU H 251 -58.23 -21.28 -8.04
CA LEU H 251 -57.03 -20.94 -8.84
C LEU H 251 -57.44 -20.08 -10.02
N PRO H 252 -56.53 -19.19 -10.49
CA PRO H 252 -56.70 -18.51 -11.77
C PRO H 252 -56.85 -19.54 -12.88
N MET H 253 -57.72 -19.28 -13.86
CA MET H 253 -57.93 -20.18 -15.01
C MET H 253 -58.08 -19.34 -16.27
N TYR H 254 -57.64 -19.89 -17.40
CA TYR H 254 -57.58 -19.09 -18.64
C TYR H 254 -57.85 -20.01 -19.82
N VAL H 255 -58.11 -19.41 -20.98
CA VAL H 255 -58.23 -20.16 -22.27
C VAL H 255 -57.15 -19.65 -23.20
N ASN H 256 -56.69 -20.53 -24.09
CA ASN H 256 -55.63 -20.24 -25.09
C ASN H 256 -56.18 -20.31 -26.51
N VAL H 257 -55.78 -19.35 -27.35
CA VAL H 257 -56.42 -19.12 -28.66
C VAL H 257 -55.54 -19.63 -29.81
N ALA H 258 -56.12 -20.46 -30.66
CA ALA H 258 -55.63 -20.73 -32.02
C ALA H 258 -55.86 -19.44 -32.83
N LEU H 259 -54.85 -18.60 -32.87
CA LEU H 259 -55.01 -17.23 -33.41
C LEU H 259 -55.39 -17.28 -34.89
N ARG H 260 -56.23 -16.33 -35.30
CA ARG H 260 -56.38 -15.94 -36.72
C ARG H 260 -55.31 -14.89 -37.00
N ASN H 261 -54.83 -14.84 -38.23
CA ASN H 261 -53.91 -13.76 -38.65
C ASN H 261 -54.66 -12.44 -38.50
N PRO H 262 -54.18 -11.49 -37.67
CA PRO H 262 -54.96 -10.28 -37.40
C PRO H 262 -55.07 -9.37 -38.63
N PHE H 263 -54.16 -9.49 -39.59
CA PHE H 263 -54.14 -8.59 -40.78
C PHE H 263 -54.90 -9.20 -41.97
N ASN H 264 -55.06 -10.52 -41.97
CA ASN H 264 -55.53 -11.28 -43.15
C ASN H 264 -56.04 -12.61 -42.63
N PRO H 265 -57.13 -12.61 -41.84
CA PRO H 265 -57.52 -13.80 -41.10
C PRO H 265 -58.04 -14.97 -41.95
N GLY H 266 -58.54 -14.70 -43.16
CA GLY H 266 -59.41 -15.65 -43.86
C GLY H 266 -60.75 -15.79 -43.16
N LEU H 267 -61.44 -16.90 -43.39
CA LEU H 267 -62.84 -17.08 -42.95
C LEU H 267 -62.88 -17.89 -41.65
N PRO H 268 -63.86 -17.62 -40.76
CA PRO H 268 -64.06 -18.48 -39.61
C PRO H 268 -64.36 -19.89 -40.14
N GLY H 269 -63.69 -20.90 -39.58
CA GLY H 269 -63.69 -22.29 -40.08
C GLY H 269 -62.41 -22.60 -40.85
N GLN H 270 -61.78 -21.61 -41.51
CA GLN H 270 -60.38 -21.76 -42.01
C GLN H 270 -59.47 -21.60 -40.78
N TYR H 271 -59.64 -20.52 -40.02
CA TYR H 271 -59.17 -20.43 -38.62
C TYR H 271 -60.20 -21.15 -37.75
N SER H 272 -59.84 -21.41 -36.50
CA SER H 272 -60.68 -22.13 -35.51
C SER H 272 -61.80 -21.19 -35.05
N SER H 273 -62.98 -21.33 -35.66
CA SER H 273 -64.18 -20.51 -35.36
C SER H 273 -64.61 -20.74 -33.92
N GLY H 274 -64.92 -19.66 -33.19
CA GLY H 274 -65.52 -19.73 -31.83
C GLY H 274 -64.49 -19.57 -30.73
N GLY H 275 -63.20 -19.74 -31.00
CA GLY H 275 -62.14 -19.43 -30.03
C GLY H 275 -62.06 -17.94 -29.83
N GLY H 276 -61.23 -17.49 -28.88
CA GLY H 276 -61.08 -16.07 -28.50
C GLY H 276 -60.25 -15.31 -29.51
N THR H 277 -60.61 -15.37 -30.80
CA THR H 277 -59.95 -14.60 -31.87
C THR H 277 -60.23 -13.10 -31.65
N ASP H 278 -59.43 -12.24 -32.25
CA ASP H 278 -59.43 -10.79 -31.94
C ASP H 278 -60.83 -10.19 -32.17
N ASN H 279 -61.59 -10.70 -33.15
CA ASN H 279 -62.91 -10.16 -33.55
C ASN H 279 -64.01 -10.60 -32.57
N VAL H 280 -63.77 -11.60 -31.71
CA VAL H 280 -64.81 -12.08 -30.75
C VAL H 280 -64.34 -11.96 -29.29
N LEU H 281 -63.31 -11.15 -28.99
CA LEU H 281 -62.87 -10.94 -27.59
C LEU H 281 -64.00 -10.28 -26.79
N HIS H 282 -64.79 -9.39 -27.40
CA HIS H 282 -65.91 -8.69 -26.72
C HIS H 282 -67.01 -9.71 -26.34
N ILE H 283 -67.26 -10.71 -27.20
CA ILE H 283 -68.24 -11.81 -26.93
C ILE H 283 -67.71 -12.64 -25.75
N TRP H 284 -66.46 -13.08 -25.83
CA TRP H 284 -65.80 -13.92 -24.79
C TRP H 284 -65.81 -13.20 -23.45
N LYS H 285 -65.56 -11.88 -23.44
CA LYS H 285 -65.46 -11.12 -22.16
C LYS H 285 -66.86 -10.99 -21.56
N ALA H 286 -67.89 -10.76 -22.37
CA ALA H 286 -69.28 -10.62 -21.91
C ALA H 286 -69.80 -11.99 -21.46
N ALA H 287 -69.44 -13.06 -22.17
CA ALA H 287 -70.03 -14.42 -22.00
C ALA H 287 -69.37 -15.18 -20.84
N ALA H 288 -68.11 -14.90 -20.51
CA ALA H 288 -67.28 -15.71 -19.58
C ALA H 288 -66.58 -14.84 -18.53
N PRO H 289 -67.32 -14.20 -17.57
CA PRO H 289 -66.76 -13.33 -16.52
C PRO H 289 -65.84 -14.05 -15.52
N ASN H 290 -65.89 -15.37 -15.49
CA ASN H 290 -65.16 -16.20 -14.51
C ASN H 290 -63.83 -16.67 -15.06
N ILE H 291 -63.59 -16.53 -16.37
CA ILE H 291 -62.29 -16.90 -16.99
C ILE H 291 -61.35 -15.69 -16.84
N ASP H 292 -60.20 -15.89 -16.21
CA ASP H 292 -59.33 -14.76 -15.79
C ASP H 292 -58.76 -14.04 -17.01
N LEU H 293 -58.30 -14.76 -18.04
CA LEU H 293 -57.74 -14.10 -19.24
C LEU H 293 -57.87 -14.98 -20.48
N ILE H 294 -57.66 -14.35 -21.62
CA ILE H 294 -57.63 -15.03 -22.94
C ILE H 294 -56.22 -14.86 -23.50
N ALA H 295 -55.53 -15.99 -23.73
CA ALA H 295 -54.08 -16.08 -23.98
C ALA H 295 -53.84 -16.42 -25.43
N PRO H 296 -53.02 -15.63 -26.15
CA PRO H 296 -52.62 -15.98 -27.50
C PRO H 296 -51.59 -17.11 -27.56
N ASP H 297 -51.77 -18.01 -28.54
CA ASP H 297 -50.78 -19.05 -28.92
C ASP H 297 -50.07 -18.59 -30.21
N ILE H 298 -48.86 -18.07 -30.07
CA ILE H 298 -48.20 -17.30 -31.17
C ILE H 298 -47.25 -18.17 -31.97
N TYR H 299 -47.57 -18.42 -33.25
CA TYR H 299 -46.65 -19.15 -34.15
C TYR H 299 -46.33 -18.31 -35.40
N PHE H 300 -46.80 -17.07 -35.47
CA PHE H 300 -46.35 -16.14 -36.54
C PHE H 300 -44.90 -15.75 -36.21
N ARG H 301 -43.99 -15.83 -37.17
CA ARG H 301 -42.55 -15.53 -36.88
C ARG H 301 -42.28 -14.04 -37.03
N ASP H 302 -43.02 -13.37 -37.92
CA ASP H 302 -42.64 -12.02 -38.39
C ASP H 302 -43.04 -10.98 -37.34
N TYR H 303 -42.14 -10.03 -37.13
CA TYR H 303 -42.24 -9.00 -36.07
C TYR H 303 -43.56 -8.22 -36.16
N LYS H 304 -43.96 -7.78 -37.35
CA LYS H 304 -45.16 -6.92 -37.46
C LYS H 304 -46.40 -7.70 -37.00
N THR H 305 -46.53 -8.96 -37.36
CA THR H 305 -47.74 -9.75 -37.01
C THR H 305 -47.72 -10.10 -35.52
N VAL H 306 -46.57 -10.53 -35.00
CA VAL H 306 -46.44 -10.85 -33.54
C VAL H 306 -46.77 -9.58 -32.75
N SER H 307 -46.22 -8.43 -33.16
CA SER H 307 -46.44 -7.14 -32.48
C SER H 307 -47.94 -6.84 -32.46
N LYS H 308 -48.64 -7.07 -33.58
CA LYS H 308 -50.10 -6.79 -33.66
C LYS H 308 -50.85 -7.70 -32.67
N VAL H 309 -50.50 -8.98 -32.62
CA VAL H 309 -51.11 -9.92 -31.65
C VAL H 309 -50.89 -9.43 -30.21
N LEU H 310 -49.67 -9.06 -29.83
CA LEU H 310 -49.42 -8.56 -28.46
C LEU H 310 -50.29 -7.32 -28.20
N GLU H 311 -50.46 -6.43 -29.18
CA GLU H 311 -51.27 -5.19 -29.03
C GLU H 311 -52.74 -5.57 -28.79
N LEU H 312 -53.28 -6.51 -29.56
CA LEU H 312 -54.72 -6.87 -29.52
C LEU H 312 -55.07 -7.63 -28.23
N TYR H 313 -54.16 -8.45 -27.70
CA TYR H 313 -54.45 -9.30 -26.52
C TYR H 313 -54.12 -8.58 -25.22
N THR H 314 -53.43 -7.44 -25.28
CA THR H 314 -53.14 -6.62 -24.08
C THR H 314 -54.22 -5.54 -23.97
N ARG H 315 -55.12 -5.69 -23.00
CA ARG H 315 -56.31 -4.80 -22.87
C ARG H 315 -56.51 -4.46 -21.39
N PRO H 316 -57.16 -3.33 -21.05
CA PRO H 316 -57.54 -3.06 -19.68
C PRO H 316 -58.31 -4.25 -19.07
N ASP H 317 -59.06 -4.99 -19.89
CA ASP H 317 -59.86 -6.16 -19.41
C ASP H 317 -59.15 -7.50 -19.68
N ASN H 318 -57.88 -7.51 -20.09
CA ASN H 318 -57.23 -8.78 -20.48
C ASN H 318 -55.72 -8.70 -20.20
N ALA H 319 -55.27 -9.37 -19.15
CA ALA H 319 -53.83 -9.58 -18.84
C ALA H 319 -53.20 -10.31 -20.03
N LEU H 320 -52.01 -9.94 -20.42
CA LEU H 320 -51.28 -10.63 -21.51
C LEU H 320 -50.53 -11.83 -20.95
N PHE H 321 -50.85 -13.02 -21.42
CA PHE H 321 -50.05 -14.24 -21.12
C PHE H 321 -49.79 -14.92 -22.44
N VAL H 322 -48.53 -14.99 -22.84
CA VAL H 322 -48.17 -15.72 -24.09
C VAL H 322 -48.10 -17.21 -23.70
N ALA H 323 -49.27 -17.85 -23.73
CA ALA H 323 -49.50 -19.22 -23.22
C ALA H 323 -48.70 -20.23 -24.06
N GLU H 324 -48.52 -19.92 -25.34
CA GLU H 324 -47.62 -20.70 -26.22
C GLU H 324 -46.91 -19.74 -27.16
N ILE H 325 -45.70 -20.08 -27.52
CA ILE H 325 -44.99 -19.43 -28.64
C ILE H 325 -44.05 -20.45 -29.26
N GLY H 326 -43.80 -20.33 -30.57
CA GLY H 326 -42.89 -21.25 -31.25
C GLY H 326 -41.57 -21.35 -30.52
N ASN H 327 -40.89 -22.50 -30.60
CA ASN H 327 -39.59 -22.68 -29.91
C ASN H 327 -38.41 -22.44 -30.86
N ASP H 328 -38.63 -21.97 -32.08
CA ASP H 328 -37.53 -21.61 -33.00
C ASP H 328 -36.87 -20.30 -32.52
N GLN H 329 -35.62 -20.10 -32.91
CA GLN H 329 -34.77 -18.98 -32.45
C GLN H 329 -35.47 -17.63 -32.59
N PRO H 330 -36.16 -17.28 -33.70
CA PRO H 330 -36.72 -15.92 -33.85
C PRO H 330 -37.70 -15.54 -32.74
N PHE H 331 -38.30 -16.51 -32.07
CA PHE H 331 -39.40 -16.25 -31.11
C PHE H 331 -38.86 -15.76 -29.76
N ALA H 332 -37.60 -16.05 -29.41
CA ALA H 332 -37.08 -15.77 -28.05
C ALA H 332 -37.22 -14.27 -27.76
N ARG H 333 -36.93 -13.43 -28.75
CA ARG H 333 -36.80 -11.97 -28.47
C ARG H 333 -38.19 -11.40 -28.12
N TYR H 334 -39.29 -12.09 -28.43
CA TYR H 334 -40.64 -11.55 -28.14
C TYR H 334 -40.90 -11.57 -26.63
N LEU H 335 -40.01 -12.19 -25.84
CA LEU H 335 -40.11 -12.08 -24.36
C LEU H 335 -40.11 -10.59 -23.99
N PHE H 336 -39.27 -9.80 -24.64
CA PHE H 336 -39.05 -8.39 -24.23
C PHE H 336 -40.32 -7.57 -24.41
N PRO H 337 -40.95 -7.47 -25.61
CA PRO H 337 -42.21 -6.72 -25.72
C PRO H 337 -43.34 -7.34 -24.90
N THR H 338 -43.38 -8.66 -24.74
CA THR H 338 -44.39 -9.31 -23.89
C THR H 338 -44.32 -8.70 -22.48
N LEU H 339 -43.13 -8.70 -21.87
CA LEU H 339 -42.96 -8.12 -20.50
C LEU H 339 -43.16 -6.61 -20.53
N GLY H 340 -42.77 -5.94 -21.60
CA GLY H 340 -42.91 -4.47 -21.70
C GLY H 340 -44.37 -4.05 -21.76
N LYS H 341 -45.25 -4.90 -22.30
CA LYS H 341 -46.73 -4.68 -22.36
C LYS H 341 -47.35 -4.91 -20.97
N GLY H 342 -46.55 -5.32 -19.97
CA GLY H 342 -47.06 -5.71 -18.64
C GLY H 342 -47.47 -7.17 -18.58
N GLY H 343 -46.98 -7.96 -19.53
CA GLY H 343 -47.27 -9.41 -19.58
C GLY H 343 -46.96 -10.13 -18.29
N ILE H 344 -47.76 -11.14 -17.96
CA ILE H 344 -47.60 -11.96 -16.73
C ILE H 344 -46.78 -13.20 -17.05
N GLY H 345 -46.51 -13.51 -18.32
CA GLY H 345 -45.73 -14.73 -18.61
C GLY H 345 -45.58 -15.02 -20.08
N PHE H 346 -44.77 -16.03 -20.36
CA PHE H 346 -44.25 -16.34 -21.71
C PHE H 346 -43.82 -17.79 -21.67
N SER H 347 -44.36 -18.61 -22.56
CA SER H 347 -44.18 -20.07 -22.47
C SER H 347 -43.93 -20.70 -23.84
N PRO H 348 -42.65 -20.87 -24.24
CA PRO H 348 -42.32 -21.58 -25.47
C PRO H 348 -42.82 -23.03 -25.45
N PHE H 349 -43.36 -23.45 -26.59
CA PHE H 349 -44.02 -24.77 -26.76
C PHE H 349 -43.01 -25.82 -27.26
N GLY H 350 -43.07 -27.01 -26.67
CA GLY H 350 -42.37 -28.21 -27.16
C GLY H 350 -40.98 -28.29 -26.58
N MET H 351 -40.81 -27.88 -25.34
CA MET H 351 -39.49 -27.88 -24.67
C MET H 351 -39.27 -29.20 -23.95
N ASP H 352 -39.15 -30.28 -24.70
CA ASP H 352 -38.77 -31.58 -24.09
C ASP H 352 -38.05 -32.41 -25.16
N ASP H 353 -37.47 -33.52 -24.71
CA ASP H 353 -36.64 -34.41 -25.56
C ASP H 353 -37.40 -35.71 -25.83
N THR H 354 -38.70 -35.61 -26.10
CA THR H 354 -39.56 -36.80 -26.42
C THR H 354 -39.58 -37.07 -27.93
N ASP H 355 -38.59 -36.61 -28.67
CA ASP H 355 -38.35 -36.97 -30.08
C ASP H 355 -39.53 -36.44 -30.92
N TYR H 356 -39.80 -35.14 -30.79
CA TYR H 356 -40.81 -34.47 -31.62
C TYR H 356 -40.46 -33.00 -31.79
N THR H 357 -40.67 -32.47 -32.99
N THR H 357 -40.66 -32.48 -33.00
CA THR H 357 -40.65 -31.02 -33.26
CA THR H 357 -40.62 -31.03 -33.31
C THR H 357 -41.88 -30.68 -34.10
C THR H 357 -41.89 -30.68 -34.11
N ASN H 358 -42.53 -29.56 -33.78
CA ASN H 358 -43.72 -29.09 -34.51
C ASN H 358 -43.30 -28.15 -35.65
N TYR H 359 -42.01 -28.14 -36.02
CA TYR H 359 -41.57 -27.54 -37.29
C TYR H 359 -42.55 -27.96 -38.38
N PRO H 360 -43.08 -27.05 -39.23
CA PRO H 360 -42.60 -25.68 -39.39
C PRO H 360 -43.01 -24.62 -38.35
N LEU H 361 -43.84 -24.95 -37.36
CA LEU H 361 -44.20 -23.92 -36.33
C LEU H 361 -42.97 -23.62 -35.48
N GLY H 362 -42.27 -24.65 -35.02
CA GLY H 362 -41.10 -24.49 -34.15
C GLY H 362 -39.81 -24.81 -34.85
N ALA H 363 -38.79 -25.13 -34.06
CA ALA H 363 -37.40 -25.35 -34.48
C ALA H 363 -37.35 -26.64 -35.31
N LYS H 364 -36.65 -26.63 -36.43
CA LYS H 364 -36.48 -27.86 -37.25
C LYS H 364 -35.74 -28.92 -36.41
N VAL H 365 -34.79 -28.49 -35.57
CA VAL H 365 -33.98 -29.39 -34.69
C VAL H 365 -34.15 -28.96 -33.22
N TYR H 366 -34.49 -29.92 -32.37
CA TYR H 366 -34.53 -29.72 -30.90
C TYR H 366 -33.23 -30.23 -30.29
N ASN H 367 -32.40 -29.29 -29.86
CA ASN H 367 -31.11 -29.63 -29.19
C ASN H 367 -30.78 -28.56 -28.16
N ASP H 368 -29.60 -28.66 -27.56
CA ASP H 368 -29.20 -27.73 -26.48
C ASP H 368 -29.23 -26.30 -27.03
N GLU H 369 -28.86 -26.10 -28.30
CA GLU H 369 -28.78 -24.73 -28.89
C GLU H 369 -30.19 -24.16 -28.95
N THR H 370 -31.20 -24.98 -29.27
CA THR H 370 -32.62 -24.53 -29.31
C THR H 370 -33.00 -23.95 -27.96
N ILE H 371 -32.66 -24.68 -26.91
CA ILE H 371 -33.06 -24.31 -25.53
C ILE H 371 -32.29 -23.05 -25.13
N GLU H 372 -31.04 -22.96 -25.55
CA GLU H 372 -30.11 -21.88 -25.11
C GLU H 372 -30.65 -20.54 -25.61
N GLN H 373 -31.37 -20.49 -26.74
CA GLN H 373 -31.85 -19.18 -27.24
C GLN H 373 -32.81 -18.58 -26.21
N PHE H 374 -33.61 -19.41 -25.56
CA PHE H 374 -34.55 -18.97 -24.51
C PHE H 374 -33.83 -18.79 -23.17
N ALA H 375 -32.90 -19.69 -22.85
CA ALA H 375 -32.14 -19.62 -21.58
C ALA H 375 -31.47 -18.24 -21.51
N GLN H 376 -30.93 -17.78 -22.63
CA GLN H 376 -30.14 -16.52 -22.63
C GLN H 376 -31.07 -15.36 -22.27
N VAL H 377 -32.28 -15.33 -22.78
CA VAL H 377 -33.19 -14.19 -22.46
C VAL H 377 -33.81 -14.38 -21.08
N TYR H 378 -34.08 -15.61 -20.63
CA TYR H 378 -34.60 -15.84 -19.25
C TYR H 378 -33.56 -15.39 -18.21
N ARG H 379 -32.26 -15.50 -18.51
CA ARG H 379 -31.18 -15.09 -17.56
C ARG H 379 -31.24 -13.59 -17.28
N LEU H 380 -31.89 -12.80 -18.13
CA LEU H 380 -31.98 -11.33 -17.90
C LEU H 380 -33.08 -11.04 -16.88
N VAL H 381 -34.07 -11.91 -16.80
CA VAL H 381 -35.30 -11.65 -16.01
C VAL H 381 -35.27 -12.43 -14.70
N ASN H 382 -34.87 -13.70 -14.73
CA ASN H 382 -34.82 -14.55 -13.52
C ASN H 382 -34.25 -13.80 -12.32
N PRO H 383 -33.06 -13.16 -12.39
CA PRO H 383 -32.45 -12.57 -11.20
C PRO H 383 -33.26 -11.42 -10.59
N MET H 384 -34.18 -10.83 -11.35
CA MET H 384 -35.04 -9.70 -10.87
C MET H 384 -36.53 -10.06 -11.00
N MET H 385 -36.88 -11.34 -11.02
CA MET H 385 -38.25 -11.74 -11.44
C MET H 385 -39.28 -11.02 -10.56
N ARG H 386 -39.15 -11.09 -9.24
CA ARG H 386 -40.16 -10.50 -8.33
C ARG H 386 -40.15 -8.96 -8.44
N GLU H 387 -38.97 -8.35 -8.57
CA GLU H 387 -38.85 -6.87 -8.60
C GLU H 387 -39.47 -6.38 -9.91
N TRP H 388 -39.15 -7.03 -11.04
CA TRP H 388 -39.79 -6.70 -12.33
C TRP H 388 -41.32 -6.88 -12.22
N ALA H 389 -41.79 -8.01 -11.69
CA ALA H 389 -43.24 -8.32 -11.61
C ALA H 389 -43.95 -7.18 -10.87
N ARG H 390 -43.36 -6.70 -9.78
N ARG H 390 -43.35 -6.71 -9.78
N ARG H 390 -43.38 -6.71 -9.76
CA ARG H 390 -43.93 -5.60 -8.94
CA ARG H 390 -43.89 -5.61 -8.93
CA ARG H 390 -43.94 -5.60 -8.95
C ARG H 390 -43.95 -4.31 -9.75
C ARG H 390 -43.93 -4.31 -9.75
C ARG H 390 -43.96 -4.32 -9.80
N LEU H 391 -42.84 -3.98 -10.43
CA LEU H 391 -42.74 -2.72 -11.24
C LEU H 391 -43.72 -2.76 -12.42
N SER H 392 -43.96 -3.95 -12.97
N SER H 392 -43.91 -3.93 -13.04
CA SER H 392 -44.80 -4.17 -14.17
CA SER H 392 -44.82 -4.05 -14.21
C SER H 392 -46.29 -4.28 -13.81
C SER H 392 -46.25 -3.73 -13.76
N TYR H 393 -46.63 -4.13 -12.53
CA TYR H 393 -48.03 -3.97 -12.07
C TYR H 393 -48.27 -2.54 -11.57
N GLN H 394 -47.43 -2.08 -10.63
CA GLN H 394 -47.62 -0.84 -9.83
C GLN H 394 -47.01 0.35 -10.56
N GLY H 395 -46.19 0.10 -11.57
CA GLY H 395 -45.29 1.13 -12.13
C GLY H 395 -45.34 1.19 -13.64
N GLN H 396 -44.27 1.76 -14.20
CA GLN H 396 -44.09 1.98 -15.66
C GLN H 396 -42.96 1.09 -16.14
N VAL H 397 -43.25 0.30 -17.17
CA VAL H 397 -42.25 -0.58 -17.82
C VAL H 397 -42.38 -0.42 -19.33
N TRP H 398 -41.32 -0.82 -20.01
CA TRP H 398 -41.21 -0.80 -21.49
C TRP H 398 -40.40 -2.02 -21.91
N GLY H 399 -40.68 -2.52 -23.09
CA GLY H 399 -39.89 -3.62 -23.66
C GLY H 399 -39.97 -3.58 -25.15
N VAL H 400 -38.85 -3.83 -25.82
CA VAL H 400 -38.79 -3.82 -27.30
C VAL H 400 -37.99 -5.04 -27.76
N ALA H 401 -38.32 -5.49 -28.94
CA ALA H 401 -37.53 -6.51 -29.67
C ALA H 401 -37.02 -5.91 -30.97
N GLU H 402 -35.97 -6.52 -31.49
CA GLU H 402 -35.34 -6.15 -32.78
C GLU H 402 -36.39 -6.25 -33.88
N PRO H 403 -36.74 -5.11 -34.53
CA PRO H 403 -37.95 -5.02 -35.34
C PRO H 403 -37.85 -5.41 -36.81
N LEU H 404 -36.66 -5.83 -37.26
CA LEU H 404 -36.50 -6.42 -38.61
C LEU H 404 -36.24 -7.90 -38.38
N ASP H 405 -36.95 -8.74 -39.13
CA ASP H 405 -36.73 -10.20 -39.16
C ASP H 405 -35.40 -10.43 -39.89
N SER H 406 -34.83 -11.61 -39.72
CA SER H 406 -33.56 -12.00 -40.39
C SER H 406 -33.74 -11.83 -41.90
N THR H 407 -32.70 -11.36 -42.57
CA THR H 407 -32.66 -11.18 -44.04
C THR H 407 -32.94 -12.54 -44.70
N THR H 408 -33.89 -12.57 -45.64
CA THR H 408 -34.31 -13.76 -46.43
C THR H 408 -33.33 -13.98 -47.59
N GLU H 409 -33.48 -15.08 -48.33
CA GLU H 409 -32.66 -15.38 -49.53
C GLU H 409 -32.93 -14.32 -50.60
N THR H 410 -34.20 -13.95 -50.79
CA THR H 410 -34.65 -12.88 -51.72
C THR H 410 -33.90 -11.59 -51.44
N GLN H 411 -33.91 -11.14 -50.17
CA GLN H 411 -33.25 -9.88 -49.74
C GLN H 411 -31.74 -9.98 -50.02
N LYS H 412 -31.14 -11.16 -49.83
CA LYS H 412 -29.67 -11.39 -49.97
C LYS H 412 -29.32 -11.49 -51.46
N ILE H 413 -29.95 -12.41 -52.19
CA ILE H 413 -29.82 -12.51 -53.67
C ILE H 413 -30.33 -11.18 -54.24
N TRP H 414 -31.49 -10.74 -53.77
CA TRP H 414 -32.15 -9.46 -54.14
C TRP H 414 -31.19 -8.29 -53.96
N ASN H 415 -30.42 -8.26 -52.87
CA ASN H 415 -29.39 -7.22 -52.61
C ASN H 415 -28.29 -7.36 -53.66
N ALA H 418 -27.31 -4.66 -55.96
CA ALA H 418 -27.74 -3.53 -56.84
C ALA H 418 -26.70 -2.40 -56.76
N THR H 419 -27.09 -1.20 -57.22
CA THR H 419 -26.19 -0.02 -57.34
C THR H 419 -25.58 0.32 -55.99
N PRO H 420 -24.26 0.60 -55.93
CA PRO H 420 -23.66 1.11 -54.69
C PRO H 420 -24.55 2.15 -54.00
N GLU H 421 -25.15 3.07 -54.76
CA GLU H 421 -26.06 4.14 -54.24
C GLU H 421 -27.33 3.49 -53.66
N GLU H 422 -27.84 2.45 -54.31
CA GLU H 422 -29.00 1.64 -53.84
C GLU H 422 -28.63 0.89 -52.55
N LYS H 423 -27.40 0.37 -52.47
CA LYS H 423 -26.86 -0.40 -51.30
C LYS H 423 -26.76 0.53 -50.09
N GLU H 424 -26.09 1.68 -50.26
CA GLU H 424 -25.94 2.74 -49.22
C GLU H 424 -27.33 3.15 -48.72
N GLN H 425 -28.32 3.25 -49.61
CA GLN H 425 -29.70 3.66 -49.26
C GLN H 425 -30.37 2.54 -48.45
N HIS H 426 -30.17 1.28 -48.84
CA HIS H 426 -30.72 0.11 -48.10
C HIS H 426 -30.15 0.10 -46.68
N LYS H 427 -28.83 0.27 -46.55
CA LYS H 427 -28.14 0.35 -45.24
C LYS H 427 -28.75 1.47 -44.40
N LYS H 428 -29.05 2.61 -45.00
CA LYS H 428 -29.64 3.78 -44.29
C LYS H 428 -31.04 3.42 -43.79
N ASP H 429 -31.87 2.82 -44.65
CA ASP H 429 -33.27 2.46 -44.32
C ASP H 429 -33.27 1.42 -43.19
N ARG H 430 -32.40 0.41 -43.29
CA ARG H 430 -32.25 -0.63 -42.25
C ARG H 430 -31.84 0.02 -40.94
N ALA H 431 -30.88 0.95 -40.96
CA ALA H 431 -30.38 1.62 -39.73
C ALA H 431 -31.53 2.33 -39.02
N SER H 432 -32.32 3.10 -39.79
N SER H 432 -32.35 3.08 -39.76
CA SER H 432 -33.52 3.81 -39.30
CA SER H 432 -33.52 3.82 -39.22
C SER H 432 -34.52 2.83 -38.67
C SER H 432 -34.56 2.84 -38.67
N ALA H 433 -34.81 1.73 -39.37
CA ALA H 433 -35.77 0.68 -38.95
C ALA H 433 -35.28 -0.01 -37.67
N LEU H 434 -33.96 -0.12 -37.50
CA LEU H 434 -33.32 -0.78 -36.33
C LEU H 434 -33.01 0.23 -35.21
N THR H 435 -33.72 1.36 -35.21
CA THR H 435 -33.61 2.43 -34.19
C THR H 435 -35.01 2.66 -33.60
N GLN H 436 -35.20 2.36 -32.33
CA GLN H 436 -36.52 2.49 -31.65
C GLN H 436 -36.43 3.60 -30.59
N GLN H 437 -37.47 4.42 -30.48
CA GLN H 437 -37.57 5.47 -29.45
C GLN H 437 -38.57 5.01 -28.38
N LEU H 438 -38.23 5.27 -27.12
CA LEU H 438 -39.14 5.02 -25.97
C LEU H 438 -39.24 6.31 -25.17
N ASP H 439 -40.47 6.74 -24.88
CA ASP H 439 -40.75 7.98 -24.13
C ASP H 439 -40.83 7.61 -22.65
N LEU H 440 -39.82 7.93 -21.85
CA LEU H 440 -39.74 7.48 -20.45
C LEU H 440 -40.08 8.64 -19.53
N GLY H 441 -40.74 9.69 -20.05
CA GLY H 441 -41.20 10.85 -19.28
C GLY H 441 -40.27 12.03 -19.48
N LEU H 442 -39.39 12.31 -18.52
CA LEU H 442 -38.38 13.40 -18.63
C LEU H 442 -37.23 12.95 -19.53
N TRP H 443 -37.07 11.64 -19.73
CA TRP H 443 -35.97 11.02 -20.50
C TRP H 443 -36.55 10.12 -21.58
N ASP H 444 -35.86 10.02 -22.71
CA ASP H 444 -36.15 9.02 -23.77
C ASP H 444 -35.01 8.03 -23.81
N ALA H 445 -35.31 6.82 -24.24
CA ALA H 445 -34.29 5.81 -24.60
C ALA H 445 -34.35 5.58 -26.10
N GLU H 446 -33.18 5.47 -26.73
CA GLU H 446 -33.02 5.02 -28.13
C GLU H 446 -32.39 3.64 -28.09
N VAL H 447 -33.09 2.64 -28.61
CA VAL H 447 -32.57 1.25 -28.69
C VAL H 447 -32.16 0.97 -30.14
N THR H 448 -30.96 0.47 -30.33
CA THR H 448 -30.41 0.13 -31.66
C THR H 448 -29.83 -1.28 -31.62
N TYR H 449 -29.78 -1.93 -32.76
CA TYR H 449 -29.40 -3.36 -32.85
C TYR H 449 -28.27 -3.60 -33.84
N GLY H 450 -27.26 -4.34 -33.38
CA GLY H 450 -26.19 -4.86 -34.25
C GLY H 450 -25.18 -3.78 -34.58
N ARG H 451 -24.38 -3.41 -33.59
CA ARG H 451 -23.31 -2.41 -33.75
C ARG H 451 -22.26 -2.68 -32.70
N PRO H 452 -21.04 -2.15 -32.92
CA PRO H 452 -19.96 -2.30 -31.94
C PRO H 452 -20.35 -1.65 -30.62
N MET H 453 -19.53 -1.90 -29.60
CA MET H 453 -19.75 -1.42 -28.22
C MET H 453 -19.01 -0.10 -28.04
N PHE H 454 -18.43 0.43 -29.12
CA PHE H 454 -17.55 1.62 -29.13
C PHE H 454 -17.85 2.39 -30.40
N TRP H 455 -17.86 3.72 -30.31
CA TRP H 455 -18.06 4.63 -31.47
C TRP H 455 -19.53 4.55 -31.95
N VAL H 456 -19.87 5.13 -33.10
CA VAL H 456 -21.29 5.36 -33.50
C VAL H 456 -21.57 4.87 -34.92
N THR H 457 -20.83 3.88 -35.42
CA THR H 457 -21.17 3.20 -36.70
C THR H 457 -22.65 2.84 -36.65
N PRO H 458 -23.46 3.17 -37.67
CA PRO H 458 -24.89 2.90 -37.61
C PRO H 458 -25.24 1.42 -37.46
N PRO H 459 -26.38 1.08 -36.82
CA PRO H 459 -26.78 -0.31 -36.61
C PRO H 459 -27.09 -1.06 -37.90
N GLU H 460 -26.73 -2.34 -37.94
CA GLU H 460 -26.90 -3.22 -39.12
C GLU H 460 -27.71 -4.46 -38.75
N GLY H 461 -28.10 -4.59 -37.49
CA GLY H 461 -28.93 -5.71 -37.03
C GLY H 461 -28.10 -6.89 -36.63
N ASN H 462 -28.68 -7.76 -35.83
CA ASN H 462 -28.06 -9.04 -35.45
C ASN H 462 -28.41 -10.07 -36.52
N THR H 463 -27.52 -11.04 -36.72
N THR H 463 -27.53 -11.05 -36.72
CA THR H 463 -27.76 -12.18 -37.64
CA THR H 463 -27.79 -12.19 -37.64
C THR H 463 -27.65 -13.48 -36.83
C THR H 463 -27.66 -13.48 -36.84
N PRO H 464 -28.76 -14.18 -36.52
CA PRO H 464 -30.12 -13.75 -36.86
C PRO H 464 -30.66 -12.62 -35.97
N ALA H 465 -31.81 -12.06 -36.34
CA ALA H 465 -32.49 -11.05 -35.50
C ALA H 465 -32.72 -11.66 -34.11
N ALA H 466 -32.39 -10.94 -33.05
CA ALA H 466 -32.38 -11.56 -31.70
C ALA H 466 -32.42 -10.55 -30.54
N GLY H 467 -32.25 -9.26 -30.81
CA GLY H 467 -32.01 -8.29 -29.73
C GLY H 467 -33.30 -7.84 -29.05
N GLY H 468 -33.14 -7.23 -27.89
CA GLY H 468 -34.26 -6.63 -27.19
C GLY H 468 -33.81 -5.88 -25.96
N ALA H 469 -34.74 -5.21 -25.29
CA ALA H 469 -34.40 -4.41 -24.10
C ALA H 469 -35.63 -4.31 -23.20
N LEU H 470 -35.38 -4.24 -21.90
CA LEU H 470 -36.40 -3.98 -20.86
C LEU H 470 -36.00 -2.74 -20.09
N ILE H 471 -36.96 -1.88 -19.79
CA ILE H 471 -36.74 -0.70 -18.94
C ILE H 471 -37.90 -0.60 -17.94
N ALA H 472 -37.60 -0.36 -16.67
CA ALA H 472 -38.61 -0.03 -15.64
C ALA H 472 -38.22 1.29 -15.02
N GLN H 473 -39.20 2.16 -14.79
CA GLN H 473 -38.94 3.48 -14.16
C GLN H 473 -38.95 3.29 -12.65
N LEU H 474 -37.86 3.69 -11.99
CA LEU H 474 -37.76 3.66 -10.50
C LEU H 474 -38.17 5.02 -9.93
N ASP H 475 -37.81 6.12 -10.59
CA ASP H 475 -38.13 7.51 -10.16
C ASP H 475 -38.09 8.40 -11.40
N ASP H 476 -38.38 9.70 -11.25
CA ASP H 476 -38.41 10.65 -12.39
C ASP H 476 -37.16 10.51 -13.25
N ASN H 477 -36.01 10.25 -12.63
CA ASN H 477 -34.69 10.35 -13.31
C ASN H 477 -33.92 9.04 -13.22
N GLU H 478 -34.58 7.95 -12.83
CA GLU H 478 -33.86 6.68 -12.55
C GLU H 478 -34.62 5.50 -13.13
N TYR H 479 -33.89 4.65 -13.83
CA TYR H 479 -34.45 3.50 -14.58
C TYR H 479 -33.64 2.24 -14.30
N LEU H 480 -34.35 1.12 -14.30
CA LEU H 480 -33.75 -0.23 -14.33
C LEU H 480 -33.70 -0.63 -15.80
N VAL H 481 -32.54 -1.08 -16.27
CA VAL H 481 -32.30 -1.42 -17.70
C VAL H 481 -31.61 -2.77 -17.77
N THR H 482 -32.10 -3.65 -18.64
CA THR H 482 -31.32 -4.82 -19.07
C THR H 482 -31.66 -5.03 -20.54
N ALA H 483 -30.68 -5.39 -21.34
CA ALA H 483 -30.93 -5.58 -22.77
C ALA H 483 -30.04 -6.69 -23.30
N TYR H 484 -30.21 -6.97 -24.58
CA TYR H 484 -29.67 -8.19 -25.18
C TYR H 484 -29.31 -7.87 -26.62
N LYS H 485 -28.03 -8.02 -26.99
CA LYS H 485 -27.52 -7.77 -28.36
C LYS H 485 -28.08 -6.44 -28.87
N ALA H 486 -27.84 -5.38 -28.13
CA ALA H 486 -28.49 -4.07 -28.36
C ALA H 486 -27.71 -2.99 -27.63
N ARG H 487 -27.90 -1.78 -28.09
CA ARG H 487 -27.39 -0.55 -27.44
C ARG H 487 -28.62 0.23 -26.94
N VAL H 488 -28.55 0.72 -25.73
CA VAL H 488 -29.60 1.61 -25.14
C VAL H 488 -28.93 2.96 -24.82
N GLU H 489 -29.46 4.05 -25.35
CA GLU H 489 -28.93 5.41 -25.09
C GLU H 489 -30.05 6.28 -24.51
N PHE H 490 -29.75 7.05 -23.48
CA PHE H 490 -30.72 7.98 -22.85
C PHE H 490 -30.47 9.38 -23.39
N LYS H 491 -31.53 10.17 -23.48
CA LYS H 491 -31.45 11.61 -23.82
C LYS H 491 -32.63 12.30 -23.17
N PRO H 492 -32.61 13.64 -23.03
CA PRO H 492 -33.76 14.36 -22.50
C PRO H 492 -34.97 14.13 -23.42
N SER H 493 -36.17 14.03 -22.85
CA SER H 493 -37.43 13.87 -23.61
C SER H 493 -37.87 15.21 -24.17
N GLN H 494 -37.63 16.31 -23.44
CA GLN H 494 -38.07 17.67 -23.82
C GLN H 494 -36.83 18.56 -23.98
N GLU H 495 -36.95 19.63 -24.79
CA GLU H 495 -35.91 20.69 -24.93
C GLU H 495 -35.60 21.22 -23.53
N LEU H 496 -34.31 21.28 -23.17
CA LEU H 496 -33.82 21.78 -21.87
C LEU H 496 -33.55 23.29 -22.01
N ALA H 497 -34.12 24.10 -21.14
CA ALA H 497 -34.09 25.58 -21.25
C ALA H 497 -32.68 26.07 -20.91
N GLY H 498 -31.72 25.81 -21.80
CA GLY H 498 -30.31 26.22 -21.65
C GLY H 498 -29.50 25.23 -20.80
N LYS H 499 -30.14 24.27 -20.15
CA LYS H 499 -29.44 23.26 -19.31
C LYS H 499 -28.75 22.22 -20.19
N LYS H 500 -27.77 21.51 -19.61
N LYS H 500 -27.79 21.51 -19.60
CA LYS H 500 -27.12 20.34 -20.26
CA LYS H 500 -27.12 20.35 -20.24
C LYS H 500 -27.58 19.08 -19.53
C LYS H 500 -27.59 19.08 -19.53
N PHE H 501 -27.21 17.92 -20.03
CA PHE H 501 -27.58 16.64 -19.38
C PHE H 501 -26.40 15.69 -19.47
N MET H 502 -26.40 14.77 -18.52
CA MET H 502 -25.46 13.64 -18.53
C MET H 502 -26.12 12.46 -17.82
N ILE H 503 -25.54 11.28 -18.02
CA ILE H 503 -25.68 10.18 -17.05
C ILE H 503 -25.08 10.65 -15.72
N GLU H 504 -25.84 10.59 -14.65
CA GLU H 504 -25.29 10.83 -13.31
C GLU H 504 -24.52 9.60 -12.84
N ARG H 505 -25.13 8.42 -12.95
N ARG H 505 -25.13 8.41 -12.96
CA ARG H 505 -24.52 7.16 -12.48
CA ARG H 505 -24.50 7.15 -12.49
C ARG H 505 -25.22 5.97 -13.13
C ARG H 505 -25.21 5.96 -13.12
N VAL H 506 -24.43 5.00 -13.58
CA VAL H 506 -24.94 3.68 -14.00
C VAL H 506 -24.30 2.66 -13.06
N GLU H 507 -25.11 1.90 -12.34
CA GLU H 507 -24.63 0.80 -11.48
C GLU H 507 -25.09 -0.52 -12.08
N GLU H 508 -24.19 -1.49 -12.14
CA GLU H 508 -24.58 -2.89 -12.40
C GLU H 508 -24.76 -3.56 -11.03
N GLY H 509 -25.79 -4.38 -10.90
CA GLY H 509 -26.02 -5.05 -9.61
C GLY H 509 -27.13 -6.06 -9.67
N ARG H 510 -27.69 -6.34 -8.50
CA ARG H 510 -28.74 -7.37 -8.35
C ARG H 510 -29.58 -7.03 -7.13
N PHE H 511 -30.75 -7.65 -7.06
CA PHE H 511 -31.67 -7.55 -5.90
C PHE H 511 -31.43 -8.74 -4.97
N GLU H 512 -31.28 -8.46 -3.68
CA GLU H 512 -31.21 -9.47 -2.60
C GLU H 512 -32.20 -9.06 -1.51
N LYS H 513 -33.19 -9.92 -1.23
CA LYS H 513 -34.30 -9.62 -0.27
C LYS H 513 -34.91 -8.26 -0.63
N GLY H 514 -35.13 -8.01 -1.92
CA GLY H 514 -35.77 -6.78 -2.46
C GLY H 514 -34.86 -5.55 -2.40
N LYS H 515 -33.63 -5.69 -1.90
CA LYS H 515 -32.65 -4.57 -1.75
C LYS H 515 -31.64 -4.61 -2.90
N TRP H 516 -31.39 -3.47 -3.53
CA TRP H 516 -30.35 -3.32 -4.59
C TRP H 516 -28.96 -3.49 -3.96
N VAL H 517 -28.14 -4.31 -4.60
CA VAL H 517 -26.71 -4.54 -4.23
C VAL H 517 -25.89 -4.17 -5.45
N MET H 518 -25.07 -3.13 -5.33
N MET H 518 -25.07 -3.12 -5.36
CA MET H 518 -24.17 -2.68 -6.42
CA MET H 518 -24.22 -2.70 -6.49
C MET H 518 -22.99 -3.65 -6.53
C MET H 518 -22.99 -3.62 -6.55
N GLU H 519 -22.63 -4.01 -7.76
CA GLU H 519 -21.43 -4.82 -8.06
C GLU H 519 -20.36 -3.87 -8.60
N ARG H 520 -20.74 -2.98 -9.53
CA ARG H 520 -19.76 -2.02 -10.08
C ARG H 520 -20.49 -0.85 -10.72
N VAL H 521 -19.74 0.21 -10.98
CA VAL H 521 -20.22 1.38 -11.75
C VAL H 521 -19.76 1.23 -13.19
N TRP H 522 -20.71 1.30 -14.13
CA TRP H 522 -20.39 1.46 -15.56
C TRP H 522 -20.04 2.92 -15.77
N ASN H 523 -18.92 3.17 -16.41
CA ASN H 523 -18.49 4.55 -16.72
C ASN H 523 -17.50 4.48 -17.90
N GLY H 524 -16.96 5.61 -18.29
CA GLY H 524 -15.97 5.67 -19.38
C GLY H 524 -16.49 5.01 -20.64
N ASP H 525 -15.69 4.11 -21.20
CA ASP H 525 -16.06 3.43 -22.46
C ASP H 525 -17.43 2.77 -22.34
N GLN H 526 -17.78 2.30 -21.14
CA GLN H 526 -19.04 1.52 -20.97
C GLN H 526 -20.26 2.44 -21.02
N THR H 527 -20.11 3.76 -20.90
CA THR H 527 -21.27 4.67 -20.99
C THR H 527 -21.08 5.78 -22.03
N ASP H 528 -19.91 5.89 -22.66
CA ASP H 528 -19.63 6.95 -23.66
C ASP H 528 -20.51 6.74 -24.92
N TRP H 529 -20.79 5.49 -25.27
CA TRP H 529 -21.36 5.09 -26.58
C TRP H 529 -22.67 4.34 -26.32
N GLY H 530 -23.50 4.87 -25.44
CA GLY H 530 -24.70 4.15 -25.00
C GLY H 530 -24.34 3.02 -24.03
N LEU H 531 -25.33 2.22 -23.69
CA LEU H 531 -25.18 1.05 -22.81
C LEU H 531 -25.24 -0.17 -23.72
N ASN H 532 -24.12 -0.85 -23.92
CA ASN H 532 -23.99 -1.94 -24.92
C ASN H 532 -24.08 -3.30 -24.25
N PHE H 533 -25.00 -4.11 -24.75
CA PHE H 533 -25.29 -5.46 -24.22
C PHE H 533 -25.00 -6.49 -25.30
N THR H 534 -24.41 -7.61 -24.87
CA THR H 534 -24.15 -8.76 -25.74
C THR H 534 -25.18 -9.85 -25.39
N ASP H 535 -24.73 -11.09 -25.24
CA ASP H 535 -25.64 -12.20 -24.89
CA ASP H 535 -25.58 -12.25 -24.90
C ASP H 535 -25.60 -12.46 -23.38
N ARG H 536 -24.77 -11.72 -22.64
CA ARG H 536 -24.60 -11.97 -21.18
C ARG H 536 -25.53 -11.07 -20.38
N PRO H 537 -26.02 -11.53 -19.20
CA PRO H 537 -26.92 -10.72 -18.39
C PRO H 537 -26.20 -9.63 -17.59
N HIS H 538 -26.71 -8.41 -17.69
CA HIS H 538 -26.34 -7.27 -16.81
C HIS H 538 -27.61 -6.49 -16.50
N LEU H 539 -27.84 -6.27 -15.21
CA LEU H 539 -28.96 -5.44 -14.73
C LEU H 539 -28.38 -4.10 -14.23
N LEU H 540 -28.83 -3.02 -14.83
CA LEU H 540 -28.31 -1.66 -14.55
C LEU H 540 -29.39 -0.81 -13.90
N ARG H 541 -28.95 0.02 -12.97
CA ARG H 541 -29.73 1.17 -12.49
C ARG H 541 -29.09 2.41 -13.11
N VAL H 542 -29.83 3.14 -13.93
CA VAL H 542 -29.35 4.30 -14.69
C VAL H 542 -29.97 5.55 -14.06
N LYS H 543 -29.14 6.47 -13.58
CA LYS H 543 -29.63 7.77 -13.06
C LYS H 543 -29.18 8.86 -14.02
N MET H 544 -30.14 9.66 -14.51
CA MET H 544 -29.91 10.76 -15.48
C MET H 544 -30.01 12.08 -14.74
N ALA H 545 -29.30 13.11 -15.20
CA ALA H 545 -29.38 14.45 -14.59
C ALA H 545 -29.30 15.53 -15.67
N SER H 546 -30.11 16.57 -15.51
CA SER H 546 -29.91 17.85 -16.23
C SER H 546 -29.20 18.79 -15.26
N TYR H 547 -28.37 19.68 -15.78
CA TYR H 547 -27.58 20.59 -14.92
C TYR H 547 -27.39 21.92 -15.64
N SER H 548 -27.28 22.97 -14.84
CA SER H 548 -27.13 24.37 -15.30
C SER H 548 -25.67 24.63 -15.64
N VAL H 549 -25.43 25.40 -16.70
CA VAL H 549 -24.09 25.90 -17.09
C VAL H 549 -24.13 27.43 -17.19
N GLN H 550 -25.20 28.06 -16.70
CA GLN H 550 -25.38 29.53 -16.70
C GLN H 550 -24.35 30.15 -15.75
NA NA I . 11.62 -66.85 -62.25
C4 N0N J . 22.10 -32.55 -44.10
C5 N0N J . 20.97 -31.97 -43.22
O4 N0N J . 16.52 -30.74 -52.89
C6 N0N J . 21.71 -31.52 -41.99
C8 N0N J . 20.04 -30.95 -43.87
C15 N0N J . 21.70 -31.91 -46.52
C2 N0N J . 22.65 -32.69 -41.76
C3 N0N J . 23.30 -32.74 -43.14
N7 N0N J . 22.48 -31.70 -45.26
O9 N0N J . 19.03 -30.58 -42.91
O10 N0N J . 22.47 -30.35 -42.27
O11 N0N J . 23.63 -32.50 -40.75
O12 N0N J . 24.08 -33.94 -43.33
C16 N0N J . 22.04 -30.92 -47.64
C17 N0N J . 21.30 -31.29 -48.91
C18 N0N J . 21.23 -30.19 -49.95
C19 N0N J . 20.80 -30.67 -51.33
C20 N0N J . 19.29 -30.92 -51.50
N21 N0N J . 19.01 -30.89 -52.95
S1 N0N J . 17.60 -31.61 -53.30
O2 N0N J . 17.49 -32.88 -52.66
C ACT K . 17.38 -56.19 -30.77
O ACT K . 17.02 -57.33 -31.15
OXT ACT K . 18.54 -55.92 -30.41
CH3 ACT K . 16.34 -55.07 -30.70
NA NA L . -0.91 -59.59 -36.92
NA NA M . 21.50 -57.07 -45.97
NA NA N . 9.80 -65.96 -65.08
NA NA O . -59.09 -54.31 -46.79
C4 N0N P . -20.12 -63.55 -50.62
C5 N0N P . -19.21 -62.53 -49.87
C6 N0N P . -18.16 -63.41 -49.20
C8 N0N P . -18.54 -61.40 -50.65
C15 N0N P . -20.75 -62.62 -52.83
C2 N0N P . -19.01 -64.54 -48.70
C3 N0N P . -19.79 -64.88 -49.98
N7 N0N P . -19.90 -63.60 -52.11
O9 N0N P . -17.80 -60.53 -49.76
O10 N0N P . -17.20 -63.93 -50.18
O11 N0N P . -18.25 -65.61 -48.13
O12 N0N P . -20.87 -65.80 -49.72
C16 N0N P . -20.38 -62.54 -54.29
C17 N0N P . -21.28 -61.58 -55.04
C18 N0N P . -20.83 -61.52 -56.47
C ACT Q . -71.05 -37.75 -42.36
O ACT Q . -70.36 -36.71 -42.20
OXT ACT Q . -72.30 -37.77 -42.31
CH3 ACT Q . -70.32 -39.07 -42.62
C ACT R . -34.11 -35.31 -55.52
O ACT R . -33.91 -35.93 -56.58
OXT ACT R . -33.79 -35.73 -54.39
CH3 ACT R . -34.80 -33.95 -55.61
NA NA S . -30.70 -38.29 -43.33
NA NA T . 28.64 -0.10 -40.92
NA NA U . 28.80 -0.03 -37.50
C4 N0N V . -8.68 5.37 -24.32
C5 N0N V . -9.43 4.04 -24.22
O4 N0N V . -6.99 10.46 -33.56
C6 N0N V . -10.23 4.13 -22.93
C8 N0N V . -10.29 3.65 -25.45
C15 N0N V . -8.67 6.23 -26.65
C2 N0N V . -9.14 4.69 -22.03
C3 N0N V . -8.69 5.89 -22.85
N7 N0N V . -9.25 6.37 -25.27
O9 N0N V . -10.92 2.37 -25.24
O10 N0N V . -11.31 5.09 -23.07
O11 N0N V . -9.60 5.03 -20.72
O12 N0N V . -7.48 6.42 -22.41
C16 N0N V . -9.37 7.12 -27.68
C17 N0N V . -8.76 6.94 -29.08
C18 N0N V . -9.50 7.72 -30.15
C19 N0N V . -9.62 9.18 -29.66
C20 N0N V . -9.37 10.29 -30.66
N21 N0N V . -8.02 10.18 -31.28
S1 N0N V . -8.14 10.82 -32.74
O2 N0N V . -8.24 12.26 -32.60
C ACT W . 10.58 -8.61 -10.25
O ACT W . 11.74 -8.91 -10.63
OXT ACT W . 10.34 -7.73 -9.40
CH3 ACT W . 9.40 -9.36 -10.86
NA NA X . 15.29 -22.05 -23.92
NA NA Y . 15.54 2.24 -20.97
NA NA Z . -36.79 4.73 36.07
NA NA AA . -28.80 1.29 22.47
NA NA BA . -28.03 -0.61 24.95
C ACT CA . -1.91 -6.24 45.62
O ACT CA . -1.40 -7.37 45.74
OXT ACT CA . -3.14 -6.01 45.71
CH3 ACT CA . -0.96 -5.07 45.35
C4 N0N DA . 11.71 -5.58 21.53
C5 N0N DA . 12.50 -4.41 22.18
O4 N0N DA . 6.33 -0.26 12.80
C6 N0N DA . 13.61 -5.11 22.94
C7 N0N DA . 8.05 1.11 13.99
C8 N0N DA . 13.03 -3.29 21.28
C9 N0N DA . 8.79 1.70 12.83
C10 N0N DA . 9.51 2.98 13.03
C11 N0N DA . 9.48 3.63 14.25
C12 N0N DA . 8.77 3.07 15.30
C13 N0N DA . 8.09 1.84 15.17
C14 N0N DA . 10.26 3.57 11.89
C15 N0N DA . 10.98 -4.97 19.27
C2 N0N DA . 12.85 -6.29 23.52
C3 N0N DA . 12.17 -6.84 22.27
N7 N0N DA . 11.94 -5.74 20.07
O9 N0N DA . 13.64 -2.24 22.10
O10 N0N DA . 14.61 -5.61 21.99
O11 N0N DA . 13.70 -7.21 24.19
O12 N0N DA . 11.17 -7.78 22.63
C16 N0N DA . 11.31 -4.99 17.78
C17 N0N DA . 10.28 -4.11 17.04
C18 N0N DA . 10.81 -3.57 15.74
C19 N0N DA . 9.72 -3.26 14.71
C20 N0N DA . 8.92 -1.98 14.99
N21 N0N DA . 8.21 -1.57 13.75
S1 N0N DA . 7.23 -0.29 13.93
O2 N0N DA . 6.47 -0.41 15.12
C21 N0N DA . 10.26 2.87 10.67
C22 N0N DA . 9.59 1.66 10.54
C23 N0N DA . 8.86 1.07 11.59
N24 N0N DA . 10.95 4.78 12.02
C25 N0N DA . 12.33 4.89 11.55
C26 N0N DA . 10.30 5.95 12.60
C ACT EA . -11.32 1.69 17.99
O ACT EA . -11.06 1.11 16.92
OXT ACT EA . -11.19 1.17 19.10
CH3 ACT EA . -11.84 3.12 17.90
C ACT FA . 10.23 -10.01 52.36
O ACT FA . 10.73 -11.12 52.67
OXT ACT FA . 9.13 -9.89 51.75
CH3 ACT FA . 11.01 -8.74 52.71
C ACT GA . 27.57 -19.00 5.55
O ACT GA . 27.65 -20.13 5.04
OXT ACT GA . 26.48 -18.45 5.83
CH3 ACT GA . 28.86 -18.23 5.80
NA NA HA . -10.59 11.48 44.86
NA NA IA . -10.05 -9.48 32.43
NA NA JA . 37.07 -18.66 15.93
NA NA KA . 43.83 -6.47 10.19
NA NA LA . 42.20 -6.00 7.49
C4 N0N MA . 50.35 30.50 25.04
C5 N0N MA . 49.13 30.99 25.85
O4 N0N MA . 45.89 28.83 16.59
C6 N0N MA . 49.79 31.62 27.06
C7 N0N MA . 44.50 30.82 16.04
C8 N0N MA . 48.10 31.86 25.15
C9 N0N MA . 44.11 32.03 15.25
C10 N0N MA . 42.82 32.68 15.57
C11 N0N MA . 42.01 32.18 16.58
C12 N0N MA . 42.40 31.07 17.29
C13 N0N MA . 43.60 30.40 17.03
C14 N0N MA . 42.40 33.89 14.81
C15 N0N MA . 49.97 30.85 22.58
C2 N0N MA . 50.86 30.61 27.39
C3 N0N MA . 51.54 30.47 26.03
N7 N0N MA . 50.69 31.26 23.80
O9 N0N MA . 47.01 32.16 26.03
O10 N0N MA . 50.37 32.84 26.64
O11 N0N MA . 51.75 30.99 28.45
O12 N0N MA . 52.42 29.31 25.96
C16 N0N MA . 50.20 31.76 21.38
C17 N0N MA . 49.43 31.23 20.16
C18 N0N MA . 49.03 32.34 19.19
C19 N0N MA . 48.78 31.87 17.74
C20 N0N MA . 47.48 31.08 17.57
N21 N0N MA . 47.15 30.98 16.13
S1 N0N MA . 45.89 30.02 15.79
O2 N0N MA . 45.99 29.69 14.38
C21 N0N MA . 43.25 34.36 13.82
C22 N0N MA . 44.45 33.72 13.54
C23 N0N MA . 44.89 32.58 14.23
N24 N0N MA . 41.18 34.54 15.08
C25 N0N MA . 39.92 33.85 14.92
C26 N0N MA . 41.18 35.93 15.55
C ACT NA . 66.00 50.53 18.87
O ACT NA . 65.49 49.40 18.69
OXT ACT NA . 67.17 50.82 18.59
CH3 ACT NA . 65.13 51.63 19.47
C ACT OA . 65.65 21.70 54.65
O ACT OA . 64.68 21.18 54.06
OXT ACT OA . 65.71 22.90 54.95
CH3 ACT OA . 66.83 20.80 55.04
C ACT PA . 25.03 19.90 8.25
O ACT PA . 25.57 20.23 7.19
OXT ACT PA . 25.46 20.23 9.38
CH3 ACT PA . 23.77 19.05 8.20
NA NA QA . 52.37 5.88 25.61
NA NA RA . 30.25 1.69 34.71
NA NA SA . -9.47 78.40 51.52
NA NA TA . -17.99 71.51 40.08
NA NA UA . -18.64 70.23 42.92
C4 N0N VA . -23.44 30.43 38.16
C5 N0N VA . -22.08 29.69 38.15
O4 N0N VA . -21.69 36.46 30.83
C6 N0N VA . -22.35 28.47 39.00
C7 N0N VA . -20.71 35.13 28.94
C8 N0N VA . -21.45 29.35 36.80
C9 N0N VA . -20.72 34.48 27.61
C10 N0N VA . -19.47 33.88 27.10
C11 N0N VA . -18.33 33.92 27.87
C12 N0N VA . -18.34 34.54 29.09
C13 N0N VA . -19.50 35.13 29.62
C14 N0N VA . -19.49 33.23 25.76
C15 N0N VA . -23.85 31.42 35.91
C2 N0N VA . -23.18 29.07 40.10
C3 N0N VA . -24.23 29.81 39.31
N7 N0N VA . -24.19 30.35 36.89
O9 N0N VA . -20.17 28.75 37.03
O10 N0N VA . -23.15 27.54 38.23
O11 N0N VA . -23.73 28.13 41.00
O12 N0N VA . -25.05 30.68 40.12
C16 N0N VA . -24.55 31.28 34.57
C17 N0N VA . -24.11 32.44 33.66
C18 N0N VA . -24.45 32.21 32.20
C19 N0N VA . -23.34 32.67 31.25
C20 N0N VA . -23.07 34.17 31.21
N21 N0N VA . -23.15 34.70 29.83
S1 N0N VA . -22.02 35.82 29.58
O2 N0N VA . -22.55 36.77 28.64
C21 N0N VA . -20.69 33.21 25.07
C22 N0N VA . -21.84 33.80 25.58
C23 N0N VA . -21.88 34.41 26.83
N24 N0N VA . -18.32 32.64 25.22
C25 N0N VA . -18.30 31.23 24.84
C26 N0N VA . -17.14 33.45 25.00
C ACT WA . -14.22 42.13 61.48
O ACT WA . -15.22 41.50 61.91
OXT ACT WA . -13.92 43.30 61.81
CH3 ACT WA . -13.32 41.42 60.46
C ACT XA . -19.29 54.32 33.92
O ACT XA . -18.17 54.69 33.47
OXT ACT XA . -20.31 54.11 33.21
CH3 ACT XA . -19.41 54.12 35.44
NA NA YA . -23.11 50.96 51.72
NA NA ZA . 64.59 54.87 31.96
NA NA AB . 53.29 64.10 28.58
C4 N0N BB . 15.13 66.53 41.40
C5 N0N BB . 14.54 65.12 41.62
O4 N0N BB . 16.92 66.84 30.03
C6 N0N BB . 13.75 65.28 42.91
C7 N0N BB . 15.52 64.95 30.81
C8 N0N BB . 13.66 64.54 40.51
C9 N0N BB . 14.41 65.04 29.80
C10 N0N BB . 13.66 63.80 29.46
C11 N0N BB . 13.97 62.61 30.08
C12 N0N BB . 14.99 62.56 31.01
C13 N0N BB . 15.75 63.69 31.36
C14 N0N BB . 12.55 63.87 28.47
C15 N0N BB . 15.05 67.19 39.02
C2 N0N BB . 14.75 66.04 43.75
C3 N0N BB . 15.05 67.18 42.79
N7 N0N BB . 14.47 67.40 40.36
O9 N0N BB . 13.22 63.20 40.79
O10 N0N BB . 12.58 66.06 42.70
O11 N0N BB . 14.23 66.40 45.03
O12 N0N BB . 16.20 67.91 43.23
C16 N0N BB . 14.33 67.98 37.94
C17 N0N BB . 14.98 67.75 36.58
C18 N0N BB . 13.99 67.93 35.43
C19 N0N BB . 14.65 68.17 34.08
C20 N0N BB . 15.02 66.90 33.32
N21 N0N BB . 15.52 67.33 32.00
S1 N0N BB . 16.42 66.22 31.25
O2 N0N BB . 17.54 65.74 31.98
C21 N0N BB . 12.27 65.10 27.89
C22 N0N BB . 13.01 66.25 28.23
C23 N0N BB . 14.06 66.23 29.17
N24 N0N BB . 11.83 62.69 28.15
C25 N0N BB . 12.52 61.49 27.71
C26 N0N BB . 10.37 62.66 28.28
C ACT CB . -3.67 84.76 40.63
O ACT CB . -2.57 84.27 40.28
OXT ACT CB . -3.85 85.96 40.87
CH3 ACT CB . -4.86 83.82 40.80
C ACT DB . 26.88 49.64 16.39
O ACT DB . 26.75 49.27 17.58
OXT ACT DB . 26.29 50.62 15.89
CH3 ACT DB . 27.82 48.85 15.48
C ACT EB . 36.00 56.08 56.40
O ACT EB . 37.22 55.89 56.11
OXT ACT EB . 35.59 56.98 57.16
CH3 ACT EB . 34.95 55.16 55.75
C ACT FB . 20.65 67.44 75.22
O ACT FB . 21.41 67.18 74.26
OXT ACT FB . 19.42 67.22 75.21
CH3 ACT FB . 21.26 68.05 76.47
NA NA GB . 42.05 42.09 44.20
NA NA HB . 53.37 63.68 25.34
NA NA IB . -41.69 12.69 -22.40
C4 N0N JB . -50.90 -25.57 -30.71
C5 N0N JB . -49.63 -26.45 -30.76
O4 N0N JB . -48.58 -19.07 -37.41
C6 N0N JB . -50.07 -27.72 -30.05
C8 N0N JB . -48.97 -26.69 -32.12
C15 N0N JB . -51.21 -24.38 -32.88
C2 N0N JB . -50.84 -27.13 -28.88
C3 N0N JB . -51.79 -26.20 -29.62
N7 N0N JB . -51.66 -25.48 -31.99
O9 N0N JB . -47.83 -27.56 -32.00
O10 N0N JB . -51.00 -28.51 -30.84
O11 N0N JB . -51.50 -28.12 -28.08
O12 N0N JB . -52.43 -25.27 -28.71
C16 N0N JB . -51.94 -24.37 -34.21
C17 N0N JB . -51.50 -23.18 -35.06
C18 N0N JB . -51.59 -23.44 -36.55
C19 N0N JB . -51.59 -22.15 -37.37
C20 N0N JB . -50.19 -21.59 -37.60
N21 N0N JB . -50.29 -20.54 -38.62
S1 N0N JB . -49.00 -19.58 -38.68
O2 N0N JB . -49.37 -18.51 -39.55
C ACT KB . -40.32 -17.30 -6.44
O ACT KB . -41.35 -17.89 -6.03
OXT ACT KB . -40.02 -16.13 -6.15
CH3 ACT KB . -39.40 -18.08 -7.37
NA NA LB . -24.16 -8.69 -12.89
#